data_6UC2
#
_entry.id   6UC2
#
_cell.length_a   1.00
_cell.length_b   1.00
_cell.length_c   1.00
_cell.angle_alpha   90.00
_cell.angle_beta   90.00
_cell.angle_gamma   90.00
#
_symmetry.space_group_name_H-M   'P 1'
#
loop_
_entity.id
_entity.type
_entity.pdbx_description
1 polymer "Inosine-5'-monophosphate dehydrogenase 2"
2 non-polymer "GUANOSINE-5'-TRIPHOSPHATE"
3 non-polymer "ADENOSINE-5'-TRIPHOSPHATE"
#
_entity_poly.entity_id   1
_entity_poly.type   'polypeptide(L)'
_entity_poly.pdbx_seq_one_letter_code
;SEFELMADYLISGGTSYVPDDGLTAQQLFNCGDGLTYNDFLILPGYIDFTADQVDLTSALTKKITLKTPLVSSPMDTVTE
AGMAIAMALTGGIGFIHHNCTPEFQANEVRKVKKYEQGFITDPVVLSPKDRVRDVFEAKARHGFCGIPITDTGRMGSRLV
GIISSRDIDFLKEEEHDCFLEEIMTKREDLVVAPAGITLKEANEILQRSKKGKLPIVNEDDELVAIIARTDLKKNRDYPL
ASKDAKKQLLCGAAIGTHEDDKYRLDLLAQAGVDVVVLDSSQGNSIFQINMIKYIKDKYPNLQVIGGNVVTAAQAKNLID
AGVDALRVGMGSGSICITQEVLACGRPQATAVYKVSEYARRFGVPVIADGGIQNVGHIAKALALGASTVMMGSLLAATTE
APGEYFFSDGIRLKKYRGMGSLDAMDKHLSSQNRYFSEADKIKVAQGVSGAVQDKGSIHKFVPYLIAGIQHSCQDIGAKS
LTQVRAMMYSGELKFEKRTSSAQVEGGVHSLHSYEKRLF
;
_entity_poly.pdbx_strand_id   A,B,C,D,E,F,G,H
#
# COMPACT_ATOMS: atom_id res chain seq x y z
N SER A 16 -29.79 -47.35 -16.27
CA SER A 16 -28.81 -48.07 -17.07
C SER A 16 -28.35 -47.24 -18.26
N TYR A 17 -28.24 -45.93 -18.06
CA TYR A 17 -27.82 -45.04 -19.14
C TYR A 17 -26.32 -44.80 -19.11
N VAL A 18 -25.80 -44.50 -17.92
CA VAL A 18 -24.39 -44.20 -17.65
C VAL A 18 -23.90 -43.06 -18.55
N PRO A 19 -24.22 -41.80 -18.23
CA PRO A 19 -23.79 -40.68 -19.07
C PRO A 19 -22.28 -40.54 -19.19
N ASP A 20 -21.87 -40.12 -20.39
CA ASP A 20 -20.46 -39.88 -20.70
C ASP A 20 -20.12 -38.44 -20.34
N ASP A 21 -19.16 -38.25 -19.44
CA ASP A 21 -18.97 -36.98 -18.78
C ASP A 21 -17.51 -36.56 -18.78
N GLY A 22 -17.21 -35.44 -19.42
CA GLY A 22 -15.83 -34.97 -19.48
C GLY A 22 -15.24 -35.11 -20.85
N LEU A 23 -13.93 -34.86 -21.00
CA LEU A 23 -13.27 -34.84 -22.29
C LEU A 23 -11.87 -35.39 -22.18
N THR A 24 -11.50 -36.28 -23.09
CA THR A 24 -10.27 -37.06 -22.98
C THR A 24 -9.05 -36.22 -23.36
N ALA A 25 -7.88 -36.84 -23.24
CA ALA A 25 -6.62 -36.12 -23.39
C ALA A 25 -6.33 -35.76 -24.84
N GLN A 26 -6.60 -36.67 -25.77
CA GLN A 26 -6.48 -36.29 -27.17
C GLN A 26 -7.63 -35.39 -27.59
N GLN A 27 -8.70 -35.36 -26.82
CA GLN A 27 -9.68 -34.29 -26.93
C GLN A 27 -9.35 -33.10 -26.03
N LEU A 28 -8.24 -33.14 -25.32
CA LEU A 28 -7.83 -32.02 -24.49
C LEU A 28 -6.77 -31.19 -25.15
N PHE A 29 -5.92 -31.80 -25.95
CA PHE A 29 -4.75 -31.10 -26.45
C PHE A 29 -4.74 -30.90 -27.95
N ASN A 30 -5.49 -31.69 -28.71
CA ASN A 30 -5.55 -31.51 -30.16
C ASN A 30 -6.43 -30.32 -30.57
N CYS A 31 -7.04 -29.63 -29.61
CA CYS A 31 -7.82 -28.44 -29.91
C CYS A 31 -6.97 -27.28 -30.42
N GLY A 32 -5.67 -27.29 -30.15
CA GLY A 32 -4.88 -26.15 -30.55
C GLY A 32 -5.04 -24.95 -29.66
N ASP A 33 -5.45 -25.18 -28.41
CA ASP A 33 -5.54 -24.16 -27.39
C ASP A 33 -4.39 -24.34 -26.40
N GLY A 34 -3.83 -23.21 -25.98
CA GLY A 34 -2.67 -23.16 -25.13
C GLY A 34 -3.04 -23.47 -23.70
N LEU A 35 -2.29 -24.36 -23.06
CA LEU A 35 -2.69 -24.94 -21.78
C LEU A 35 -1.53 -24.94 -20.81
N THR A 36 -1.79 -24.48 -19.59
CA THR A 36 -0.85 -24.54 -18.48
C THR A 36 -1.43 -25.37 -17.36
N TYR A 37 -0.79 -25.27 -16.20
CA TYR A 37 -1.11 -26.03 -15.01
C TYR A 37 -2.54 -25.79 -14.54
N ASN A 38 -2.95 -24.53 -14.44
CA ASN A 38 -4.26 -24.22 -13.89
C ASN A 38 -5.24 -23.95 -14.99
N ASP A 39 -5.19 -24.73 -16.06
CA ASP A 39 -6.07 -24.47 -17.19
C ASP A 39 -7.00 -25.65 -17.28
N PHE A 40 -6.86 -26.54 -16.31
CA PHE A 40 -7.64 -27.77 -16.26
C PHE A 40 -7.52 -28.27 -14.84
N LEU A 41 -8.31 -29.27 -14.52
CA LEU A 41 -8.31 -29.88 -13.20
C LEU A 41 -8.50 -31.37 -13.41
N ILE A 42 -8.29 -32.13 -12.36
CA ILE A 42 -8.40 -33.56 -12.45
C ILE A 42 -9.58 -34.02 -11.62
N LEU A 43 -10.40 -34.86 -12.20
CA LEU A 43 -11.58 -35.28 -11.47
C LEU A 43 -11.36 -36.65 -10.87
N PRO A 44 -12.00 -36.99 -9.76
CA PRO A 44 -11.74 -38.28 -9.13
C PRO A 44 -12.36 -39.46 -9.87
N GLY A 45 -11.87 -40.65 -9.52
CA GLY A 45 -12.35 -41.90 -10.07
C GLY A 45 -12.93 -42.81 -8.98
N TYR A 46 -12.67 -44.10 -9.15
CA TYR A 46 -13.12 -45.08 -8.18
C TYR A 46 -12.02 -45.40 -7.18
N ILE A 47 -12.38 -45.54 -5.92
CA ILE A 47 -11.40 -45.72 -4.86
C ILE A 47 -11.72 -47.00 -4.10
N ASP A 48 -10.70 -47.83 -3.91
CA ASP A 48 -10.85 -49.03 -3.10
C ASP A 48 -9.67 -49.29 -2.17
N PHE A 49 -8.90 -48.26 -1.84
CA PHE A 49 -7.81 -48.40 -0.88
C PHE A 49 -7.61 -47.06 -0.18
N THR A 50 -6.73 -47.06 0.82
CA THR A 50 -6.32 -45.86 1.52
C THR A 50 -4.94 -45.42 1.03
N ALA A 51 -4.36 -44.45 1.73
CA ALA A 51 -3.27 -43.64 1.19
C ALA A 51 -1.89 -44.24 1.35
N ASP A 52 -1.48 -44.53 2.58
CA ASP A 52 -0.07 -44.60 2.93
C ASP A 52 0.63 -45.84 2.36
N GLN A 53 -0.11 -46.79 1.83
CA GLN A 53 0.51 -48.00 1.29
C GLN A 53 0.81 -47.84 -0.20
N VAL A 54 0.30 -46.77 -0.82
CA VAL A 54 0.41 -46.62 -2.26
C VAL A 54 1.82 -46.15 -2.55
N ASP A 55 2.55 -46.95 -3.32
CA ASP A 55 3.94 -46.68 -3.66
C ASP A 55 4.05 -46.22 -5.10
N LEU A 56 4.98 -45.30 -5.36
CA LEU A 56 5.14 -44.68 -6.67
C LEU A 56 6.60 -44.70 -7.12
N THR A 57 7.23 -45.86 -7.09
CA THR A 57 8.60 -45.99 -7.57
C THR A 57 8.63 -45.77 -9.08
N SER A 58 9.42 -44.81 -9.52
CA SER A 58 9.38 -44.32 -10.88
C SER A 58 10.74 -44.45 -11.54
N ALA A 59 10.73 -44.63 -12.86
CA ALA A 59 11.96 -44.81 -13.62
C ALA A 59 12.36 -43.50 -14.28
N LEU A 60 13.52 -42.96 -13.87
CA LEU A 60 13.96 -41.67 -14.38
C LEU A 60 14.81 -41.80 -15.63
N THR A 61 15.61 -42.84 -15.72
CA THR A 61 16.34 -43.11 -16.94
C THR A 61 15.82 -44.42 -17.50
N LYS A 62 16.47 -44.89 -18.55
CA LYS A 62 16.21 -46.24 -19.02
C LYS A 62 16.99 -47.28 -18.23
N LYS A 63 17.82 -46.86 -17.29
CA LYS A 63 18.67 -47.80 -16.57
C LYS A 63 18.43 -47.75 -15.06
N ILE A 64 18.16 -46.59 -14.50
CA ILE A 64 17.99 -46.47 -13.05
C ILE A 64 16.60 -45.92 -12.74
N THR A 65 16.09 -46.30 -11.57
CA THR A 65 14.77 -45.91 -11.11
C THR A 65 14.86 -45.21 -9.77
N LEU A 66 13.78 -44.54 -9.39
CA LEU A 66 13.73 -43.85 -8.11
C LEU A 66 12.38 -44.12 -7.44
N LYS A 67 12.39 -44.14 -6.12
CA LYS A 67 11.13 -44.35 -5.43
C LYS A 67 10.30 -43.08 -5.33
N THR A 68 10.93 -41.92 -5.45
CA THR A 68 10.24 -40.64 -5.38
C THR A 68 10.45 -39.93 -6.72
N PRO A 69 9.41 -39.28 -7.24
CA PRO A 69 9.50 -38.69 -8.57
C PRO A 69 10.05 -37.27 -8.60
N LEU A 70 10.34 -36.67 -7.47
CA LEU A 70 10.71 -35.26 -7.43
C LEU A 70 12.22 -35.12 -7.32
N VAL A 71 12.83 -34.45 -8.30
CA VAL A 71 14.26 -34.18 -8.29
C VAL A 71 14.46 -32.68 -8.32
N SER A 72 15.64 -32.24 -7.87
CA SER A 72 15.93 -30.83 -7.69
C SER A 72 16.17 -30.14 -9.04
N SER A 73 16.74 -28.97 -8.97
CA SER A 73 17.04 -28.19 -10.14
C SER A 73 18.53 -28.06 -10.33
N PRO A 74 19.00 -27.89 -11.56
CA PRO A 74 20.41 -27.58 -11.78
C PRO A 74 20.75 -26.12 -11.59
N MET A 75 19.86 -25.34 -11.00
CA MET A 75 20.09 -23.92 -10.83
C MET A 75 21.16 -23.69 -9.75
N ASP A 76 21.82 -22.53 -9.80
CA ASP A 76 22.92 -22.24 -8.89
C ASP A 76 22.48 -22.04 -7.46
N THR A 77 21.41 -21.32 -7.23
CA THR A 77 21.01 -20.90 -5.89
C THR A 77 20.09 -21.95 -5.25
N VAL A 78 20.03 -23.12 -5.89
CA VAL A 78 19.17 -24.18 -5.37
C VAL A 78 19.96 -25.39 -4.89
N THR A 79 21.06 -25.76 -5.55
CA THR A 79 21.75 -27.00 -5.18
C THR A 79 23.18 -26.77 -4.71
N GLU A 80 23.60 -27.62 -3.78
CA GLU A 80 25.00 -27.89 -3.49
C GLU A 80 25.05 -29.29 -2.88
N ALA A 81 26.14 -29.62 -2.18
CA ALA A 81 26.30 -30.91 -1.52
C ALA A 81 25.16 -31.24 -0.58
N GLY A 82 24.72 -30.25 0.21
CA GLY A 82 23.71 -30.47 1.22
C GLY A 82 22.36 -30.86 0.68
N MET A 83 22.03 -30.47 -0.56
CA MET A 83 20.77 -30.88 -1.15
C MET A 83 20.91 -32.27 -1.73
N ALA A 84 22.04 -32.50 -2.39
CA ALA A 84 22.19 -33.73 -3.12
C ALA A 84 22.38 -34.91 -2.20
N ILE A 85 22.91 -34.68 -1.00
CA ILE A 85 22.88 -35.74 -0.01
C ILE A 85 21.47 -35.97 0.48
N ALA A 86 20.69 -34.89 0.64
CA ALA A 86 19.43 -35.01 1.33
C ALA A 86 18.35 -35.54 0.40
N MET A 87 18.47 -35.24 -0.88
CA MET A 87 17.47 -35.65 -1.85
C MET A 87 17.57 -37.14 -2.11
N ALA A 88 18.79 -37.63 -2.31
CA ALA A 88 19.04 -39.07 -2.41
C ALA A 88 18.84 -39.75 -1.08
N LEU A 89 19.05 -39.04 0.01
CA LEU A 89 18.74 -39.53 1.33
C LEU A 89 17.24 -39.77 1.48
N THR A 90 16.45 -38.97 0.77
CA THR A 90 15.02 -39.17 0.65
C THR A 90 14.64 -39.82 -0.67
N GLY A 91 15.63 -40.27 -1.44
CA GLY A 91 15.37 -41.01 -2.65
C GLY A 91 15.10 -40.19 -3.88
N GLY A 92 15.54 -38.94 -3.93
CA GLY A 92 15.48 -38.14 -5.14
C GLY A 92 16.86 -37.96 -5.75
N ILE A 93 16.93 -37.06 -6.73
CA ILE A 93 18.19 -36.73 -7.36
C ILE A 93 18.49 -35.26 -7.14
N GLY A 94 19.65 -34.98 -6.57
CA GLY A 94 20.17 -33.64 -6.55
C GLY A 94 21.25 -33.47 -7.60
N PHE A 95 21.01 -32.63 -8.60
CA PHE A 95 22.04 -32.32 -9.58
C PHE A 95 22.93 -31.22 -9.02
N ILE A 96 23.91 -30.80 -9.82
CA ILE A 96 24.87 -29.78 -9.41
C ILE A 96 25.00 -28.79 -10.56
N HIS A 97 24.94 -27.50 -10.21
CA HIS A 97 25.08 -26.44 -11.21
C HIS A 97 26.49 -26.41 -11.76
N HIS A 98 26.66 -25.70 -12.86
CA HIS A 98 27.97 -25.55 -13.48
C HIS A 98 28.43 -24.10 -13.44
N ASN A 99 27.93 -23.34 -12.48
CA ASN A 99 28.43 -22.00 -12.23
C ASN A 99 29.51 -22.08 -11.14
N CYS A 100 30.58 -22.78 -11.49
CA CYS A 100 31.72 -22.99 -10.61
C CYS A 100 32.89 -23.49 -11.45
N THR A 101 34.03 -23.67 -10.80
CA THR A 101 35.19 -24.29 -11.41
C THR A 101 34.95 -25.79 -11.49
N PRO A 102 35.75 -26.54 -12.26
CA PRO A 102 35.61 -28.00 -12.20
C PRO A 102 36.03 -28.58 -10.86
N GLU A 103 36.90 -27.89 -10.14
CA GLU A 103 37.45 -28.41 -8.89
C GLU A 103 36.56 -28.10 -7.69
N PHE A 104 35.95 -26.91 -7.67
CA PHE A 104 34.93 -26.62 -6.66
C PHE A 104 33.71 -27.50 -6.86
N GLN A 105 33.41 -27.85 -8.11
CA GLN A 105 32.45 -28.90 -8.39
C GLN A 105 32.94 -30.25 -7.91
N ALA A 106 34.23 -30.53 -8.09
CA ALA A 106 34.76 -31.87 -7.84
C ALA A 106 34.80 -32.20 -6.36
N ASN A 107 35.04 -31.20 -5.50
CA ASN A 107 35.14 -31.45 -4.06
C ASN A 107 33.82 -31.91 -3.47
N GLU A 108 32.75 -31.16 -3.72
CA GLU A 108 31.42 -31.57 -3.32
C GLU A 108 30.90 -32.76 -4.11
N VAL A 109 31.40 -33.02 -5.31
CA VAL A 109 30.87 -34.21 -5.98
C VAL A 109 31.54 -35.46 -5.42
N ARG A 110 32.78 -35.38 -4.92
CA ARG A 110 33.29 -36.51 -4.15
C ARG A 110 32.66 -36.56 -2.78
N LYS A 111 32.21 -35.42 -2.27
CA LYS A 111 31.47 -35.42 -1.02
C LYS A 111 30.13 -36.13 -1.16
N VAL A 112 29.46 -36.00 -2.31
CA VAL A 112 28.15 -36.60 -2.45
C VAL A 112 28.21 -38.02 -3.01
N LYS A 113 29.23 -38.34 -3.82
CA LYS A 113 29.53 -39.74 -4.13
C LYS A 113 29.84 -40.55 -2.88
N LYS A 114 30.45 -39.93 -1.89
CA LYS A 114 30.79 -40.58 -0.64
C LYS A 114 29.59 -40.43 0.30
N TYR A 115 29.81 -40.49 1.63
CA TYR A 115 28.81 -40.35 2.70
C TYR A 115 27.93 -41.61 2.71
N GLU A 116 28.51 -42.72 2.27
CA GLU A 116 27.76 -43.96 2.09
C GLU A 116 28.41 -45.22 2.66
N GLN A 117 29.74 -45.26 2.72
CA GLN A 117 30.58 -46.38 2.26
C GLN A 117 30.03 -47.81 2.33
N GLY A 118 30.15 -48.53 1.19
CA GLY A 118 30.10 -49.98 1.17
C GLY A 118 31.51 -50.54 1.08
N PHE A 119 31.77 -51.47 0.15
CA PHE A 119 33.13 -51.98 -0.04
C PHE A 119 33.98 -50.91 -0.72
N ILE A 120 34.52 -49.98 0.07
CA ILE A 120 35.16 -48.82 -0.54
C ILE A 120 36.64 -49.00 -0.72
N THR A 121 37.14 -48.51 -1.85
CA THR A 121 38.53 -48.16 -1.99
C THR A 121 38.79 -46.80 -1.35
N ASP A 122 40.06 -46.40 -1.36
CA ASP A 122 40.73 -45.16 -0.92
C ASP A 122 40.09 -44.40 0.25
N PRO A 123 40.00 -44.98 1.45
CA PRO A 123 39.75 -44.13 2.61
C PRO A 123 41.06 -43.49 3.04
N VAL A 124 41.03 -42.61 3.99
CA VAL A 124 42.27 -42.01 4.48
C VAL A 124 42.91 -42.96 5.47
N VAL A 125 44.24 -43.05 5.42
CA VAL A 125 44.96 -44.07 6.16
C VAL A 125 46.29 -43.47 6.60
N LEU A 126 46.69 -43.75 7.85
CA LEU A 126 47.86 -43.12 8.45
C LEU A 126 48.86 -44.17 8.91
N SER A 127 50.11 -43.71 9.05
CA SER A 127 51.28 -44.39 9.60
C SER A 127 51.53 -43.88 11.01
N PRO A 128 51.88 -44.76 11.95
CA PRO A 128 51.96 -44.33 13.36
C PRO A 128 53.15 -43.46 13.71
N LYS A 129 54.11 -43.25 12.79
CA LYS A 129 55.37 -42.59 13.11
C LYS A 129 55.22 -41.12 13.53
N ASP A 130 54.08 -40.49 13.28
CA ASP A 130 53.87 -39.09 13.60
C ASP A 130 53.08 -38.96 14.90
N ARG A 131 52.65 -37.74 15.22
CA ARG A 131 51.94 -37.44 16.45
C ARG A 131 50.54 -36.93 16.11
N VAL A 132 49.90 -36.32 17.11
CA VAL A 132 48.45 -36.41 17.27
C VAL A 132 47.70 -35.55 16.25
N ARG A 133 48.35 -34.55 15.62
CA ARG A 133 47.59 -33.51 14.92
C ARG A 133 46.84 -34.05 13.70
N ASP A 134 47.24 -35.22 13.19
CA ASP A 134 46.71 -35.73 11.93
C ASP A 134 45.25 -36.13 12.01
N VAL A 135 44.81 -36.71 13.13
CA VAL A 135 43.46 -37.24 13.15
C VAL A 135 42.41 -36.14 13.25
N PHE A 136 42.57 -35.16 14.14
CA PHE A 136 41.62 -34.07 14.14
C PHE A 136 41.94 -33.07 13.02
N GLU A 137 43.16 -33.17 12.47
CA GLU A 137 43.46 -32.46 11.24
C GLU A 137 42.63 -33.00 10.08
N ALA A 138 42.39 -34.31 10.07
CA ALA A 138 41.48 -34.88 9.10
C ALA A 138 40.05 -34.47 9.42
N LYS A 139 39.67 -34.58 10.70
CA LYS A 139 38.35 -34.16 11.19
C LYS A 139 37.96 -32.75 10.81
N ALA A 140 38.88 -31.79 10.92
CA ALA A 140 38.58 -30.43 10.50
C ALA A 140 38.45 -30.33 8.99
N ARG A 141 39.06 -31.26 8.26
CA ARG A 141 39.02 -31.29 6.81
C ARG A 141 37.97 -32.27 6.29
N HIS A 142 37.56 -33.22 7.13
CA HIS A 142 36.69 -34.28 6.64
C HIS A 142 35.52 -34.63 7.55
N GLY A 143 35.59 -34.40 8.85
CA GLY A 143 34.44 -34.63 9.71
C GLY A 143 34.37 -35.98 10.39
N PHE A 144 35.25 -36.91 10.07
CA PHE A 144 35.27 -38.20 10.73
C PHE A 144 36.63 -38.47 11.34
N CYS A 145 36.67 -39.43 12.27
CA CYS A 145 37.92 -39.93 12.83
C CYS A 145 37.92 -41.46 12.94
N GLY A 146 37.19 -42.14 12.05
CA GLY A 146 37.36 -43.57 11.94
C GLY A 146 38.49 -43.87 10.99
N ILE A 147 39.67 -44.19 11.51
CA ILE A 147 40.84 -44.34 10.68
C ILE A 147 41.61 -45.59 11.05
N PRO A 148 41.91 -46.47 10.09
CA PRO A 148 42.84 -47.56 10.34
C PRO A 148 44.28 -47.10 10.27
N ILE A 149 45.17 -47.93 10.83
CA ILE A 149 46.59 -47.63 10.87
C ILE A 149 47.30 -48.76 10.12
N THR A 150 48.17 -48.41 9.19
CA THR A 150 49.00 -49.39 8.50
C THR A 150 50.46 -49.12 8.83
N ASP A 151 51.31 -49.90 8.19
CA ASP A 151 52.75 -49.70 8.31
C ASP A 151 53.25 -48.54 7.44
N THR A 152 52.66 -48.37 6.26
CA THR A 152 53.14 -47.38 5.30
C THR A 152 52.29 -46.13 5.25
N GLY A 153 51.00 -46.24 5.56
CA GLY A 153 50.07 -45.17 5.32
C GLY A 153 49.40 -45.21 3.98
N ARG A 154 49.35 -46.37 3.34
CA ARG A 154 48.77 -46.53 2.02
C ARG A 154 47.60 -47.51 2.11
N MET A 155 46.87 -47.63 1.00
CA MET A 155 45.73 -48.53 0.94
C MET A 155 46.19 -49.98 0.91
N GLY A 156 46.98 -50.33 -0.11
CA GLY A 156 47.49 -51.68 -0.23
C GLY A 156 48.66 -51.92 0.70
N SER A 157 48.38 -52.02 2.00
CA SER A 157 49.42 -52.13 3.02
C SER A 157 48.99 -53.12 4.09
N ARG A 158 49.96 -53.55 4.88
CA ARG A 158 49.69 -54.49 5.97
C ARG A 158 49.05 -53.75 7.14
N LEU A 159 48.05 -54.39 7.75
CA LEU A 159 47.32 -53.78 8.86
C LEU A 159 48.14 -53.79 10.15
N VAL A 160 47.99 -52.72 10.93
CA VAL A 160 48.65 -52.61 12.22
C VAL A 160 47.60 -52.31 13.29
N GLY A 161 46.93 -51.17 13.16
CA GLY A 161 45.89 -50.79 14.11
C GLY A 161 44.81 -49.88 13.57
N ILE A 162 44.06 -49.22 14.46
CA ILE A 162 42.93 -48.39 14.06
C ILE A 162 42.63 -47.41 15.20
N ILE A 163 42.27 -46.18 14.85
CA ILE A 163 42.02 -45.12 15.82
C ILE A 163 40.62 -44.56 15.61
N SER A 164 39.91 -44.33 16.72
CA SER A 164 38.54 -43.84 16.71
C SER A 164 38.45 -42.50 17.42
N SER A 165 37.21 -41.97 17.44
CA SER A 165 36.84 -40.80 18.22
C SER A 165 36.99 -41.03 19.70
N ARG A 166 36.70 -42.24 20.17
CA ARG A 166 36.77 -42.53 21.59
C ARG A 166 38.21 -42.74 22.03
N ASP A 167 39.14 -42.78 21.09
CA ASP A 167 40.54 -42.69 21.44
C ASP A 167 40.98 -41.26 21.66
N ILE A 168 40.33 -40.30 21.00
CA ILE A 168 40.88 -38.96 20.93
C ILE A 168 39.94 -37.95 21.57
N ASP A 169 38.98 -38.44 22.35
CA ASP A 169 37.94 -37.57 22.87
C ASP A 169 38.41 -36.75 24.06
N PHE A 170 39.54 -37.12 24.65
CA PHE A 170 39.81 -36.66 26.01
C PHE A 170 41.13 -35.93 26.23
N LEU A 171 42.15 -36.15 25.42
CA LEU A 171 43.51 -36.06 25.95
C LEU A 171 44.04 -34.62 26.00
N LYS A 172 44.63 -34.29 27.15
CA LYS A 172 45.28 -33.02 27.38
C LYS A 172 46.53 -32.85 26.51
N GLU A 173 47.13 -33.96 26.09
CA GLU A 173 48.34 -33.92 25.27
C GLU A 173 47.93 -33.92 23.80
N GLU A 174 47.42 -32.76 23.34
CA GLU A 174 46.78 -32.69 22.02
C GLU A 174 47.76 -32.87 20.88
N GLU A 175 49.05 -32.70 21.12
CA GLU A 175 50.09 -33.35 20.31
C GLU A 175 51.29 -33.70 21.18
N HIS A 176 51.15 -33.53 22.49
CA HIS A 176 52.30 -33.35 23.37
C HIS A 176 53.03 -34.68 23.54
N ASP A 177 53.98 -34.93 22.63
CA ASP A 177 54.88 -36.08 22.59
C ASP A 177 54.12 -37.43 22.51
N CYS A 178 52.88 -37.41 22.04
CA CYS A 178 52.13 -38.65 21.94
C CYS A 178 52.19 -39.23 20.53
N PHE A 179 53.34 -39.83 20.20
CA PHE A 179 53.48 -40.62 18.99
C PHE A 179 52.48 -41.76 18.97
N LEU A 180 51.88 -42.02 17.81
CA LEU A 180 50.72 -42.90 17.69
C LEU A 180 50.98 -44.38 17.98
N GLU A 181 52.23 -44.76 18.25
CA GLU A 181 52.57 -46.17 18.50
C GLU A 181 51.94 -46.72 19.77
N GLU A 182 51.88 -45.92 20.84
CA GLU A 182 51.42 -46.47 22.11
C GLU A 182 49.98 -46.11 22.43
N ILE A 183 49.42 -45.10 21.78
CA ILE A 183 47.99 -44.80 21.93
C ILE A 183 47.35 -45.34 20.66
N MET A 184 46.93 -46.60 20.73
CA MET A 184 46.90 -47.47 19.58
C MET A 184 46.19 -48.78 19.91
N THR A 185 45.60 -49.41 18.92
CA THR A 185 44.81 -50.61 19.17
C THR A 185 45.50 -51.82 18.55
N LYS A 186 46.02 -52.70 19.41
CA LYS A 186 46.97 -53.74 19.06
C LYS A 186 46.32 -54.74 18.10
N ARG A 187 47.11 -55.25 17.16
CA ARG A 187 46.67 -56.08 16.06
C ARG A 187 45.81 -57.29 16.45
N GLU A 188 46.17 -57.94 17.54
CA GLU A 188 45.63 -59.26 17.85
C GLU A 188 44.15 -59.26 18.23
N ASP A 189 43.69 -58.30 19.04
CA ASP A 189 42.28 -58.31 19.43
C ASP A 189 41.45 -57.45 18.49
N LEU A 190 41.63 -57.67 17.18
CA LEU A 190 40.99 -56.92 16.13
C LEU A 190 40.27 -57.90 15.21
N VAL A 191 38.95 -57.81 15.19
CA VAL A 191 38.15 -58.71 14.37
C VAL A 191 38.30 -58.30 12.91
N VAL A 192 38.65 -59.27 12.06
CA VAL A 192 38.80 -59.03 10.64
C VAL A 192 38.17 -60.22 9.92
N ALA A 193 37.72 -60.02 8.68
CA ALA A 193 37.10 -61.07 7.90
C ALA A 193 37.88 -61.20 6.61
N PRO A 194 37.80 -62.33 5.90
CA PRO A 194 38.48 -62.42 4.60
C PRO A 194 37.81 -61.54 3.57
N ALA A 195 38.53 -61.30 2.47
CA ALA A 195 38.04 -60.51 1.37
C ALA A 195 37.42 -61.44 0.33
N GLY A 196 37.10 -60.89 -0.85
CA GLY A 196 36.52 -61.68 -1.92
C GLY A 196 35.13 -62.17 -1.61
N ILE A 197 34.39 -61.43 -0.78
CA ILE A 197 33.09 -61.86 -0.30
C ILE A 197 32.08 -60.74 -0.51
N THR A 198 30.80 -61.10 -0.54
CA THR A 198 29.77 -60.10 -0.71
C THR A 198 29.36 -59.55 0.66
N LEU A 199 28.40 -58.64 0.67
CA LEU A 199 28.17 -57.79 1.82
C LEU A 199 27.27 -58.42 2.87
N LYS A 200 26.48 -59.44 2.51
CA LYS A 200 25.52 -60.02 3.44
C LYS A 200 26.20 -60.71 4.60
N GLU A 201 27.18 -61.57 4.30
CA GLU A 201 27.95 -62.21 5.35
C GLU A 201 28.80 -61.20 6.10
N ALA A 202 29.20 -60.11 5.44
CA ALA A 202 29.85 -59.02 6.15
C ALA A 202 28.89 -58.35 7.12
N ASN A 203 27.59 -58.31 6.78
CA ASN A 203 26.62 -57.75 7.71
C ASN A 203 26.43 -58.65 8.92
N GLU A 204 26.43 -59.97 8.72
CA GLU A 204 26.37 -60.83 9.90
C GLU A 204 27.66 -60.73 10.73
N ILE A 205 28.79 -60.44 10.09
CA ILE A 205 30.00 -60.15 10.86
C ILE A 205 29.86 -58.82 11.61
N LEU A 206 29.13 -57.87 11.02
CA LEU A 206 28.86 -56.61 11.71
C LEU A 206 27.98 -56.84 12.93
N GLN A 207 26.98 -57.70 12.82
CA GLN A 207 26.16 -58.06 13.98
C GLN A 207 26.94 -58.86 15.00
N ARG A 208 27.66 -59.91 14.60
CA ARG A 208 28.39 -60.73 15.56
C ARG A 208 29.64 -60.04 16.07
N SER A 209 30.01 -58.90 15.49
CA SER A 209 30.92 -57.98 16.13
C SER A 209 30.24 -57.30 17.30
N LYS A 210 28.95 -57.01 17.13
CA LYS A 210 28.17 -56.11 17.98
C LYS A 210 28.85 -54.75 18.10
N LYS A 211 29.61 -54.35 17.07
CA LYS A 211 30.59 -53.29 17.25
C LYS A 211 30.59 -52.25 16.13
N GLY A 212 30.58 -52.66 14.87
CA GLY A 212 30.47 -51.69 13.79
C GLY A 212 31.53 -51.45 12.72
N LYS A 213 32.83 -51.46 13.02
CA LYS A 213 33.82 -51.26 11.97
C LYS A 213 34.58 -52.55 11.72
N LEU A 214 34.84 -52.83 10.45
CA LEU A 214 35.32 -54.14 10.04
C LEU A 214 36.20 -54.01 8.82
N PRO A 215 37.51 -54.23 8.96
CA PRO A 215 38.37 -54.36 7.79
C PRO A 215 38.34 -55.79 7.25
N ILE A 216 38.60 -55.91 5.95
CA ILE A 216 38.72 -57.20 5.29
C ILE A 216 40.00 -57.23 4.47
N VAL A 217 40.74 -58.34 4.57
CA VAL A 217 42.01 -58.50 3.88
C VAL A 217 42.02 -59.83 3.14
N ASN A 218 43.10 -60.05 2.39
CA ASN A 218 43.38 -61.31 1.74
C ASN A 218 44.19 -62.22 2.67
N GLU A 219 44.74 -63.29 2.12
CA GLU A 219 45.55 -64.22 2.91
C GLU A 219 46.88 -63.62 3.34
N ASP A 220 47.42 -62.68 2.57
CA ASP A 220 48.67 -62.02 2.91
C ASP A 220 48.45 -60.66 3.55
N ASP A 221 47.23 -60.39 4.04
CA ASP A 221 46.90 -59.24 4.88
C ASP A 221 47.08 -57.91 4.13
N GLU A 222 46.69 -57.85 2.87
CA GLU A 222 46.60 -56.57 2.17
C GLU A 222 45.17 -56.08 2.23
N LEU A 223 44.99 -54.85 2.68
CA LEU A 223 43.67 -54.24 2.74
C LEU A 223 43.19 -53.92 1.33
N VAL A 224 41.96 -54.34 1.03
CA VAL A 224 41.31 -53.89 -0.19
C VAL A 224 40.02 -53.12 0.08
N ALA A 225 39.37 -53.30 1.23
CA ALA A 225 38.16 -52.55 1.58
C ALA A 225 37.94 -52.62 3.08
N ILE A 226 37.12 -51.70 3.58
CA ILE A 226 36.74 -51.64 4.99
C ILE A 226 35.27 -51.25 5.05
N ILE A 227 34.53 -51.94 5.92
CA ILE A 227 33.16 -51.59 6.20
C ILE A 227 33.10 -50.88 7.55
N ALA A 228 32.45 -49.73 7.54
CA ALA A 228 32.34 -48.82 8.67
C ALA A 228 30.98 -49.00 9.33
N ARG A 229 30.64 -48.05 10.21
CA ARG A 229 29.52 -48.18 11.12
C ARG A 229 28.20 -47.68 10.56
N THR A 230 28.13 -46.40 10.17
CA THR A 230 26.84 -45.74 10.05
C THR A 230 26.05 -46.14 8.83
N ASP A 231 26.59 -47.02 7.97
CA ASP A 231 25.87 -47.49 6.80
C ASP A 231 24.56 -48.17 7.16
N LEU A 232 24.59 -49.07 8.14
CA LEU A 232 23.35 -49.73 8.52
C LEU A 232 22.39 -48.81 9.28
N LYS A 233 22.91 -47.84 10.05
CA LYS A 233 21.98 -46.96 10.75
C LYS A 233 21.33 -45.99 9.77
N LYS A 234 22.04 -45.64 8.69
CA LYS A 234 21.42 -44.87 7.62
C LYS A 234 20.47 -45.71 6.80
N ASN A 235 20.74 -47.01 6.68
CA ASN A 235 19.81 -47.92 6.04
C ASN A 235 18.51 -48.04 6.81
N ARG A 236 18.58 -48.18 8.13
CA ARG A 236 17.37 -48.31 8.92
C ARG A 236 16.67 -46.97 9.09
N ASP A 237 17.45 -45.88 9.13
CA ASP A 237 16.88 -44.59 9.44
C ASP A 237 16.16 -44.01 8.24
N TYR A 238 16.54 -44.46 7.05
CA TYR A 238 15.87 -44.10 5.80
C TYR A 238 15.76 -45.39 5.01
N PRO A 239 14.60 -46.03 5.03
CA PRO A 239 14.50 -47.45 4.62
C PRO A 239 14.77 -47.69 3.15
N LEU A 240 14.14 -46.94 2.26
CA LEU A 240 14.46 -47.00 0.84
C LEU A 240 14.99 -45.63 0.47
N ALA A 241 15.96 -45.61 -0.45
CA ALA A 241 16.53 -44.37 -0.93
C ALA A 241 17.03 -44.43 -2.35
N SER A 242 16.78 -45.53 -3.09
CA SER A 242 17.11 -45.73 -4.50
C SER A 242 18.60 -45.62 -4.81
N LYS A 243 19.40 -46.56 -4.29
CA LYS A 243 20.84 -46.57 -4.51
C LYS A 243 21.19 -47.37 -5.76
N ASP A 244 22.47 -47.39 -6.09
CA ASP A 244 22.92 -48.02 -7.33
C ASP A 244 23.17 -49.50 -7.10
N ALA A 245 23.70 -50.18 -8.11
CA ALA A 245 24.10 -51.57 -7.93
C ALA A 245 25.35 -51.67 -7.07
N LYS A 246 26.26 -50.71 -7.20
CA LYS A 246 27.46 -50.70 -6.39
C LYS A 246 27.28 -50.00 -5.07
N LYS A 247 26.08 -50.05 -4.49
CA LYS A 247 25.80 -49.72 -3.10
C LYS A 247 25.81 -48.21 -2.80
N GLN A 248 26.48 -47.39 -3.61
CA GLN A 248 26.66 -45.99 -3.26
C GLN A 248 25.43 -45.14 -3.60
N LEU A 249 25.52 -43.86 -3.26
CA LEU A 249 24.48 -42.90 -3.61
C LEU A 249 24.43 -42.66 -5.11
N LEU A 250 23.32 -42.08 -5.56
CA LEU A 250 23.26 -41.52 -6.89
C LEU A 250 23.48 -40.02 -6.83
N CYS A 251 24.00 -39.46 -7.91
CA CYS A 251 24.10 -38.01 -8.03
C CYS A 251 24.15 -37.61 -9.49
N GLY A 252 23.95 -36.31 -9.73
CA GLY A 252 24.13 -35.73 -11.04
C GLY A 252 24.66 -34.32 -11.03
N ALA A 253 24.85 -33.73 -12.21
CA ALA A 253 25.40 -32.40 -12.35
C ALA A 253 25.10 -31.89 -13.76
N ALA A 254 25.18 -30.57 -13.92
CA ALA A 254 24.97 -29.92 -15.19
C ALA A 254 26.29 -29.43 -15.75
N ILE A 255 26.34 -29.24 -17.07
CA ILE A 255 27.49 -28.70 -17.75
C ILE A 255 27.01 -27.60 -18.69
N GLY A 256 27.97 -26.95 -19.35
CA GLY A 256 27.66 -25.81 -20.18
C GLY A 256 27.39 -26.12 -21.64
N THR A 257 27.86 -25.24 -22.53
CA THR A 257 27.62 -25.38 -23.96
C THR A 257 28.90 -25.25 -24.75
N HIS A 258 29.98 -24.87 -24.06
CA HIS A 258 31.16 -24.45 -24.79
C HIS A 258 32.16 -25.60 -24.89
N GLU A 259 33.19 -25.39 -25.71
CA GLU A 259 34.10 -26.48 -26.09
C GLU A 259 34.91 -27.01 -24.92
N ASP A 260 35.08 -26.22 -23.86
CA ASP A 260 35.83 -26.62 -22.68
C ASP A 260 35.09 -27.61 -21.79
N ASP A 261 33.87 -28.01 -22.16
CA ASP A 261 33.07 -28.92 -21.38
C ASP A 261 33.67 -30.32 -21.28
N LYS A 262 34.48 -30.71 -22.25
CA LYS A 262 34.99 -32.07 -22.29
C LYS A 262 35.98 -32.34 -21.17
N TYR A 263 36.83 -31.35 -20.85
CA TYR A 263 37.69 -31.43 -19.68
C TYR A 263 36.90 -31.57 -18.40
N ARG A 264 35.80 -30.82 -18.27
CA ARG A 264 34.94 -30.93 -17.10
C ARG A 264 34.26 -32.28 -16.99
N LEU A 265 33.72 -32.79 -18.10
CA LEU A 265 32.99 -34.05 -18.02
C LEU A 265 33.94 -35.22 -17.84
N ASP A 266 35.16 -35.09 -18.35
CA ASP A 266 36.13 -36.13 -18.09
C ASP A 266 36.69 -36.05 -16.67
N LEU A 267 36.77 -34.83 -16.10
CA LEU A 267 37.12 -34.70 -14.70
C LEU A 267 36.06 -35.31 -13.79
N LEU A 268 34.79 -35.18 -14.15
CA LEU A 268 33.82 -35.82 -13.26
C LEU A 268 33.55 -37.26 -13.64
N ALA A 269 34.01 -37.70 -14.81
CA ALA A 269 34.12 -39.13 -15.04
C ALA A 269 35.25 -39.71 -14.22
N GLN A 270 36.31 -38.93 -13.98
CA GLN A 270 37.29 -39.31 -12.97
C GLN A 270 36.68 -39.24 -11.58
N ALA A 271 35.69 -38.37 -11.38
CA ALA A 271 34.88 -38.50 -10.17
C ALA A 271 33.97 -39.71 -10.22
N GLY A 272 33.56 -40.12 -11.41
CA GLY A 272 32.77 -41.33 -11.55
C GLY A 272 31.31 -41.20 -11.17
N VAL A 273 30.70 -40.04 -11.43
CA VAL A 273 29.29 -39.83 -11.18
C VAL A 273 28.50 -40.06 -12.46
N ASP A 274 27.36 -40.75 -12.37
CA ASP A 274 26.84 -41.51 -13.49
C ASP A 274 25.82 -40.80 -14.35
N VAL A 275 25.13 -39.76 -13.85
CA VAL A 275 24.14 -39.05 -14.65
C VAL A 275 24.56 -37.60 -14.72
N VAL A 276 24.25 -36.96 -15.84
CA VAL A 276 24.73 -35.61 -16.10
C VAL A 276 23.71 -34.85 -16.95
N VAL A 277 23.56 -33.57 -16.66
CA VAL A 277 22.69 -32.70 -17.45
C VAL A 277 23.57 -31.82 -18.32
N LEU A 278 22.97 -31.34 -19.40
CA LEU A 278 23.53 -30.27 -20.21
C LEU A 278 22.46 -29.18 -20.28
N ASP A 279 22.65 -28.15 -19.47
CA ASP A 279 21.66 -27.09 -19.33
C ASP A 279 21.76 -26.19 -20.54
N SER A 280 20.63 -25.91 -21.16
CA SER A 280 20.56 -24.98 -22.28
C SER A 280 19.15 -24.44 -22.34
N SER A 281 19.01 -23.25 -22.89
CA SER A 281 17.68 -22.72 -23.14
C SER A 281 16.99 -23.41 -24.29
N GLN A 282 17.74 -24.11 -25.15
CA GLN A 282 17.13 -24.88 -26.22
C GLN A 282 18.09 -26.01 -26.58
N GLY A 283 17.54 -27.17 -26.92
CA GLY A 283 18.36 -28.33 -27.23
C GLY A 283 18.20 -28.94 -28.60
N ASN A 284 18.17 -28.13 -29.66
CA ASN A 284 18.28 -28.65 -31.01
C ASN A 284 19.56 -28.16 -31.69
N SER A 285 20.65 -28.06 -30.94
CA SER A 285 21.88 -27.54 -31.50
C SER A 285 22.76 -28.66 -32.03
N ILE A 286 23.69 -28.27 -32.91
CA ILE A 286 24.79 -29.13 -33.29
C ILE A 286 25.70 -29.39 -32.10
N PHE A 287 25.79 -28.42 -31.19
CA PHE A 287 26.48 -28.59 -29.92
C PHE A 287 25.92 -29.77 -29.14
N GLN A 288 24.58 -29.88 -29.08
CA GLN A 288 23.94 -30.95 -28.32
C GLN A 288 24.25 -32.32 -28.91
N ILE A 289 24.14 -32.45 -30.23
CA ILE A 289 24.29 -33.77 -30.84
C ILE A 289 25.75 -34.19 -30.81
N ASN A 290 26.67 -33.24 -30.93
CA ASN A 290 28.07 -33.64 -30.85
C ASN A 290 28.49 -33.92 -29.41
N MET A 291 27.86 -33.27 -28.44
CA MET A 291 28.13 -33.65 -27.05
C MET A 291 27.64 -35.05 -26.75
N ILE A 292 26.46 -35.44 -27.24
CA ILE A 292 25.98 -36.77 -26.91
C ILE A 292 26.73 -37.83 -27.72
N LYS A 293 27.18 -37.48 -28.93
CA LYS A 293 28.10 -38.34 -29.65
C LYS A 293 29.41 -38.53 -28.89
N TYR A 294 29.92 -37.44 -28.30
CA TYR A 294 31.11 -37.51 -27.46
C TYR A 294 30.87 -38.32 -26.19
N ILE A 295 29.63 -38.34 -25.71
CA ILE A 295 29.30 -39.16 -24.55
C ILE A 295 29.32 -40.65 -24.88
N LYS A 296 28.59 -41.06 -25.91
CA LYS A 296 28.19 -42.47 -26.03
C LYS A 296 29.37 -43.37 -26.38
N ASP A 297 30.34 -42.87 -27.15
CA ASP A 297 31.47 -43.72 -27.49
C ASP A 297 32.47 -43.80 -26.34
N LYS A 298 32.63 -42.73 -25.58
CA LYS A 298 33.60 -42.75 -24.49
C LYS A 298 33.02 -43.44 -23.27
N TYR A 299 31.73 -43.29 -23.01
CA TYR A 299 31.11 -43.78 -21.79
C TYR A 299 29.74 -44.37 -22.10
N PRO A 300 29.69 -45.68 -22.40
CA PRO A 300 28.37 -46.32 -22.53
C PRO A 300 27.66 -46.49 -21.20
N ASN A 301 28.40 -46.54 -20.09
CA ASN A 301 27.78 -46.73 -18.79
C ASN A 301 27.16 -45.45 -18.24
N LEU A 302 27.67 -44.30 -18.65
CA LEU A 302 27.22 -43.01 -18.15
C LEU A 302 25.82 -42.68 -18.64
N GLN A 303 25.18 -41.76 -17.94
CA GLN A 303 23.81 -41.37 -18.28
C GLN A 303 23.77 -39.88 -18.52
N VAL A 304 22.82 -39.47 -19.36
CA VAL A 304 22.68 -38.08 -19.74
C VAL A 304 21.20 -37.71 -19.67
N ILE A 305 20.94 -36.48 -19.26
CA ILE A 305 19.62 -35.90 -19.37
C ILE A 305 19.74 -34.63 -20.18
N GLY A 306 18.91 -34.51 -21.22
CA GLY A 306 19.16 -33.53 -22.25
C GLY A 306 18.14 -32.41 -22.41
N GLY A 307 18.59 -31.18 -22.25
CA GLY A 307 17.75 -30.02 -22.43
C GLY A 307 18.35 -29.06 -23.42
N ASN A 308 17.50 -28.19 -23.98
CA ASN A 308 16.08 -28.12 -23.66
C ASN A 308 15.20 -28.32 -24.89
N VAL A 309 14.15 -29.10 -24.72
CA VAL A 309 13.21 -29.47 -25.77
C VAL A 309 11.82 -29.24 -25.21
N VAL A 310 10.94 -28.66 -26.02
CA VAL A 310 9.55 -28.56 -25.60
C VAL A 310 8.62 -29.21 -26.64
N THR A 311 8.78 -28.88 -27.91
CA THR A 311 8.00 -29.57 -28.94
C THR A 311 8.70 -30.84 -29.42
N ALA A 312 8.05 -31.57 -30.31
CA ALA A 312 8.35 -32.98 -30.51
C ALA A 312 9.47 -33.25 -31.48
N ALA A 313 9.71 -32.36 -32.45
CA ALA A 313 10.57 -32.73 -33.56
C ALA A 313 12.04 -32.77 -33.17
N GLN A 314 12.46 -31.86 -32.30
CA GLN A 314 13.83 -31.92 -31.83
C GLN A 314 14.01 -33.10 -30.89
N ALA A 315 12.95 -33.48 -30.19
CA ALA A 315 12.98 -34.70 -29.39
C ALA A 315 13.14 -35.93 -30.25
N LYS A 316 12.49 -35.96 -31.42
CA LYS A 316 12.69 -37.03 -32.40
C LYS A 316 14.15 -37.13 -32.77
N ASN A 317 14.74 -35.98 -33.11
CA ASN A 317 16.11 -35.96 -33.59
C ASN A 317 17.11 -36.37 -32.51
N LEU A 318 16.86 -36.01 -31.26
CA LEU A 318 17.82 -36.43 -30.24
C LEU A 318 17.60 -37.87 -29.80
N ILE A 319 16.38 -38.40 -29.89
CA ILE A 319 16.25 -39.78 -29.45
C ILE A 319 16.72 -40.75 -30.53
N ASP A 320 16.54 -40.43 -31.82
CA ASP A 320 17.12 -41.33 -32.81
C ASP A 320 18.58 -41.00 -33.02
N ALA A 321 19.02 -39.86 -32.49
CA ALA A 321 20.42 -39.60 -32.29
C ALA A 321 20.99 -40.38 -31.12
N GLY A 322 20.15 -40.76 -30.15
CA GLY A 322 20.61 -41.67 -29.12
C GLY A 322 20.79 -41.04 -27.75
N VAL A 323 19.85 -40.18 -27.36
CA VAL A 323 19.88 -39.57 -26.04
C VAL A 323 19.50 -40.62 -25.00
N ASP A 324 19.78 -40.34 -23.73
CA ASP A 324 19.27 -41.18 -22.67
C ASP A 324 17.96 -40.69 -22.09
N ALA A 325 17.80 -39.38 -21.86
CA ALA A 325 16.63 -38.89 -21.16
C ALA A 325 16.34 -37.44 -21.55
N LEU A 326 15.11 -37.01 -21.25
CA LEU A 326 14.47 -35.85 -21.86
C LEU A 326 14.12 -34.78 -20.84
N ARG A 327 14.53 -33.54 -21.11
CA ARG A 327 14.36 -32.44 -20.18
C ARG A 327 13.45 -31.38 -20.80
N VAL A 328 12.34 -31.10 -20.14
CA VAL A 328 11.29 -30.24 -20.66
C VAL A 328 10.97 -29.12 -19.67
N GLY A 329 10.69 -27.95 -20.23
CA GLY A 329 10.21 -26.77 -19.54
C GLY A 329 11.28 -25.69 -19.51
N MET A 330 10.87 -24.44 -19.73
CA MET A 330 11.85 -23.37 -19.89
C MET A 330 11.61 -22.29 -18.85
N GLY A 331 12.63 -21.45 -18.65
CA GLY A 331 12.57 -20.31 -17.75
C GLY A 331 12.31 -20.66 -16.29
N SER A 332 13.01 -21.66 -15.79
CA SER A 332 12.91 -22.05 -14.39
C SER A 332 14.20 -22.74 -13.95
N THR A 338 11.83 -15.16 -16.61
CA THR A 338 12.52 -14.96 -17.88
C THR A 338 11.68 -15.55 -19.02
N GLN A 339 10.64 -16.31 -18.63
CA GLN A 339 9.62 -16.79 -19.54
C GLN A 339 8.84 -15.67 -20.21
N GLU A 340 8.61 -14.58 -19.49
CA GLU A 340 7.99 -13.38 -20.05
C GLU A 340 9.02 -12.54 -20.81
N VAL A 341 10.28 -12.95 -20.79
CA VAL A 341 11.36 -12.14 -21.35
C VAL A 341 11.84 -12.73 -22.66
N LEU A 342 12.34 -13.97 -22.62
CA LEU A 342 12.94 -14.55 -23.81
C LEU A 342 11.90 -14.91 -24.86
N ALA A 343 10.69 -15.20 -24.43
CA ALA A 343 9.51 -15.38 -25.27
C ALA A 343 9.70 -16.45 -26.34
N CYS A 344 10.08 -17.65 -25.95
CA CYS A 344 10.21 -18.75 -26.89
C CYS A 344 9.71 -20.05 -26.27
N GLY A 345 9.30 -20.96 -27.13
CA GLY A 345 8.83 -22.24 -26.65
C GLY A 345 7.32 -22.33 -26.67
N ARG A 346 6.74 -22.86 -25.61
CA ARG A 346 5.30 -23.09 -25.53
C ARG A 346 4.96 -23.25 -24.06
N PRO A 347 3.69 -23.16 -23.66
CA PRO A 347 3.34 -23.43 -22.27
C PRO A 347 3.57 -24.87 -21.91
N GLN A 348 3.57 -25.13 -20.60
CA GLN A 348 4.09 -26.36 -20.06
C GLN A 348 3.23 -27.56 -20.41
N ALA A 349 1.92 -27.43 -20.18
CA ALA A 349 1.07 -28.61 -20.08
C ALA A 349 0.89 -29.30 -21.42
N THR A 350 0.79 -28.53 -22.50
CA THR A 350 0.71 -29.14 -23.82
C THR A 350 2.02 -29.82 -24.20
N ALA A 351 3.13 -29.26 -23.75
CA ALA A 351 4.42 -29.79 -24.12
C ALA A 351 4.71 -31.10 -23.40
N VAL A 352 4.47 -31.11 -22.09
CA VAL A 352 4.77 -32.27 -21.28
C VAL A 352 3.88 -33.43 -21.66
N TYR A 353 2.72 -33.13 -22.22
CA TYR A 353 1.84 -34.14 -22.77
C TYR A 353 2.47 -34.78 -24.01
N LYS A 354 2.80 -33.97 -25.00
CA LYS A 354 3.14 -34.54 -26.29
C LYS A 354 4.54 -35.12 -26.30
N VAL A 355 5.41 -34.69 -25.39
CA VAL A 355 6.71 -35.34 -25.32
C VAL A 355 6.57 -36.75 -24.79
N SER A 356 5.62 -36.99 -23.90
CA SER A 356 5.31 -38.35 -23.52
C SER A 356 4.60 -39.09 -24.62
N GLU A 357 3.79 -38.38 -25.41
CA GLU A 357 3.08 -39.01 -26.53
C GLU A 357 4.02 -39.52 -27.59
N TYR A 358 5.18 -38.89 -27.74
CA TYR A 358 6.15 -39.50 -28.65
C TYR A 358 7.16 -40.38 -27.91
N ALA A 359 7.34 -40.17 -26.61
CA ALA A 359 8.34 -40.96 -25.90
C ALA A 359 7.86 -42.37 -25.63
N ARG A 360 6.55 -42.57 -25.51
CA ARG A 360 6.02 -43.92 -25.32
C ARG A 360 6.16 -44.78 -26.57
N ARG A 361 6.31 -44.17 -27.74
CA ARG A 361 6.63 -44.92 -28.94
C ARG A 361 8.03 -45.51 -28.88
N PHE A 362 8.90 -44.97 -28.03
CA PHE A 362 10.26 -45.47 -27.89
C PHE A 362 10.66 -45.67 -26.45
N GLY A 363 9.71 -45.63 -25.51
CA GLY A 363 9.94 -46.01 -24.13
C GLY A 363 10.94 -45.16 -23.40
N VAL A 364 10.80 -43.85 -23.52
CA VAL A 364 11.78 -42.90 -23.04
C VAL A 364 11.20 -42.13 -21.86
N PRO A 365 11.92 -41.99 -20.76
CA PRO A 365 11.42 -41.15 -19.67
C PRO A 365 11.59 -39.68 -19.99
N VAL A 366 10.98 -38.85 -19.14
CA VAL A 366 11.02 -37.40 -19.32
C VAL A 366 10.92 -36.73 -17.96
N ILE A 367 11.62 -35.61 -17.80
CA ILE A 367 11.62 -34.80 -16.59
C ILE A 367 11.12 -33.41 -16.98
N ALA A 368 10.47 -32.73 -16.03
CA ALA A 368 9.61 -31.61 -16.40
C ALA A 368 9.75 -30.40 -15.49
N ASP A 369 9.74 -29.22 -16.11
CA ASP A 369 9.78 -27.92 -15.44
C ASP A 369 8.46 -27.18 -15.62
N GLY A 370 8.42 -25.99 -15.05
CA GLY A 370 7.33 -25.06 -15.23
C GLY A 370 6.22 -25.22 -14.22
N GLY A 371 5.62 -24.10 -13.83
CA GLY A 371 4.39 -24.11 -13.05
C GLY A 371 4.54 -24.62 -11.63
N ILE A 372 5.70 -24.45 -11.02
CA ILE A 372 5.97 -25.04 -9.73
C ILE A 372 5.85 -23.94 -8.68
N GLN A 373 4.74 -23.89 -7.98
CA GLN A 373 4.68 -23.11 -6.74
C GLN A 373 4.21 -23.96 -5.58
N ASN A 374 3.24 -24.83 -5.81
CA ASN A 374 2.72 -25.58 -4.69
C ASN A 374 2.39 -27.02 -5.05
N VAL A 375 1.82 -27.74 -4.08
CA VAL A 375 1.85 -29.20 -4.05
C VAL A 375 1.00 -29.85 -5.11
N GLY A 376 -0.09 -29.21 -5.55
CA GLY A 376 -0.96 -29.86 -6.50
C GLY A 376 -0.36 -29.88 -7.88
N HIS A 377 0.52 -28.93 -8.15
CA HIS A 377 1.17 -28.80 -9.44
C HIS A 377 1.95 -30.05 -9.78
N ILE A 378 2.67 -30.56 -8.79
CA ILE A 378 3.55 -31.69 -8.97
C ILE A 378 2.75 -32.90 -9.38
N ALA A 379 1.72 -33.17 -8.60
CA ALA A 379 0.90 -34.34 -8.82
C ALA A 379 0.18 -34.26 -10.14
N LYS A 380 -0.32 -33.09 -10.51
CA LYS A 380 -1.05 -33.01 -11.76
C LYS A 380 -0.09 -33.08 -12.95
N ALA A 381 1.13 -32.59 -12.74
CA ALA A 381 2.11 -32.60 -13.81
C ALA A 381 2.56 -34.01 -14.12
N LEU A 382 2.86 -34.78 -13.09
CA LEU A 382 3.17 -36.18 -13.33
C LEU A 382 1.91 -36.93 -13.76
N ALA A 383 0.76 -36.47 -13.28
CA ALA A 383 -0.47 -37.22 -13.42
C ALA A 383 -1.00 -37.17 -14.83
N LEU A 384 -0.74 -36.10 -15.56
CA LEU A 384 -1.18 -36.10 -16.95
C LEU A 384 -0.32 -37.00 -17.83
N GLY A 385 0.79 -37.50 -17.30
CA GLY A 385 1.56 -38.46 -18.04
C GLY A 385 3.05 -38.24 -18.02
N ALA A 386 3.50 -37.25 -17.27
CA ALA A 386 4.93 -37.13 -17.08
C ALA A 386 5.40 -38.26 -16.19
N SER A 387 6.52 -38.87 -16.57
CA SER A 387 7.09 -39.95 -15.77
C SER A 387 7.64 -39.43 -14.46
N THR A 388 8.25 -38.26 -14.49
CA THR A 388 8.73 -37.56 -13.30
C THR A 388 8.95 -36.10 -13.66
N VAL A 389 8.91 -35.21 -12.67
CA VAL A 389 9.06 -33.77 -12.89
C VAL A 389 10.09 -33.23 -11.90
N MET A 390 10.66 -32.07 -12.24
CA MET A 390 11.69 -31.38 -11.48
C MET A 390 11.05 -30.64 -10.31
N MET A 391 11.83 -30.43 -9.25
CA MET A 391 11.44 -29.49 -8.22
C MET A 391 12.33 -28.27 -8.37
N GLY A 392 11.72 -27.10 -8.50
CA GLY A 392 12.54 -25.96 -8.83
C GLY A 392 12.68 -24.95 -7.73
N SER A 393 11.99 -23.83 -7.88
CA SER A 393 12.13 -22.74 -6.92
C SER A 393 11.27 -22.96 -5.68
N LEU A 394 10.49 -24.04 -5.63
CA LEU A 394 9.75 -24.30 -4.39
C LEU A 394 10.70 -24.62 -3.25
N LEU A 395 11.80 -25.31 -3.55
CA LEU A 395 12.76 -25.53 -2.49
C LEU A 395 13.89 -24.52 -2.54
N ALA A 396 13.69 -23.38 -3.18
CA ALA A 396 14.60 -22.28 -2.98
C ALA A 396 14.49 -21.82 -1.53
N ALA A 397 15.66 -21.61 -0.92
CA ALA A 397 15.84 -21.21 0.47
C ALA A 397 15.21 -22.20 1.44
N THR A 398 15.76 -23.40 1.49
CA THR A 398 15.50 -24.31 2.60
C THR A 398 16.54 -24.07 3.70
N THR A 399 16.58 -24.94 4.70
CA THR A 399 17.67 -24.89 5.67
C THR A 399 18.98 -25.31 5.03
N GLU A 400 18.91 -26.22 4.08
CA GLU A 400 20.09 -26.79 3.45
C GLU A 400 20.71 -25.88 2.40
N ALA A 401 20.13 -24.69 2.17
CA ALA A 401 20.34 -23.73 1.08
C ALA A 401 21.80 -23.41 0.82
N PRO A 402 22.20 -23.18 -0.44
CA PRO A 402 23.63 -23.22 -0.78
C PRO A 402 24.37 -22.00 -0.28
N GLY A 403 25.58 -22.24 0.18
CA GLY A 403 26.19 -21.20 0.98
C GLY A 403 25.60 -21.27 2.38
N GLU A 404 25.65 -20.13 3.07
CA GLU A 404 25.23 -20.09 4.47
C GLU A 404 24.61 -18.72 4.72
N TYR A 405 23.80 -18.63 5.77
CA TYR A 405 23.07 -17.43 6.14
C TYR A 405 24.03 -16.36 6.64
N PHE A 406 23.50 -15.18 6.88
CA PHE A 406 24.35 -14.16 7.48
C PHE A 406 23.62 -13.50 8.63
N PHE A 407 24.23 -12.49 9.21
CA PHE A 407 23.86 -12.07 10.55
C PHE A 407 23.63 -10.58 10.57
N SER A 408 22.37 -10.19 10.74
CA SER A 408 21.97 -8.79 10.58
C SER A 408 20.90 -8.47 11.60
N ASP A 409 20.97 -7.27 12.18
CA ASP A 409 19.89 -6.46 12.77
C ASP A 409 18.89 -7.24 13.63
N GLY A 410 19.33 -8.32 14.25
CA GLY A 410 18.42 -9.23 14.93
C GLY A 410 17.67 -10.19 14.03
N ILE A 411 17.78 -10.05 12.71
CA ILE A 411 17.06 -10.89 11.76
C ILE A 411 18.04 -11.37 10.70
N ARG A 412 18.28 -12.67 10.67
CA ARG A 412 19.18 -13.27 9.71
C ARG A 412 18.54 -13.33 8.33
N LEU A 413 19.34 -13.68 7.34
CA LEU A 413 18.90 -13.88 5.97
C LEU A 413 19.96 -14.68 5.25
N LYS A 414 19.62 -15.23 4.09
CA LYS A 414 20.51 -16.15 3.39
C LYS A 414 21.36 -15.41 2.35
N LYS A 415 22.67 -15.66 2.38
CA LYS A 415 23.61 -15.12 1.42
C LYS A 415 23.91 -16.17 0.35
N TYR A 416 24.27 -15.72 -0.85
CA TYR A 416 24.58 -16.62 -1.97
C TYR A 416 25.96 -16.32 -2.54
N ARG A 417 26.98 -16.91 -1.93
CA ARG A 417 28.33 -16.94 -2.49
C ARG A 417 28.90 -18.32 -2.18
N GLY A 418 28.13 -19.36 -2.48
CA GLY A 418 28.52 -20.73 -2.20
C GLY A 418 29.74 -21.19 -2.97
N ALA A 451 16.39 -11.08 0.50
CA ALA A 451 15.54 -12.22 0.16
C ALA A 451 14.56 -12.56 1.28
N VAL A 452 14.00 -13.77 1.22
CA VAL A 452 12.95 -14.21 2.12
C VAL A 452 13.55 -15.21 3.10
N GLN A 453 13.12 -15.15 4.35
CA GLN A 453 13.67 -15.94 5.41
C GLN A 453 13.21 -17.41 5.32
N ASP A 454 13.78 -18.25 6.19
CA ASP A 454 13.82 -19.70 6.04
C ASP A 454 12.47 -20.38 6.29
N LYS A 455 12.27 -21.50 5.59
CA LYS A 455 11.04 -22.28 5.68
C LYS A 455 11.27 -23.73 6.07
N GLY A 456 12.49 -24.15 6.36
CA GLY A 456 12.67 -25.48 6.90
C GLY A 456 13.67 -26.41 6.26
N SER A 457 13.83 -27.60 6.84
CA SER A 457 14.73 -28.62 6.34
C SER A 457 13.95 -29.65 5.55
N ILE A 458 14.54 -30.16 4.49
CA ILE A 458 13.73 -30.79 3.44
C ILE A 458 13.27 -32.17 3.88
N HIS A 459 14.07 -32.87 4.66
CA HIS A 459 13.76 -34.27 4.89
C HIS A 459 12.63 -34.46 5.91
N LYS A 460 12.11 -33.38 6.47
CA LYS A 460 10.77 -33.37 7.05
C LYS A 460 9.76 -32.64 6.17
N PHE A 461 10.20 -32.04 5.07
CA PHE A 461 9.34 -31.24 4.21
C PHE A 461 8.83 -32.05 3.02
N VAL A 462 9.73 -32.63 2.26
CA VAL A 462 9.42 -33.58 1.18
C VAL A 462 8.63 -34.80 1.66
N PRO A 463 8.64 -35.25 2.94
CA PRO A 463 7.56 -36.16 3.33
C PRO A 463 6.16 -35.58 3.19
N TYR A 464 5.98 -34.29 3.49
CA TYR A 464 4.68 -33.67 3.24
C TYR A 464 4.38 -33.59 1.76
N LEU A 465 5.40 -33.46 0.93
CA LEU A 465 5.17 -33.40 -0.50
C LEU A 465 4.80 -34.76 -1.06
N ILE A 466 5.48 -35.81 -0.58
CA ILE A 466 5.14 -37.13 -1.08
C ILE A 466 3.79 -37.57 -0.54
N ALA A 467 3.46 -37.18 0.69
CA ALA A 467 2.14 -37.46 1.21
C ALA A 467 1.08 -36.71 0.45
N GLY A 468 1.38 -35.48 0.03
CA GLY A 468 0.43 -34.74 -0.75
C GLY A 468 0.23 -35.30 -2.13
N ILE A 469 1.26 -35.85 -2.75
CA ILE A 469 1.06 -36.36 -4.08
C ILE A 469 0.37 -37.72 -4.04
N GLN A 470 0.65 -38.53 -3.00
CA GLN A 470 -0.16 -39.74 -2.94
C GLN A 470 -1.58 -39.46 -2.43
N HIS A 471 -1.78 -38.33 -1.75
CA HIS A 471 -3.14 -37.86 -1.48
C HIS A 471 -3.87 -37.61 -2.78
N SER A 472 -3.19 -37.01 -3.75
CA SER A 472 -3.79 -36.84 -5.06
C SER A 472 -3.88 -38.16 -5.81
N CYS A 473 -2.98 -39.09 -5.53
CA CYS A 473 -3.04 -40.39 -6.19
C CYS A 473 -4.28 -41.15 -5.77
N GLN A 474 -4.64 -41.07 -4.48
CA GLN A 474 -5.90 -41.67 -4.08
C GLN A 474 -7.06 -40.78 -4.48
N ASP A 475 -6.81 -39.49 -4.76
CA ASP A 475 -7.84 -38.69 -5.37
C ASP A 475 -8.16 -39.19 -6.77
N ILE A 476 -7.16 -39.66 -7.51
CA ILE A 476 -7.47 -40.53 -8.64
C ILE A 476 -7.98 -41.87 -8.13
N GLY A 477 -7.18 -42.55 -7.34
CA GLY A 477 -7.54 -43.89 -6.93
C GLY A 477 -6.85 -44.92 -7.78
N ALA A 478 -5.59 -44.66 -8.14
CA ALA A 478 -4.78 -45.64 -8.82
C ALA A 478 -3.69 -46.10 -7.87
N LYS A 479 -3.37 -47.38 -7.95
CA LYS A 479 -2.38 -47.93 -7.04
C LYS A 479 -0.97 -47.51 -7.44
N SER A 480 -0.71 -47.36 -8.73
CA SER A 480 0.58 -46.95 -9.25
C SER A 480 0.42 -45.82 -10.26
N LEU A 481 1.56 -45.22 -10.62
CA LEU A 481 1.58 -44.27 -11.72
C LEU A 481 1.64 -44.94 -13.08
N THR A 482 2.17 -46.16 -13.16
CA THR A 482 2.04 -46.93 -14.40
C THR A 482 0.57 -47.17 -14.71
N GLN A 483 -0.23 -47.34 -13.66
CA GLN A 483 -1.67 -47.29 -13.83
C GLN A 483 -2.15 -45.92 -14.31
N VAL A 484 -1.49 -44.81 -13.95
CA VAL A 484 -2.08 -43.53 -14.34
C VAL A 484 -1.76 -43.20 -15.80
N ARG A 485 -0.61 -43.64 -16.32
CA ARG A 485 -0.51 -43.48 -17.77
C ARG A 485 -1.11 -44.64 -18.56
N ALA A 486 -1.36 -45.79 -17.95
CA ALA A 486 -2.21 -46.77 -18.61
C ALA A 486 -3.62 -46.21 -18.76
N MET A 487 -4.11 -45.55 -17.72
CA MET A 487 -5.28 -44.69 -17.77
C MET A 487 -5.20 -43.65 -18.88
N MET A 488 -4.12 -42.89 -18.94
CA MET A 488 -4.05 -41.76 -19.85
C MET A 488 -3.98 -42.21 -21.30
N TYR A 489 -3.27 -43.30 -21.58
CA TYR A 489 -3.27 -43.84 -22.92
C TYR A 489 -4.53 -44.63 -23.23
N SER A 490 -5.28 -45.03 -22.22
CA SER A 490 -6.55 -45.70 -22.45
C SER A 490 -7.73 -44.75 -22.38
N GLY A 491 -7.77 -43.87 -21.38
CA GLY A 491 -8.82 -42.91 -21.25
C GLY A 491 -10.01 -43.34 -20.41
N GLU A 492 -9.83 -44.21 -19.42
CA GLU A 492 -11.03 -44.63 -18.69
C GLU A 492 -11.43 -43.57 -17.68
N LEU A 493 -10.44 -42.88 -17.09
CA LEU A 493 -10.68 -41.66 -16.32
C LEU A 493 -10.35 -40.49 -17.24
N LYS A 494 -11.00 -39.37 -17.01
CA LYS A 494 -11.11 -38.33 -18.03
C LYS A 494 -10.93 -36.98 -17.34
N PHE A 495 -10.97 -35.89 -18.10
CA PHE A 495 -10.68 -34.57 -17.54
C PHE A 495 -11.61 -33.47 -18.01
N GLU A 496 -11.31 -32.22 -17.63
CA GLU A 496 -12.21 -31.14 -17.97
C GLU A 496 -11.43 -29.82 -17.98
N LYS A 497 -12.10 -28.79 -18.48
CA LYS A 497 -11.60 -27.43 -18.73
C LYS A 497 -11.66 -26.62 -17.42
N ARG A 498 -11.21 -25.37 -17.50
CA ARG A 498 -11.06 -24.46 -16.37
C ARG A 498 -10.92 -23.04 -16.94
N THR A 499 -11.39 -22.05 -16.19
CA THR A 499 -11.22 -20.64 -16.50
C THR A 499 -10.47 -19.94 -15.37
N SER A 500 -10.01 -18.72 -15.65
CA SER A 500 -9.01 -18.06 -14.84
C SER A 500 -9.58 -17.40 -13.58
N SER A 501 -10.88 -17.49 -13.37
CA SER A 501 -11.54 -16.62 -12.40
C SER A 501 -11.25 -16.94 -10.94
N ALA A 502 -10.84 -18.17 -10.62
CA ALA A 502 -10.62 -18.49 -9.22
C ALA A 502 -9.19 -18.20 -8.77
N GLN A 503 -8.36 -17.61 -9.62
CA GLN A 503 -6.96 -17.36 -9.29
C GLN A 503 -6.79 -16.23 -8.28
N VAL A 504 -7.72 -15.25 -8.26
CA VAL A 504 -7.48 -14.01 -7.54
C VAL A 504 -7.66 -14.10 -6.03
N GLU A 505 -7.89 -15.28 -5.47
CA GLU A 505 -7.91 -15.44 -4.02
C GLU A 505 -6.53 -15.23 -3.41
N SER B 16 -44.26 -10.94 -36.17
CA SER B 16 -44.59 -12.32 -35.84
C SER B 16 -43.41 -13.24 -36.10
N TYR B 17 -42.20 -12.74 -35.81
CA TYR B 17 -41.00 -13.53 -36.03
C TYR B 17 -40.58 -14.26 -34.76
N VAL B 18 -40.56 -13.53 -33.64
CA VAL B 18 -40.17 -14.00 -32.31
C VAL B 18 -38.77 -14.62 -32.35
N PRO B 19 -37.71 -13.81 -32.36
CA PRO B 19 -36.34 -14.36 -32.42
C PRO B 19 -35.98 -15.24 -31.24
N ASP B 20 -35.20 -16.27 -31.54
CA ASP B 20 -34.70 -17.20 -30.55
C ASP B 20 -33.38 -16.68 -29.98
N ASP B 21 -33.33 -16.44 -28.67
CA ASP B 21 -32.28 -15.64 -28.08
C ASP B 21 -31.70 -16.31 -26.85
N GLY B 22 -30.41 -16.64 -26.90
CA GLY B 22 -29.78 -17.28 -25.77
C GLY B 22 -29.44 -18.73 -26.06
N LEU B 23 -28.99 -19.48 -25.05
CA LEU B 23 -28.52 -20.84 -25.23
C LEU B 23 -28.89 -21.69 -24.02
N THR B 24 -29.44 -22.87 -24.28
CA THR B 24 -30.04 -23.69 -23.23
C THR B 24 -28.98 -24.39 -22.40
N ALA B 25 -29.46 -25.13 -21.39
CA ALA B 25 -28.56 -25.73 -20.40
C ALA B 25 -27.77 -26.90 -20.96
N GLN B 26 -28.41 -27.75 -21.75
CA GLN B 26 -27.65 -28.80 -22.41
C GLN B 26 -26.82 -28.23 -23.55
N GLN B 27 -27.15 -27.02 -24.01
CA GLN B 27 -26.22 -26.25 -24.81
C GLN B 27 -25.30 -25.37 -23.99
N LEU B 28 -25.40 -25.43 -22.66
CA LEU B 28 -24.51 -24.65 -21.80
C LEU B 28 -23.39 -25.50 -21.25
N PHE B 29 -23.65 -26.79 -21.03
CA PHE B 29 -22.69 -27.60 -20.31
C PHE B 29 -22.07 -28.71 -21.13
N ASN B 30 -22.71 -29.13 -22.22
CA ASN B 30 -22.14 -30.17 -23.06
C ASN B 30 -21.01 -29.65 -23.96
N CYS B 31 -20.70 -28.36 -23.89
CA CYS B 31 -19.59 -27.81 -24.64
C CYS B 31 -18.24 -28.31 -24.16
N GLY B 32 -18.14 -28.80 -22.94
CA GLY B 32 -16.85 -29.21 -22.45
C GLY B 32 -15.98 -28.06 -22.02
N ASP B 33 -16.59 -26.94 -21.68
CA ASP B 33 -15.92 -25.78 -21.11
C ASP B 33 -16.22 -25.69 -19.63
N GLY B 34 -15.19 -25.34 -18.87
CA GLY B 34 -15.24 -25.28 -17.43
C GLY B 34 -15.99 -24.06 -16.94
N LEU B 35 -16.92 -24.23 -16.03
CA LEU B 35 -17.87 -23.20 -15.67
C LEU B 35 -17.99 -23.08 -14.17
N THR B 36 -17.94 -21.84 -13.68
CA THR B 36 -18.18 -21.52 -12.28
C THR B 36 -19.36 -20.58 -12.18
N TYR B 37 -19.51 -19.98 -10.99
CA TYR B 37 -20.61 -19.12 -10.63
C TYR B 37 -20.70 -17.91 -11.54
N ASN B 38 -19.59 -17.21 -11.76
CA ASN B 38 -19.61 -15.97 -12.51
C ASN B 38 -19.18 -16.21 -13.94
N ASP B 39 -19.60 -17.32 -14.51
CA ASP B 39 -19.16 -17.63 -15.86
C ASP B 39 -20.38 -17.56 -16.75
N PHE B 40 -21.47 -17.14 -16.14
CA PHE B 40 -22.75 -17.05 -16.82
C PHE B 40 -23.62 -16.17 -15.96
N LEU B 41 -24.77 -15.80 -16.48
CA LEU B 41 -25.71 -14.95 -15.77
C LEU B 41 -27.09 -15.46 -16.13
N ILE B 42 -28.09 -14.99 -15.41
CA ILE B 42 -29.43 -15.45 -15.62
C ILE B 42 -30.26 -14.28 -16.15
N LEU B 43 -31.00 -14.56 -17.20
CA LEU B 43 -31.76 -13.46 -17.79
C LEU B 43 -33.21 -13.54 -17.35
N PRO B 44 -33.92 -12.41 -17.27
CA PRO B 44 -35.30 -12.46 -16.77
C PRO B 44 -36.28 -13.06 -17.75
N GLY B 45 -37.45 -13.42 -17.23
CA GLY B 45 -38.55 -13.96 -17.99
C GLY B 45 -39.79 -13.08 -17.92
N TYR B 46 -40.95 -13.75 -17.87
CA TYR B 46 -42.21 -13.04 -17.74
C TYR B 46 -42.65 -12.97 -16.28
N ILE B 47 -43.18 -11.82 -15.88
CA ILE B 47 -43.52 -11.59 -14.49
C ILE B 47 -44.99 -11.21 -14.39
N ASP B 48 -45.70 -11.88 -13.49
CA ASP B 48 -47.09 -11.53 -13.22
C ASP B 48 -47.45 -11.54 -11.75
N PHE B 49 -46.47 -11.38 -10.87
CA PHE B 49 -46.72 -11.26 -9.45
C PHE B 49 -45.62 -10.43 -8.81
N THR B 50 -45.79 -10.12 -7.52
CA THR B 50 -44.79 -9.43 -6.71
C THR B 50 -44.05 -10.43 -5.84
N ALA B 51 -43.25 -9.92 -4.91
CA ALA B 51 -42.18 -10.69 -4.28
C ALA B 51 -42.62 -11.50 -3.07
N ASP B 52 -43.19 -10.85 -2.06
CA ASP B 52 -43.17 -11.38 -0.70
C ASP B 52 -44.09 -12.56 -0.50
N GLN B 53 -44.95 -12.88 -1.47
CA GLN B 53 -45.86 -14.00 -1.32
C GLN B 53 -45.26 -15.27 -1.90
N VAL B 54 -44.13 -15.15 -2.60
CA VAL B 54 -43.57 -16.30 -3.32
C VAL B 54 -42.86 -17.16 -2.28
N ASP B 55 -43.31 -18.39 -2.15
CA ASP B 55 -42.78 -19.33 -1.17
C ASP B 55 -41.92 -20.37 -1.87
N LEU B 56 -40.85 -20.81 -1.20
CA LEU B 56 -39.88 -21.73 -1.76
C LEU B 56 -39.57 -22.88 -0.82
N THR B 57 -40.61 -23.55 -0.34
CA THR B 57 -40.41 -24.71 0.52
C THR B 57 -39.78 -25.84 -0.29
N SER B 58 -38.63 -26.32 0.18
CA SER B 58 -37.79 -27.21 -0.59
C SER B 58 -37.55 -28.52 0.16
N ALA B 59 -37.36 -29.59 -0.60
CA ALA B 59 -37.15 -30.91 -0.01
C ALA B 59 -35.67 -31.24 0.01
N LEU B 60 -35.13 -31.40 1.22
CA LEU B 60 -33.69 -31.64 1.37
C LEU B 60 -33.35 -33.12 1.37
N THR B 61 -34.21 -33.94 1.92
CA THR B 61 -34.04 -35.37 1.83
C THR B 61 -35.19 -35.92 1.02
N LYS B 62 -35.26 -37.25 0.95
CA LYS B 62 -36.44 -37.88 0.40
C LYS B 62 -37.55 -38.01 1.43
N LYS B 63 -37.31 -37.60 2.67
CA LYS B 63 -38.30 -37.78 3.72
C LYS B 63 -38.71 -36.47 4.37
N ILE B 64 -37.79 -35.52 4.53
CA ILE B 64 -38.12 -34.26 5.20
C ILE B 64 -37.87 -33.10 4.25
N THR B 65 -38.61 -32.02 4.46
CA THR B 65 -38.55 -30.82 3.65
C THR B 65 -38.24 -29.61 4.53
N LEU B 66 -37.85 -28.52 3.87
CA LEU B 66 -37.56 -27.28 4.58
C LEU B 66 -38.17 -26.11 3.82
N LYS B 67 -38.58 -25.09 4.57
CA LYS B 67 -39.14 -23.93 3.90
C LYS B 67 -38.06 -23.01 3.34
N THR B 68 -36.83 -23.09 3.85
CA THR B 68 -35.72 -22.28 3.39
C THR B 68 -34.66 -23.21 2.85
N PRO B 69 -34.03 -22.86 1.73
CA PRO B 69 -33.07 -23.76 1.09
C PRO B 69 -31.64 -23.65 1.60
N LEU B 70 -31.35 -22.74 2.51
CA LEU B 70 -29.98 -22.50 2.90
C LEU B 70 -29.68 -23.18 4.23
N VAL B 71 -28.69 -24.08 4.22
CA VAL B 71 -28.25 -24.77 5.43
C VAL B 71 -26.78 -24.45 5.65
N SER B 72 -26.35 -24.60 6.89
CA SER B 72 -25.01 -24.20 7.31
C SER B 72 -23.94 -25.16 6.79
N SER B 73 -22.78 -25.06 7.37
CA SER B 73 -21.67 -25.91 6.99
C SER B 73 -21.29 -26.83 8.13
N PRO B 74 -20.73 -27.99 7.84
CA PRO B 74 -20.20 -28.84 8.90
C PRO B 74 -18.80 -28.44 9.37
N MET B 75 -18.36 -27.24 9.00
CA MET B 75 -17.02 -26.81 9.36
C MET B 75 -16.97 -26.48 10.86
N ASP B 76 -15.77 -26.52 11.43
CA ASP B 76 -15.60 -26.33 12.87
C ASP B 76 -15.87 -24.91 13.33
N THR B 77 -15.38 -23.92 12.59
CA THR B 77 -15.42 -22.53 13.03
C THR B 77 -16.72 -21.86 12.57
N VAL B 78 -17.66 -22.68 12.10
CA VAL B 78 -18.92 -22.13 11.63
C VAL B 78 -20.10 -22.54 12.50
N THR B 79 -20.12 -23.79 13.03
CA THR B 79 -21.31 -24.26 13.73
C THR B 79 -21.06 -24.58 15.18
N GLU B 80 -22.07 -24.34 16.01
CA GLU B 80 -22.22 -24.97 17.32
C GLU B 80 -23.71 -24.95 17.63
N ALA B 81 -24.08 -25.11 18.90
CA ALA B 81 -25.47 -25.07 19.33
C ALA B 81 -26.19 -23.80 18.90
N GLY B 82 -25.54 -22.66 19.04
CA GLY B 82 -26.16 -21.38 18.75
C GLY B 82 -26.55 -21.18 17.30
N MET B 83 -25.88 -21.85 16.37
CA MET B 83 -26.27 -21.75 14.96
C MET B 83 -27.41 -22.70 14.70
N ALA B 84 -27.31 -23.90 15.25
CA ALA B 84 -28.24 -24.94 14.89
C ALA B 84 -29.60 -24.67 15.50
N ILE B 85 -29.64 -23.96 16.64
CA ILE B 85 -30.94 -23.50 17.10
C ILE B 85 -31.47 -22.42 16.18
N ALA B 86 -30.59 -21.55 15.70
CA ALA B 86 -31.07 -20.34 15.03
C ALA B 86 -31.45 -20.63 13.60
N MET B 87 -30.79 -21.62 12.99
CA MET B 87 -31.03 -21.95 11.60
C MET B 87 -32.37 -22.67 11.46
N ALA B 88 -32.62 -23.64 12.33
CA ALA B 88 -33.92 -24.28 12.41
C ALA B 88 -34.98 -23.35 12.94
N LEU B 89 -34.57 -22.39 13.77
CA LEU B 89 -35.46 -21.35 14.23
C LEU B 89 -35.91 -20.50 13.06
N THR B 90 -35.06 -20.37 12.05
CA THR B 90 -35.41 -19.73 10.79
C THR B 90 -35.71 -20.75 9.70
N GLY B 91 -35.79 -22.03 10.07
CA GLY B 91 -36.19 -23.06 9.14
C GLY B 91 -35.10 -23.63 8.26
N GLY B 92 -33.83 -23.52 8.67
CA GLY B 92 -32.74 -24.18 7.99
C GLY B 92 -32.21 -25.36 8.79
N ILE B 93 -31.08 -25.89 8.35
CA ILE B 93 -30.42 -26.98 9.06
C ILE B 93 -29.05 -26.51 9.50
N GLY B 94 -28.80 -26.63 10.80
CA GLY B 94 -27.46 -26.48 11.31
C GLY B 94 -26.85 -27.84 11.63
N PHE B 95 -25.81 -28.23 10.92
CA PHE B 95 -25.11 -29.46 11.24
C PHE B 95 -24.10 -29.17 12.34
N ILE B 96 -23.35 -30.21 12.72
CA ILE B 96 -22.37 -30.10 13.80
C ILE B 96 -21.08 -30.76 13.31
N HIS B 97 -19.97 -30.07 13.53
CA HIS B 97 -18.67 -30.60 13.14
C HIS B 97 -18.30 -31.79 14.01
N HIS B 98 -17.29 -32.52 13.56
CA HIS B 98 -16.81 -33.67 14.31
C HIS B 98 -15.38 -33.46 14.79
N ASN B 99 -14.98 -32.20 14.96
CA ASN B 99 -13.71 -31.87 15.58
C ASN B 99 -13.95 -31.64 17.07
N CYS B 100 -14.38 -32.71 17.72
CA CYS B 100 -14.69 -32.71 19.14
C CYS B 100 -14.77 -34.15 19.62
N THR B 101 -14.97 -34.33 20.92
CA THR B 101 -15.24 -35.62 21.50
C THR B 101 -16.68 -36.02 21.18
N PRO B 102 -17.06 -37.28 21.37
CA PRO B 102 -18.49 -37.61 21.21
C PRO B 102 -19.36 -36.97 22.27
N GLU B 103 -18.81 -36.66 23.44
CA GLU B 103 -19.58 -36.15 24.56
C GLU B 103 -19.74 -34.64 24.52
N PHE B 104 -18.69 -33.92 24.08
CA PHE B 104 -18.83 -32.49 23.82
C PHE B 104 -19.77 -32.26 22.66
N GLN B 105 -19.79 -33.16 21.70
CA GLN B 105 -20.84 -33.18 20.68
C GLN B 105 -22.19 -33.48 21.29
N ALA B 106 -22.24 -34.41 22.24
CA ALA B 106 -23.51 -34.92 22.75
C ALA B 106 -24.24 -33.88 23.60
N ASN B 107 -23.49 -33.04 24.33
CA ASN B 107 -24.12 -32.05 25.20
C ASN B 107 -24.90 -31.01 24.41
N GLU B 108 -24.25 -30.40 23.43
CA GLU B 108 -24.93 -29.48 22.54
C GLU B 108 -25.91 -30.17 21.60
N VAL B 109 -25.75 -31.47 21.32
CA VAL B 109 -26.75 -32.06 20.45
C VAL B 109 -28.03 -32.37 21.25
N ARG B 110 -27.93 -32.64 22.55
CA ARG B 110 -29.14 -32.66 23.36
C ARG B 110 -29.66 -31.25 23.60
N LYS B 111 -28.78 -30.26 23.57
CA LYS B 111 -29.23 -28.88 23.66
C LYS B 111 -30.05 -28.47 22.43
N VAL B 112 -29.69 -28.97 21.25
CA VAL B 112 -30.38 -28.55 20.04
C VAL B 112 -31.57 -29.45 19.72
N LYS B 113 -31.52 -30.74 20.08
CA LYS B 113 -32.72 -31.56 20.08
C LYS B 113 -33.79 -31.01 21.01
N LYS B 114 -33.41 -30.39 22.09
CA LYS B 114 -34.33 -29.80 23.04
C LYS B 114 -34.62 -28.36 22.58
N TYR B 115 -35.01 -27.46 23.51
CA TYR B 115 -35.31 -26.04 23.28
C TYR B 115 -36.63 -25.92 22.49
N GLU B 116 -37.49 -26.93 22.67
CA GLU B 116 -38.71 -27.03 21.88
C GLU B 116 -39.97 -27.32 22.68
N GLN B 117 -39.86 -28.03 23.79
CA GLN B 117 -40.69 -29.19 24.19
C GLN B 117 -42.14 -29.28 23.69
N GLY B 118 -42.49 -30.44 23.12
CA GLY B 118 -43.87 -30.87 23.00
C GLY B 118 -44.20 -31.88 24.08
N PHE B 119 -44.79 -33.03 23.73
CA PHE B 119 -45.04 -34.08 24.72
C PHE B 119 -43.72 -34.75 25.10
N ILE B 120 -42.99 -34.15 26.02
CA ILE B 120 -41.63 -34.62 26.27
C ILE B 120 -41.55 -35.63 27.39
N THR B 121 -40.71 -36.63 27.19
CA THR B 121 -40.16 -37.38 28.30
C THR B 121 -39.01 -36.61 28.93
N ASP B 122 -38.46 -37.20 29.99
CA ASP B 122 -37.32 -36.84 30.86
C ASP B 122 -37.01 -35.35 31.03
N PRO B 123 -37.91 -34.53 31.59
CA PRO B 123 -37.45 -33.24 32.09
C PRO B 123 -36.79 -33.42 33.44
N VAL B 124 -36.23 -32.40 34.00
CA VAL B 124 -35.64 -32.51 35.32
C VAL B 124 -36.74 -32.39 36.36
N VAL B 125 -36.64 -33.18 37.42
CA VAL B 125 -37.72 -33.29 38.39
C VAL B 125 -37.10 -33.51 39.76
N LEU B 126 -37.66 -32.83 40.78
CA LEU B 126 -37.09 -32.80 42.10
C LEU B 126 -38.07 -33.33 43.15
N SER B 127 -37.52 -33.76 44.28
CA SER B 127 -38.17 -34.17 45.51
C SER B 127 -38.05 -33.05 46.53
N PRO B 128 -39.10 -32.78 47.31
CA PRO B 128 -39.08 -31.59 48.19
C PRO B 128 -38.19 -31.70 49.41
N LYS B 129 -37.62 -32.87 49.70
CA LYS B 129 -36.90 -33.11 50.96
C LYS B 129 -35.65 -32.27 51.15
N ASP B 130 -35.13 -31.64 50.10
CA ASP B 130 -33.91 -30.85 50.18
C ASP B 130 -34.27 -29.36 50.26
N ARG B 131 -33.25 -28.51 50.15
CA ARG B 131 -33.40 -27.07 50.26
C ARG B 131 -33.00 -26.41 48.94
N VAL B 132 -32.78 -25.10 49.00
CA VAL B 132 -33.10 -24.21 47.89
C VAL B 132 -32.09 -24.32 46.74
N ARG B 133 -30.88 -24.87 46.99
CA ARG B 133 -29.80 -24.68 46.01
C ARG B 133 -30.06 -25.39 44.68
N ASP B 134 -30.97 -26.36 44.66
CA ASP B 134 -31.17 -27.21 43.50
C ASP B 134 -31.78 -26.48 42.31
N VAL B 135 -32.70 -25.54 42.54
CA VAL B 135 -33.39 -24.94 41.41
C VAL B 135 -32.51 -23.95 40.65
N PHE B 136 -31.80 -23.05 41.33
CA PHE B 136 -30.89 -22.20 40.60
C PHE B 136 -29.59 -22.94 40.30
N GLU B 137 -29.37 -24.07 40.99
CA GLU B 137 -28.30 -24.98 40.58
C GLU B 137 -28.60 -25.60 39.24
N ALA B 138 -29.87 -25.87 38.96
CA ALA B 138 -30.26 -26.30 37.63
C ALA B 138 -30.15 -25.15 36.64
N LYS B 139 -30.65 -23.97 37.04
CA LYS B 139 -30.58 -22.74 36.24
C LYS B 139 -29.17 -22.39 35.79
N ALA B 140 -28.17 -22.52 36.66
CA ALA B 140 -26.79 -22.26 36.24
C ALA B 140 -26.29 -23.34 35.30
N ARG B 141 -26.90 -24.53 35.35
CA ARG B 141 -26.52 -25.65 34.50
C ARG B 141 -27.44 -25.78 33.29
N HIS B 142 -28.63 -25.20 33.37
CA HIS B 142 -29.63 -25.42 32.32
C HIS B 142 -30.36 -24.18 31.83
N GLY B 143 -30.50 -23.12 32.64
CA GLY B 143 -31.11 -21.90 32.16
C GLY B 143 -32.59 -21.74 32.41
N PHE B 144 -33.27 -22.76 32.92
CA PHE B 144 -34.69 -22.65 33.23
C PHE B 144 -34.94 -23.00 34.69
N CYS B 145 -36.10 -22.58 35.19
CA CYS B 145 -36.58 -22.99 36.50
C CYS B 145 -38.05 -23.37 36.48
N GLY B 146 -38.54 -23.87 35.35
CA GLY B 146 -39.85 -24.48 35.35
C GLY B 146 -39.72 -25.93 35.74
N ILE B 147 -40.03 -26.27 36.99
CA ILE B 147 -39.77 -27.61 37.49
C ILE B 147 -40.98 -28.12 38.27
N PRO B 148 -41.49 -29.30 37.94
CA PRO B 148 -42.49 -29.95 38.78
C PRO B 148 -41.85 -30.64 39.97
N ILE B 149 -42.68 -30.95 40.96
CA ILE B 149 -42.22 -31.61 42.18
C ILE B 149 -43.00 -32.92 42.28
N THR B 150 -42.28 -34.02 42.51
CA THR B 150 -42.90 -35.30 42.76
C THR B 150 -42.55 -35.77 44.16
N ASP B 151 -43.01 -36.97 44.47
CA ASP B 151 -42.66 -37.60 45.73
C ASP B 151 -41.26 -38.20 45.72
N THR B 152 -40.83 -38.74 44.58
CA THR B 152 -39.56 -39.46 44.50
C THR B 152 -38.46 -38.64 43.82
N GLY B 153 -38.83 -37.73 42.93
CA GLY B 153 -37.86 -37.07 42.08
C GLY B 153 -37.61 -37.77 40.77
N ARG B 154 -38.54 -38.60 40.32
CA ARG B 154 -38.40 -39.36 39.08
C ARG B 154 -39.50 -38.96 38.12
N MET B 155 -39.41 -39.46 36.90
CA MET B 155 -40.39 -39.15 35.86
C MET B 155 -41.69 -39.88 36.15
N GLY B 156 -41.65 -41.20 36.22
CA GLY B 156 -42.83 -41.99 36.51
C GLY B 156 -43.17 -41.98 37.99
N SER B 157 -43.67 -40.84 38.47
CA SER B 157 -43.92 -40.65 39.89
C SER B 157 -45.22 -39.88 40.09
N ARG B 158 -45.73 -39.93 41.30
CA ARG B 158 -46.95 -39.23 41.65
C ARG B 158 -46.68 -37.73 41.81
N LEU B 159 -47.57 -36.89 41.29
CA LEU B 159 -47.39 -35.45 41.34
C LEU B 159 -47.67 -34.90 42.73
N VAL B 160 -46.89 -33.87 43.11
CA VAL B 160 -47.07 -33.20 44.38
C VAL B 160 -47.21 -31.70 44.13
N GLY B 161 -46.17 -31.08 43.56
CA GLY B 161 -46.22 -29.66 43.25
C GLY B 161 -45.35 -29.21 42.11
N ILE B 162 -45.07 -27.90 42.01
CA ILE B 162 -44.30 -27.34 40.90
C ILE B 162 -43.74 -26.00 41.34
N ILE B 163 -42.51 -25.70 40.91
CA ILE B 163 -41.82 -24.48 41.30
C ILE B 163 -41.40 -23.70 40.05
N SER B 164 -41.59 -22.39 40.11
CA SER B 164 -41.30 -21.49 38.98
C SER B 164 -40.23 -20.47 39.38
N SER B 165 -39.90 -19.63 38.39
CA SER B 165 -39.05 -18.46 38.58
C SER B 165 -39.67 -17.45 39.53
N ARG B 166 -40.99 -17.30 39.48
CA ARG B 166 -41.65 -16.32 40.32
C ARG B 166 -41.79 -16.83 41.75
N ASP B 167 -41.44 -18.08 41.99
CA ASP B 167 -41.27 -18.55 43.35
C ASP B 167 -39.91 -18.18 43.91
N ILE B 168 -38.91 -18.05 43.05
CA ILE B 168 -37.54 -17.99 43.53
C ILE B 168 -36.88 -16.67 43.17
N ASP B 169 -37.69 -15.69 42.79
CA ASP B 169 -37.14 -14.45 42.26
C ASP B 169 -36.64 -13.53 43.36
N PHE B 170 -37.01 -13.80 44.61
CA PHE B 170 -36.92 -12.74 45.62
C PHE B 170 -36.12 -13.06 46.87
N LEU B 171 -35.97 -14.34 47.25
CA LEU B 171 -35.85 -14.63 48.67
C LEU B 171 -34.44 -14.44 49.21
N LYS B 172 -34.36 -13.76 50.35
CA LYS B 172 -33.13 -13.56 51.09
C LYS B 172 -32.57 -14.86 51.65
N GLU B 173 -33.42 -15.86 51.86
CA GLU B 173 -32.99 -17.15 52.39
C GLU B 173 -32.63 -18.07 51.24
N GLU B 174 -31.48 -17.80 50.62
CA GLU B 174 -31.11 -18.45 49.36
C GLU B 174 -30.84 -19.94 49.51
N GLU B 175 -30.58 -20.40 50.73
CA GLU B 175 -30.83 -21.79 51.10
C GLU B 175 -31.25 -21.88 52.56
N HIS B 176 -31.48 -20.74 53.19
CA HIS B 176 -31.41 -20.61 54.64
C HIS B 176 -32.63 -21.29 55.27
N ASP B 177 -32.49 -22.59 55.54
CA ASP B 177 -33.46 -23.47 56.19
C ASP B 177 -34.79 -23.53 55.46
N CYS B 178 -34.82 -23.22 54.17
CA CYS B 178 -36.07 -23.26 53.42
C CYS B 178 -36.21 -24.57 52.65
N PHE B 179 -36.54 -25.64 53.39
CA PHE B 179 -36.94 -26.90 52.79
C PHE B 179 -38.16 -26.72 51.89
N LEU B 180 -38.15 -27.37 50.74
CA LEU B 180 -39.10 -27.11 49.66
C LEU B 180 -40.56 -27.47 49.95
N GLU B 181 -40.83 -28.07 51.13
CA GLU B 181 -42.19 -28.48 51.47
C GLU B 181 -43.15 -27.32 51.64
N GLU B 182 -42.71 -26.20 52.22
CA GLU B 182 -43.64 -25.12 52.53
C GLU B 182 -43.58 -23.98 51.53
N ILE B 183 -42.51 -23.87 50.75
CA ILE B 183 -42.45 -22.88 49.68
C ILE B 183 -42.69 -23.68 48.41
N MET B 184 -43.96 -23.79 48.03
CA MET B 184 -44.47 -24.95 47.31
C MET B 184 -45.90 -24.69 46.86
N THR B 185 -46.31 -25.32 45.76
CA THR B 185 -47.61 -25.07 45.19
C THR B 185 -48.50 -26.29 45.35
N LYS B 186 -49.51 -26.17 46.22
CA LYS B 186 -50.29 -27.30 46.75
C LYS B 186 -51.04 -27.99 45.64
N ARG B 187 -51.16 -29.30 45.74
CA ARG B 187 -51.70 -30.18 44.70
C ARG B 187 -53.06 -29.78 44.16
N GLU B 188 -53.95 -29.32 45.03
CA GLU B 188 -55.37 -29.19 44.68
C GLU B 188 -55.65 -28.08 43.68
N ASP B 189 -55.03 -26.90 43.80
CA ASP B 189 -55.33 -25.83 42.84
C ASP B 189 -54.36 -25.86 41.67
N LEU B 190 -54.18 -27.03 41.09
CA LEU B 190 -53.25 -27.28 40.00
C LEU B 190 -54.01 -27.90 38.84
N VAL B 191 -54.10 -27.17 37.74
CA VAL B 191 -54.84 -27.64 36.57
C VAL B 191 -54.02 -28.74 35.91
N VAL B 192 -54.66 -29.88 35.67
CA VAL B 192 -54.00 -31.01 35.01
C VAL B 192 -55.01 -31.59 34.02
N ALA B 193 -54.54 -32.25 32.97
CA ALA B 193 -55.41 -32.84 31.96
C ALA B 193 -55.05 -34.32 31.89
N PRO B 194 -55.93 -35.17 31.36
CA PRO B 194 -55.57 -36.57 31.19
C PRO B 194 -54.53 -36.74 30.09
N ALA B 195 -53.90 -37.92 30.11
CA ALA B 195 -52.90 -38.27 29.12
C ALA B 195 -53.58 -39.03 27.98
N GLY B 196 -52.76 -39.60 27.09
CA GLY B 196 -53.29 -40.36 25.96
C GLY B 196 -54.03 -39.50 24.95
N ILE B 197 -53.65 -38.23 24.84
CA ILE B 197 -54.36 -37.27 24.01
C ILE B 197 -53.37 -36.55 23.12
N THR B 198 -53.88 -35.98 22.04
CA THR B 198 -53.00 -35.25 21.14
C THR B 198 -52.92 -33.79 21.58
N LEU B 199 -52.18 -32.98 20.85
CA LEU B 199 -51.72 -31.69 21.34
C LEU B 199 -52.74 -30.58 21.16
N LYS B 200 -53.70 -30.74 20.25
CA LYS B 200 -54.65 -29.66 19.94
C LYS B 200 -55.55 -29.34 21.13
N GLU B 201 -56.15 -30.37 21.72
CA GLU B 201 -56.95 -30.16 22.92
C GLU B 201 -56.09 -29.73 24.09
N ALA B 202 -54.82 -30.14 24.11
CA ALA B 202 -53.89 -29.61 25.09
C ALA B 202 -53.65 -28.13 24.88
N ASN B 203 -53.69 -27.67 23.63
CA ASN B 203 -53.54 -26.24 23.36
C ASN B 203 -54.76 -25.47 23.84
N GLU B 204 -55.96 -26.02 23.67
CA GLU B 204 -57.12 -25.33 24.23
C GLU B 204 -57.10 -25.37 25.75
N ILE B 205 -56.49 -26.39 26.35
CA ILE B 205 -56.27 -26.36 27.80
C ILE B 205 -55.24 -25.30 28.17
N LEU B 206 -54.26 -25.07 27.29
CA LEU B 206 -53.30 -24.00 27.52
C LEU B 206 -53.98 -22.63 27.46
N GLN B 207 -54.89 -22.44 26.52
CA GLN B 207 -55.66 -21.20 26.48
C GLN B 207 -56.60 -21.06 27.66
N ARG B 208 -57.39 -22.09 27.96
CA ARG B 208 -58.34 -22.00 29.06
C ARG B 208 -57.68 -22.07 30.42
N SER B 209 -56.39 -22.38 30.47
CA SER B 209 -55.58 -22.10 31.63
C SER B 209 -55.34 -20.62 31.75
N LYS B 210 -55.19 -19.95 30.60
CA LYS B 210 -54.66 -18.59 30.48
C LYS B 210 -53.32 -18.44 31.17
N LYS B 211 -52.56 -19.53 31.26
CA LYS B 211 -51.47 -19.61 32.22
C LYS B 211 -50.17 -20.16 31.66
N GLY B 212 -50.20 -21.28 30.91
CA GLY B 212 -48.99 -21.75 30.26
C GLY B 212 -48.33 -23.09 30.56
N LYS B 213 -48.25 -23.57 31.80
CA LYS B 213 -47.64 -24.87 32.05
C LYS B 213 -48.69 -25.88 32.46
N LEU B 214 -48.57 -27.09 31.95
CA LEU B 214 -49.65 -28.07 32.06
C LEU B 214 -49.06 -29.47 32.11
N PRO B 215 -49.13 -30.14 33.25
CA PRO B 215 -48.82 -31.57 33.30
C PRO B 215 -50.03 -32.41 32.90
N ILE B 216 -49.74 -33.60 32.37
CA ILE B 216 -50.78 -34.57 32.05
C ILE B 216 -50.41 -35.92 32.65
N VAL B 217 -51.39 -36.59 33.26
CA VAL B 217 -51.18 -37.86 33.92
C VAL B 217 -52.23 -38.85 33.44
N ASN B 218 -52.09 -40.10 33.90
CA ASN B 218 -53.07 -41.14 33.70
C ASN B 218 -54.09 -41.15 34.84
N GLU B 219 -54.89 -42.19 34.93
CA GLU B 219 -55.88 -42.31 36.00
C GLU B 219 -55.26 -42.51 37.37
N ASP B 220 -54.08 -43.12 37.43
CA ASP B 220 -53.39 -43.34 38.70
C ASP B 220 -52.30 -42.31 38.94
N ASP B 221 -52.35 -41.18 38.22
CA ASP B 221 -51.52 -39.99 38.48
C ASP B 221 -50.03 -40.27 38.28
N GLU B 222 -49.67 -41.02 37.25
CA GLU B 222 -48.28 -41.12 36.86
C GLU B 222 -48.01 -40.15 35.73
N LEU B 223 -46.98 -39.32 35.91
CA LEU B 223 -46.59 -38.37 34.88
C LEU B 223 -45.97 -39.10 33.70
N VAL B 224 -46.43 -38.80 32.50
CA VAL B 224 -45.74 -39.25 31.30
C VAL B 224 -45.26 -38.11 30.42
N ALA B 225 -45.84 -36.90 30.53
CA ALA B 225 -45.38 -35.75 29.76
C ALA B 225 -45.90 -34.47 30.40
N ILE B 226 -45.27 -33.36 30.06
CA ILE B 226 -45.65 -32.03 30.53
C ILE B 226 -45.50 -31.06 29.38
N ILE B 227 -46.49 -30.19 29.22
CA ILE B 227 -46.42 -29.11 28.25
C ILE B 227 -46.13 -27.82 28.99
N ALA B 228 -45.12 -27.11 28.51
CA ALA B 228 -44.58 -25.89 29.10
C ALA B 228 -45.12 -24.69 28.33
N ARG B 229 -44.50 -23.54 28.60
CA ARG B 229 -45.03 -22.24 28.16
C ARG B 229 -44.56 -21.80 26.78
N THR B 230 -43.26 -21.69 26.58
CA THR B 230 -42.75 -20.87 25.48
C THR B 230 -42.90 -21.52 24.12
N ASP B 231 -43.41 -22.75 24.05
CA ASP B 231 -43.63 -23.41 22.77
C ASP B 231 -44.55 -22.62 21.85
N LEU B 232 -45.68 -22.14 22.37
CA LEU B 232 -46.58 -21.36 21.53
C LEU B 232 -46.05 -19.98 21.22
N LYS B 233 -45.27 -19.37 22.12
CA LYS B 233 -44.75 -18.05 21.78
C LYS B 233 -43.64 -18.16 20.75
N LYS B 234 -42.91 -19.28 20.75
CA LYS B 234 -41.95 -19.53 19.69
C LYS B 234 -42.64 -19.92 18.39
N ASN B 235 -43.81 -20.55 18.49
CA ASN B 235 -44.61 -20.82 17.31
C ASN B 235 -45.11 -19.55 16.65
N ARG B 236 -45.62 -18.60 17.45
CA ARG B 236 -46.11 -17.36 16.88
C ARG B 236 -44.98 -16.44 16.47
N ASP B 237 -43.86 -16.51 17.19
CA ASP B 237 -42.79 -15.55 16.96
C ASP B 237 -42.00 -15.92 15.73
N TYR B 238 -42.04 -17.20 15.34
CA TYR B 238 -41.43 -17.69 14.12
C TYR B 238 -42.45 -18.65 13.52
N PRO B 239 -43.22 -18.18 12.53
CA PRO B 239 -44.46 -18.89 12.15
C PRO B 239 -44.24 -20.25 11.53
N LEU B 240 -43.35 -20.37 10.56
CA LEU B 240 -42.98 -21.66 10.02
C LEU B 240 -41.50 -21.84 10.33
N ALA B 241 -41.10 -23.07 10.62
CA ALA B 241 -39.70 -23.37 10.89
C ALA B 241 -39.30 -24.79 10.50
N SER B 242 -40.16 -25.55 9.83
CA SER B 242 -39.92 -26.89 9.29
C SER B 242 -39.54 -27.92 10.37
N LYS B 243 -40.46 -28.23 11.26
CA LYS B 243 -40.24 -29.20 12.33
C LYS B 243 -40.60 -30.60 11.87
N ASP B 244 -40.35 -31.58 12.75
CA ASP B 244 -40.55 -32.98 12.40
C ASP B 244 -42.00 -33.38 12.65
N ALA B 245 -42.29 -34.67 12.49
CA ALA B 245 -43.60 -35.18 12.86
C ALA B 245 -43.78 -35.22 14.36
N LYS B 246 -42.71 -35.52 15.09
CA LYS B 246 -42.77 -35.54 16.54
C LYS B 246 -42.49 -34.20 17.16
N LYS B 247 -42.86 -33.11 16.49
CA LYS B 247 -42.98 -31.77 17.05
C LYS B 247 -41.63 -31.08 17.31
N GLN B 248 -40.54 -31.83 17.46
CA GLN B 248 -39.27 -31.23 17.87
C GLN B 248 -38.54 -30.56 16.71
N LEU B 249 -37.40 -29.96 17.05
CA LEU B 249 -36.52 -29.37 16.04
C LEU B 249 -35.87 -30.43 15.17
N LEU B 250 -35.35 -30.00 14.04
CA LEU B 250 -34.45 -30.83 13.26
C LEU B 250 -33.01 -30.45 13.57
N CYS B 251 -32.11 -31.41 13.41
CA CYS B 251 -30.68 -31.11 13.50
C CYS B 251 -29.89 -32.15 12.75
N GLY B 252 -28.61 -31.84 12.52
CA GLY B 252 -27.67 -32.78 11.96
C GLY B 252 -26.25 -32.64 12.49
N ALA B 253 -25.35 -33.48 12.00
CA ALA B 253 -23.96 -33.48 12.45
C ALA B 253 -23.12 -34.25 11.44
N ALA B 254 -21.82 -34.02 11.49
CA ALA B 254 -20.86 -34.70 10.64
C ALA B 254 -20.07 -35.71 11.46
N ILE B 255 -19.51 -36.70 10.75
CA ILE B 255 -18.66 -37.71 11.36
C ILE B 255 -17.41 -37.84 10.49
N GLY B 256 -16.48 -38.69 10.95
CA GLY B 256 -15.20 -38.82 10.29
C GLY B 256 -15.12 -39.90 9.23
N THR B 257 -13.98 -40.58 9.18
CA THR B 257 -13.74 -41.60 8.16
C THR B 257 -13.23 -42.88 8.80
N HIS B 258 -12.93 -42.83 10.08
CA HIS B 258 -12.16 -43.91 10.67
C HIS B 258 -13.09 -44.88 11.39
N GLU B 259 -12.53 -46.03 11.79
CA GLU B 259 -13.35 -47.14 12.28
C GLU B 259 -14.07 -46.84 13.57
N ASP B 260 -13.60 -45.86 14.34
CA ASP B 260 -14.21 -45.47 15.60
C ASP B 260 -15.50 -44.69 15.43
N ASP B 261 -15.92 -44.42 14.20
CA ASP B 261 -17.13 -43.65 13.93
C ASP B 261 -18.40 -44.32 14.41
N LYS B 262 -18.40 -45.65 14.52
CA LYS B 262 -19.62 -46.37 14.85
C LYS B 262 -20.05 -46.14 16.28
N TYR B 263 -19.10 -46.03 17.20
CA TYR B 263 -19.38 -45.62 18.57
C TYR B 263 -19.98 -44.22 18.62
N ARG B 264 -19.45 -43.30 17.82
CA ARG B 264 -19.99 -41.95 17.77
C ARG B 264 -21.40 -41.91 17.20
N LEU B 265 -21.65 -42.63 16.10
CA LEU B 265 -22.96 -42.56 15.47
C LEU B 265 -24.00 -43.30 16.29
N ASP B 266 -23.57 -44.32 17.03
CA ASP B 266 -24.51 -44.96 17.92
C ASP B 266 -24.74 -44.14 19.19
N LEU B 267 -23.75 -43.37 19.63
CA LEU B 267 -23.96 -42.42 20.72
C LEU B 267 -24.94 -41.33 20.32
N LEU B 268 -24.88 -40.86 19.07
CA LEU B 268 -25.85 -39.83 18.73
C LEU B 268 -27.16 -40.42 18.23
N ALA B 269 -27.20 -41.72 17.92
CA ALA B 269 -28.47 -42.39 17.81
C ALA B 269 -29.11 -42.56 19.18
N GLN B 270 -28.30 -42.71 20.22
CA GLN B 270 -28.81 -42.57 21.58
C GLN B 270 -29.22 -41.13 21.86
N ALA B 271 -28.58 -40.16 21.20
CA ALA B 271 -29.14 -38.82 21.20
C ALA B 271 -30.41 -38.74 20.36
N GLY B 272 -30.52 -39.56 19.33
CA GLY B 272 -31.73 -39.61 18.54
C GLY B 272 -31.90 -38.48 17.55
N VAL B 273 -30.81 -38.00 16.95
CA VAL B 273 -30.86 -36.95 15.93
C VAL B 273 -30.82 -37.61 14.56
N ASP B 274 -31.64 -37.11 13.63
CA ASP B 274 -32.13 -37.94 12.54
C ASP B 274 -31.32 -37.83 11.24
N VAL B 275 -30.58 -36.75 11.01
CA VAL B 275 -29.81 -36.62 9.78
C VAL B 275 -28.35 -36.45 10.16
N VAL B 276 -27.47 -36.96 9.31
CA VAL B 276 -26.05 -37.02 9.64
C VAL B 276 -25.23 -36.90 8.36
N VAL B 277 -24.10 -36.18 8.46
CA VAL B 277 -23.17 -36.06 7.35
C VAL B 277 -21.97 -36.95 7.63
N LEU B 278 -21.29 -37.32 6.56
CA LEU B 278 -19.97 -37.94 6.63
C LEU B 278 -19.06 -37.08 5.76
N ASP B 279 -18.28 -36.23 6.42
CA ASP B 279 -17.43 -35.26 5.73
C ASP B 279 -16.22 -35.99 5.19
N SER B 280 -15.93 -35.76 3.92
CA SER B 280 -14.75 -36.31 3.29
C SER B 280 -14.40 -35.42 2.12
N SER B 281 -13.13 -35.42 1.76
CA SER B 281 -12.74 -34.72 0.54
C SER B 281 -13.16 -35.45 -0.72
N GLN B 282 -13.48 -36.74 -0.60
CA GLN B 282 -13.99 -37.47 -1.75
C GLN B 282 -14.84 -38.63 -1.22
N GLY B 283 -15.92 -38.95 -1.92
CA GLY B 283 -16.82 -39.99 -1.48
C GLY B 283 -17.05 -41.16 -2.41
N ASN B 284 -15.98 -41.72 -2.99
CA ASN B 284 -16.08 -43.00 -3.68
C ASN B 284 -15.26 -44.08 -2.97
N SER B 285 -15.23 -44.06 -1.65
CA SER B 285 -14.42 -45.01 -0.91
C SER B 285 -15.23 -46.25 -0.55
N ILE B 286 -14.48 -47.31 -0.24
CA ILE B 286 -15.06 -48.49 0.40
C ILE B 286 -15.51 -48.13 1.81
N PHE B 287 -14.83 -47.17 2.44
CA PHE B 287 -15.26 -46.61 3.72
C PHE B 287 -16.68 -46.06 3.62
N GLN B 288 -16.97 -45.31 2.56
CA GLN B 288 -18.28 -44.70 2.39
C GLN B 288 -19.38 -45.74 2.24
N ILE B 289 -19.15 -46.75 1.41
CA ILE B 289 -20.21 -47.71 1.13
C ILE B 289 -20.44 -48.62 2.32
N ASN B 290 -19.37 -48.92 3.07
CA ASN B 290 -19.59 -49.74 4.25
C ASN B 290 -20.21 -48.94 5.38
N MET B 291 -19.96 -47.63 5.45
CA MET B 291 -20.66 -46.81 6.42
C MET B 291 -22.14 -46.73 6.11
N ILE B 292 -22.53 -46.59 4.84
CA ILE B 292 -23.96 -46.48 4.57
C ILE B 292 -24.64 -47.84 4.67
N LYS B 293 -23.90 -48.93 4.39
CA LYS B 293 -24.41 -50.27 4.70
C LYS B 293 -24.62 -50.44 6.19
N TYR B 294 -23.69 -49.94 7.01
CA TYR B 294 -23.85 -49.95 8.45
C TYR B 294 -24.99 -49.07 8.92
N ILE B 295 -25.31 -48.02 8.17
CA ILE B 295 -26.45 -47.19 8.50
C ILE B 295 -27.77 -47.91 8.27
N LYS B 296 -27.97 -48.44 7.05
CA LYS B 296 -29.33 -48.74 6.59
C LYS B 296 -29.94 -49.94 7.32
N ASP B 297 -29.12 -50.91 7.72
CA ASP B 297 -29.68 -52.05 8.43
C ASP B 297 -29.96 -51.72 9.88
N LYS B 298 -29.13 -50.90 10.50
CA LYS B 298 -29.33 -50.58 11.91
C LYS B 298 -30.41 -49.52 12.08
N TYR B 299 -30.49 -48.58 11.16
CA TYR B 299 -31.39 -47.43 11.31
C TYR B 299 -32.05 -47.12 9.97
N PRO B 300 -33.20 -47.71 9.69
CA PRO B 300 -33.95 -47.30 8.49
C PRO B 300 -34.59 -45.92 8.64
N ASN B 301 -34.84 -45.47 9.87
CA ASN B 301 -35.47 -44.18 10.07
C ASN B 301 -34.50 -43.03 9.94
N LEU B 302 -33.22 -43.27 10.17
CA LEU B 302 -32.19 -42.23 10.16
C LEU B 302 -31.93 -41.75 8.75
N GLN B 303 -31.31 -40.57 8.66
CA GLN B 303 -31.03 -39.98 7.36
C GLN B 303 -29.55 -39.68 7.26
N VAL B 304 -29.05 -39.69 6.03
CA VAL B 304 -27.64 -39.50 5.78
C VAL B 304 -27.51 -38.52 4.62
N ILE B 305 -26.48 -37.68 4.69
CA ILE B 305 -26.08 -36.87 3.57
C ILE B 305 -24.61 -37.18 3.28
N GLY B 306 -24.32 -37.50 2.02
CA GLY B 306 -23.06 -38.14 1.69
C GLY B 306 -22.10 -37.35 0.82
N GLY B 307 -20.91 -37.11 1.35
CA GLY B 307 -19.87 -36.43 0.61
C GLY B 307 -18.59 -37.24 0.60
N ASN B 308 -17.72 -36.95 -0.37
CA ASN B 308 -17.93 -35.89 -1.36
C ASN B 308 -17.89 -36.45 -2.77
N VAL B 309 -18.82 -35.98 -3.60
CA VAL B 309 -18.99 -36.39 -4.98
C VAL B 309 -19.11 -35.12 -5.81
N VAL B 310 -18.45 -35.09 -6.96
CA VAL B 310 -18.65 -33.98 -7.87
C VAL B 310 -19.09 -34.47 -9.24
N THR B 311 -18.41 -35.46 -9.81
CA THR B 311 -18.87 -36.04 -11.06
C THR B 311 -19.85 -37.18 -10.82
N ALA B 312 -20.38 -37.75 -11.90
CA ALA B 312 -21.63 -38.49 -11.84
C ALA B 312 -21.47 -39.95 -11.47
N ALA B 313 -20.33 -40.57 -11.77
CA ALA B 313 -20.25 -42.03 -11.69
C ALA B 313 -20.21 -42.52 -10.26
N GLN B 314 -19.52 -41.80 -9.38
CA GLN B 314 -19.54 -42.20 -7.99
C GLN B 314 -20.90 -41.93 -7.37
N ALA B 315 -21.60 -40.91 -7.88
CA ALA B 315 -22.96 -40.68 -7.47
C ALA B 315 -23.89 -41.81 -7.89
N LYS B 316 -23.67 -42.38 -9.08
CA LYS B 316 -24.39 -43.57 -9.51
C LYS B 316 -24.18 -44.70 -8.52
N ASN B 317 -22.92 -44.94 -8.16
CA ASN B 317 -22.59 -46.05 -7.29
C ASN B 317 -23.16 -45.88 -5.89
N LEU B 318 -23.19 -44.66 -5.37
CA LEU B 318 -23.75 -44.51 -4.04
C LEU B 318 -25.28 -44.49 -4.04
N ILE B 319 -25.91 -44.06 -5.13
CA ILE B 319 -27.37 -44.07 -5.06
C ILE B 319 -27.92 -45.46 -5.34
N ASP B 320 -27.29 -46.26 -6.19
CA ASP B 320 -27.79 -47.63 -6.31
C ASP B 320 -27.22 -48.49 -5.20
N ALA B 321 -26.22 -47.96 -4.48
CA ALA B 321 -25.86 -48.51 -3.19
C ALA B 321 -26.86 -48.14 -2.11
N GLY B 322 -27.60 -47.05 -2.27
CA GLY B 322 -28.68 -46.76 -1.37
C GLY B 322 -28.45 -45.61 -0.43
N VAL B 323 -27.87 -44.52 -0.94
CA VAL B 323 -27.66 -43.32 -0.14
C VAL B 323 -29.00 -42.62 0.07
N ASP B 324 -29.05 -41.70 1.03
CA ASP B 324 -30.22 -40.85 1.15
C ASP B 324 -30.07 -39.53 0.42
N ALA B 325 -28.92 -38.87 0.50
CA ALA B 325 -28.80 -37.53 -0.07
C ALA B 325 -27.35 -37.24 -0.45
N LEU B 326 -27.19 -36.20 -1.27
CA LEU B 326 -26.00 -35.98 -2.09
C LEU B 326 -25.31 -34.66 -1.74
N ARG B 327 -24.00 -34.73 -1.50
CA ARG B 327 -23.23 -33.57 -1.06
C ARG B 327 -22.18 -33.23 -2.10
N VAL B 328 -22.24 -32.01 -2.63
CA VAL B 328 -21.41 -31.60 -3.75
C VAL B 328 -20.67 -30.30 -3.41
N GLY B 329 -19.44 -30.23 -3.88
CA GLY B 329 -18.56 -29.07 -3.83
C GLY B 329 -17.40 -29.30 -2.89
N MET B 330 -16.21 -28.86 -3.27
CA MET B 330 -15.02 -29.20 -2.50
C MET B 330 -14.32 -27.93 -2.05
N GLY B 331 -13.44 -28.06 -1.07
CA GLY B 331 -12.63 -26.98 -0.54
C GLY B 331 -13.39 -25.81 0.03
N SER B 332 -14.40 -26.11 0.85
CA SER B 332 -15.17 -25.08 1.53
C SER B 332 -15.79 -25.66 2.80
N THR B 338 -8.15 -24.12 -0.25
CA THR B 338 -7.50 -25.43 -0.38
C THR B 338 -7.85 -26.04 -1.75
N GLN B 339 -8.81 -25.40 -2.43
CA GLN B 339 -9.16 -25.70 -3.81
C GLN B 339 -8.00 -25.45 -4.77
N GLU B 340 -7.20 -24.43 -4.50
CA GLU B 340 -5.98 -24.16 -5.26
C GLU B 340 -4.83 -25.07 -4.79
N VAL B 341 -5.06 -25.86 -3.75
CA VAL B 341 -4.00 -26.64 -3.13
C VAL B 341 -4.13 -28.11 -3.51
N LEU B 342 -5.25 -28.73 -3.13
CA LEU B 342 -5.39 -30.16 -3.33
C LEU B 342 -5.57 -30.52 -4.79
N ALA B 343 -6.13 -29.61 -5.58
CA ALA B 343 -6.22 -29.67 -7.03
C ALA B 343 -6.91 -30.93 -7.52
N CYS B 344 -8.11 -31.21 -7.04
CA CYS B 344 -8.88 -32.35 -7.53
C CYS B 344 -10.34 -31.99 -7.66
N GLY B 345 -11.03 -32.71 -8.53
CA GLY B 345 -12.44 -32.48 -8.73
C GLY B 345 -12.72 -31.70 -9.99
N ARG B 346 -13.59 -30.71 -9.90
CA ARG B 346 -14.01 -29.94 -11.05
C ARG B 346 -14.63 -28.64 -10.52
N PRO B 347 -14.82 -27.62 -11.35
CA PRO B 347 -15.51 -26.42 -10.87
C PRO B 347 -16.97 -26.71 -10.56
N GLN B 348 -17.57 -25.75 -9.84
CA GLN B 348 -18.83 -26.00 -9.17
C GLN B 348 -19.98 -26.17 -10.14
N ALA B 349 -20.10 -25.24 -11.08
CA ALA B 349 -21.34 -25.05 -11.80
C ALA B 349 -21.65 -26.21 -12.73
N THR B 350 -20.64 -26.76 -13.38
CA THR B 350 -20.86 -27.93 -14.22
C THR B 350 -21.22 -29.15 -13.38
N ALA B 351 -20.67 -29.24 -12.18
CA ALA B 351 -20.91 -30.39 -11.34
C ALA B 351 -22.31 -30.38 -10.78
N VAL B 352 -22.72 -29.24 -10.25
CA VAL B 352 -24.01 -29.13 -9.59
C VAL B 352 -25.13 -29.29 -10.60
N TYR B 353 -24.83 -29.00 -11.87
CA TYR B 353 -25.75 -29.26 -12.95
C TYR B 353 -25.93 -30.76 -13.16
N LYS B 354 -24.84 -31.47 -13.39
CA LYS B 354 -24.98 -32.83 -13.88
C LYS B 354 -25.35 -33.79 -12.75
N VAL B 355 -25.08 -33.42 -11.50
CA VAL B 355 -25.54 -34.28 -10.42
C VAL B 355 -27.06 -34.22 -10.31
N SER B 356 -27.66 -33.07 -10.61
CA SER B 356 -29.10 -33.03 -10.71
C SER B 356 -29.58 -33.72 -11.97
N GLU B 357 -28.79 -33.68 -13.04
CA GLU B 357 -29.17 -34.35 -14.28
C GLU B 357 -29.23 -35.85 -14.13
N TYR B 358 -28.44 -36.42 -13.22
CA TYR B 358 -28.64 -37.83 -12.95
C TYR B 358 -29.55 -38.07 -11.76
N ALA B 359 -29.70 -37.11 -10.86
CA ALA B 359 -30.52 -37.34 -9.68
C ALA B 359 -32.00 -37.30 -10.00
N ARG B 360 -32.39 -36.54 -11.02
CA ARG B 360 -33.79 -36.52 -11.43
C ARG B 360 -34.24 -37.82 -12.06
N ARG B 361 -33.31 -38.64 -12.55
CA ARG B 361 -33.66 -39.98 -13.00
C ARG B 361 -34.05 -40.87 -11.85
N PHE B 362 -33.65 -40.52 -10.62
CA PHE B 362 -33.98 -41.31 -9.45
C PHE B 362 -34.54 -40.46 -8.31
N GLY B 363 -34.89 -39.20 -8.58
CA GLY B 363 -35.61 -38.37 -7.63
C GLY B 363 -34.87 -38.09 -6.35
N VAL B 364 -33.62 -37.70 -6.47
CA VAL B 364 -32.71 -37.58 -5.33
C VAL B 364 -32.39 -36.11 -5.12
N PRO B 365 -32.47 -35.59 -3.90
CA PRO B 365 -32.06 -34.21 -3.67
C PRO B 365 -30.54 -34.11 -3.61
N VAL B 366 -30.07 -32.86 -3.61
CA VAL B 366 -28.63 -32.59 -3.59
C VAL B 366 -28.39 -31.26 -2.88
N ILE B 367 -27.27 -31.18 -2.16
CA ILE B 367 -26.84 -29.99 -1.44
C ILE B 367 -25.48 -29.59 -2.00
N ALA B 368 -25.18 -28.30 -1.97
CA ALA B 368 -24.13 -27.76 -2.83
C ALA B 368 -23.22 -26.77 -2.14
N ASP B 369 -21.92 -26.88 -2.43
CA ASP B 369 -20.87 -25.98 -1.96
C ASP B 369 -20.29 -25.18 -3.12
N GLY B 370 -19.31 -24.35 -2.77
CA GLY B 370 -18.53 -23.61 -3.72
C GLY B 370 -19.11 -22.26 -4.08
N GLY B 371 -18.23 -21.29 -4.31
CA GLY B 371 -18.61 -20.01 -4.88
C GLY B 371 -19.47 -19.14 -3.99
N ILE B 372 -19.34 -19.25 -2.67
CA ILE B 372 -20.23 -18.56 -1.77
C ILE B 372 -19.49 -17.35 -1.21
N GLN B 373 -19.79 -16.18 -1.75
CA GLN B 373 -19.40 -14.95 -1.07
C GLN B 373 -20.60 -14.05 -0.85
N ASN B 374 -21.49 -13.96 -1.83
CA ASN B 374 -22.58 -13.03 -1.67
C ASN B 374 -23.89 -13.57 -2.22
N VAL B 375 -24.93 -12.72 -2.18
CA VAL B 375 -26.31 -13.16 -2.21
C VAL B 375 -26.76 -13.71 -3.55
N GLY B 376 -26.16 -13.27 -4.65
CA GLY B 376 -26.62 -13.73 -5.94
C GLY B 376 -26.17 -15.14 -6.23
N HIS B 377 -25.08 -15.55 -5.59
CA HIS B 377 -24.51 -16.87 -5.78
C HIS B 377 -25.49 -17.95 -5.38
N ILE B 378 -26.16 -17.72 -4.27
CA ILE B 378 -27.08 -18.70 -3.70
C ILE B 378 -28.22 -18.94 -4.65
N ALA B 379 -28.83 -17.85 -5.08
CA ALA B 379 -29.99 -17.92 -5.94
C ALA B 379 -29.63 -18.54 -7.27
N LYS B 380 -28.48 -18.20 -7.83
CA LYS B 380 -28.15 -18.76 -9.13
C LYS B 380 -27.75 -20.22 -9.01
N ALA B 381 -27.19 -20.58 -7.85
CA ALA B 381 -26.77 -21.96 -7.64
C ALA B 381 -27.97 -22.87 -7.51
N LEU B 382 -28.96 -22.46 -6.73
CA LEU B 382 -30.18 -23.24 -6.68
C LEU B 382 -30.92 -23.13 -8.00
N ALA B 383 -30.78 -21.98 -8.66
CA ALA B 383 -31.61 -21.65 -9.80
C ALA B 383 -31.24 -22.44 -11.02
N LEU B 384 -29.99 -22.82 -11.16
CA LEU B 384 -29.65 -23.67 -12.30
C LEU B 384 -30.14 -25.09 -12.13
N GLY B 385 -30.61 -25.45 -10.94
CA GLY B 385 -31.23 -26.74 -10.76
C GLY B 385 -30.83 -27.47 -9.52
N ALA B 386 -30.04 -26.83 -8.66
CA ALA B 386 -29.80 -27.42 -7.36
C ALA B 386 -31.07 -27.34 -6.54
N SER B 387 -31.39 -28.44 -5.86
CA SER B 387 -32.56 -28.45 -4.99
C SER B 387 -32.37 -27.57 -3.79
N THR B 388 -31.16 -27.56 -3.23
CA THR B 388 -30.77 -26.69 -2.14
C THR B 388 -29.25 -26.65 -2.08
N VAL B 389 -28.69 -25.57 -1.51
CA VAL B 389 -27.24 -25.39 -1.43
C VAL B 389 -26.87 -25.02 0.00
N MET B 390 -25.59 -25.23 0.34
CA MET B 390 -25.03 -24.98 1.66
C MET B 390 -24.73 -23.51 1.83
N MET B 391 -24.73 -23.05 3.06
CA MET B 391 -24.16 -21.75 3.37
C MET B 391 -22.86 -21.97 4.09
N GLY B 392 -21.79 -21.38 3.57
CA GLY B 392 -20.50 -21.74 4.12
C GLY B 392 -19.83 -20.65 4.91
N SER B 393 -18.81 -20.05 4.32
CA SER B 393 -18.03 -19.04 5.03
C SER B 393 -18.70 -17.67 4.99
N LEU B 394 -19.85 -17.53 4.32
CA LEU B 394 -20.53 -16.25 4.38
C LEU B 394 -21.03 -15.98 5.79
N LEU B 395 -21.47 -17.01 6.50
CA LEU B 395 -21.84 -16.79 7.88
C LEU B 395 -20.72 -17.14 8.84
N ALA B 396 -19.49 -17.17 8.36
CA ALA B 396 -18.37 -17.18 9.29
C ALA B 396 -18.36 -15.85 10.04
N ALA B 397 -18.19 -15.95 11.36
CA ALA B 397 -18.17 -14.84 12.31
C ALA B 397 -19.47 -14.04 12.28
N THR B 398 -20.55 -14.66 12.69
CA THR B 398 -21.76 -13.95 13.06
C THR B 398 -21.71 -13.59 14.54
N THR B 399 -22.81 -13.09 15.08
CA THR B 399 -22.90 -12.92 16.53
C THR B 399 -22.94 -14.25 17.24
N GLU B 400 -23.56 -15.24 16.60
CA GLU B 400 -23.77 -16.55 17.19
C GLU B 400 -22.52 -17.42 17.18
N ALA B 401 -21.40 -16.93 16.62
CA ALA B 401 -20.15 -17.59 16.24
C ALA B 401 -19.59 -18.50 17.31
N PRO B 402 -18.95 -19.63 16.95
CA PRO B 402 -18.73 -20.69 17.94
C PRO B 402 -17.60 -20.34 18.89
N GLY B 403 -17.80 -20.70 20.16
CA GLY B 403 -16.96 -20.10 21.15
C GLY B 403 -17.48 -18.71 21.45
N GLU B 404 -16.60 -17.84 21.92
CA GLU B 404 -17.00 -16.52 22.36
C GLU B 404 -15.85 -15.56 22.07
N TYR B 405 -16.18 -14.27 21.99
CA TYR B 405 -15.24 -13.21 21.66
C TYR B 405 -14.24 -13.03 22.79
N PHE B 406 -13.24 -12.19 22.54
CA PHE B 406 -12.33 -11.88 23.62
C PHE B 406 -12.12 -10.38 23.70
N PHE B 407 -11.25 -9.94 24.59
CA PHE B 407 -11.27 -8.57 25.06
C PHE B 407 -9.89 -7.98 24.95
N SER B 408 -9.72 -7.05 24.02
CA SER B 408 -8.41 -6.52 23.68
C SER B 408 -8.53 -5.04 23.37
N ASP B 409 -7.55 -4.26 23.82
CA ASP B 409 -7.08 -2.96 23.30
C ASP B 409 -8.19 -2.00 22.91
N GLY B 410 -9.34 -2.06 23.58
CA GLY B 410 -10.50 -1.32 23.15
C GLY B 410 -11.26 -1.91 21.98
N ILE B 411 -10.75 -2.95 21.34
CA ILE B 411 -11.38 -3.57 20.17
C ILE B 411 -11.41 -5.07 20.36
N ARG B 412 -12.61 -5.62 20.47
CA ARG B 412 -12.78 -7.04 20.65
C ARG B 412 -12.53 -7.78 19.34
N LEU B 413 -12.48 -9.11 19.44
CA LEU B 413 -12.34 -9.99 18.29
C LEU B 413 -12.77 -11.37 18.74
N LYS B 414 -13.01 -12.27 17.78
CA LYS B 414 -13.57 -13.58 18.06
C LYS B 414 -12.46 -14.62 18.23
N LYS B 415 -12.54 -15.38 19.31
CA LYS B 415 -11.63 -16.49 19.58
C LYS B 415 -12.30 -17.81 19.17
N TYR B 416 -11.48 -18.80 18.83
CA TYR B 416 -11.98 -20.12 18.40
C TYR B 416 -11.35 -21.23 19.24
N ARG B 417 -11.96 -21.49 20.40
CA ARG B 417 -11.66 -22.67 21.20
C ARG B 417 -12.98 -23.17 21.77
N GLY B 418 -13.98 -23.29 20.91
CA GLY B 418 -15.31 -23.71 21.33
C GLY B 418 -15.38 -25.12 21.88
N ALA B 451 -8.47 -12.03 13.30
CA ALA B 451 -9.57 -12.18 12.35
C ALA B 451 -10.34 -10.88 12.14
N VAL B 452 -11.55 -10.99 11.58
CA VAL B 452 -12.35 -9.83 11.20
C VAL B 452 -13.50 -9.71 12.19
N GLN B 453 -13.85 -8.48 12.54
CA GLN B 453 -14.84 -8.19 13.55
C GLN B 453 -16.26 -8.45 13.04
N ASP B 454 -17.23 -8.35 13.95
CA ASP B 454 -18.57 -8.92 13.82
C ASP B 454 -19.45 -8.21 12.81
N LYS B 455 -20.34 -8.99 12.20
CA LYS B 455 -21.27 -8.49 11.19
C LYS B 455 -22.73 -8.75 11.52
N GLY B 456 -23.06 -9.32 12.68
CA GLY B 456 -24.45 -9.40 13.06
C GLY B 456 -25.03 -10.74 13.48
N SER B 457 -26.30 -10.73 13.86
CA SER B 457 -27.01 -11.92 14.29
C SER B 457 -27.87 -12.41 13.14
N ILE B 458 -27.97 -13.74 13.00
CA ILE B 458 -28.39 -14.29 11.72
C ILE B 458 -29.88 -14.12 11.51
N HIS B 459 -30.67 -14.16 12.58
CA HIS B 459 -32.10 -14.24 12.37
C HIS B 459 -32.71 -12.89 12.00
N LYS B 460 -31.91 -11.83 11.94
CA LYS B 460 -32.24 -10.65 11.16
C LYS B 460 -31.43 -10.56 9.87
N PHE B 461 -30.49 -11.47 9.65
CA PHE B 461 -29.60 -11.44 8.49
C PHE B 461 -30.10 -12.33 7.37
N VAL B 462 -30.33 -13.60 7.65
CA VAL B 462 -30.96 -14.55 6.74
C VAL B 462 -32.37 -14.12 6.30
N PRO B 463 -33.15 -13.26 6.99
CA PRO B 463 -34.27 -12.65 6.27
C PRO B 463 -33.85 -11.82 5.07
N TYR B 464 -32.74 -11.09 5.15
CA TYR B 464 -32.25 -10.39 3.98
C TYR B 464 -31.80 -11.35 2.90
N LEU B 465 -31.30 -12.52 3.29
CA LEU B 465 -30.87 -13.49 2.30
C LEU B 465 -32.06 -14.13 1.61
N ILE B 466 -33.10 -14.45 2.38
CA ILE B 466 -34.26 -15.06 1.75
C ILE B 466 -35.00 -14.04 0.92
N ALA B 467 -35.03 -12.78 1.35
CA ALA B 467 -35.62 -11.74 0.54
C ALA B 467 -34.82 -11.52 -0.72
N GLY B 468 -33.50 -11.63 -0.64
CA GLY B 468 -32.69 -11.50 -1.82
C GLY B 468 -32.86 -12.63 -2.81
N ILE B 469 -33.09 -13.85 -2.32
CA ILE B 469 -33.23 -14.94 -3.26
C ILE B 469 -34.62 -14.94 -3.87
N GLN B 470 -35.64 -14.53 -3.11
CA GLN B 470 -36.92 -14.40 -3.81
C GLN B 470 -36.97 -13.16 -4.68
N HIS B 471 -36.12 -12.17 -4.42
CA HIS B 471 -35.93 -11.07 -5.35
C HIS B 471 -35.42 -11.61 -6.68
N SER B 472 -34.49 -12.55 -6.62
CA SER B 472 -34.04 -13.19 -7.85
C SER B 472 -35.09 -14.13 -8.41
N CYS B 473 -35.93 -14.70 -7.55
CA CYS B 473 -36.99 -15.57 -8.04
C CYS B 473 -38.00 -14.78 -8.87
N GLN B 474 -38.33 -13.57 -8.45
CA GLN B 474 -39.17 -12.75 -9.29
C GLN B 474 -38.36 -12.16 -10.44
N ASP B 475 -37.03 -12.12 -10.30
CA ASP B 475 -36.22 -11.79 -11.46
C ASP B 475 -36.35 -12.86 -12.53
N ILE B 476 -36.46 -14.13 -12.15
CA ILE B 476 -37.02 -15.10 -13.08
C ILE B 476 -38.49 -14.83 -13.29
N GLY B 477 -39.26 -14.86 -12.21
CA GLY B 477 -40.69 -14.75 -12.37
C GLY B 477 -41.35 -16.11 -12.31
N ALA B 478 -40.83 -16.99 -11.46
CA ALA B 478 -41.47 -18.27 -11.23
C ALA B 478 -42.03 -18.27 -9.82
N LYS B 479 -43.19 -18.89 -9.67
CA LYS B 479 -43.84 -18.90 -8.37
C LYS B 479 -43.15 -19.85 -7.40
N SER B 480 -42.59 -20.95 -7.91
CA SER B 480 -41.89 -21.94 -7.10
C SER B 480 -40.57 -22.30 -7.73
N LEU B 481 -39.74 -23.00 -6.97
CA LEU B 481 -38.53 -23.59 -7.52
C LEU B 481 -38.77 -24.89 -8.26
N THR B 482 -39.85 -25.61 -7.93
CA THR B 482 -40.25 -26.74 -8.77
C THR B 482 -40.58 -26.26 -10.17
N GLN B 483 -41.13 -25.05 -10.26
CA GLN B 483 -41.23 -24.38 -11.54
C GLN B 483 -39.86 -24.07 -12.14
N VAL B 484 -38.81 -23.82 -11.34
CA VAL B 484 -37.56 -23.41 -11.97
C VAL B 484 -36.80 -24.62 -12.50
N ARG B 485 -36.92 -25.79 -11.87
CA ARG B 485 -36.34 -26.93 -12.59
C ARG B 485 -37.30 -27.56 -13.59
N ALA B 486 -38.60 -27.30 -13.51
CA ALA B 486 -39.46 -27.65 -14.64
C ALA B 486 -39.08 -26.83 -15.86
N MET B 487 -38.79 -25.55 -15.65
CA MET B 487 -38.12 -24.69 -16.60
C MET B 487 -36.81 -25.28 -17.09
N MET B 488 -35.93 -25.69 -16.19
CA MET B 488 -34.58 -26.09 -16.59
C MET B 488 -34.60 -27.40 -17.36
N TYR B 489 -35.47 -28.33 -17.00
CA TYR B 489 -35.61 -29.55 -17.76
C TYR B 489 -36.43 -29.34 -19.03
N SER B 490 -37.18 -28.25 -19.10
CA SER B 490 -37.92 -27.95 -20.32
C SER B 490 -37.20 -26.96 -21.21
N GLY B 491 -36.65 -25.90 -20.63
CA GLY B 491 -35.91 -24.92 -21.38
C GLY B 491 -36.71 -23.76 -21.92
N GLU B 492 -37.79 -23.34 -21.26
CA GLU B 492 -38.55 -22.24 -21.86
C GLU B 492 -37.87 -20.91 -21.57
N LEU B 493 -37.26 -20.78 -20.40
CA LEU B 493 -36.34 -19.69 -20.10
C LEU B 493 -34.93 -20.23 -20.28
N LYS B 494 -34.01 -19.34 -20.64
CA LYS B 494 -32.76 -19.77 -21.23
C LYS B 494 -31.64 -18.91 -20.62
N PHE B 495 -30.39 -19.15 -21.03
CA PHE B 495 -29.27 -18.46 -20.40
C PHE B 495 -28.20 -17.99 -21.38
N GLU B 496 -27.08 -17.48 -20.85
CA GLU B 496 -26.07 -16.92 -21.73
C GLU B 496 -24.72 -16.95 -21.03
N LYS B 497 -23.67 -16.66 -21.81
CA LYS B 497 -22.26 -16.71 -21.47
C LYS B 497 -21.86 -15.42 -20.74
N ARG B 498 -20.59 -15.34 -20.34
CA ARG B 498 -20.02 -14.26 -19.54
C ARG B 498 -18.50 -14.35 -19.66
N THR B 499 -17.83 -13.20 -19.59
CA THR B 499 -16.38 -13.11 -19.54
C THR B 499 -15.93 -12.43 -18.26
N SER B 500 -14.63 -12.53 -17.98
CA SER B 500 -14.11 -12.23 -16.65
C SER B 500 -13.91 -10.75 -16.38
N SER B 501 -14.22 -9.89 -17.34
CA SER B 501 -13.75 -8.51 -17.32
C SER B 501 -14.43 -7.63 -16.28
N ALA B 502 -15.62 -7.98 -15.82
CA ALA B 502 -16.31 -7.11 -14.85
C ALA B 502 -15.97 -7.44 -13.41
N GLN B 503 -15.05 -8.39 -13.18
CA GLN B 503 -14.73 -8.81 -11.81
C GLN B 503 -13.92 -7.77 -11.05
N VAL B 504 -13.13 -6.96 -11.76
CA VAL B 504 -12.10 -6.14 -11.10
C VAL B 504 -12.63 -4.90 -10.40
N GLU B 505 -13.95 -4.70 -10.33
CA GLU B 505 -14.52 -3.60 -9.56
C GLU B 505 -14.30 -3.82 -8.06
N SER C 16 -5.99 -7.25 -57.41
CA SER C 16 -7.44 -7.24 -57.57
C SER C 16 -8.08 -8.37 -56.78
N TYR C 17 -7.53 -8.66 -55.60
CA TYR C 17 -8.05 -9.74 -54.77
C TYR C 17 -9.05 -9.19 -53.74
N VAL C 18 -8.68 -8.11 -53.07
CA VAL C 18 -9.44 -7.42 -52.03
C VAL C 18 -9.83 -8.41 -50.92
N PRO C 19 -8.92 -8.76 -50.01
CA PRO C 19 -9.23 -9.71 -48.94
C PRO C 19 -10.35 -9.27 -48.02
N ASP C 20 -11.14 -10.25 -47.59
CA ASP C 20 -12.24 -10.04 -46.66
C ASP C 20 -11.72 -10.15 -45.24
N ASP C 21 -11.87 -9.09 -44.46
CA ASP C 21 -11.13 -8.94 -43.21
C ASP C 21 -12.04 -8.52 -42.08
N GLY C 22 -12.16 -9.36 -41.05
CA GLY C 22 -13.01 -9.03 -39.93
C GLY C 22 -14.26 -9.89 -39.88
N LEU C 23 -15.19 -9.57 -38.99
CA LEU C 23 -16.37 -10.40 -38.76
C LEU C 23 -17.57 -9.52 -38.43
N THR C 24 -18.69 -9.80 -39.09
CA THR C 24 -19.85 -8.91 -39.04
C THR C 24 -20.61 -9.06 -37.73
N ALA C 25 -21.66 -8.25 -37.59
CA ALA C 25 -22.38 -8.14 -36.34
C ALA C 25 -23.23 -9.37 -36.05
N GLN C 26 -23.91 -9.90 -37.07
CA GLN C 26 -24.60 -11.17 -36.85
C GLN C 26 -23.62 -12.32 -36.78
N GLN C 27 -22.40 -12.13 -37.25
CA GLN C 27 -21.31 -13.01 -36.90
C GLN C 27 -20.58 -12.60 -35.63
N LEU C 28 -21.03 -11.54 -34.97
CA LEU C 28 -20.42 -11.11 -33.72
C LEU C 28 -21.24 -11.55 -32.53
N PHE C 29 -22.54 -11.64 -32.67
CA PHE C 29 -23.39 -11.85 -31.51
C PHE C 29 -24.13 -13.18 -31.52
N ASN C 30 -24.30 -13.81 -32.69
CA ASN C 30 -24.97 -15.11 -32.73
C ASN C 30 -24.07 -16.25 -32.28
N CYS C 31 -22.82 -15.96 -31.91
CA CYS C 31 -21.93 -16.98 -31.39
C CYS C 31 -22.36 -17.50 -30.03
N GLY C 32 -23.17 -16.76 -29.29
CA GLY C 32 -23.51 -17.21 -27.96
C GLY C 32 -22.43 -16.99 -26.95
N ASP C 33 -21.54 -16.04 -27.21
CA ASP C 33 -20.51 -15.60 -26.28
C ASP C 33 -20.89 -14.26 -25.69
N GLY C 34 -20.64 -14.11 -24.40
CA GLY C 34 -20.99 -12.95 -23.63
C GLY C 34 -20.08 -11.79 -23.92
N LEU C 35 -20.64 -10.62 -24.18
CA LEU C 35 -19.88 -9.50 -24.72
C LEU C 35 -20.22 -8.23 -23.96
N THR C 36 -19.17 -7.49 -23.59
CA THR C 36 -19.30 -6.17 -22.99
C THR C 36 -18.59 -5.15 -23.86
N TYR C 37 -18.39 -3.97 -23.30
CA TYR C 37 -17.82 -2.81 -23.96
C TYR C 37 -16.42 -3.09 -24.49
N ASN C 38 -15.55 -3.66 -23.65
CA ASN C 38 -14.16 -3.84 -24.03
C ASN C 38 -13.93 -5.26 -24.48
N ASP C 39 -14.86 -5.83 -25.22
CA ASP C 39 -14.72 -7.21 -25.61
C ASP C 39 -14.56 -7.21 -27.12
N PHE C 40 -14.49 -6.02 -27.67
CA PHE C 40 -14.39 -5.81 -29.10
C PHE C 40 -13.92 -4.39 -29.29
N LEU C 41 -13.57 -4.06 -30.51
CA LEU C 41 -13.09 -2.74 -30.85
C LEU C 41 -13.66 -2.41 -32.22
N ILE C 42 -13.56 -1.17 -32.62
CA ILE C 42 -14.11 -0.73 -33.87
C ILE C 42 -12.97 -0.35 -34.79
N LEU C 43 -13.03 -0.83 -36.01
CA LEU C 43 -11.92 -0.55 -36.90
C LEU C 43 -12.32 0.57 -37.87
N PRO C 44 -11.38 1.37 -38.36
CA PRO C 44 -11.75 2.49 -39.22
C PRO C 44 -12.17 2.07 -40.62
N GLY C 45 -12.82 3.01 -41.30
CA GLY C 45 -13.26 2.85 -42.67
C GLY C 45 -12.61 3.86 -43.61
N TYR C 46 -13.42 4.32 -44.56
CA TYR C 46 -12.96 5.32 -45.51
C TYR C 46 -13.37 6.72 -45.05
N ILE C 47 -12.47 7.68 -45.21
CA ILE C 47 -12.68 9.02 -44.70
C ILE C 47 -12.56 10.01 -45.84
N ASP C 48 -13.54 10.90 -45.96
CA ASP C 48 -13.47 11.96 -46.95
C ASP C 48 -13.95 13.31 -46.41
N PHE C 49 -13.91 13.50 -45.10
CA PHE C 49 -14.24 14.80 -44.51
C PHE C 49 -13.49 14.95 -43.19
N THR C 50 -13.59 16.14 -42.60
CA THR C 50 -13.03 16.43 -41.30
C THR C 50 -14.12 16.40 -40.23
N ALA C 51 -13.79 16.84 -39.03
CA ALA C 51 -14.56 16.52 -37.84
C ALA C 51 -15.73 17.44 -37.57
N ASP C 52 -15.48 18.74 -37.43
CA ASP C 52 -16.37 19.62 -36.69
C ASP C 52 -17.68 19.91 -37.39
N GLN C 53 -17.81 19.53 -38.66
CA GLN C 53 -19.05 19.79 -39.39
C GLN C 53 -20.01 18.62 -39.27
N VAL C 54 -19.54 17.49 -38.73
CA VAL C 54 -20.34 16.27 -38.72
C VAL C 54 -21.36 16.43 -37.61
N ASP C 55 -22.63 16.39 -37.96
CA ASP C 55 -23.73 16.56 -37.02
C ASP C 55 -24.40 15.23 -36.75
N LEU C 56 -24.85 15.03 -35.51
CA LEU C 56 -25.44 13.77 -35.07
C LEU C 56 -26.76 13.99 -34.35
N THR C 57 -27.68 14.72 -34.96
CA THR C 57 -28.99 14.91 -34.38
C THR C 57 -29.75 13.59 -34.37
N SER C 58 -30.18 13.18 -33.18
CA SER C 58 -30.70 11.84 -32.96
C SER C 58 -32.12 11.89 -32.41
N ALA C 59 -32.89 10.85 -32.72
CA ALA C 59 -34.28 10.79 -32.29
C ALA C 59 -34.40 9.90 -31.07
N LEU C 60 -34.82 10.49 -29.95
CA LEU C 60 -34.90 9.76 -28.69
C LEU C 60 -36.25 9.11 -28.48
N THR C 61 -37.32 9.75 -28.92
CA THR C 61 -38.62 9.14 -28.90
C THR C 61 -39.07 8.96 -30.34
N LYS C 62 -40.31 8.53 -30.49
CA LYS C 62 -40.92 8.56 -31.82
C LYS C 62 -41.48 9.92 -32.16
N LYS C 63 -41.41 10.88 -31.25
CA LYS C 63 -42.02 12.18 -31.49
C LYS C 63 -41.02 13.31 -31.40
N ILE C 64 -40.04 13.23 -30.51
CA ILE C 64 -39.08 14.32 -30.34
C ILE C 64 -37.67 13.81 -30.60
N THR C 65 -36.81 14.72 -31.05
CA THR C 65 -35.43 14.43 -31.39
C THR C 65 -34.49 15.32 -30.58
N LEU C 66 -33.22 14.94 -30.58
CA LEU C 66 -32.20 15.72 -29.88
C LEU C 66 -30.96 15.83 -30.76
N LYS C 67 -30.26 16.95 -30.61
CA LYS C 67 -29.04 17.10 -31.40
C LYS C 67 -27.86 16.35 -30.78
N THR C 68 -27.92 16.06 -29.48
CA THR C 68 -26.87 15.34 -28.78
C THR C 68 -27.45 14.06 -28.24
N PRO C 69 -26.71 12.95 -28.33
CA PRO C 69 -27.26 11.65 -27.94
C PRO C 69 -27.11 11.31 -26.47
N LEU C 70 -26.46 12.14 -25.67
CA LEU C 70 -26.15 11.78 -24.30
C LEU C 70 -27.14 12.42 -23.34
N VAL C 71 -27.85 11.60 -22.58
CA VAL C 71 -28.79 12.09 -21.57
C VAL C 71 -28.35 11.55 -20.22
N SER C 72 -28.79 12.24 -19.17
CA SER C 72 -28.35 11.96 -17.82
C SER C 72 -28.97 10.68 -17.27
N SER C 73 -28.87 10.52 -15.98
CA SER C 73 -29.42 9.36 -15.32
C SER C 73 -30.58 9.76 -14.41
N PRO C 74 -31.52 8.86 -14.17
CA PRO C 74 -32.55 9.13 -13.17
C PRO C 74 -32.10 8.86 -11.75
N MET C 75 -30.81 8.70 -11.51
CA MET C 75 -30.32 8.39 -10.18
C MET C 75 -30.43 9.63 -9.30
N ASP C 76 -30.47 9.41 -7.98
CA ASP C 76 -30.68 10.49 -7.02
C ASP C 76 -29.49 11.43 -6.92
N THR C 77 -28.29 10.91 -6.88
CA THR C 77 -27.09 11.71 -6.59
C THR C 77 -26.49 12.28 -7.89
N VAL C 78 -27.27 12.16 -8.97
CA VAL C 78 -26.78 12.65 -10.26
C VAL C 78 -27.59 13.85 -10.77
N THR C 79 -28.92 13.88 -10.56
CA THR C 79 -29.72 14.92 -11.17
C THR C 79 -30.42 15.81 -10.15
N GLU C 80 -30.57 17.09 -10.51
CA GLU C 80 -31.56 17.99 -9.94
C GLU C 80 -31.84 19.05 -11.00
N ALA C 81 -32.39 20.19 -10.61
CA ALA C 81 -32.68 21.30 -11.52
C ALA C 81 -31.44 21.75 -12.29
N GLY C 82 -30.30 21.86 -11.61
CA GLY C 82 -29.09 22.37 -12.22
C GLY C 82 -28.55 21.52 -13.35
N MET C 83 -28.82 20.22 -13.35
CA MET C 83 -28.37 19.37 -14.45
C MET C 83 -29.36 19.49 -15.59
N ALA C 84 -30.64 19.48 -15.26
CA ALA C 84 -31.65 19.40 -16.28
C ALA C 84 -31.75 20.69 -17.04
N ILE C 85 -31.40 21.82 -16.42
CA ILE C 85 -31.28 23.03 -17.20
C ILE C 85 -30.06 22.94 -18.10
N ALA C 86 -28.98 22.36 -17.61
CA ALA C 86 -27.71 22.47 -18.31
C ALA C 86 -27.63 21.47 -19.45
N MET C 87 -28.30 20.35 -19.29
CA MET C 87 -28.26 19.29 -20.28
C MET C 87 -29.07 19.68 -21.50
N ALA C 88 -30.28 20.19 -21.26
CA ALA C 88 -31.09 20.76 -22.33
C ALA C 88 -30.50 22.05 -22.86
N LEU C 89 -29.78 22.77 -22.02
CA LEU C 89 -29.03 23.93 -22.45
C LEU C 89 -27.95 23.54 -23.43
N THR C 90 -27.42 22.33 -23.29
CA THR C 90 -26.51 21.73 -24.25
C THR C 90 -27.21 20.72 -25.15
N GLY C 91 -28.54 20.67 -25.08
CA GLY C 91 -29.31 19.83 -25.97
C GLY C 91 -29.45 18.38 -25.59
N GLY C 92 -29.28 18.04 -24.31
CA GLY C 92 -29.57 16.71 -23.82
C GLY C 92 -30.85 16.68 -23.01
N ILE C 93 -31.07 15.55 -22.34
CA ILE C 93 -32.22 15.41 -21.45
C ILE C 93 -31.72 15.15 -20.04
N GLY C 94 -32.16 15.99 -19.11
CA GLY C 94 -31.99 15.70 -17.71
C GLY C 94 -33.29 15.20 -17.10
N PHE C 95 -33.31 13.95 -16.65
CA PHE C 95 -34.46 13.43 -15.96
C PHE C 95 -34.38 13.82 -14.49
N ILE C 96 -35.36 13.40 -13.71
CA ILE C 96 -35.43 13.73 -12.29
C ILE C 96 -35.75 12.46 -11.53
N HIS C 97 -35.01 12.22 -10.45
CA HIS C 97 -35.22 11.05 -9.62
C HIS C 97 -36.55 11.14 -8.88
N HIS C 98 -36.98 10.02 -8.33
CA HIS C 98 -38.21 9.99 -7.58
C HIS C 98 -37.95 9.65 -6.12
N ASN C 99 -36.75 9.95 -5.64
CA ASN C 99 -36.45 9.85 -4.22
C ASN C 99 -36.67 11.21 -3.57
N CYS C 100 -37.94 11.62 -3.62
CA CYS C 100 -38.39 12.90 -3.08
C CYS C 100 -39.91 12.86 -2.95
N THR C 101 -40.47 13.93 -2.40
CA THR C 101 -41.90 14.12 -2.36
C THR C 101 -42.38 14.53 -3.75
N PRO C 102 -43.69 14.49 -4.02
CA PRO C 102 -44.15 15.05 -5.30
C PRO C 102 -43.96 16.56 -5.40
N GLU C 103 -43.92 17.25 -4.28
CA GLU C 103 -43.86 18.71 -4.26
C GLU C 103 -42.44 19.23 -4.34
N PHE C 104 -41.49 18.55 -3.68
CA PHE C 104 -40.09 18.86 -3.87
C PHE C 104 -39.65 18.54 -5.29
N GLN C 105 -40.25 17.52 -5.89
CA GLN C 105 -40.11 17.29 -7.32
C GLN C 105 -40.75 18.41 -8.12
N ALA C 106 -41.91 18.89 -7.67
CA ALA C 106 -42.71 19.82 -8.46
C ALA C 106 -42.07 21.20 -8.54
N ASN C 107 -41.38 21.63 -7.47
CA ASN C 107 -40.77 22.95 -7.45
C ASN C 107 -39.67 23.09 -8.49
N GLU C 108 -38.72 22.17 -8.47
CA GLU C 108 -37.68 22.12 -9.49
C GLU C 108 -38.21 21.72 -10.86
N VAL C 109 -39.34 21.01 -10.94
CA VAL C 109 -39.79 20.70 -12.29
C VAL C 109 -40.48 21.90 -12.92
N ARG C 110 -41.09 22.78 -12.11
CA ARG C 110 -41.50 24.07 -12.68
C ARG C 110 -40.31 24.97 -12.89
N LYS C 111 -39.24 24.78 -12.13
CA LYS C 111 -38.03 25.52 -12.39
C LYS C 111 -37.40 25.14 -13.73
N VAL C 112 -37.48 23.87 -14.11
CA VAL C 112 -36.83 23.45 -15.35
C VAL C 112 -37.76 23.56 -16.56
N LYS C 113 -39.07 23.41 -16.37
CA LYS C 113 -40.02 23.81 -17.40
C LYS C 113 -39.91 25.28 -17.76
N LYS C 114 -39.58 26.11 -16.80
CA LYS C 114 -39.40 27.54 -17.00
C LYS C 114 -37.95 27.78 -17.41
N TYR C 115 -37.41 29.00 -17.19
CA TYR C 115 -36.04 29.43 -17.49
C TYR C 115 -35.88 29.57 -19.01
N GLU C 116 -37.01 29.86 -19.68
CA GLU C 116 -37.05 29.89 -21.13
C GLU C 116 -37.73 31.11 -21.74
N GLN C 117 -38.70 31.69 -21.06
CA GLN C 117 -40.02 32.08 -21.59
C GLN C 117 -40.16 32.46 -23.06
N GLY C 118 -41.15 31.86 -23.73
CA GLY C 118 -41.71 32.36 -24.97
C GLY C 118 -43.03 33.08 -24.68
N PHE C 119 -44.09 32.77 -25.42
CA PHE C 119 -45.40 33.35 -25.13
C PHE C 119 -45.96 32.72 -23.86
N ILE C 120 -45.57 33.22 -22.70
CA ILE C 120 -45.89 32.53 -21.46
C ILE C 120 -47.16 33.05 -20.83
N THR C 121 -47.94 32.13 -20.29
CA THR C 121 -48.89 32.44 -19.25
C THR C 121 -48.18 32.54 -17.91
N ASP C 122 -48.97 32.90 -16.88
CA ASP C 122 -48.72 33.07 -15.44
C ASP C 122 -47.32 33.49 -15.01
N PRO C 123 -46.83 34.67 -15.40
CA PRO C 123 -45.67 35.20 -14.69
C PRO C 123 -46.15 35.85 -13.40
N VAL C 124 -45.25 36.30 -12.57
CA VAL C 124 -45.66 36.96 -11.34
C VAL C 124 -45.99 38.41 -11.66
N VAL C 125 -47.03 38.94 -11.03
CA VAL C 125 -47.56 40.24 -11.38
C VAL C 125 -48.07 40.91 -10.12
N LEU C 126 -47.79 42.21 -9.98
CA LEU C 126 -48.07 42.95 -8.76
C LEU C 126 -48.99 44.13 -9.02
N SER C 127 -49.66 44.57 -7.94
CA SER C 127 -50.48 45.76 -7.81
C SER C 127 -49.70 46.84 -7.08
N PRO C 128 -49.80 48.10 -7.50
CA PRO C 128 -48.92 49.14 -6.94
C PRO C 128 -49.25 49.57 -5.53
N LYS C 129 -50.37 49.11 -4.95
CA LYS C 129 -50.86 49.64 -3.67
C LYS C 129 -49.94 49.36 -2.48
N ASP C 130 -48.97 48.47 -2.61
CA ASP C 130 -48.08 48.10 -1.52
C ASP C 130 -46.74 48.82 -1.69
N ARG C 131 -45.76 48.45 -0.86
CA ARG C 131 -44.44 49.06 -0.85
C ARG C 131 -43.39 48.03 -1.23
N VAL C 132 -42.14 48.36 -0.95
CA VAL C 132 -41.02 47.95 -1.80
C VAL C 132 -40.67 46.47 -1.62
N ARG C 133 -41.09 45.83 -0.50
CA ARG C 133 -40.48 44.54 -0.15
C ARG C 133 -40.81 43.43 -1.14
N ASP C 134 -41.85 43.61 -1.96
CA ASP C 134 -42.36 42.55 -2.81
C ASP C 134 -41.41 42.19 -3.94
N VAL C 135 -40.70 43.16 -4.52
CA VAL C 135 -39.90 42.84 -5.70
C VAL C 135 -38.63 42.07 -5.34
N PHE C 136 -37.88 42.50 -4.34
CA PHE C 136 -36.73 41.69 -3.94
C PHE C 136 -37.17 40.52 -3.07
N GLU C 137 -38.40 40.59 -2.56
CA GLU C 137 -39.01 39.41 -1.95
C GLU C 137 -39.25 38.33 -2.98
N ALA C 138 -39.62 38.72 -4.21
CA ALA C 138 -39.69 37.76 -5.30
C ALA C 138 -38.30 37.30 -5.70
N LYS C 139 -37.37 38.25 -5.83
CA LYS C 139 -35.96 37.98 -6.16
C LYS C 139 -35.30 36.96 -5.23
N ALA C 140 -35.55 37.05 -3.91
CA ALA C 140 -35.00 36.06 -3.01
C ALA C 140 -35.68 34.71 -3.18
N ARG C 141 -36.90 34.71 -3.70
CA ARG C 141 -37.68 33.50 -3.92
C ARG C 141 -37.57 33.02 -5.36
N HIS C 142 -37.21 33.92 -6.28
CA HIS C 142 -37.26 33.56 -7.69
C HIS C 142 -36.05 33.98 -8.52
N GLY C 143 -35.29 35.00 -8.12
CA GLY C 143 -34.07 35.34 -8.84
C GLY C 143 -34.20 36.39 -9.92
N PHE C 144 -35.40 36.84 -10.25
CA PHE C 144 -35.58 37.89 -11.24
C PHE C 144 -36.35 39.06 -10.64
N CYS C 145 -36.26 40.21 -11.31
CA CYS C 145 -37.09 41.37 -10.99
C CYS C 145 -37.65 42.03 -12.24
N GLY C 146 -37.86 41.28 -13.30
CA GLY C 146 -38.62 41.79 -14.42
C GLY C 146 -40.09 41.57 -14.15
N ILE C 147 -40.81 42.60 -13.73
CA ILE C 147 -42.19 42.44 -13.31
C ILE C 147 -43.07 43.54 -13.90
N PRO C 148 -44.16 43.19 -14.56
CA PRO C 148 -45.14 44.19 -14.95
C PRO C 148 -46.05 44.55 -13.79
N ILE C 149 -46.74 45.68 -13.92
CA ILE C 149 -47.66 46.17 -12.90
C ILE C 149 -49.03 46.26 -13.55
N THR C 150 -50.04 45.71 -12.89
CA THR C 150 -51.41 45.85 -13.34
C THR C 150 -52.21 46.60 -12.28
N ASP C 151 -53.50 46.72 -12.54
CA ASP C 151 -54.41 47.31 -11.57
C ASP C 151 -54.78 46.35 -10.46
N THR C 152 -54.92 45.05 -10.77
CA THR C 152 -55.39 44.09 -9.80
C THR C 152 -54.29 43.21 -9.23
N GLY C 153 -53.22 42.99 -9.98
CA GLY C 153 -52.22 42.02 -9.62
C GLY C 153 -52.48 40.64 -10.18
N ARG C 154 -53.25 40.54 -11.25
CA ARG C 154 -53.61 39.26 -11.86
C ARG C 154 -53.10 39.24 -13.29
N MET C 155 -53.22 38.08 -13.92
CA MET C 155 -52.75 37.90 -15.30
C MET C 155 -53.71 38.63 -16.25
N GLY C 156 -54.97 38.23 -16.24
CA GLY C 156 -55.97 38.86 -17.09
C GLY C 156 -56.42 40.20 -16.55
N SER C 157 -55.55 41.19 -16.63
CA SER C 157 -55.81 42.50 -16.04
C SER C 157 -55.30 43.59 -16.97
N ARG C 158 -55.77 44.81 -16.70
CA ARG C 158 -55.36 45.97 -17.49
C ARG C 158 -53.96 46.40 -17.11
N LEU C 159 -53.15 46.76 -18.10
CA LEU C 159 -51.76 47.14 -17.84
C LEU C 159 -51.67 48.55 -17.26
N VAL C 160 -50.71 48.73 -16.36
CA VAL C 160 -50.44 50.03 -15.76
C VAL C 160 -48.97 50.37 -15.95
N GLY C 161 -48.08 49.57 -15.38
CA GLY C 161 -46.65 49.79 -15.52
C GLY C 161 -45.78 48.57 -15.42
N ILE C 162 -44.48 48.75 -15.17
CA ILE C 162 -43.53 47.65 -15.14
C ILE C 162 -42.30 48.09 -14.36
N ILE C 163 -41.72 47.19 -13.57
CA ILE C 163 -40.58 47.49 -12.72
C ILE C 163 -39.43 46.53 -13.03
N SER C 164 -38.22 47.09 -13.09
CA SER C 164 -37.02 46.34 -13.43
C SER C 164 -36.02 46.38 -12.28
N SER C 165 -34.90 45.70 -12.51
CA SER C 165 -33.72 45.75 -11.65
C SER C 165 -33.11 47.13 -11.58
N ARG C 166 -33.14 47.86 -12.68
CA ARG C 166 -32.53 49.19 -12.72
C ARG C 166 -33.44 50.21 -12.06
N ASP C 167 -34.65 49.81 -11.69
CA ASP C 167 -35.47 50.63 -10.82
C ASP C 167 -35.09 50.44 -9.37
N ILE C 168 -34.58 49.27 -9.00
CA ILE C 168 -34.47 48.91 -7.60
C ILE C 168 -33.03 48.69 -7.19
N ASP C 169 -32.11 49.13 -8.03
CA ASP C 169 -30.70 48.82 -7.82
C ASP C 169 -30.08 49.69 -6.73
N PHE C 170 -30.74 50.78 -6.35
CA PHE C 170 -30.01 51.84 -5.66
C PHE C 170 -30.57 52.27 -4.32
N LEU C 171 -31.85 52.10 -4.04
CA LEU C 171 -32.53 53.04 -3.16
C LEU C 171 -32.30 52.75 -1.68
N LYS C 172 -31.98 53.82 -0.94
CA LYS C 172 -31.83 53.78 0.51
C LYS C 172 -33.15 53.50 1.21
N GLU C 173 -34.27 53.82 0.57
CA GLU C 173 -35.58 53.60 1.17
C GLU C 173 -36.08 52.22 0.76
N GLU C 174 -35.49 51.19 1.39
CA GLU C 174 -35.70 49.81 0.95
C GLU C 174 -37.12 49.31 1.19
N GLU C 175 -37.87 49.98 2.07
CA GLU C 175 -39.33 49.97 2.00
C GLU C 175 -39.89 51.30 2.47
N HIS C 176 -39.01 52.28 2.68
CA HIS C 176 -39.30 53.40 3.55
C HIS C 176 -40.29 54.35 2.87
N ASP C 177 -41.58 54.07 3.07
CA ASP C 177 -42.73 54.83 2.59
C ASP C 177 -42.77 54.97 1.07
N CYS C 178 -42.10 54.09 0.34
CA CYS C 178 -42.10 54.17 -1.12
C CYS C 178 -43.14 53.24 -1.73
N PHE C 179 -44.41 53.66 -1.64
CA PHE C 179 -45.50 53.02 -2.37
C PHE C 179 -45.22 53.04 -3.87
N LEU C 180 -45.51 51.94 -4.54
CA LEU C 180 -45.09 51.70 -5.92
C LEU C 180 -45.72 52.61 -6.97
N GLU C 181 -46.65 53.48 -6.57
CA GLU C 181 -47.33 54.36 -7.52
C GLU C 181 -46.39 55.38 -8.17
N GLU C 182 -45.44 55.94 -7.42
CA GLU C 182 -44.64 57.03 -7.97
C GLU C 182 -43.26 56.56 -8.42
N ILE C 183 -42.79 55.40 -7.96
CA ILE C 183 -41.54 54.85 -8.47
C ILE C 183 -41.97 53.75 -9.41
N MET C 184 -42.12 54.11 -10.68
CA MET C 184 -43.10 53.48 -11.55
C MET C 184 -42.91 53.97 -12.99
N THR C 185 -43.27 53.15 -13.97
CA THR C 185 -43.05 53.49 -15.36
C THR C 185 -44.37 53.72 -16.06
N LYS C 186 -44.63 54.99 -16.40
CA LYS C 186 -45.96 55.47 -16.80
C LYS C 186 -46.39 54.79 -18.09
N ARG C 187 -47.70 54.53 -18.20
CA ARG C 187 -48.30 53.75 -19.26
C ARG C 187 -47.95 54.19 -20.68
N GLU C 188 -47.88 55.50 -20.90
CA GLU C 188 -47.86 56.03 -22.25
C GLU C 188 -46.55 55.76 -23.01
N ASP C 189 -45.39 55.88 -22.36
CA ASP C 189 -44.15 55.63 -23.09
C ASP C 189 -43.70 54.19 -22.95
N LEU C 190 -44.63 53.28 -23.18
CA LEU C 190 -44.42 51.85 -23.04
C LEU C 190 -44.78 51.16 -24.34
N VAL C 191 -43.79 50.58 -25.00
CA VAL C 191 -44.01 49.92 -26.28
C VAL C 191 -44.75 48.62 -26.03
N VAL C 192 -45.85 48.42 -26.74
CA VAL C 192 -46.64 47.20 -26.63
C VAL C 192 -47.05 46.81 -28.05
N ALA C 193 -47.31 45.52 -28.28
CA ALA C 193 -47.70 45.02 -29.59
C ALA C 193 -49.03 44.32 -29.41
N PRO C 194 -49.80 44.12 -30.48
CA PRO C 194 -51.05 43.34 -30.34
C PRO C 194 -50.75 41.87 -30.10
N ALA C 195 -51.78 41.18 -29.64
CA ALA C 195 -51.70 39.75 -29.38
C ALA C 195 -52.19 39.00 -30.61
N GLY C 196 -52.37 37.69 -30.48
CA GLY C 196 -52.84 36.86 -31.57
C GLY C 196 -51.84 36.74 -32.70
N ILE C 197 -50.55 36.84 -32.39
CA ILE C 197 -49.51 36.88 -33.40
C ILE C 197 -48.42 35.88 -33.03
N THR C 198 -47.64 35.48 -34.03
CA THR C 198 -46.58 34.54 -33.78
C THR C 198 -45.31 35.30 -33.38
N LEU C 199 -44.23 34.57 -33.16
CA LEU C 199 -43.08 35.10 -32.44
C LEU C 199 -42.11 35.87 -33.32
N LYS C 200 -42.14 35.64 -34.63
CA LYS C 200 -41.16 36.25 -35.53
C LYS C 200 -41.32 37.77 -35.60
N GLU C 201 -42.55 38.23 -35.82
CA GLU C 201 -42.79 39.66 -35.79
C GLU C 201 -42.60 40.24 -34.40
N ALA C 202 -42.83 39.43 -33.38
CA ALA C 202 -42.48 39.85 -32.03
C ALA C 202 -40.98 40.03 -31.87
N ASN C 203 -40.18 39.22 -32.58
CA ASN C 203 -38.73 39.38 -32.53
C ASN C 203 -38.31 40.65 -33.24
N GLU C 204 -38.94 41.00 -34.35
CA GLU C 204 -38.62 42.28 -34.97
C GLU C 204 -39.07 43.45 -34.10
N ILE C 205 -40.13 43.25 -33.31
CA ILE C 205 -40.49 44.27 -32.32
C ILE C 205 -39.44 44.32 -31.20
N LEU C 206 -38.85 43.19 -30.87
CA LEU C 206 -37.76 43.17 -29.90
C LEU C 206 -36.54 43.93 -30.42
N GLN C 207 -36.21 43.75 -31.70
CA GLN C 207 -35.13 44.52 -32.30
C GLN C 207 -35.47 46.00 -32.41
N ARG C 208 -36.64 46.35 -32.95
CA ARG C 208 -36.98 47.76 -33.11
C ARG C 208 -37.36 48.43 -31.80
N SER C 209 -37.49 47.66 -30.72
CA SER C 209 -37.44 48.20 -29.39
C SER C 209 -36.03 48.63 -29.05
N LYS C 210 -35.05 47.87 -29.54
CA LYS C 210 -33.65 47.91 -29.10
C LYS C 210 -33.54 47.76 -27.59
N LYS C 211 -34.49 47.08 -26.97
CA LYS C 211 -34.69 47.21 -25.54
C LYS C 211 -34.88 45.88 -24.80
N GLY C 212 -35.72 44.98 -25.30
CA GLY C 212 -35.83 43.66 -24.68
C GLY C 212 -37.10 43.10 -24.04
N LYS C 213 -37.89 43.88 -23.31
CA LYS C 213 -39.11 43.33 -22.72
C LYS C 213 -40.33 43.93 -23.41
N LEU C 214 -41.32 43.08 -23.65
CA LEU C 214 -42.42 43.44 -24.53
C LEU C 214 -43.69 42.72 -24.09
N PRO C 215 -44.65 43.45 -23.55
CA PRO C 215 -45.98 42.87 -23.33
C PRO C 215 -46.83 42.97 -24.59
N ILE C 216 -47.77 42.02 -24.72
CA ILE C 216 -48.75 42.02 -25.80
C ILE C 216 -50.15 41.87 -25.22
N VAL C 217 -51.08 42.67 -25.73
CA VAL C 217 -52.45 42.68 -25.25
C VAL C 217 -53.40 42.57 -26.44
N ASN C 218 -54.69 42.46 -26.12
CA ASN C 218 -55.77 42.52 -27.10
C ASN C 218 -56.22 43.96 -27.30
N GLU C 219 -57.35 44.14 -27.97
CA GLU C 219 -57.90 45.47 -28.20
C GLU C 219 -58.40 46.14 -26.93
N ASP C 220 -58.85 45.36 -25.94
CA ASP C 220 -59.31 45.90 -24.68
C ASP C 220 -58.25 45.81 -23.59
N ASP C 221 -56.98 45.64 -23.97
CA ASP C 221 -55.81 45.76 -23.09
C ASP C 221 -55.81 44.69 -21.98
N GLU C 222 -56.19 43.47 -22.29
CA GLU C 222 -55.99 42.37 -21.36
C GLU C 222 -54.70 41.64 -21.73
N LEU C 223 -53.83 41.48 -20.74
CA LEU C 223 -52.58 40.76 -20.95
C LEU C 223 -52.85 39.28 -21.11
N VAL C 224 -52.29 38.69 -22.16
CA VAL C 224 -52.29 37.24 -22.29
C VAL C 224 -50.88 36.65 -22.32
N ALA C 225 -49.84 37.42 -22.68
CA ALA C 225 -48.47 36.94 -22.68
C ALA C 225 -47.51 38.12 -22.68
N ILE C 226 -46.27 37.84 -22.30
CA ILE C 226 -45.21 38.84 -22.29
C ILE C 226 -43.93 38.16 -22.75
N ILE C 227 -43.19 38.85 -23.62
CA ILE C 227 -41.88 38.40 -24.04
C ILE C 227 -40.83 39.23 -23.32
N ALA C 228 -39.89 38.52 -22.72
CA ALA C 228 -38.82 39.06 -21.89
C ALA C 228 -37.53 39.13 -22.70
N ARG C 229 -36.43 39.36 -21.99
CA ARG C 229 -35.16 39.71 -22.61
C ARG C 229 -34.29 38.52 -22.97
N THR C 230 -33.93 37.69 -22.00
CA THR C 230 -32.78 36.82 -22.16
C THR C 230 -33.02 35.63 -23.07
N ASP C 231 -34.24 35.48 -23.60
CA ASP C 231 -34.54 34.39 -24.53
C ASP C 231 -33.65 34.43 -25.76
N LEU C 232 -33.50 35.59 -26.39
CA LEU C 232 -32.65 35.68 -27.56
C LEU C 232 -31.17 35.57 -27.22
N LYS C 233 -30.73 36.04 -26.05
CA LYS C 233 -29.32 35.91 -25.74
C LYS C 233 -28.98 34.46 -25.40
N LYS C 234 -29.94 33.72 -24.86
CA LYS C 234 -29.75 32.29 -24.66
C LYS C 234 -29.84 31.53 -25.98
N ASN C 235 -30.62 32.05 -26.93
CA ASN C 235 -30.66 31.49 -28.27
C ASN C 235 -29.33 31.65 -28.98
N ARG C 236 -28.73 32.83 -28.91
CA ARG C 236 -27.45 33.05 -29.58
C ARG C 236 -26.30 32.39 -28.82
N ASP C 237 -26.43 32.32 -27.50
CA ASP C 237 -25.31 31.86 -26.69
C ASP C 237 -25.20 30.36 -26.75
N TYR C 238 -26.31 29.68 -27.05
CA TYR C 238 -26.35 28.24 -27.26
C TYR C 238 -27.21 28.03 -28.49
N PRO C 239 -26.59 27.83 -29.66
CA PRO C 239 -27.34 27.99 -30.93
C PRO C 239 -28.42 26.96 -31.16
N LEU C 240 -28.14 25.69 -30.99
CA LEU C 240 -29.16 24.66 -31.04
C LEU C 240 -29.20 24.04 -29.65
N ALA C 241 -30.40 23.66 -29.22
CA ALA C 241 -30.58 23.02 -27.93
C ALA C 241 -31.76 22.05 -27.88
N SER C 242 -32.41 21.76 -29.01
CA SER C 242 -33.49 20.80 -29.17
C SER C 242 -34.72 21.10 -28.31
N LYS C 243 -35.41 22.21 -28.59
CA LYS C 243 -36.59 22.61 -27.85
C LYS C 243 -37.84 22.01 -28.47
N ASP C 244 -38.98 22.26 -27.82
CA ASP C 244 -40.24 21.66 -28.25
C ASP C 244 -40.89 22.52 -29.33
N ALA C 245 -42.11 22.15 -29.72
CA ALA C 245 -42.88 22.99 -30.64
C ALA C 245 -43.37 24.25 -29.94
N LYS C 246 -43.71 24.13 -28.66
CA LYS C 246 -44.15 25.30 -27.90
C LYS C 246 -43.02 26.05 -27.26
N LYS C 247 -41.84 26.06 -27.88
CA LYS C 247 -40.75 26.99 -27.60
C LYS C 247 -39.99 26.66 -26.30
N GLN C 248 -40.59 25.95 -25.35
CA GLN C 248 -39.97 25.77 -24.05
C GLN C 248 -38.90 24.67 -24.05
N LEU C 249 -38.26 24.50 -22.90
CA LEU C 249 -37.30 23.41 -22.71
C LEU C 249 -37.98 22.06 -22.71
N LEU C 250 -37.18 21.02 -22.89
CA LEU C 250 -37.62 19.67 -22.62
C LEU C 250 -37.15 19.25 -21.24
N CYS C 251 -37.89 18.32 -20.63
CA CYS C 251 -37.44 17.72 -19.39
C CYS C 251 -38.11 16.37 -19.20
N GLY C 252 -37.57 15.60 -18.25
CA GLY C 252 -38.17 14.35 -17.84
C GLY C 252 -37.99 14.04 -16.36
N ALA C 253 -38.54 12.91 -15.93
CA ALA C 253 -38.48 12.50 -14.53
C ALA C 253 -38.81 11.02 -14.44
N ALA C 254 -38.42 10.42 -13.32
CA ALA C 254 -38.70 9.01 -13.05
C ALA C 254 -39.78 8.90 -11.97
N ILE C 255 -40.45 7.76 -11.96
CA ILE C 255 -41.46 7.44 -10.96
C ILE C 255 -41.17 6.04 -10.42
N GLY C 256 -41.97 5.63 -9.44
CA GLY C 256 -41.73 4.38 -8.76
C GLY C 256 -42.45 3.18 -9.33
N THR C 257 -42.92 2.30 -8.45
CA THR C 257 -43.56 1.06 -8.87
C THR C 257 -44.90 0.88 -8.16
N HIS C 258 -45.17 1.73 -7.19
CA HIS C 258 -46.26 1.42 -6.28
C HIS C 258 -47.51 2.18 -6.70
N GLU C 259 -48.63 1.84 -6.06
CA GLU C 259 -49.95 2.32 -6.52
C GLU C 259 -50.13 3.81 -6.38
N ASP C 260 -49.36 4.46 -5.51
CA ASP C 260 -49.43 5.90 -5.28
C ASP C 260 -48.81 6.71 -6.41
N ASP C 261 -48.26 6.07 -7.44
CA ASP C 261 -47.61 6.76 -8.55
C ASP C 261 -48.57 7.61 -9.37
N LYS C 262 -49.86 7.28 -9.37
CA LYS C 262 -50.81 7.98 -10.23
C LYS C 262 -51.04 9.41 -9.78
N TYR C 263 -51.08 9.63 -8.46
CA TYR C 263 -51.12 10.98 -7.92
C TYR C 263 -49.89 11.79 -8.31
N ARG C 264 -48.71 11.16 -8.27
CA ARG C 264 -47.48 11.83 -8.69
C ARG C 264 -47.47 12.17 -10.17
N LEU C 265 -47.88 11.22 -11.02
CA LEU C 265 -47.82 11.47 -12.45
C LEU C 265 -48.89 12.45 -12.89
N ASP C 266 -50.01 12.47 -12.18
CA ASP C 266 -51.00 13.48 -12.48
C ASP C 266 -50.61 14.85 -11.94
N LEU C 267 -49.88 14.89 -10.83
CA LEU C 267 -49.31 16.15 -10.35
C LEU C 267 -48.29 16.71 -11.33
N LEU C 268 -47.49 15.86 -11.95
CA LEU C 268 -46.55 16.44 -12.90
C LEU C 268 -47.15 16.58 -14.28
N ALA C 269 -48.30 15.96 -14.54
CA ALA C 269 -49.08 16.35 -15.70
C ALA C 269 -49.71 17.71 -15.47
N GLN C 270 -50.04 18.03 -14.22
CA GLN C 270 -50.36 19.42 -13.88
C GLN C 270 -49.13 20.30 -13.98
N ALA C 271 -47.94 19.74 -13.79
CA ALA C 271 -46.74 20.47 -14.19
C ALA C 271 -46.60 20.53 -15.69
N GLY C 272 -47.10 19.53 -16.40
CA GLY C 272 -47.08 19.56 -17.85
C GLY C 272 -45.75 19.24 -18.49
N VAL C 273 -44.98 18.33 -17.89
CA VAL C 273 -43.70 17.89 -18.45
C VAL C 273 -43.93 16.59 -19.22
N ASP C 274 -43.31 16.47 -20.40
CA ASP C 274 -43.84 15.63 -21.46
C ASP C 274 -43.26 14.22 -21.52
N VAL C 275 -42.07 13.97 -20.97
CA VAL C 275 -41.49 12.63 -21.02
C VAL C 275 -41.24 12.18 -19.58
N VAL C 276 -41.37 10.88 -19.36
CA VAL C 276 -41.32 10.34 -18.00
C VAL C 276 -40.73 8.94 -18.03
N VAL C 277 -39.92 8.62 -17.01
CA VAL C 277 -39.37 7.29 -16.85
C VAL C 277 -40.13 6.58 -15.76
N LEU C 278 -40.08 5.25 -15.80
CA LEU C 278 -40.50 4.40 -14.71
C LEU C 278 -39.32 3.50 -14.39
N ASP C 279 -38.59 3.85 -13.34
CA ASP C 279 -37.36 3.16 -12.97
C ASP C 279 -37.74 1.85 -12.31
N SER C 280 -37.11 0.77 -12.78
CA SER C 280 -37.31 -0.53 -12.18
C SER C 280 -36.07 -1.36 -12.50
N SER C 281 -35.79 -2.34 -11.65
CA SER C 281 -34.74 -3.28 -11.97
C SER C 281 -35.14 -4.25 -13.05
N GLN C 282 -36.42 -4.40 -13.33
CA GLN C 282 -36.87 -5.24 -14.43
C GLN C 282 -38.22 -4.72 -14.88
N GLY C 283 -38.47 -4.77 -16.19
CA GLY C 283 -39.72 -4.26 -16.74
C GLY C 283 -40.59 -5.23 -17.51
N ASN C 284 -40.82 -6.43 -16.97
CA ASN C 284 -41.84 -7.32 -17.51
C ASN C 284 -42.95 -7.55 -16.48
N SER C 285 -43.31 -6.53 -15.72
CA SER C 285 -44.31 -6.69 -14.68
C SER C 285 -45.71 -6.35 -15.20
N ILE C 286 -46.70 -6.86 -14.48
CA ILE C 286 -48.07 -6.41 -14.65
C ILE C 286 -48.20 -4.96 -14.22
N PHE C 287 -47.37 -4.53 -13.26
CA PHE C 287 -47.26 -3.13 -12.87
C PHE C 287 -46.91 -2.26 -14.07
N GLN C 288 -45.94 -2.70 -14.87
CA GLN C 288 -45.48 -1.91 -16.02
C GLN C 288 -46.58 -1.76 -17.06
N ILE C 289 -47.27 -2.85 -17.39
CA ILE C 289 -48.24 -2.79 -18.47
C ILE C 289 -49.48 -2.02 -18.03
N ASN C 290 -49.84 -2.12 -16.74
CA ASN C 290 -50.98 -1.33 -16.30
C ASN C 290 -50.63 0.13 -16.14
N MET C 291 -49.36 0.45 -15.84
CA MET C 291 -48.97 1.85 -15.83
C MET C 291 -49.00 2.45 -17.23
N ILE C 292 -48.56 1.71 -18.25
CA ILE C 292 -48.57 2.31 -19.58
C ILE C 292 -49.98 2.33 -20.15
N LYS C 293 -50.83 1.37 -19.75
CA LYS C 293 -52.26 1.47 -20.06
C LYS C 293 -52.88 2.71 -19.41
N TYR C 294 -52.50 2.99 -18.16
CA TYR C 294 -52.95 4.19 -17.48
C TYR C 294 -52.40 5.45 -18.12
N ILE C 295 -51.24 5.37 -18.76
CA ILE C 295 -50.70 6.51 -19.47
C ILE C 295 -51.49 6.82 -20.74
N LYS C 296 -51.68 5.81 -21.61
CA LYS C 296 -52.03 6.11 -23.00
C LYS C 296 -53.45 6.64 -23.16
N ASP C 297 -54.37 6.19 -22.30
CA ASP C 297 -55.73 6.69 -22.43
C ASP C 297 -55.87 8.08 -21.84
N LYS C 298 -55.15 8.36 -20.76
CA LYS C 298 -55.28 9.67 -20.12
C LYS C 298 -54.47 10.72 -20.87
N TYR C 299 -53.32 10.35 -21.41
CA TYR C 299 -52.40 11.30 -22.00
C TYR C 299 -51.81 10.73 -23.28
N PRO C 300 -52.45 10.95 -24.43
CA PRO C 300 -51.81 10.57 -25.70
C PRO C 300 -50.64 11.45 -26.06
N ASN C 301 -50.60 12.68 -25.57
CA ASN C 301 -49.52 13.59 -25.92
C ASN C 301 -48.24 13.31 -25.12
N LEU C 302 -48.38 12.72 -23.94
CA LEU C 302 -47.26 12.47 -23.04
C LEU C 302 -46.35 11.38 -23.60
N GLN C 303 -45.12 11.35 -23.09
CA GLN C 303 -44.16 10.37 -23.55
C GLN C 303 -43.64 9.58 -22.36
N VAL C 304 -43.24 8.34 -22.64
CA VAL C 304 -42.78 7.44 -21.61
C VAL C 304 -41.50 6.77 -22.10
N ILE C 305 -40.60 6.53 -21.17
CA ILE C 305 -39.44 5.68 -21.42
C ILE C 305 -39.46 4.57 -20.39
N GLY C 306 -39.37 3.32 -20.86
CA GLY C 306 -39.71 2.18 -20.04
C GLY C 306 -38.59 1.22 -19.69
N GLY C 307 -38.34 1.07 -18.40
CA GLY C 307 -37.34 0.14 -17.92
C GLY C 307 -37.94 -0.82 -16.90
N ASN C 308 -37.27 -1.96 -16.71
CA ASN C 308 -36.02 -2.28 -17.38
C ASN C 308 -36.12 -3.59 -18.17
N VAL C 309 -35.58 -3.58 -19.38
CA VAL C 309 -35.59 -4.68 -20.32
C VAL C 309 -34.17 -4.87 -20.82
N VAL C 310 -33.72 -6.12 -20.91
CA VAL C 310 -32.44 -6.37 -21.54
C VAL C 310 -32.57 -7.35 -22.70
N THR C 311 -33.25 -8.48 -22.49
CA THR C 311 -33.51 -9.37 -23.61
C THR C 311 -34.79 -9.01 -24.34
N ALA C 312 -35.10 -9.73 -25.41
CA ALA C 312 -36.00 -9.23 -26.45
C ALA C 312 -37.46 -9.49 -26.17
N ALA C 313 -37.81 -10.54 -25.43
CA ALA C 313 -39.20 -10.98 -25.40
C ALA C 313 -40.08 -10.03 -24.59
N GLN C 314 -39.55 -9.51 -23.49
CA GLN C 314 -40.34 -8.54 -22.74
C GLN C 314 -40.44 -7.24 -23.51
N ALA C 315 -39.41 -6.93 -24.32
CA ALA C 315 -39.50 -5.79 -25.21
C ALA C 315 -40.58 -5.96 -26.27
N LYS C 316 -40.75 -7.19 -26.78
CA LYS C 316 -41.86 -7.50 -27.67
C LYS C 316 -43.18 -7.20 -27.00
N ASN C 317 -43.33 -7.68 -25.77
CA ASN C 317 -44.59 -7.54 -25.06
C ASN C 317 -44.91 -6.08 -24.74
N LEU C 318 -43.90 -5.28 -24.42
CA LEU C 318 -44.21 -3.88 -24.13
C LEU C 318 -44.40 -3.05 -25.39
N ILE C 319 -43.77 -3.42 -26.51
CA ILE C 319 -44.00 -2.57 -27.67
C ILE C 319 -45.32 -2.92 -28.35
N ASP C 320 -45.75 -4.18 -28.34
CA ASP C 320 -47.08 -4.42 -28.90
C ASP C 320 -48.13 -4.15 -27.84
N ALA C 321 -47.70 -3.96 -26.59
CA ALA C 321 -48.53 -3.32 -25.60
C ALA C 321 -48.64 -1.83 -25.80
N GLY C 322 -47.65 -1.21 -26.45
CA GLY C 322 -47.79 0.18 -26.83
C GLY C 322 -46.92 1.14 -26.05
N VAL C 323 -45.67 0.76 -25.81
CA VAL C 323 -44.73 1.65 -25.11
C VAL C 323 -44.31 2.75 -26.07
N ASP C 324 -43.71 3.82 -25.53
CA ASP C 324 -43.11 4.83 -26.39
C ASP C 324 -41.62 4.58 -26.62
N ALA C 325 -40.86 4.22 -25.59
CA ALA C 325 -39.41 4.13 -25.73
C ALA C 325 -38.83 3.14 -24.74
N LEU C 326 -37.59 2.73 -25.01
CA LEU C 326 -36.99 1.52 -24.47
C LEU C 326 -35.74 1.82 -23.64
N ARG C 327 -35.68 1.27 -22.44
CA ARG C 327 -34.61 1.56 -21.49
C ARG C 327 -33.86 0.28 -21.18
N VAL C 328 -32.56 0.28 -21.47
CA VAL C 328 -31.72 -0.92 -21.39
C VAL C 328 -30.50 -0.64 -20.52
N GLY C 329 -30.12 -1.67 -19.77
CA GLY C 329 -28.91 -1.74 -18.96
C GLY C 329 -29.26 -1.70 -17.48
N MET C 330 -28.56 -2.53 -16.69
CA MET C 330 -28.94 -2.68 -15.28
C MET C 330 -27.77 -2.32 -14.39
N GLY C 331 -28.06 -2.07 -13.12
CA GLY C 331 -27.07 -1.77 -12.11
C GLY C 331 -26.23 -0.53 -12.35
N SER C 332 -26.88 0.55 -12.74
CA SER C 332 -26.20 1.83 -12.95
C SER C 332 -27.19 2.97 -12.78
N THR C 338 -23.83 -3.09 -8.09
CA THR C 338 -24.95 -3.94 -7.70
C THR C 338 -25.18 -5.01 -8.78
N GLN C 339 -24.51 -4.81 -9.92
CA GLN C 339 -24.45 -5.80 -11.00
C GLN C 339 -23.78 -7.10 -10.56
N GLU C 340 -22.78 -7.01 -9.70
CA GLU C 340 -22.15 -8.17 -9.10
C GLU C 340 -22.98 -8.72 -7.94
N VAL C 341 -24.06 -8.04 -7.59
CA VAL C 341 -24.83 -8.39 -6.40
C VAL C 341 -26.14 -9.05 -6.78
N LEU C 342 -26.98 -8.35 -7.53
CA LEU C 342 -28.30 -8.87 -7.83
C LEU C 342 -28.26 -10.02 -8.81
N ALA C 343 -27.23 -10.04 -9.67
CA ALA C 343 -26.91 -11.14 -10.57
C ALA C 343 -28.06 -11.54 -11.47
N CYS C 344 -28.61 -10.60 -12.22
CA CYS C 344 -29.66 -10.92 -13.17
C CYS C 344 -29.48 -10.11 -14.45
N GLY C 345 -30.02 -10.64 -15.53
CA GLY C 345 -29.92 -9.95 -16.81
C GLY C 345 -28.87 -10.54 -17.70
N ARG C 346 -28.07 -9.68 -18.32
CA ARG C 346 -27.06 -10.11 -19.28
C ARG C 346 -26.07 -8.96 -19.42
N PRO C 347 -24.89 -9.18 -20.00
CA PRO C 347 -23.98 -8.05 -20.25
C PRO C 347 -24.54 -7.11 -21.29
N GLN C 348 -23.93 -5.93 -21.33
CA GLN C 348 -24.52 -4.79 -22.01
C GLN C 348 -24.56 -4.97 -23.51
N ALA C 349 -23.42 -5.35 -24.10
CA ALA C 349 -23.22 -5.17 -25.52
C ALA C 349 -24.09 -6.09 -26.35
N THR C 350 -24.29 -7.33 -25.90
CA THR C 350 -25.20 -8.21 -26.62
C THR C 350 -26.63 -7.75 -26.50
N ALA C 351 -26.99 -7.13 -25.38
CA ALA C 351 -28.36 -6.72 -25.17
C ALA C 351 -28.71 -5.52 -26.01
N VAL C 352 -27.82 -4.52 -25.99
CA VAL C 352 -28.07 -3.27 -26.69
C VAL C 352 -28.09 -3.50 -28.19
N TYR C 353 -27.41 -4.55 -28.64
CA TYR C 353 -27.49 -4.98 -30.02
C TYR C 353 -28.86 -5.51 -30.35
N LYS C 354 -29.32 -6.51 -29.61
CA LYS C 354 -30.50 -7.23 -30.07
C LYS C 354 -31.78 -6.45 -29.79
N VAL C 355 -31.75 -5.51 -28.85
CA VAL C 355 -32.93 -4.68 -28.68
C VAL C 355 -33.11 -3.76 -29.86
N SER C 356 -32.03 -3.31 -30.47
CA SER C 356 -32.15 -2.59 -31.72
C SER C 356 -32.52 -3.51 -32.86
N GLU C 357 -32.05 -4.77 -32.80
CA GLU C 357 -32.39 -5.73 -33.84
C GLU C 357 -33.88 -6.05 -33.88
N TYR C 358 -34.56 -5.95 -32.74
CA TYR C 358 -36.01 -6.08 -32.83
C TYR C 358 -36.70 -4.72 -32.92
N ALA C 359 -36.05 -3.64 -32.50
CA ALA C 359 -36.72 -2.35 -32.53
C ALA C 359 -36.79 -1.78 -33.93
N ARG C 360 -35.84 -2.14 -34.80
CA ARG C 360 -35.89 -1.68 -36.18
C ARG C 360 -37.02 -2.33 -36.97
N ARG C 361 -37.52 -3.47 -36.50
CA ARG C 361 -38.70 -4.06 -37.11
C ARG C 361 -39.94 -3.22 -36.83
N PHE C 362 -39.90 -2.37 -35.81
CA PHE C 362 -41.03 -1.52 -35.47
C PHE C 362 -40.63 -0.07 -35.24
N GLY C 363 -39.41 0.31 -35.61
CA GLY C 363 -38.98 1.70 -35.65
C GLY C 363 -38.97 2.38 -34.31
N VAL C 364 -38.40 1.72 -33.31
CA VAL C 364 -38.49 2.15 -31.93
C VAL C 364 -37.11 2.60 -31.46
N PRO C 365 -36.98 3.75 -30.83
CA PRO C 365 -35.68 4.14 -30.28
C PRO C 365 -35.39 3.39 -29.00
N VAL C 366 -34.14 3.52 -28.53
CA VAL C 366 -33.70 2.84 -27.33
C VAL C 366 -32.59 3.67 -26.66
N ILE C 367 -32.58 3.65 -25.33
CA ILE C 367 -31.59 4.34 -24.51
C ILE C 367 -30.87 3.29 -23.68
N ALA C 368 -29.61 3.56 -23.36
CA ALA C 368 -28.73 2.48 -22.93
C ALA C 368 -27.85 2.83 -21.75
N ASP C 369 -27.70 1.87 -20.84
CA ASP C 369 -26.84 1.93 -19.66
C ASP C 369 -25.67 0.97 -19.79
N GLY C 370 -24.85 0.96 -18.75
CA GLY C 370 -23.76 0.03 -18.60
C GLY C 370 -22.46 0.48 -19.21
N GLY C 371 -21.35 0.13 -18.56
CA GLY C 371 -20.03 0.30 -19.13
C GLY C 371 -19.58 1.73 -19.31
N ILE C 372 -20.04 2.64 -18.46
CA ILE C 372 -19.76 4.05 -18.66
C ILE C 372 -18.67 4.46 -17.68
N GLN C 373 -17.45 4.57 -18.17
CA GLN C 373 -16.43 5.27 -17.41
C GLN C 373 -15.79 6.38 -18.23
N ASN C 374 -15.56 6.12 -19.50
CA ASN C 374 -14.86 7.13 -20.27
C ASN C 374 -15.40 7.25 -21.70
N VAL C 375 -14.74 8.11 -22.49
CA VAL C 375 -15.34 8.70 -23.67
C VAL C 375 -15.55 7.73 -24.81
N GLY C 376 -14.73 6.69 -24.92
CA GLY C 376 -14.86 5.79 -26.05
C GLY C 376 -16.06 4.89 -25.91
N HIS C 377 -16.47 4.65 -24.66
CA HIS C 377 -17.60 3.79 -24.36
C HIS C 377 -18.86 4.31 -25.01
N ILE C 378 -19.06 5.61 -24.92
CA ILE C 378 -20.27 6.25 -25.41
C ILE C 378 -20.39 6.06 -26.90
N ALA C 379 -19.31 6.39 -27.60
CA ALA C 379 -19.29 6.32 -29.03
C ALA C 379 -19.45 4.90 -29.52
N LYS C 380 -18.81 3.94 -28.86
CA LYS C 380 -18.93 2.57 -29.34
C LYS C 380 -20.29 2.00 -29.01
N ALA C 381 -20.89 2.47 -27.91
CA ALA C 381 -22.20 1.99 -27.52
C ALA C 381 -23.26 2.46 -28.50
N LEU C 382 -23.24 3.73 -28.85
CA LEU C 382 -24.15 4.19 -29.87
C LEU C 382 -23.77 3.61 -31.23
N ALA C 383 -22.48 3.37 -31.42
CA ALA C 383 -21.96 3.05 -32.72
C ALA C 383 -22.30 1.64 -33.14
N LEU C 384 -22.45 0.73 -32.20
CA LEU C 384 -22.89 -0.60 -32.60
C LEU C 384 -24.36 -0.64 -32.97
N GLY C 385 -25.10 0.43 -32.73
CA GLY C 385 -26.45 0.49 -33.20
C GLY C 385 -27.45 1.02 -32.21
N ALA C 386 -26.97 1.46 -31.04
CA ALA C 386 -27.87 2.15 -30.14
C ALA C 386 -28.21 3.51 -30.73
N SER C 387 -29.48 3.87 -30.67
CA SER C 387 -29.90 5.17 -31.15
C SER C 387 -29.38 6.29 -30.27
N THR C 388 -29.37 6.07 -28.98
CA THR C 388 -28.80 6.97 -27.98
C THR C 388 -28.57 6.20 -26.70
N VAL C 389 -27.64 6.68 -25.86
CA VAL C 389 -27.28 6.01 -24.60
C VAL C 389 -27.29 7.03 -23.49
N MET C 390 -27.43 6.54 -22.25
CA MET C 390 -27.49 7.32 -21.02
C MET C 390 -26.09 7.75 -20.62
N MET C 391 -26.00 8.86 -19.89
CA MET C 391 -24.78 9.20 -19.21
C MET C 391 -25.02 8.97 -17.72
N GLY C 392 -24.17 8.17 -17.10
CA GLY C 392 -24.49 7.79 -15.75
C GLY C 392 -23.60 8.38 -14.70
N SER C 393 -22.72 7.54 -14.15
CA SER C 393 -21.86 7.98 -13.07
C SER C 393 -20.64 8.74 -13.57
N LEU C 394 -20.47 8.90 -14.89
CA LEU C 394 -19.37 9.73 -15.35
C LEU C 394 -19.57 11.18 -14.97
N LEU C 395 -20.81 11.64 -14.98
CA LEU C 395 -21.04 12.99 -14.51
C LEU C 395 -21.50 13.02 -13.07
N ALA C 396 -21.23 11.96 -12.31
CA ALA C 396 -21.35 12.08 -10.88
C ALA C 396 -20.31 13.06 -10.37
N ALA C 397 -20.74 13.97 -9.50
CA ALA C 397 -19.96 15.04 -8.89
C ALA C 397 -19.37 15.97 -9.95
N THR C 398 -20.23 16.69 -10.64
CA THR C 398 -19.81 17.86 -11.40
C THR C 398 -19.89 19.10 -10.51
N THR C 399 -19.72 20.28 -11.09
CA THR C 399 -19.98 21.51 -10.35
C THR C 399 -21.46 21.66 -10.05
N GLU C 400 -22.30 21.19 -10.97
CA GLU C 400 -23.73 21.36 -10.88
C GLU C 400 -24.38 20.39 -9.91
N ALA C 401 -23.60 19.51 -9.26
CA ALA C 401 -23.96 18.33 -8.47
C ALA C 401 -25.06 18.57 -7.44
N PRO C 402 -25.94 17.59 -7.18
CA PRO C 402 -27.19 17.91 -6.49
C PRO C 402 -26.97 18.14 -5.00
N GLY C 403 -27.71 19.11 -4.50
CA GLY C 403 -27.31 19.63 -3.20
C GLY C 403 -26.14 20.57 -3.42
N GLU C 404 -25.34 20.74 -2.36
CA GLU C 404 -24.26 21.70 -2.39
C GLU C 404 -23.11 21.15 -1.56
N TYR C 405 -21.91 21.66 -1.80
CA TYR C 405 -20.68 21.23 -1.16
C TYR C 405 -20.69 21.62 0.31
N PHE C 406 -19.69 21.14 1.05
CA PHE C 406 -19.59 21.59 2.41
C PHE C 406 -18.15 22.00 2.71
N PHE C 407 -17.88 22.35 3.95
CA PHE C 407 -16.71 23.16 4.26
C PHE C 407 -15.92 22.51 5.37
N SER C 408 -14.75 21.98 5.03
CA SER C 408 -13.98 21.17 5.96
C SER C 408 -12.52 21.45 5.75
N ASP C 409 -11.77 21.51 6.87
CA ASP C 409 -10.32 21.25 7.03
C ASP C 409 -9.44 21.86 5.94
N GLY C 410 -9.85 22.98 5.34
CA GLY C 410 -9.18 23.51 4.19
C GLY C 410 -9.51 22.84 2.87
N ILE C 411 -10.25 21.72 2.89
CA ILE C 411 -10.58 20.97 1.69
C ILE C 411 -12.06 20.66 1.70
N ARG C 412 -12.78 21.23 0.73
CA ARG C 412 -14.21 21.03 0.61
C ARG C 412 -14.51 19.64 0.05
N LEU C 413 -15.78 19.28 0.08
CA LEU C 413 -16.27 18.03 -0.48
C LEU C 413 -17.77 18.18 -0.66
N LYS C 414 -18.37 17.28 -1.43
CA LYS C 414 -19.78 17.41 -1.80
C LYS C 414 -20.66 16.60 -0.85
N LYS C 415 -21.71 17.25 -0.34
CA LYS C 415 -22.71 16.62 0.50
C LYS C 415 -23.93 16.25 -0.34
N TYR C 416 -24.67 15.23 0.09
CA TYR C 416 -25.86 14.77 -0.63
C TYR C 416 -27.07 14.74 0.31
N ARG C 417 -27.73 15.88 0.45
CA ARG C 417 -29.04 15.98 1.09
C ARG C 417 -29.86 17.00 0.28
N GLY C 418 -29.86 16.82 -1.03
CA GLY C 418 -30.56 17.74 -1.92
C GLY C 418 -32.06 17.76 -1.74
N ALA C 451 -16.26 11.41 -0.17
CA ALA C 451 -16.28 11.22 -1.63
C ALA C 451 -15.09 11.88 -2.31
N VAL C 452 -15.19 12.07 -3.63
CA VAL C 452 -14.10 12.56 -4.46
C VAL C 452 -14.43 14.01 -4.84
N GLN C 453 -13.40 14.85 -4.88
CA GLN C 453 -13.56 16.27 -5.11
C GLN C 453 -13.85 16.56 -6.59
N ASP C 454 -14.15 17.83 -6.88
CA ASP C 454 -14.84 18.29 -8.09
C ASP C 454 -13.99 18.20 -9.34
N LYS C 455 -14.67 17.97 -10.47
CA LYS C 455 -14.03 17.84 -11.76
C LYS C 455 -14.58 18.82 -12.81
N GLY C 456 -15.49 19.71 -12.46
CA GLY C 456 -15.86 20.74 -13.42
C GLY C 456 -17.33 20.97 -13.71
N SER C 457 -17.61 21.96 -14.55
CA SER C 457 -18.96 22.31 -14.95
C SER C 457 -19.22 21.73 -16.33
N ILE C 458 -20.45 21.28 -16.56
CA ILE C 458 -20.66 20.33 -17.65
C ILE C 458 -20.64 21.03 -18.99
N HIS C 459 -21.10 22.28 -19.04
CA HIS C 459 -21.30 22.88 -20.36
C HIS C 459 -20.01 23.34 -21.00
N LYS C 460 -18.87 23.18 -20.32
CA LYS C 460 -17.57 23.12 -20.97
C LYS C 460 -17.01 21.71 -21.02
N PHE C 461 -17.68 20.74 -20.41
CA PHE C 461 -17.20 19.37 -20.32
C PHE C 461 -17.79 18.48 -21.41
N VAL C 462 -19.11 18.43 -21.49
CA VAL C 462 -19.84 17.78 -22.58
C VAL C 462 -19.50 18.32 -23.98
N PRO C 463 -18.99 19.56 -24.19
CA PRO C 463 -18.35 19.80 -25.48
C PRO C 463 -17.16 18.91 -25.77
N TYR C 464 -16.35 18.58 -24.76
CA TYR C 464 -15.27 17.62 -24.99
C TYR C 464 -15.82 16.23 -25.26
N LEU C 465 -16.97 15.91 -24.69
CA LEU C 465 -17.56 14.60 -24.93
C LEU C 465 -18.14 14.51 -26.34
N ILE C 466 -18.80 15.58 -26.79
CA ILE C 466 -19.35 15.53 -28.13
C ILE C 466 -18.25 15.60 -29.16
N ALA C 467 -17.17 16.35 -28.87
CA ALA C 467 -16.03 16.36 -29.76
C ALA C 467 -15.36 15.01 -29.80
N GLY C 468 -15.31 14.32 -28.66
CA GLY C 468 -14.74 13.00 -28.66
C GLY C 468 -15.56 11.98 -29.40
N ILE C 469 -16.88 12.11 -29.37
CA ILE C 469 -17.67 11.10 -30.07
C ILE C 469 -17.68 11.39 -31.56
N GLN C 470 -17.66 12.66 -31.97
CA GLN C 470 -17.50 12.86 -33.40
C GLN C 470 -16.08 12.59 -33.87
N HIS C 471 -15.10 12.64 -32.97
CA HIS C 471 -13.77 12.15 -33.28
C HIS C 471 -13.84 10.68 -33.63
N SER C 472 -14.61 9.91 -32.87
CA SER C 472 -14.82 8.52 -33.22
C SER C 472 -15.68 8.37 -34.45
N CYS C 473 -16.58 9.31 -34.70
CA CYS C 473 -17.41 9.23 -35.89
C CYS C 473 -16.57 9.38 -37.15
N GLN C 474 -15.59 10.28 -37.12
CA GLN C 474 -14.67 10.33 -38.25
C GLN C 474 -13.68 9.18 -38.19
N ASP C 475 -13.50 8.58 -37.02
CA ASP C 475 -12.74 7.34 -36.99
C ASP C 475 -13.48 6.23 -37.74
N ILE C 476 -14.81 6.20 -37.68
CA ILE C 476 -15.54 5.47 -38.71
C ILE C 476 -15.43 6.20 -40.03
N GLY C 477 -15.87 7.45 -40.06
CA GLY C 477 -15.91 8.14 -41.33
C GLY C 477 -17.30 8.12 -41.91
N ALA C 478 -18.31 8.22 -41.06
CA ALA C 478 -19.68 8.36 -41.52
C ALA C 478 -20.15 9.76 -41.19
N LYS C 479 -20.95 10.32 -42.08
CA LYS C 479 -21.41 11.68 -41.91
C LYS C 479 -22.50 11.76 -40.83
N SER C 480 -23.33 10.72 -40.72
CA SER C 480 -24.39 10.66 -39.74
C SER C 480 -24.37 9.32 -39.00
N LEU C 481 -25.15 9.26 -37.93
CA LEU C 481 -25.39 7.98 -37.26
C LEU C 481 -26.44 7.14 -37.95
N THR C 482 -27.36 7.75 -38.69
CA THR C 482 -28.25 6.97 -39.54
C THR C 482 -27.44 6.20 -40.57
N GLN C 483 -26.34 6.81 -41.02
CA GLN C 483 -25.35 6.07 -41.78
C GLN C 483 -24.71 4.95 -40.97
N VAL C 484 -24.56 5.09 -39.65
CA VAL C 484 -23.81 4.05 -38.95
C VAL C 484 -24.70 2.84 -38.67
N ARG C 485 -26.01 3.04 -38.48
CA ARG C 485 -26.81 1.81 -38.46
C ARG C 485 -27.26 1.35 -39.84
N ALA C 486 -27.21 2.21 -40.86
CA ALA C 486 -27.33 1.69 -42.22
C ALA C 486 -26.15 0.78 -42.55
N MET C 487 -24.96 1.19 -42.12
CA MET C 487 -23.78 0.35 -42.06
C MET C 487 -24.03 -0.93 -41.29
N MET C 488 -24.55 -0.84 -40.07
CA MET C 488 -24.63 -2.01 -39.20
C MET C 488 -25.66 -3.01 -39.70
N TYR C 489 -26.77 -2.54 -40.27
CA TYR C 489 -27.72 -3.44 -40.88
C TYR C 489 -27.27 -3.91 -42.25
N SER C 490 -26.32 -3.21 -42.87
CA SER C 490 -25.79 -3.67 -44.14
C SER C 490 -24.50 -4.45 -43.98
N GLY C 491 -23.58 -3.96 -43.16
CA GLY C 491 -22.34 -4.66 -42.92
C GLY C 491 -21.19 -4.27 -43.83
N GLU C 492 -21.13 -3.03 -44.33
CA GLU C 492 -20.02 -2.75 -45.24
C GLU C 492 -18.75 -2.48 -44.45
N LEU C 493 -18.88 -1.86 -43.28
CA LEU C 493 -17.80 -1.78 -42.31
C LEU C 493 -18.07 -2.86 -41.26
N LYS C 494 -17.00 -3.37 -40.66
CA LYS C 494 -17.06 -4.65 -39.97
C LYS C 494 -16.27 -4.51 -38.67
N PHE C 495 -16.22 -5.59 -37.88
CA PHE C 495 -15.59 -5.50 -36.56
C PHE C 495 -14.72 -6.69 -36.21
N GLU C 496 -14.24 -6.73 -34.96
CA GLU C 496 -13.31 -7.80 -34.59
C GLU C 496 -13.36 -8.00 -33.07
N LYS C 497 -12.72 -9.08 -32.63
CA LYS C 497 -12.67 -9.60 -31.27
C LYS C 497 -11.59 -8.85 -30.47
N ARG C 498 -11.46 -9.20 -29.19
CA ARG C 498 -10.60 -8.56 -28.22
C ARG C 498 -10.43 -9.51 -27.04
N THR C 499 -9.27 -9.45 -26.38
CA THR C 499 -9.00 -10.18 -25.15
C THR C 499 -8.66 -9.21 -24.03
N SER C 500 -8.66 -9.73 -22.80
CA SER C 500 -8.68 -8.90 -21.60
C SER C 500 -7.32 -8.33 -21.22
N SER C 501 -6.28 -8.65 -21.97
CA SER C 501 -4.92 -8.45 -21.50
C SER C 501 -4.47 -7.00 -21.43
N ALA C 502 -5.09 -6.09 -22.19
CA ALA C 502 -4.64 -4.71 -22.18
C ALA C 502 -5.31 -3.87 -21.10
N GLN C 503 -6.15 -4.48 -20.25
CA GLN C 503 -6.90 -3.73 -19.25
C GLN C 503 -6.02 -3.26 -18.10
N VAL C 504 -4.94 -3.98 -17.80
CA VAL C 504 -4.22 -3.77 -16.54
C VAL C 504 -3.30 -2.55 -16.53
N GLU C 505 -3.32 -1.72 -17.57
CA GLU C 505 -2.57 -0.46 -17.55
C GLU C 505 -3.17 0.52 -16.55
N SER D 16 8.40 -43.68 -37.65
CA SER D 16 8.26 -43.00 -38.94
C SER D 16 6.88 -42.38 -39.09
N TYR D 17 6.35 -41.86 -37.99
CA TYR D 17 5.02 -41.24 -38.01
C TYR D 17 5.12 -39.75 -38.24
N VAL D 18 6.01 -39.09 -37.48
CA VAL D 18 6.26 -37.64 -37.49
C VAL D 18 4.96 -36.88 -37.25
N PRO D 19 4.49 -36.78 -36.00
CA PRO D 19 3.24 -36.07 -35.72
C PRO D 19 3.27 -34.59 -36.10
N ASP D 20 2.10 -34.13 -36.56
CA ASP D 20 1.90 -32.74 -36.95
C ASP D 20 1.46 -31.94 -35.71
N ASP D 21 2.23 -30.93 -35.34
CA ASP D 21 2.11 -30.32 -34.02
C ASP D 21 2.08 -28.81 -34.11
N GLY D 22 0.97 -28.21 -33.70
CA GLY D 22 0.86 -26.77 -33.74
C GLY D 22 -0.12 -26.30 -34.79
N LEU D 23 -0.20 -25.00 -35.04
CA LEU D 23 -1.20 -24.43 -35.93
C LEU D 23 -0.60 -23.25 -36.70
N THR D 24 -0.83 -23.23 -38.01
CA THR D 24 -0.15 -22.28 -38.89
C THR D 24 -0.75 -20.89 -38.79
N ALA D 25 -0.16 -19.96 -39.54
CA ALA D 25 -0.51 -18.56 -39.42
C ALA D 25 -1.86 -18.24 -40.02
N GLN D 26 -2.17 -18.82 -41.19
CA GLN D 26 -3.51 -18.66 -41.72
C GLN D 26 -4.51 -19.49 -40.93
N GLN D 27 -4.04 -20.47 -40.17
CA GLN D 27 -4.85 -21.07 -39.11
C GLN D 27 -4.71 -20.35 -37.79
N LEU D 28 -3.95 -19.27 -37.73
CA LEU D 28 -3.81 -18.50 -36.49
C LEU D 28 -4.68 -17.26 -36.52
N PHE D 29 -4.89 -16.69 -37.70
CA PHE D 29 -5.52 -15.38 -37.76
C PHE D 29 -6.87 -15.38 -38.45
N ASN D 30 -7.17 -16.38 -39.27
CA ASN D 30 -8.48 -16.45 -39.92
C ASN D 30 -9.58 -16.94 -38.99
N CYS D 31 -9.25 -17.25 -37.74
CA CYS D 31 -10.25 -17.65 -36.77
C CYS D 31 -11.19 -16.52 -36.39
N GLY D 32 -10.80 -15.26 -36.60
CA GLY D 32 -11.64 -14.18 -36.17
C GLY D 32 -11.58 -13.93 -34.69
N ASP D 33 -10.49 -14.32 -34.05
CA ASP D 33 -10.21 -14.04 -32.65
C ASP D 33 -9.14 -12.96 -32.56
N GLY D 34 -9.34 -12.05 -31.61
CA GLY D 34 -8.49 -10.90 -31.42
C GLY D 34 -7.19 -11.27 -30.76
N LEU D 35 -6.08 -10.81 -31.30
CA LEU D 35 -4.76 -11.30 -30.91
C LEU D 35 -3.81 -10.15 -30.70
N THR D 36 -3.08 -10.20 -29.58
CA THR D 36 -2.01 -9.26 -29.27
C THR D 36 -0.71 -10.02 -29.13
N TYR D 37 0.28 -9.33 -28.58
CA TYR D 37 1.65 -9.80 -28.41
C TYR D 37 1.71 -11.07 -27.55
N ASN D 38 1.04 -11.07 -26.40
CA ASN D 38 1.16 -12.19 -25.48
C ASN D 38 -0.04 -13.09 -25.61
N ASP D 39 -0.49 -13.33 -26.84
CA ASP D 39 -1.69 -14.14 -27.02
C ASP D 39 -1.23 -15.39 -27.73
N PHE D 40 0.07 -15.49 -27.92
CA PHE D 40 0.68 -16.60 -28.62
C PHE D 40 2.14 -16.58 -28.25
N LEU D 41 2.85 -17.62 -28.64
CA LEU D 41 4.27 -17.74 -28.36
C LEU D 41 4.89 -18.40 -29.59
N ILE D 42 6.20 -18.37 -29.66
CA ILE D 42 6.89 -18.92 -30.79
C ILE D 42 7.67 -20.14 -30.33
N LEU D 43 7.54 -21.21 -31.10
CA LEU D 43 8.21 -22.43 -30.68
C LEU D 43 9.49 -22.61 -31.48
N PRO D 44 10.50 -23.27 -30.93
CA PRO D 44 11.77 -23.39 -31.66
C PRO D 44 11.72 -24.38 -32.81
N GLY D 45 12.72 -24.27 -33.69
CA GLY D 45 12.90 -25.14 -34.83
C GLY D 45 14.20 -25.91 -34.77
N TYR D 46 14.81 -26.07 -35.93
CA TYR D 46 16.09 -26.76 -36.02
C TYR D 46 17.23 -25.75 -36.03
N ILE D 47 18.31 -26.08 -35.32
CA ILE D 47 19.41 -25.15 -35.14
C ILE D 47 20.70 -25.81 -35.62
N ASP D 48 21.44 -25.08 -36.45
CA ASP D 48 22.75 -25.56 -36.88
C ASP D 48 23.81 -24.48 -36.90
N PHE D 49 23.63 -23.42 -36.12
CA PHE D 49 24.65 -22.38 -36.00
C PHE D 49 24.52 -21.73 -34.63
N THR D 50 25.46 -20.85 -34.31
CA THR D 50 25.45 -20.06 -33.10
C THR D 50 24.98 -18.63 -33.42
N ALA D 51 25.11 -17.75 -32.44
CA ALA D 51 24.37 -16.49 -32.42
C ALA D 51 25.01 -15.35 -33.18
N ASP D 52 26.25 -14.99 -32.83
CA ASP D 52 26.77 -13.66 -33.09
C ASP D 52 27.06 -13.40 -34.56
N GLN D 53 27.04 -14.42 -35.40
CA GLN D 53 27.33 -14.24 -36.81
C GLN D 53 26.07 -13.98 -37.61
N VAL D 54 24.90 -14.15 -36.98
CA VAL D 54 23.64 -14.09 -37.70
C VAL D 54 23.34 -12.60 -37.90
N ASP D 55 23.24 -12.20 -39.16
CA ASP D 55 23.01 -10.81 -39.53
C ASP D 55 21.58 -10.64 -40.00
N LEU D 56 20.98 -9.49 -39.70
CA LEU D 56 19.58 -9.21 -40.00
C LEU D 56 19.41 -7.86 -40.68
N THR D 57 20.17 -7.60 -41.74
CA THR D 57 20.02 -6.36 -42.49
C THR D 57 18.66 -6.35 -43.18
N SER D 58 17.88 -5.32 -42.89
CA SER D 58 16.47 -5.26 -43.27
C SER D 58 16.19 -4.05 -44.13
N ALA D 59 15.19 -4.17 -45.00
CA ALA D 59 14.84 -3.10 -45.91
C ALA D 59 13.62 -2.35 -45.38
N LEU D 60 13.82 -1.07 -45.06
CA LEU D 60 12.75 -0.27 -44.46
C LEU D 60 11.91 0.44 -45.50
N THR D 61 12.51 0.87 -46.59
CA THR D 61 11.75 1.42 -47.70
C THR D 61 11.93 0.50 -48.88
N LYS D 62 11.41 0.92 -50.02
CA LYS D 62 11.72 0.24 -51.26
C LYS D 62 13.05 0.69 -51.83
N LYS D 63 13.71 1.66 -51.22
CA LYS D 63 14.94 2.20 -51.77
C LYS D 63 16.12 2.07 -50.84
N ILE D 64 15.91 2.19 -49.53
CA ILE D 64 17.03 2.14 -48.59
C ILE D 64 16.80 1.01 -47.60
N THR D 65 17.89 0.46 -47.09
CA THR D 65 17.89 -0.66 -46.15
C THR D 65 18.63 -0.27 -44.88
N LEU D 66 18.43 -1.08 -43.84
CA LEU D 66 19.10 -0.86 -42.57
C LEU D 66 19.61 -2.18 -42.02
N LYS D 67 20.73 -2.13 -41.31
CA LYS D 67 21.23 -3.35 -40.73
C LYS D 67 20.51 -3.74 -39.45
N THR D 68 19.86 -2.80 -38.79
CA THR D 68 19.12 -3.04 -37.57
C THR D 68 17.66 -2.70 -37.82
N PRO D 69 16.74 -3.51 -37.32
CA PRO D 69 15.32 -3.30 -37.63
C PRO D 69 14.59 -2.34 -36.70
N LEU D 70 15.25 -1.84 -35.67
CA LEU D 70 14.55 -1.05 -34.66
C LEU D 70 14.77 0.44 -34.92
N VAL D 71 13.68 1.17 -35.12
CA VAL D 71 13.73 2.62 -35.29
C VAL D 71 12.90 3.27 -34.20
N SER D 72 13.20 4.54 -33.94
CA SER D 72 12.61 5.26 -32.83
C SER D 72 11.16 5.64 -33.11
N SER D 73 10.66 6.54 -32.32
CA SER D 73 9.30 7.00 -32.45
C SER D 73 9.27 8.46 -32.88
N PRO D 74 8.22 8.89 -33.57
CA PRO D 74 8.07 10.32 -33.85
C PRO D 74 7.46 11.11 -32.71
N MET D 75 7.41 10.53 -31.51
CA MET D 75 6.80 11.20 -30.38
C MET D 75 7.71 12.33 -29.89
N ASP D 76 7.13 13.31 -29.20
CA ASP D 76 7.87 14.50 -28.77
C ASP D 76 8.89 14.21 -27.69
N THR D 77 8.53 13.42 -26.69
CA THR D 77 9.35 13.23 -25.51
C THR D 77 10.34 12.07 -25.71
N VAL D 78 10.44 11.61 -26.97
CA VAL D 78 11.33 10.50 -27.25
C VAL D 78 12.51 10.91 -28.15
N THR D 79 12.30 11.81 -29.11
CA THR D 79 13.37 12.10 -30.07
C THR D 79 13.84 13.55 -30.03
N GLU D 80 15.13 13.73 -30.28
CA GLU D 80 15.70 14.99 -30.73
C GLU D 80 16.98 14.64 -31.49
N ALA D 81 17.88 15.61 -31.66
CA ALA D 81 19.16 15.40 -32.34
C ALA D 81 19.97 14.25 -31.74
N GLY D 82 20.01 14.19 -30.40
CA GLY D 82 20.83 13.20 -29.72
C GLY D 82 20.40 11.77 -29.95
N MET D 83 19.13 11.53 -30.25
CA MET D 83 18.70 10.16 -30.55
C MET D 83 19.01 9.85 -32.00
N ALA D 84 18.74 10.81 -32.87
CA ALA D 84 18.83 10.54 -34.27
C ALA D 84 20.26 10.40 -34.72
N ILE D 85 21.20 11.04 -34.02
CA ILE D 85 22.59 10.73 -34.29
C ILE D 85 22.92 9.33 -33.79
N ALA D 86 22.36 8.95 -32.65
CA ALA D 86 22.82 7.74 -31.99
C ALA D 86 22.20 6.51 -32.62
N MET D 87 20.99 6.65 -33.15
CA MET D 87 20.28 5.53 -33.73
C MET D 87 20.91 5.15 -35.06
N ALA D 88 21.17 6.15 -35.90
CA ALA D 88 21.90 5.94 -37.14
C ALA D 88 23.35 5.60 -36.87
N LEU D 89 23.89 6.07 -35.76
CA LEU D 89 25.21 5.69 -35.32
C LEU D 89 25.26 4.20 -35.00
N THR D 90 24.13 3.66 -34.55
CA THR D 90 23.96 2.23 -34.37
C THR D 90 23.16 1.60 -35.52
N GLY D 91 22.91 2.38 -36.57
CA GLY D 91 22.28 1.84 -37.76
C GLY D 91 20.77 1.77 -37.74
N GLY D 92 20.10 2.58 -36.90
CA GLY D 92 18.67 2.71 -36.95
C GLY D 92 18.24 4.03 -37.55
N ILE D 93 16.96 4.34 -37.41
CA ILE D 93 16.42 5.62 -37.87
C ILE D 93 15.84 6.36 -36.68
N GLY D 94 16.32 7.58 -36.48
CA GLY D 94 15.66 8.48 -35.56
C GLY D 94 14.86 9.52 -36.33
N PHE D 95 13.54 9.49 -36.16
CA PHE D 95 12.70 10.52 -36.75
C PHE D 95 12.68 11.74 -35.84
N ILE D 96 11.92 12.75 -36.24
CA ILE D 96 11.83 14.00 -35.48
C ILE D 96 10.36 14.37 -35.38
N HIS D 97 9.93 14.73 -34.18
CA HIS D 97 8.55 15.13 -33.95
C HIS D 97 8.26 16.46 -34.64
N HIS D 98 6.98 16.79 -34.75
CA HIS D 98 6.58 18.05 -35.34
C HIS D 98 5.88 18.94 -34.32
N ASN D 99 6.19 18.74 -33.06
CA ASN D 99 5.72 19.65 -32.01
C ASN D 99 6.81 20.69 -31.76
N CYS D 100 7.05 21.48 -32.80
CA CYS D 100 8.05 22.54 -32.80
C CYS D 100 7.78 23.45 -33.99
N THR D 101 8.57 24.52 -34.08
CA THR D 101 8.56 25.40 -35.23
C THR D 101 9.28 24.70 -36.37
N PRO D 102 9.16 25.19 -37.61
CA PRO D 102 10.00 24.63 -38.68
C PRO D 102 11.48 24.90 -38.50
N GLU D 103 11.82 25.97 -37.80
CA GLU D 103 13.21 26.39 -37.65
C GLU D 103 13.91 25.71 -36.49
N PHE D 104 13.19 25.49 -35.39
CA PHE D 104 13.73 24.66 -34.31
C PHE D 104 13.88 23.22 -34.76
N GLN D 105 13.00 22.77 -35.66
CA GLN D 105 13.21 21.52 -36.35
C GLN D 105 14.42 21.59 -37.27
N ALA D 106 14.60 22.72 -37.95
CA ALA D 106 15.60 22.83 -39.00
C ALA D 106 17.02 22.84 -38.44
N ASN D 107 17.21 23.42 -37.25
CA ASN D 107 18.54 23.51 -36.67
C ASN D 107 19.10 22.13 -36.32
N GLU D 108 18.35 21.35 -35.57
CA GLU D 108 18.72 19.98 -35.30
C GLU D 108 18.65 19.07 -36.52
N VAL D 109 17.87 19.40 -37.54
CA VAL D 109 17.90 18.51 -38.69
C VAL D 109 19.13 18.77 -39.54
N ARG D 110 19.66 20.01 -39.55
CA ARG D 110 20.98 20.18 -40.13
C ARG D 110 22.06 19.64 -39.22
N LYS D 111 21.80 19.58 -37.92
CA LYS D 111 22.73 18.94 -37.01
C LYS D 111 22.83 17.44 -37.28
N VAL D 112 21.72 16.80 -37.62
CA VAL D 112 21.76 15.35 -37.80
C VAL D 112 22.08 14.95 -39.24
N LYS D 113 21.72 15.77 -40.23
CA LYS D 113 22.27 15.61 -41.57
C LYS D 113 23.78 15.72 -41.60
N LYS D 114 24.35 16.54 -40.73
CA LYS D 114 25.78 16.72 -40.64
C LYS D 114 26.32 15.67 -39.64
N TYR D 115 27.47 15.93 -39.00
CA TYR D 115 28.15 15.08 -38.02
C TYR D 115 28.73 13.85 -38.73
N GLU D 116 29.05 14.04 -40.03
CA GLU D 116 29.48 12.93 -40.87
C GLU D 116 30.73 13.20 -41.71
N GLN D 117 30.97 14.45 -42.09
CA GLN D 117 31.32 14.87 -43.46
C GLN D 117 32.08 13.92 -44.38
N GLY D 118 31.56 13.76 -45.60
CA GLY D 118 32.33 13.26 -46.74
C GLY D 118 32.75 14.42 -47.62
N PHE D 119 32.53 14.34 -48.93
CA PHE D 119 32.83 15.47 -49.82
C PHE D 119 31.81 16.57 -49.61
N ILE D 120 32.01 17.40 -48.59
CA ILE D 120 30.96 18.33 -48.21
C ILE D 120 31.11 19.69 -48.88
N THR D 121 29.98 20.25 -49.27
CA THR D 121 29.86 21.68 -49.46
C THR D 121 29.67 22.37 -48.10
N ASP D 122 29.61 23.70 -48.17
CA ASP D 122 29.40 24.74 -47.15
C ASP D 122 29.86 24.43 -45.71
N PRO D 123 31.16 24.21 -45.47
CA PRO D 123 31.61 24.30 -44.08
C PRO D 123 31.79 25.76 -43.71
N VAL D 124 32.10 26.06 -42.48
CA VAL D 124 32.34 27.44 -42.09
C VAL D 124 33.76 27.80 -42.46
N VAL D 125 33.95 29.03 -42.93
CA VAL D 125 35.23 29.44 -43.50
C VAL D 125 35.44 30.92 -43.17
N LEU D 126 36.67 31.27 -42.80
CA LEU D 126 36.99 32.60 -42.29
C LEU D 126 38.08 33.26 -43.14
N SER D 127 38.11 34.59 -43.06
CA SER D 127 39.09 35.51 -43.60
C SER D 127 40.01 35.98 -42.49
N PRO D 128 41.32 36.10 -42.74
CA PRO D 128 42.25 36.37 -41.63
C PRO D 128 42.22 37.79 -41.09
N LYS D 129 41.49 38.71 -41.71
CA LYS D 129 41.56 40.13 -41.37
C LYS D 129 41.08 40.46 -39.96
N ASP D 130 40.37 39.55 -39.29
CA ASP D 130 39.85 39.80 -37.96
C ASP D 130 40.74 39.16 -36.90
N ARG D 131 40.28 39.15 -35.66
CA ARG D 131 41.04 38.62 -34.52
C ARG D 131 40.29 37.43 -33.93
N VAL D 132 40.69 37.06 -32.72
CA VAL D 132 40.68 35.67 -32.29
C VAL D 132 39.26 35.16 -31.98
N ARG D 133 38.29 36.07 -31.74
CA ARG D 133 37.04 35.62 -31.11
C ARG D 133 36.22 34.68 -32.00
N ASP D 134 36.49 34.68 -33.31
CA ASP D 134 35.66 33.97 -34.27
C ASP D 134 35.75 32.45 -34.13
N VAL D 135 36.93 31.91 -33.82
CA VAL D 135 37.06 30.45 -33.84
C VAL D 135 36.40 29.79 -32.64
N PHE D 136 36.62 30.30 -31.42
CA PHE D 136 35.89 29.73 -30.30
C PHE D 136 34.47 30.30 -30.24
N GLU D 137 34.23 31.39 -30.97
CA GLU D 137 32.86 31.85 -31.20
C GLU D 137 32.09 30.83 -32.04
N ALA D 138 32.76 30.21 -32.99
CA ALA D 138 32.15 29.11 -33.73
C ALA D 138 32.00 27.89 -32.83
N LYS D 139 33.06 27.56 -32.08
CA LYS D 139 33.07 26.46 -31.12
C LYS D 139 31.93 26.51 -30.12
N ALA D 140 31.61 27.69 -29.57
CA ALA D 140 30.49 27.79 -28.65
C ALA D 140 29.15 27.62 -29.39
N ARG D 141 29.15 27.89 -30.70
CA ARG D 141 27.96 27.77 -31.52
C ARG D 141 27.93 26.45 -32.28
N HIS D 142 29.08 25.80 -32.44
CA HIS D 142 29.15 24.62 -33.30
C HIS D 142 29.92 23.44 -32.73
N GLY D 143 30.89 23.64 -31.83
CA GLY D 143 31.57 22.52 -31.21
C GLY D 143 32.86 22.07 -31.87
N PHE D 144 33.22 22.62 -33.01
CA PHE D 144 34.48 22.26 -33.66
C PHE D 144 35.32 23.50 -33.89
N CYS D 145 36.62 23.30 -34.13
CA CYS D 145 37.52 24.35 -34.57
C CYS D 145 38.44 23.88 -35.69
N GLY D 146 37.98 22.95 -36.51
CA GLY D 146 38.70 22.66 -37.74
C GLY D 146 38.23 23.60 -38.81
N ILE D 147 38.99 24.64 -39.10
CA ILE D 147 38.55 25.67 -40.02
C ILE D 147 39.64 26.04 -41.01
N PRO D 148 39.36 26.01 -42.31
CA PRO D 148 40.30 26.56 -43.28
C PRO D 148 40.19 28.07 -43.36
N ILE D 149 41.22 28.68 -43.95
CA ILE D 149 41.28 30.13 -44.10
C ILE D 149 41.38 30.41 -45.59
N THR D 150 40.53 31.30 -46.09
CA THR D 150 40.61 31.76 -47.46
C THR D 150 40.93 33.24 -47.48
N ASP D 151 40.95 33.78 -48.69
CA ASP D 151 41.12 35.22 -48.88
C ASP D 151 39.85 36.00 -48.60
N THR D 152 38.70 35.44 -48.96
CA THR D 152 37.43 36.16 -48.86
C THR D 152 36.58 35.73 -47.69
N GLY D 153 36.73 34.49 -47.23
CA GLY D 153 35.82 33.92 -46.26
C GLY D 153 34.64 33.21 -46.87
N ARG D 154 34.74 32.77 -48.12
CA ARG D 154 33.66 32.10 -48.82
C ARG D 154 34.11 30.70 -49.20
N MET D 155 33.16 29.91 -49.71
CA MET D 155 33.46 28.55 -50.12
C MET D 155 34.28 28.54 -51.40
N GLY D 156 33.74 29.13 -52.47
CA GLY D 156 34.45 29.20 -53.72
C GLY D 156 35.51 30.28 -53.73
N SER D 157 36.60 30.05 -52.99
CA SER D 157 37.64 31.04 -52.80
C SER D 157 39.01 30.39 -52.85
N ARG D 158 40.03 31.21 -53.01
CA ARG D 158 41.40 30.72 -53.06
C ARG D 158 41.88 30.39 -51.64
N LEU D 159 42.60 29.28 -51.52
CA LEU D 159 43.08 28.83 -50.20
C LEU D 159 44.26 29.67 -49.73
N VAL D 160 44.30 29.89 -48.41
CA VAL D 160 45.40 30.62 -47.79
C VAL D 160 45.97 29.76 -46.66
N GLY D 161 45.15 29.47 -45.65
CA GLY D 161 45.59 28.65 -44.53
C GLY D 161 44.51 27.88 -43.83
N ILE D 162 44.78 27.40 -42.61
CA ILE D 162 43.84 26.57 -41.86
C ILE D 162 44.20 26.65 -40.38
N ILE D 163 43.19 26.66 -39.51
CA ILE D 163 43.38 26.80 -38.07
C ILE D 163 42.71 25.62 -37.36
N SER D 164 43.41 25.08 -36.36
CA SER D 164 42.94 23.93 -35.60
C SER D 164 42.79 24.29 -34.13
N SER D 165 42.35 23.28 -33.37
CA SER D 165 42.29 23.32 -31.91
C SER D 165 43.67 23.47 -31.29
N ARG D 166 44.68 22.84 -31.89
CA ARG D 166 46.02 22.89 -31.34
C ARG D 166 46.70 24.22 -31.66
N ASP D 167 46.06 25.04 -32.48
CA ASP D 167 46.48 26.41 -32.62
C ASP D 167 45.95 27.28 -31.50
N ILE D 168 44.79 26.93 -30.93
CA ILE D 168 44.07 27.86 -30.08
C ILE D 168 43.93 27.31 -28.67
N ASP D 169 44.71 26.28 -28.36
CA ASP D 169 44.52 25.58 -27.09
C ASP D 169 45.12 26.34 -25.92
N PHE D 170 45.96 27.34 -26.19
CA PHE D 170 46.87 27.80 -25.15
C PHE D 170 46.84 29.28 -24.83
N LEU D 171 46.42 30.15 -25.74
CA LEU D 171 46.99 31.50 -25.76
C LEU D 171 46.33 32.44 -24.76
N LYS D 172 47.17 33.16 -24.01
CA LYS D 172 46.74 34.19 -23.08
C LYS D 172 46.11 35.37 -23.79
N GLU D 173 46.45 35.59 -25.05
CA GLU D 173 45.91 36.70 -25.81
C GLU D 173 44.64 36.25 -26.53
N GLU D 174 43.56 36.09 -25.75
CA GLU D 174 42.35 35.45 -26.25
C GLU D 174 41.63 36.27 -27.31
N GLU D 175 41.91 37.56 -27.40
CA GLU D 175 41.74 38.31 -28.65
C GLU D 175 42.80 39.38 -28.77
N HIS D 176 43.79 39.36 -27.87
CA HIS D 176 44.57 40.56 -27.56
C HIS D 176 45.53 40.85 -28.71
N ASP D 177 45.04 41.62 -29.68
CA ASP D 177 45.77 42.13 -30.85
C ASP D 177 46.32 40.99 -31.73
N CYS D 178 45.77 39.80 -31.64
CA CYS D 178 46.26 38.69 -32.45
C CYS D 178 45.42 38.50 -33.71
N PHE D 179 45.63 39.39 -34.68
CA PHE D 179 45.09 39.23 -36.02
C PHE D 179 45.57 37.92 -36.63
N LEU D 180 44.67 37.21 -37.32
CA LEU D 180 44.88 35.83 -37.75
C LEU D 180 45.97 35.65 -38.81
N GLU D 181 46.56 36.73 -39.30
CA GLU D 181 47.59 36.63 -40.35
C GLU D 181 48.86 35.93 -39.89
N GLU D 182 49.30 36.17 -38.65
CA GLU D 182 50.59 35.62 -38.23
C GLU D 182 50.45 34.37 -37.37
N ILE D 183 49.29 34.11 -36.79
CA ILE D 183 49.06 32.86 -36.07
C ILE D 183 48.22 32.03 -37.02
N MET D 184 48.91 31.24 -37.84
CA MET D 184 48.43 30.90 -39.17
C MET D 184 49.32 29.83 -39.79
N THR D 185 48.77 29.02 -40.68
CA THR D 185 49.53 27.92 -41.25
C THR D 185 49.77 28.17 -42.73
N LYS D 186 51.04 28.44 -43.08
CA LYS D 186 51.44 29.00 -44.36
C LYS D 186 51.10 28.03 -45.48
N ARG D 187 50.72 28.58 -46.63
CA ARG D 187 50.20 27.84 -47.78
C ARG D 187 51.06 26.69 -48.25
N GLU D 188 52.38 26.88 -48.25
CA GLU D 188 53.27 25.98 -48.96
C GLU D 188 53.39 24.58 -48.32
N ASP D 189 53.48 24.49 -46.99
CA ASP D 189 53.61 23.17 -46.39
C ASP D 189 52.24 22.59 -46.02
N LEU D 190 51.33 22.64 -46.97
CA LEU D 190 49.95 22.20 -46.79
C LEU D 190 49.63 21.17 -47.86
N VAL D 191 49.38 19.94 -47.45
CA VAL D 191 49.10 18.86 -48.38
C VAL D 191 47.69 19.06 -48.92
N VAL D 192 47.57 19.05 -50.25
CA VAL D 192 46.28 19.20 -50.91
C VAL D 192 46.25 18.20 -52.06
N ALA D 193 45.05 17.78 -52.47
CA ALA D 193 44.90 16.82 -53.56
C ALA D 193 44.01 17.47 -54.60
N PRO D 194 44.03 17.01 -55.86
CA PRO D 194 43.10 17.56 -56.84
C PRO D 194 41.67 17.13 -56.55
N ALA D 195 40.73 17.86 -57.18
CA ALA D 195 39.32 17.57 -57.05
C ALA D 195 38.89 16.65 -58.18
N GLY D 196 37.58 16.46 -58.33
CA GLY D 196 37.04 15.61 -59.37
C GLY D 196 37.38 14.14 -59.19
N ILE D 197 37.55 13.71 -57.95
CA ILE D 197 38.01 12.36 -57.64
C ILE D 197 37.09 11.75 -56.61
N THR D 198 37.09 10.42 -56.55
CA THR D 198 36.26 9.75 -55.57
C THR D 198 37.03 9.59 -54.27
N LEU D 199 36.41 8.95 -53.28
CA LEU D 199 36.87 9.05 -51.90
C LEU D 199 37.96 8.05 -51.55
N LYS D 200 38.13 6.98 -52.32
CA LYS D 200 39.07 5.93 -51.99
C LYS D 200 40.52 6.42 -52.07
N GLU D 201 40.86 7.07 -53.18
CA GLU D 201 42.19 7.66 -53.30
C GLU D 201 42.37 8.81 -52.32
N ALA D 202 41.28 9.50 -51.98
CA ALA D 202 41.35 10.48 -50.91
C ALA D 202 41.65 9.82 -49.57
N ASN D 203 41.18 8.59 -49.36
CA ASN D 203 41.51 7.88 -48.13
C ASN D 203 42.98 7.49 -48.10
N GLU D 204 43.53 7.07 -49.23
CA GLU D 204 44.98 6.80 -49.23
C GLU D 204 45.78 8.10 -49.05
N ILE D 205 45.24 9.23 -49.50
CA ILE D 205 45.88 10.51 -49.18
C ILE D 205 45.75 10.81 -47.69
N LEU D 206 44.64 10.40 -47.07
CA LEU D 206 44.50 10.55 -45.63
C LEU D 206 45.52 9.71 -44.87
N GLN D 207 45.76 8.48 -45.33
CA GLN D 207 46.79 7.65 -44.73
C GLN D 207 48.19 8.20 -44.99
N ARG D 208 48.52 8.54 -46.24
CA ARG D 208 49.86 9.03 -46.53
C ARG D 208 50.08 10.45 -46.07
N SER D 209 49.02 11.13 -45.62
CA SER D 209 49.18 12.31 -44.79
C SER D 209 49.67 11.93 -43.42
N LYS D 210 49.21 10.78 -42.93
CA LYS D 210 49.30 10.37 -41.52
C LYS D 210 48.75 11.44 -40.59
N LYS D 211 47.79 12.23 -41.07
CA LYS D 211 47.49 13.50 -40.42
C LYS D 211 46.00 13.76 -40.24
N GLY D 212 45.17 13.56 -41.26
CA GLY D 212 43.73 13.69 -41.07
C GLY D 212 42.86 14.73 -41.79
N LYS D 213 43.29 15.97 -42.00
CA LYS D 213 42.45 16.93 -42.71
C LYS D 213 43.05 17.24 -44.07
N LEU D 214 42.19 17.34 -45.07
CA LEU D 214 42.64 17.38 -46.45
C LEU D 214 41.68 18.19 -47.29
N PRO D 215 42.09 19.37 -47.74
CA PRO D 215 41.31 20.08 -48.75
C PRO D 215 41.65 19.60 -50.15
N ILE D 216 40.66 19.74 -51.06
CA ILE D 216 40.84 19.43 -52.46
C ILE D 216 40.36 20.60 -53.31
N VAL D 217 41.14 20.96 -54.32
CA VAL D 217 40.84 22.10 -55.19
C VAL D 217 40.95 21.66 -56.64
N ASN D 218 40.59 22.57 -57.53
CA ASN D 218 40.79 22.42 -58.96
C ASN D 218 42.16 22.95 -59.37
N GLU D 219 42.38 23.12 -60.67
CA GLU D 219 43.64 23.64 -61.18
C GLU D 219 43.85 25.11 -60.84
N ASP D 220 42.77 25.88 -60.70
CA ASP D 220 42.86 27.28 -60.34
C ASP D 220 42.61 27.53 -58.87
N ASP D 221 42.71 26.47 -58.04
CA ASP D 221 42.72 26.56 -56.57
C ASP D 221 41.40 27.10 -56.02
N GLU D 222 40.27 26.69 -56.57
CA GLU D 222 38.99 26.96 -55.94
C GLU D 222 38.57 25.76 -55.13
N LEU D 223 38.25 25.99 -53.85
CA LEU D 223 37.79 24.92 -52.98
C LEU D 223 36.39 24.49 -53.38
N VAL D 224 36.19 23.19 -53.54
CA VAL D 224 34.85 22.65 -53.69
C VAL D 224 34.48 21.67 -52.58
N ALA D 225 35.45 21.06 -51.89
CA ALA D 225 35.16 20.15 -50.77
C ALA D 225 36.41 19.98 -49.92
N ILE D 226 36.20 19.52 -48.69
CA ILE D 226 37.28 19.25 -47.76
C ILE D 226 36.93 17.97 -47.00
N ILE D 227 37.92 17.11 -46.84
CA ILE D 227 37.79 15.92 -46.03
C ILE D 227 38.49 16.15 -44.70
N ALA D 228 37.77 15.89 -43.62
CA ALA D 228 38.19 16.11 -42.25
C ALA D 228 38.65 14.79 -41.64
N ARG D 229 38.80 14.81 -40.31
CA ARG D 229 39.48 13.74 -39.58
C ARG D 229 38.56 12.61 -39.14
N THR D 230 37.54 12.93 -38.34
CA THR D 230 36.90 11.91 -37.53
C THR D 230 36.00 10.96 -38.31
N ASP D 231 35.85 11.17 -39.62
CA ASP D 231 35.04 10.28 -40.46
C ASP D 231 35.54 8.85 -40.41
N LEU D 232 36.85 8.64 -40.57
CA LEU D 232 37.35 7.28 -40.52
C LEU D 232 37.35 6.69 -39.11
N LYS D 233 37.52 7.52 -38.07
CA LYS D 233 37.49 6.93 -36.73
C LYS D 233 36.06 6.58 -36.34
N LYS D 234 35.08 7.30 -36.87
CA LYS D 234 33.70 6.91 -36.70
C LYS D 234 33.34 5.70 -37.54
N ASN D 235 33.99 5.55 -38.70
CA ASN D 235 33.83 4.37 -39.51
C ASN D 235 34.36 3.12 -38.80
N ARG D 236 35.54 3.21 -38.20
CA ARG D 236 36.10 2.05 -37.51
C ARG D 236 35.40 1.82 -36.17
N ASP D 237 34.95 2.89 -35.52
CA ASP D 237 34.43 2.76 -34.17
C ASP D 237 33.02 2.20 -34.21
N TYR D 238 32.32 2.37 -35.33
CA TYR D 238 31.01 1.78 -35.56
C TYR D 238 31.05 1.24 -36.98
N PRO D 239 31.26 -0.07 -37.14
CA PRO D 239 31.69 -0.60 -38.44
C PRO D 239 30.64 -0.50 -39.53
N LEU D 240 29.41 -0.91 -39.27
CA LEU D 240 28.31 -0.70 -40.21
C LEU D 240 27.33 0.22 -39.50
N ALA D 241 26.69 1.10 -40.27
CA ALA D 241 25.69 2.00 -39.73
C ALA D 241 24.61 2.39 -40.72
N SER D 242 24.57 1.77 -41.91
CA SER D 242 23.56 1.95 -42.96
C SER D 242 23.45 3.39 -43.47
N LYS D 243 24.50 3.88 -44.12
CA LYS D 243 24.52 5.24 -44.67
C LYS D 243 23.96 5.26 -46.09
N ASP D 244 23.87 6.46 -46.65
CA ASP D 244 23.27 6.63 -47.96
C ASP D 244 24.30 6.42 -49.05
N ALA D 245 23.91 6.66 -50.30
CA ALA D 245 24.86 6.64 -51.40
C ALA D 245 25.80 7.83 -51.34
N LYS D 246 25.29 8.98 -50.92
CA LYS D 246 26.12 10.17 -50.79
C LYS D 246 26.80 10.27 -49.46
N LYS D 247 27.14 9.14 -48.84
CA LYS D 247 28.08 9.05 -47.71
C LYS D 247 27.50 9.54 -46.38
N GLN D 248 26.48 10.39 -46.38
CA GLN D 248 26.01 11.01 -45.14
C GLN D 248 25.11 10.08 -44.33
N LEU D 249 24.70 10.58 -43.17
CA LEU D 249 23.74 9.88 -42.33
C LEU D 249 22.36 9.84 -42.96
N LEU D 250 21.53 8.92 -42.46
CA LEU D 250 20.11 8.97 -42.75
C LEU D 250 19.38 9.66 -41.61
N CYS D 251 18.24 10.26 -41.93
CA CYS D 251 17.37 10.79 -40.89
C CYS D 251 15.95 10.90 -41.42
N GLY D 252 15.02 11.10 -40.49
CA GLY D 252 13.64 11.37 -40.82
C GLY D 252 12.94 12.33 -39.87
N ALA D 253 11.68 12.62 -40.13
CA ALA D 253 10.90 13.55 -39.32
C ALA D 253 9.43 13.35 -39.62
N ALA D 254 8.59 13.82 -38.71
CA ALA D 254 7.15 13.77 -38.86
C ALA D 254 6.59 15.15 -39.17
N ILE D 255 5.41 15.18 -39.77
CA ILE D 255 4.70 16.41 -40.06
C ILE D 255 3.25 16.26 -39.60
N GLY D 256 2.49 17.33 -39.73
CA GLY D 256 1.13 17.35 -39.22
C GLY D 256 0.06 16.94 -40.20
N THR D 257 -1.08 17.60 -40.16
CA THR D 257 -2.22 17.26 -40.99
C THR D 257 -2.77 18.48 -41.70
N HIS D 258 -2.27 19.66 -41.33
CA HIS D 258 -2.95 20.86 -41.73
C HIS D 258 -2.27 21.45 -42.96
N GLU D 259 -2.92 22.47 -43.56
CA GLU D 259 -2.51 22.97 -44.87
C GLU D 259 -1.14 23.64 -44.86
N ASP D 260 -0.68 24.09 -43.70
CA ASP D 260 0.62 24.74 -43.55
C ASP D 260 1.79 23.77 -43.62
N ASP D 261 1.54 22.47 -43.78
CA ASP D 261 2.58 21.46 -43.84
C ASP D 261 3.51 21.62 -45.03
N LYS D 262 3.03 22.23 -46.12
CA LYS D 262 3.81 22.29 -47.35
C LYS D 262 5.01 23.20 -47.20
N TYR D 263 4.85 24.31 -46.49
CA TYR D 263 5.98 25.17 -46.13
C TYR D 263 7.01 24.44 -45.29
N ARG D 264 6.55 23.62 -44.33
CA ARG D 264 7.47 22.84 -43.52
C ARG D 264 8.20 21.78 -44.32
N LEU D 265 7.49 21.06 -45.19
CA LEU D 265 8.14 19.98 -45.92
C LEU D 265 9.06 20.53 -47.00
N ASP D 266 8.74 21.70 -47.53
CA ASP D 266 9.65 22.32 -48.46
C ASP D 266 10.85 22.95 -47.76
N LEU D 267 10.67 23.43 -46.52
CA LEU D 267 11.81 23.87 -45.72
C LEU D 267 12.75 22.72 -45.39
N LEU D 268 12.21 21.53 -45.13
CA LEU D 268 13.15 20.46 -44.85
C LEU D 268 13.60 19.74 -46.12
N ALA D 269 12.94 19.98 -47.24
CA ALA D 269 13.54 19.63 -48.52
C ALA D 269 14.69 20.57 -48.84
N GLN D 270 14.60 21.83 -48.39
CA GLN D 270 15.77 22.69 -48.38
C GLN D 270 16.80 22.21 -47.38
N ALA D 271 16.37 21.54 -46.31
CA ALA D 271 17.33 20.79 -45.50
C ALA D 271 17.82 19.55 -46.23
N GLY D 272 17.01 18.97 -47.10
CA GLY D 272 17.45 17.84 -47.89
C GLY D 272 17.49 16.52 -47.16
N VAL D 273 16.56 16.28 -46.25
CA VAL D 273 16.47 15.02 -45.54
C VAL D 273 15.42 14.14 -46.22
N ASP D 274 15.72 12.85 -46.38
CA ASP D 274 15.15 12.06 -47.46
C ASP D 274 13.90 11.26 -47.09
N VAL D 275 13.66 10.96 -45.82
CA VAL D 275 12.47 10.19 -45.44
C VAL D 275 11.68 11.04 -44.46
N VAL D 276 10.35 10.89 -44.50
CA VAL D 276 9.47 11.75 -43.73
C VAL D 276 8.21 10.97 -43.34
N VAL D 277 7.73 11.23 -42.13
CA VAL D 277 6.49 10.64 -41.65
C VAL D 277 5.40 11.70 -41.70
N LEU D 278 4.18 11.23 -41.76
CA LEU D 278 3.00 12.05 -41.54
C LEU D 278 2.19 11.37 -40.44
N ASP D 279 2.33 11.91 -39.23
CA ASP D 279 1.72 11.29 -38.05
C ASP D 279 0.25 11.62 -38.06
N SER D 280 -0.57 10.58 -37.87
CA SER D 280 -2.01 10.76 -37.75
C SER D 280 -2.54 9.58 -36.97
N SER D 281 -3.67 9.79 -36.32
CA SER D 281 -4.34 8.68 -35.68
C SER D 281 -5.01 7.75 -36.67
N GLN D 282 -5.23 8.20 -37.90
CA GLN D 282 -5.79 7.33 -38.92
C GLN D 282 -5.34 7.88 -40.27
N GLY D 283 -5.05 6.99 -41.22
CA GLY D 283 -4.57 7.40 -42.51
C GLY D 283 -5.38 6.99 -43.73
N ASN D 284 -6.71 7.16 -43.68
CA ASN D 284 -7.53 7.04 -44.87
C ASN D 284 -8.18 8.37 -45.23
N SER D 285 -7.47 9.47 -45.04
CA SER D 285 -8.05 10.77 -45.30
C SER D 285 -7.76 11.24 -46.72
N ILE D 286 -8.57 12.20 -47.17
CA ILE D 286 -8.27 12.96 -48.37
C ILE D 286 -7.02 13.81 -48.15
N PHE D 287 -6.79 14.23 -46.91
CA PHE D 287 -5.55 14.90 -46.53
C PHE D 287 -4.34 14.04 -46.85
N GLN D 288 -4.40 12.75 -46.52
CA GLN D 288 -3.27 11.84 -46.76
C GLN D 288 -2.98 11.68 -48.23
N ILE D 289 -4.01 11.47 -49.05
CA ILE D 289 -3.77 11.18 -50.45
C ILE D 289 -3.32 12.44 -51.18
N ASN D 290 -3.82 13.60 -50.76
CA ASN D 290 -3.34 14.80 -51.42
C ASN D 290 -1.95 15.19 -50.95
N MET D 291 -1.58 14.84 -49.72
CA MET D 291 -0.19 15.04 -49.30
C MET D 291 0.76 14.16 -50.09
N ILE D 292 0.41 12.90 -50.33
CA ILE D 292 1.35 12.05 -51.06
C ILE D 292 1.36 12.39 -52.54
N LYS D 293 0.22 12.87 -53.08
CA LYS D 293 0.22 13.45 -54.42
C LYS D 293 1.12 14.67 -54.50
N TYR D 294 1.10 15.52 -53.48
CA TYR D 294 1.99 16.66 -53.39
C TYR D 294 3.45 16.25 -53.24
N ILE D 295 3.69 15.09 -52.63
CA ILE D 295 5.05 14.59 -52.52
C ILE D 295 5.59 14.14 -53.87
N LYS D 296 4.87 13.26 -54.57
CA LYS D 296 5.49 12.45 -55.62
C LYS D 296 5.85 13.27 -56.85
N ASP D 297 5.08 14.31 -57.16
CA ASP D 297 5.41 15.11 -58.33
C ASP D 297 6.55 16.07 -58.03
N LYS D 298 6.60 16.60 -56.81
CA LYS D 298 7.65 17.56 -56.49
C LYS D 298 8.96 16.86 -56.19
N TYR D 299 8.90 15.70 -55.56
CA TYR D 299 10.10 15.02 -55.08
C TYR D 299 9.99 13.52 -55.34
N PRO D 300 10.44 13.05 -56.50
CA PRO D 300 10.51 11.59 -56.71
C PRO D 300 11.60 10.93 -55.90
N ASN D 301 12.64 11.68 -55.51
CA ASN D 301 13.74 11.08 -54.76
C ASN D 301 13.42 10.92 -53.29
N LEU D 302 12.51 11.73 -52.76
CA LEU D 302 12.17 11.74 -51.34
C LEU D 302 11.40 10.48 -50.97
N GLN D 303 11.38 10.18 -49.67
CA GLN D 303 10.70 9.00 -49.19
C GLN D 303 9.68 9.40 -48.15
N VAL D 304 8.64 8.59 -48.03
CA VAL D 304 7.55 8.86 -47.13
C VAL D 304 7.20 7.58 -46.39
N ILE D 305 6.82 7.74 -45.13
CA ILE D 305 6.24 6.64 -44.37
C ILE D 305 4.89 7.11 -43.86
N GLY D 306 3.86 6.30 -44.12
CA GLY D 306 2.50 6.79 -44.01
C GLY D 306 1.63 6.16 -42.94
N GLY D 307 1.14 6.98 -42.02
CA GLY D 307 0.25 6.52 -40.98
C GLY D 307 -1.03 7.35 -40.96
N ASN D 308 -2.08 6.78 -40.36
CA ASN D 308 -2.04 5.47 -39.72
C ASN D 308 -3.07 4.52 -40.32
N VAL D 309 -2.64 3.28 -40.54
CA VAL D 309 -3.43 2.22 -41.15
C VAL D 309 -3.28 1.00 -40.26
N VAL D 310 -4.39 0.30 -40.02
CA VAL D 310 -4.29 -0.98 -39.32
C VAL D 310 -4.91 -2.10 -40.14
N THR D 311 -6.12 -1.91 -40.65
CA THR D 311 -6.69 -2.92 -41.54
C THR D 311 -6.30 -2.67 -42.98
N ALA D 312 -6.73 -3.55 -43.88
CA ALA D 312 -6.08 -3.71 -45.16
C ALA D 312 -6.58 -2.78 -46.25
N ALA D 313 -7.84 -2.32 -46.17
CA ALA D 313 -8.44 -1.67 -47.33
C ALA D 313 -7.89 -0.27 -47.54
N GLN D 314 -7.62 0.45 -46.46
CA GLN D 314 -7.02 1.76 -46.64
C GLN D 314 -5.57 1.62 -47.08
N ALA D 315 -4.92 0.52 -46.67
CA ALA D 315 -3.60 0.22 -47.18
C ALA D 315 -3.61 -0.05 -48.68
N LYS D 316 -4.64 -0.74 -49.17
CA LYS D 316 -4.84 -0.92 -50.61
C LYS D 316 -4.90 0.42 -51.31
N ASN D 317 -5.73 1.31 -50.76
CA ASN D 317 -5.95 2.61 -51.40
C ASN D 317 -4.70 3.47 -51.40
N LEU D 318 -3.89 3.41 -50.34
CA LEU D 318 -2.69 4.24 -50.36
C LEU D 318 -1.57 3.61 -51.18
N ILE D 319 -1.52 2.28 -51.30
CA ILE D 319 -0.42 1.76 -52.10
C ILE D 319 -0.71 1.85 -53.59
N ASP D 320 -1.98 1.70 -54.01
CA ASP D 320 -2.22 1.93 -55.43
C ASP D 320 -2.39 3.42 -55.70
N ALA D 321 -2.52 4.21 -54.63
CA ALA D 321 -2.30 5.64 -54.73
C ALA D 321 -0.83 5.98 -54.83
N GLY D 322 0.07 5.13 -54.35
CA GLY D 322 1.48 5.34 -54.60
C GLY D 322 2.29 5.75 -53.40
N VAL D 323 2.02 5.15 -52.24
CA VAL D 323 2.77 5.44 -51.03
C VAL D 323 4.15 4.80 -51.16
N ASP D 324 5.09 5.22 -50.30
CA ASP D 324 6.37 4.52 -50.22
C ASP D 324 6.39 3.46 -49.15
N ALA D 325 5.85 3.73 -47.95
CA ALA D 325 5.99 2.79 -46.84
C ALA D 325 4.83 2.94 -45.87
N LEU D 326 4.69 1.93 -45.01
CA LEU D 326 3.46 1.65 -44.27
C LEU D 326 3.67 1.70 -42.77
N ARG D 327 2.82 2.44 -42.08
CA ARG D 327 2.97 2.68 -40.64
C ARG D 327 1.75 2.11 -39.92
N VAL D 328 2.00 1.17 -39.00
CA VAL D 328 0.95 0.41 -38.34
C VAL D 328 1.12 0.51 -36.82
N GLY D 329 -0.02 0.56 -36.15
CA GLY D 329 -0.17 0.51 -34.70
C GLY D 329 -0.59 1.85 -34.16
N MET D 330 -1.51 1.84 -33.18
CA MET D 330 -2.10 3.09 -32.71
C MET D 330 -1.86 3.25 -31.23
N GLY D 331 -2.02 4.48 -30.73
CA GLY D 331 -1.89 4.81 -29.33
C GLY D 331 -0.55 4.54 -28.71
N SER D 332 0.51 4.93 -29.41
CA SER D 332 1.87 4.78 -28.89
C SER D 332 2.80 5.80 -29.55
N THR D 338 -3.87 5.76 -24.49
CA THR D 338 -4.94 6.42 -25.23
C THR D 338 -5.68 5.38 -26.09
N GLN D 339 -5.08 4.18 -26.17
CA GLN D 339 -5.71 3.01 -26.78
C GLN D 339 -6.98 2.59 -26.06
N GLU D 340 -7.01 2.73 -24.74
CA GLU D 340 -8.21 2.50 -23.95
C GLU D 340 -9.16 3.69 -24.02
N VAL D 341 -8.76 4.77 -24.68
CA VAL D 341 -9.52 6.02 -24.66
C VAL D 341 -10.21 6.23 -25.98
N LEU D 342 -9.44 6.32 -27.07
CA LEU D 342 -10.01 6.65 -28.36
C LEU D 342 -10.83 5.51 -28.94
N ALA D 343 -10.46 4.28 -28.57
CA ALA D 343 -11.23 3.07 -28.86
C ALA D 343 -11.49 2.87 -30.35
N CYS D 344 -10.47 2.88 -31.17
CA CYS D 344 -10.62 2.61 -32.59
C CYS D 344 -9.47 1.78 -33.11
N GLY D 345 -9.73 1.06 -34.19
CA GLY D 345 -8.71 0.24 -34.79
C GLY D 345 -8.88 -1.22 -34.45
N ARG D 346 -7.79 -1.88 -34.10
CA ARG D 346 -7.79 -3.30 -33.83
C ARG D 346 -6.53 -3.63 -33.02
N PRO D 347 -6.43 -4.78 -32.38
CA PRO D 347 -5.18 -5.13 -31.70
C PRO D 347 -4.05 -5.35 -32.70
N GLN D 348 -2.84 -5.36 -32.15
CA GLN D 348 -1.64 -5.22 -32.96
C GLN D 348 -1.40 -6.41 -33.85
N ALA D 349 -1.45 -7.60 -33.26
CA ALA D 349 -0.85 -8.78 -33.87
C ALA D 349 -1.60 -9.23 -35.11
N THR D 350 -2.93 -9.13 -35.09
CA THR D 350 -3.68 -9.46 -36.29
C THR D 350 -3.46 -8.45 -37.39
N ALA D 351 -3.23 -7.19 -37.02
CA ALA D 351 -3.08 -6.14 -38.01
C ALA D 351 -1.73 -6.25 -38.70
N VAL D 352 -0.67 -6.42 -37.89
CA VAL D 352 0.68 -6.44 -38.43
C VAL D 352 0.87 -7.65 -39.30
N TYR D 353 0.09 -8.71 -39.06
CA TYR D 353 0.06 -9.87 -39.91
C TYR D 353 -0.52 -9.54 -41.27
N LYS D 354 -1.74 -9.02 -41.29
CA LYS D 354 -2.45 -8.94 -42.55
C LYS D 354 -1.95 -7.80 -43.41
N VAL D 355 -1.31 -6.79 -42.80
CA VAL D 355 -0.73 -5.75 -43.64
C VAL D 355 0.46 -6.29 -44.40
N SER D 356 1.21 -7.21 -43.82
CA SER D 356 2.23 -7.90 -44.58
C SER D 356 1.62 -8.87 -45.58
N GLU D 357 0.47 -9.46 -45.24
CA GLU D 357 -0.20 -10.38 -46.14
C GLU D 357 -0.67 -9.69 -47.42
N TYR D 358 -0.99 -8.41 -47.34
CA TYR D 358 -1.27 -7.71 -48.59
C TYR D 358 -0.05 -6.99 -49.14
N ALA D 359 0.94 -6.69 -48.30
CA ALA D 359 2.09 -5.96 -48.80
C ALA D 359 3.02 -6.82 -49.61
N ARG D 360 3.06 -8.13 -49.33
CA ARG D 360 3.88 -9.04 -50.12
C ARG D 360 3.33 -9.24 -51.53
N ARG D 361 2.05 -8.96 -51.75
CA ARG D 361 1.52 -8.95 -53.10
C ARG D 361 2.07 -7.79 -53.92
N PHE D 362 2.60 -6.75 -53.27
CA PHE D 362 3.16 -5.61 -53.96
C PHE D 362 4.53 -5.22 -53.42
N GLY D 363 5.15 -6.06 -52.60
CA GLY D 363 6.54 -5.90 -52.19
C GLY D 363 6.81 -4.65 -51.39
N VAL D 364 5.97 -4.39 -50.40
CA VAL D 364 5.98 -3.13 -49.67
C VAL D 364 6.45 -3.39 -48.25
N PRO D 365 7.38 -2.63 -47.72
CA PRO D 365 7.76 -2.79 -46.31
C PRO D 365 6.72 -2.19 -45.39
N VAL D 366 6.87 -2.46 -44.11
CA VAL D 366 5.95 -1.98 -43.09
C VAL D 366 6.68 -1.81 -41.77
N ILE D 367 6.29 -0.79 -41.00
CA ILE D 367 6.85 -0.49 -39.69
C ILE D 367 5.70 -0.56 -38.69
N ALA D 368 6.02 -0.92 -37.45
CA ALA D 368 4.99 -1.40 -36.55
C ALA D 368 5.10 -0.85 -35.13
N ASP D 369 3.95 -0.53 -34.55
CA ASP D 369 3.79 -0.06 -33.18
C ASP D 369 3.06 -1.09 -32.34
N GLY D 370 2.86 -0.74 -31.08
CA GLY D 370 2.07 -1.50 -30.15
C GLY D 370 2.84 -2.55 -29.39
N GLY D 371 2.46 -2.76 -28.13
CA GLY D 371 2.95 -3.89 -27.35
C GLY D 371 4.42 -3.83 -27.00
N ILE D 372 4.99 -2.65 -26.85
CA ILE D 372 6.42 -2.52 -26.65
C ILE D 372 6.67 -2.23 -25.18
N GLN D 373 7.07 -3.25 -24.43
CA GLN D 373 7.65 -3.00 -23.12
C GLN D 373 9.02 -3.65 -23.00
N ASN D 374 9.17 -4.86 -23.53
CA ASN D 374 10.44 -5.53 -23.34
C ASN D 374 10.88 -6.31 -24.57
N VAL D 375 12.00 -7.02 -24.43
CA VAL D 375 12.83 -7.42 -25.55
C VAL D 375 12.20 -8.50 -26.42
N GLY D 376 11.34 -9.35 -25.86
CA GLY D 376 10.79 -10.43 -26.65
C GLY D 376 9.74 -9.94 -27.61
N HIS D 377 9.12 -8.81 -27.27
CA HIS D 377 8.07 -8.22 -28.08
C HIS D 377 8.57 -7.87 -29.46
N ILE D 378 9.76 -7.31 -29.50
CA ILE D 378 10.36 -6.82 -30.74
C ILE D 378 10.58 -7.97 -31.69
N ALA D 379 11.23 -9.01 -31.17
CA ALA D 379 11.58 -10.16 -31.96
C ALA D 379 10.34 -10.88 -32.44
N LYS D 380 9.32 -11.01 -31.60
CA LYS D 380 8.14 -11.74 -32.04
C LYS D 380 7.34 -10.91 -33.02
N ALA D 381 7.40 -9.58 -32.87
CA ALA D 381 6.66 -8.70 -33.76
C ALA D 381 7.24 -8.74 -35.15
N LEU D 382 8.56 -8.63 -35.25
CA LEU D 382 9.16 -8.79 -36.57
C LEU D 382 9.04 -10.22 -37.04
N ALA D 383 9.04 -11.16 -36.09
CA ALA D 383 9.17 -12.56 -36.41
C ALA D 383 7.90 -13.13 -37.01
N LEU D 384 6.75 -12.59 -36.65
CA LEU D 384 5.55 -13.07 -37.32
C LEU D 384 5.42 -12.57 -38.75
N GLY D 385 6.27 -11.64 -39.16
CA GLY D 385 6.30 -11.24 -40.54
C GLY D 385 6.38 -9.76 -40.77
N ALA D 386 6.53 -8.99 -39.71
CA ALA D 386 6.83 -7.58 -39.91
C ALA D 386 8.24 -7.44 -40.43
N SER D 387 8.40 -6.59 -41.43
CA SER D 387 9.73 -6.33 -41.98
C SER D 387 10.62 -5.59 -40.99
N THR D 388 10.03 -4.65 -40.27
CA THR D 388 10.69 -3.92 -39.19
C THR D 388 9.62 -3.27 -38.32
N VAL D 389 9.95 -2.99 -37.06
CA VAL D 389 9.01 -2.42 -36.09
C VAL D 389 9.66 -1.22 -35.41
N MET D 390 8.82 -0.35 -34.86
CA MET D 390 9.22 0.88 -34.18
C MET D 390 9.69 0.57 -32.77
N MET D 391 10.55 1.41 -32.24
CA MET D 391 10.83 1.39 -30.82
C MET D 391 10.16 2.60 -30.19
N GLY D 392 9.34 2.37 -29.19
CA GLY D 392 8.55 3.48 -28.72
C GLY D 392 8.93 3.99 -27.34
N SER D 393 8.10 3.67 -26.37
CA SER D 393 8.32 4.19 -25.03
C SER D 393 9.34 3.36 -24.26
N LEU D 394 9.88 2.29 -24.85
CA LEU D 394 10.93 1.57 -24.15
C LEU D 394 12.18 2.43 -24.03
N LEU D 395 12.47 3.23 -25.03
CA LEU D 395 13.58 4.14 -24.88
C LEU D 395 13.15 5.52 -24.45
N ALA D 396 11.97 5.65 -23.86
CA ALA D 396 11.65 6.86 -23.14
C ALA D 396 12.58 6.97 -21.95
N ALA D 397 13.13 8.17 -21.77
CA ALA D 397 14.08 8.53 -20.72
C ALA D 397 15.34 7.69 -20.78
N THR D 398 16.12 7.83 -21.84
CA THR D 398 17.50 7.37 -21.84
C THR D 398 18.41 8.49 -21.34
N THR D 399 19.72 8.29 -21.46
CA THR D 399 20.64 9.40 -21.19
C THR D 399 20.52 10.49 -22.24
N GLU D 400 20.22 10.08 -23.46
CA GLU D 400 20.17 10.99 -24.60
C GLU D 400 18.90 11.82 -24.64
N ALA D 401 17.98 11.62 -23.69
CA ALA D 401 16.57 12.06 -23.60
C ALA D 401 16.37 13.54 -23.92
N PRO D 402 15.26 13.94 -24.56
CA PRO D 402 15.21 15.26 -25.18
C PRO D 402 15.05 16.37 -24.16
N GLY D 403 15.73 17.47 -24.43
CA GLY D 403 15.90 18.40 -23.34
C GLY D 403 17.01 17.89 -22.44
N GLU D 404 16.96 18.30 -21.18
CA GLU D 404 18.04 17.99 -20.25
C GLU D 404 17.42 17.84 -18.87
N TYR D 405 18.13 17.15 -17.99
CA TYR D 405 17.68 16.85 -16.64
C TYR D 405 17.64 18.12 -15.79
N PHE D 406 17.10 17.98 -14.59
CA PHE D 406 17.16 19.13 -13.70
C PHE D 406 17.65 18.70 -12.34
N PHE D 407 17.67 19.62 -11.39
CA PHE D 407 18.50 19.46 -10.20
C PHE D 407 17.66 19.69 -8.96
N SER D 408 17.41 18.63 -8.22
CA SER D 408 16.46 18.67 -7.11
C SER D 408 16.99 17.81 -5.99
N ASP D 409 16.83 18.28 -4.75
CA ASP D 409 16.72 17.53 -3.48
C ASP D 409 17.72 16.37 -3.33
N GLY D 410 18.90 16.49 -3.93
CA GLY D 410 19.82 15.38 -4.00
C GLY D 410 19.50 14.33 -5.05
N ILE D 411 18.34 14.41 -5.71
CA ILE D 411 17.93 13.43 -6.70
C ILE D 411 17.44 14.15 -7.95
N ARG D 412 18.17 13.97 -9.05
CA ARG D 412 17.81 14.61 -10.30
C ARG D 412 16.62 13.91 -10.93
N LEU D 413 16.11 14.52 -12.00
CA LEU D 413 15.02 13.96 -12.79
C LEU D 413 15.02 14.70 -14.11
N LYS D 414 14.31 14.16 -15.10
CA LYS D 414 14.36 14.68 -16.46
C LYS D 414 13.20 15.66 -16.70
N LYS D 415 13.55 16.82 -17.25
CA LYS D 415 12.58 17.85 -17.63
C LYS D 415 12.31 17.75 -19.14
N TYR D 416 11.13 18.17 -19.56
CA TYR D 416 10.74 18.12 -20.98
C TYR D 416 10.29 19.52 -21.45
N ARG D 417 11.25 20.33 -21.86
CA ARG D 417 10.99 21.57 -22.57
C ARG D 417 12.09 21.71 -23.64
N GLY D 418 12.28 20.64 -24.39
CA GLY D 418 13.33 20.60 -25.41
C GLY D 418 13.11 21.59 -26.55
N ALA D 451 8.63 12.18 -12.99
CA ALA D 451 8.86 11.01 -13.82
C ALA D 451 9.84 10.02 -13.19
N VAL D 452 10.38 9.11 -14.01
CA VAL D 452 11.23 8.02 -13.53
C VAL D 452 12.66 8.34 -13.93
N GLN D 453 13.60 8.00 -13.07
CA GLN D 453 15.00 8.34 -13.24
C GLN D 453 15.65 7.44 -14.31
N ASP D 454 16.91 7.77 -14.64
CA ASP D 454 17.59 7.35 -15.85
C ASP D 454 17.97 5.87 -15.86
N LYS D 455 17.99 5.31 -17.07
CA LYS D 455 18.32 3.90 -17.28
C LYS D 455 19.47 3.69 -18.26
N GLY D 456 20.11 4.74 -18.76
CA GLY D 456 21.31 4.51 -19.55
C GLY D 456 21.42 5.16 -20.92
N SER D 457 22.56 4.96 -21.56
CA SER D 457 22.83 5.50 -22.89
C SER D 457 22.64 4.39 -23.90
N ILE D 458 22.12 4.74 -25.08
CA ILE D 458 21.49 3.73 -25.92
C ILE D 458 22.54 2.89 -26.62
N HIS D 459 23.69 3.47 -26.95
CA HIS D 459 24.60 2.75 -27.82
C HIS D 459 25.39 1.67 -27.09
N LYS D 460 25.20 1.54 -25.77
CA LYS D 460 25.48 0.30 -25.08
C LYS D 460 24.22 -0.48 -24.71
N PHE D 461 23.05 0.08 -24.98
CA PHE D 461 21.78 -0.54 -24.61
C PHE D 461 21.17 -1.34 -25.76
N VAL D 462 20.98 -0.70 -26.90
CA VAL D 462 20.57 -1.34 -28.14
C VAL D 462 21.53 -2.45 -28.61
N PRO D 463 22.83 -2.51 -28.25
CA PRO D 463 23.51 -3.80 -28.42
C PRO D 463 22.88 -4.95 -27.66
N TYR D 464 22.40 -4.71 -26.45
CA TYR D 464 21.69 -5.77 -25.74
C TYR D 464 20.38 -6.10 -26.42
N LEU D 465 19.75 -5.13 -27.07
CA LEU D 465 18.51 -5.39 -27.77
C LEU D 465 18.74 -6.19 -29.04
N ILE D 466 19.80 -5.86 -29.77
CA ILE D 466 20.07 -6.61 -30.98
C ILE D 466 20.57 -8.00 -30.65
N ALA D 467 21.33 -8.14 -29.55
CA ALA D 467 21.74 -9.45 -29.12
C ALA D 467 20.55 -10.26 -28.64
N GLY D 468 19.58 -9.61 -28.01
CA GLY D 468 18.39 -10.33 -27.61
C GLY D 468 17.53 -10.77 -28.76
N ILE D 469 17.47 -9.98 -29.84
CA ILE D 469 16.62 -10.40 -30.93
C ILE D 469 17.31 -11.46 -31.76
N GLN D 470 18.64 -11.41 -31.89
CA GLN D 470 19.25 -12.55 -32.57
C GLN D 470 19.31 -13.77 -31.67
N HIS D 471 19.24 -13.59 -30.35
CA HIS D 471 19.02 -14.72 -29.45
C HIS D 471 17.70 -15.40 -29.79
N SER D 472 16.67 -14.61 -30.04
CA SER D 472 15.41 -15.20 -30.49
C SER D 472 15.51 -15.73 -31.91
N CYS D 473 16.37 -15.14 -32.72
CA CYS D 473 16.52 -15.63 -34.09
C CYS D 473 17.13 -17.03 -34.10
N GLN D 474 18.09 -17.27 -33.21
CA GLN D 474 18.58 -18.64 -33.09
C GLN D 474 17.61 -19.49 -32.31
N ASP D 475 16.71 -18.86 -31.53
CA ASP D 475 15.62 -19.63 -30.96
C ASP D 475 14.70 -20.15 -32.05
N ILE D 476 14.47 -19.38 -33.11
CA ILE D 476 13.98 -20.00 -34.33
C ILE D 476 15.05 -20.88 -34.94
N GLY D 477 16.20 -20.28 -35.25
CA GLY D 477 17.22 -21.02 -35.97
C GLY D 477 17.18 -20.72 -37.44
N ALA D 478 16.90 -19.47 -37.78
CA ALA D 478 16.99 -19.03 -39.16
C ALA D 478 18.17 -18.09 -39.30
N LYS D 479 18.86 -18.18 -40.43
CA LYS D 479 20.04 -17.37 -40.63
C LYS D 479 19.67 -15.92 -40.92
N SER D 480 18.54 -15.69 -41.60
CA SER D 480 18.07 -14.36 -41.93
C SER D 480 16.60 -14.21 -41.58
N LEU D 481 16.13 -12.97 -41.63
CA LEU D 481 14.71 -12.70 -41.52
C LEU D 481 13.96 -12.92 -42.82
N THR D 482 14.63 -12.80 -43.96
CA THR D 482 14.01 -13.21 -45.21
C THR D 482 13.69 -14.70 -45.17
N GLN D 483 14.52 -15.46 -44.48
CA GLN D 483 14.17 -16.82 -44.13
C GLN D 483 12.96 -16.89 -43.21
N VAL D 484 12.74 -15.90 -42.33
CA VAL D 484 11.63 -16.08 -41.38
C VAL D 484 10.30 -15.75 -42.04
N ARG D 485 10.26 -14.81 -42.99
CA ARG D 485 8.99 -14.74 -43.71
C ARG D 485 8.89 -15.70 -44.89
N ALA D 486 10.00 -16.27 -45.37
CA ALA D 486 9.87 -17.42 -46.26
C ALA D 486 9.25 -18.59 -45.53
N MET D 487 9.67 -18.79 -44.27
CA MET D 487 9.00 -19.65 -43.32
C MET D 487 7.54 -19.30 -43.16
N MET D 488 7.22 -18.03 -42.90
CA MET D 488 5.86 -17.67 -42.54
C MET D 488 4.91 -17.81 -43.73
N TYR D 489 5.37 -17.50 -44.93
CA TYR D 489 4.57 -17.72 -46.12
C TYR D 489 4.56 -19.18 -46.54
N SER D 490 5.52 -19.97 -46.06
CA SER D 490 5.52 -21.39 -46.36
C SER D 490 4.90 -22.22 -45.26
N GLY D 491 5.24 -21.93 -44.00
CA GLY D 491 4.68 -22.63 -42.88
C GLY D 491 5.45 -23.85 -42.42
N GLU D 492 6.78 -23.91 -42.59
CA GLU D 492 7.44 -25.14 -42.17
C GLU D 492 7.65 -25.13 -40.65
N LEU D 493 7.88 -23.96 -40.07
CA LEU D 493 7.81 -23.77 -38.63
C LEU D 493 6.46 -23.15 -38.32
N LYS D 494 5.95 -23.41 -37.14
CA LYS D 494 4.53 -23.24 -36.87
C LYS D 494 4.39 -22.62 -35.48
N PHE D 495 3.14 -22.36 -35.05
CA PHE D 495 2.94 -21.65 -33.78
C PHE D 495 1.81 -22.22 -32.94
N GLU D 496 1.48 -21.53 -31.84
CA GLU D 496 0.49 -22.06 -30.92
C GLU D 496 -0.13 -20.93 -30.13
N LYS D 497 -1.20 -21.27 -29.41
CA LYS D 497 -2.08 -20.39 -28.64
C LYS D 497 -1.45 -20.13 -27.26
N ARG D 498 -2.14 -19.32 -26.45
CA ARG D 498 -1.69 -18.84 -25.16
C ARG D 498 -2.91 -18.30 -24.41
N THR D 499 -2.89 -18.41 -23.08
CA THR D 499 -3.91 -17.82 -22.21
C THR D 499 -3.25 -16.84 -21.24
N SER D 500 -4.10 -16.04 -20.58
CA SER D 500 -3.64 -14.85 -19.88
C SER D 500 -3.04 -15.12 -18.51
N SER D 501 -2.99 -16.38 -18.09
CA SER D 501 -2.77 -16.70 -16.69
C SER D 501 -1.35 -16.45 -16.20
N ALA D 502 -0.35 -16.41 -17.09
CA ALA D 502 1.02 -16.23 -16.62
C ALA D 502 1.42 -14.77 -16.54
N GLN D 503 0.51 -13.83 -16.78
CA GLN D 503 0.83 -12.41 -16.80
C GLN D 503 1.07 -11.86 -15.39
N VAL D 504 0.44 -12.44 -14.38
CA VAL D 504 0.37 -11.80 -13.06
C VAL D 504 1.64 -11.92 -12.24
N GLU D 505 2.72 -12.47 -12.78
CA GLU D 505 4.01 -12.48 -12.09
C GLU D 505 4.58 -11.06 -11.97
N SER E 16 18.03 2.32 55.27
CA SER E 16 17.11 3.30 55.85
C SER E 16 17.23 4.64 55.16
N TYR E 17 17.43 4.62 53.85
CA TYR E 17 17.58 5.85 53.09
C TYR E 17 16.25 6.28 52.49
N VAL E 18 15.55 5.33 51.86
CA VAL E 18 14.28 5.50 51.18
C VAL E 18 14.36 6.61 50.13
N PRO E 19 14.93 6.34 48.95
CA PRO E 19 15.07 7.38 47.92
C PRO E 19 13.75 7.95 47.43
N ASP E 20 13.78 9.25 47.15
CA ASP E 20 12.63 9.96 46.62
C ASP E 20 12.63 9.87 45.09
N ASP E 21 11.57 9.31 44.53
CA ASP E 21 11.60 8.85 43.14
C ASP E 21 10.36 9.32 42.40
N GLY E 22 10.56 10.13 41.37
CA GLY E 22 9.44 10.62 40.59
C GLY E 22 9.18 12.10 40.82
N LEU E 23 8.09 12.62 40.28
CA LEU E 23 7.80 14.06 40.32
C LEU E 23 6.31 14.29 40.47
N THR E 24 5.95 15.17 41.40
CA THR E 24 4.57 15.35 41.81
C THR E 24 3.77 16.13 40.77
N ALA E 25 2.48 16.30 41.05
CA ALA E 25 1.56 16.87 40.09
C ALA E 25 1.75 18.37 39.93
N GLN E 26 1.97 19.09 41.02
CA GLN E 26 2.31 20.51 40.88
C GLN E 26 3.74 20.67 40.38
N GLN E 27 4.55 19.63 40.48
CA GLN E 27 5.79 19.55 39.72
C GLN E 27 5.60 18.92 38.34
N LEU E 28 4.38 18.54 37.98
CA LEU E 28 4.12 17.98 36.67
C LEU E 28 3.54 19.01 35.72
N PHE E 29 2.77 19.95 36.25
CA PHE E 29 2.01 20.83 35.37
C PHE E 29 2.44 22.28 35.45
N ASN E 30 3.10 22.71 36.52
CA ASN E 30 3.56 24.10 36.61
C ASN E 30 4.81 24.34 35.77
N CYS E 31 5.33 23.33 35.09
CA CYS E 31 6.47 23.51 34.21
C CYS E 31 6.14 24.36 32.99
N GLY E 32 4.87 24.47 32.61
CA GLY E 32 4.57 25.20 31.41
C GLY E 32 4.84 24.42 30.15
N ASP E 33 4.84 23.10 30.24
CA ASP E 33 4.96 22.20 29.12
C ASP E 33 3.61 21.57 28.84
N GLY E 34 3.30 21.45 27.55
CA GLY E 34 2.03 20.96 27.07
C GLY E 34 1.92 19.46 27.21
N LEU E 35 0.82 18.98 27.75
CA LEU E 35 0.71 17.60 28.18
C LEU E 35 -0.60 17.00 27.72
N THR E 36 -0.53 15.81 27.14
CA THR E 36 -1.70 15.02 26.77
C THR E 36 -1.68 13.70 27.51
N TYR E 37 -2.53 12.78 27.05
CA TYR E 37 -2.75 11.48 27.64
C TYR E 37 -1.47 10.66 27.68
N ASN E 38 -0.75 10.57 26.57
CA ASN E 38 0.41 9.69 26.51
C ASN E 38 1.67 10.49 26.67
N ASP E 39 1.65 11.46 27.59
CA ASP E 39 2.83 12.30 27.76
C ASP E 39 3.38 12.00 29.14
N PHE E 40 2.75 11.02 29.78
CA PHE E 40 3.11 10.62 31.13
C PHE E 40 2.51 9.26 31.34
N LEU E 41 2.87 8.63 32.43
CA LEU E 41 2.37 7.31 32.77
C LEU E 41 2.17 7.31 34.27
N ILE E 42 1.50 6.29 34.76
CA ILE E 42 1.21 6.21 36.18
C ILE E 42 1.97 5.02 36.76
N LEU E 43 2.63 5.26 37.86
CA LEU E 43 3.42 4.18 38.42
C LEU E 43 2.68 3.54 39.58
N PRO E 44 2.91 2.26 39.86
CA PRO E 44 2.13 1.60 40.92
C PRO E 44 2.55 2.01 42.32
N GLY E 45 1.68 1.70 43.28
CA GLY E 45 1.91 1.95 44.68
C GLY E 45 1.91 0.67 45.50
N TYR E 46 1.34 0.77 46.70
CA TYR E 46 1.24 -0.39 47.58
C TYR E 46 -0.13 -1.05 47.44
N ILE E 47 -0.14 -2.38 47.43
CA ILE E 47 -1.37 -3.12 47.17
C ILE E 47 -1.63 -4.06 48.35
N ASP E 48 -2.86 -4.04 48.84
CA ASP E 48 -3.25 -4.97 49.89
C ASP E 48 -4.65 -5.54 49.68
N PHE E 49 -5.15 -5.53 48.45
CA PHE E 49 -6.43 -6.16 48.15
C PHE E 49 -6.42 -6.63 46.70
N THR E 50 -7.47 -7.32 46.31
CA THR E 50 -7.69 -7.76 44.93
C THR E 50 -8.72 -6.85 44.26
N ALA E 51 -9.15 -7.25 43.07
CA ALA E 51 -9.80 -6.34 42.12
C ALA E 51 -11.29 -6.16 42.33
N ASP E 52 -12.05 -7.24 42.29
CA ASP E 52 -13.47 -7.17 41.95
C ASP E 52 -14.33 -6.57 43.04
N GLN E 53 -13.77 -6.36 44.23
CA GLN E 53 -14.55 -5.79 45.32
C GLN E 53 -14.42 -4.28 45.36
N VAL E 54 -13.50 -3.72 44.58
CA VAL E 54 -13.20 -2.30 44.66
C VAL E 54 -14.31 -1.57 43.92
N ASP E 55 -15.01 -0.71 44.64
CA ASP E 55 -16.14 0.03 44.08
C ASP E 55 -15.74 1.49 43.87
N LEU E 56 -16.28 2.09 42.82
CA LEU E 56 -15.93 3.45 42.42
C LEU E 56 -17.16 4.30 42.16
N THR E 57 -18.09 4.32 43.10
CA THR E 57 -19.27 5.17 42.96
C THR E 57 -18.87 6.63 43.01
N SER E 58 -19.22 7.37 41.97
CA SER E 58 -18.70 8.71 41.75
C SER E 58 -19.84 9.73 41.66
N ALA E 59 -19.55 10.96 42.07
CA ALA E 59 -20.56 12.01 42.07
C ALA E 59 -20.39 12.89 40.83
N LEU E 60 -21.40 12.89 39.97
CA LEU E 60 -21.32 13.63 38.72
C LEU E 60 -21.83 15.04 38.84
N THR E 61 -22.85 15.26 39.65
CA THR E 61 -23.30 16.61 39.95
C THR E 61 -23.05 16.86 41.42
N LYS E 62 -23.53 17.99 41.89
CA LYS E 62 -23.56 18.23 43.31
C LYS E 62 -24.76 17.60 43.98
N LYS E 63 -25.65 16.97 43.21
CA LYS E 63 -26.88 16.44 43.77
C LYS E 63 -27.03 14.95 43.54
N ILE E 64 -26.58 14.44 42.38
CA ILE E 64 -26.75 13.03 42.07
C ILE E 64 -25.39 12.39 41.83
N THR E 65 -25.31 11.09 42.10
CA THR E 65 -24.09 10.31 41.99
C THR E 65 -24.31 9.13 41.06
N LEU E 66 -23.22 8.53 40.62
CA LEU E 66 -23.28 7.36 39.75
C LEU E 66 -22.29 6.32 40.22
N LYS E 67 -22.62 5.05 40.02
CA LYS E 67 -21.68 4.02 40.41
C LYS E 67 -20.58 3.81 39.39
N THR E 68 -20.80 4.22 38.13
CA THR E 68 -19.82 4.10 37.07
C THR E 68 -19.48 5.49 36.58
N PRO E 69 -18.20 5.76 36.31
CA PRO E 69 -17.78 7.12 35.95
C PRO E 69 -17.88 7.44 34.48
N LEU E 70 -18.26 6.50 33.63
CA LEU E 70 -18.20 6.72 32.20
C LEU E 70 -19.59 7.06 31.67
N VAL E 71 -19.73 8.23 31.05
CA VAL E 71 -20.97 8.66 30.43
C VAL E 71 -20.71 8.90 28.96
N SER E 72 -21.79 8.86 28.17
CA SER E 72 -21.70 8.91 26.72
C SER E 72 -21.39 10.33 26.24
N SER E 73 -21.61 10.54 24.98
CA SER E 73 -21.36 11.83 24.37
C SER E 73 -22.67 12.45 23.90
N PRO E 74 -22.75 13.77 23.85
CA PRO E 74 -23.91 14.42 23.24
C PRO E 74 -23.86 14.49 21.72
N MET E 75 -22.95 13.74 21.10
CA MET E 75 -22.81 13.78 19.66
C MET E 75 -24.00 13.08 18.99
N ASP E 76 -24.26 13.44 17.73
CA ASP E 76 -25.43 12.92 17.02
C ASP E 76 -25.32 11.45 16.69
N THR E 77 -24.17 11.00 16.22
CA THR E 77 -24.02 9.65 15.69
C THR E 77 -23.63 8.67 16.82
N VAL E 78 -23.74 9.14 18.06
CA VAL E 78 -23.37 8.30 19.19
C VAL E 78 -24.59 7.94 20.05
N THR E 79 -25.55 8.85 20.25
CA THR E 79 -26.62 8.58 21.20
C THR E 79 -28.00 8.55 20.55
N GLU E 80 -28.86 7.69 21.09
CA GLU E 80 -30.30 7.80 20.95
C GLU E 80 -30.91 7.09 22.17
N ALA E 81 -32.18 6.71 22.08
CA ALA E 81 -32.87 6.00 23.17
C ALA E 81 -32.12 4.73 23.58
N GLY E 82 -31.64 3.95 22.62
CA GLY E 82 -31.01 2.68 22.89
C GLY E 82 -29.73 2.77 23.70
N MET E 83 -29.01 3.90 23.63
CA MET E 83 -27.82 4.05 24.44
C MET E 83 -28.21 4.52 25.82
N ALA E 84 -29.16 5.44 25.88
CA ALA E 84 -29.46 6.06 27.15
C ALA E 84 -30.21 5.10 28.06
N ILE E 85 -30.94 4.14 27.49
CA ILE E 85 -31.46 3.08 28.34
C ILE E 85 -30.32 2.19 28.82
N ALA E 86 -29.34 1.94 27.96
CA ALA E 86 -28.37 0.90 28.26
C ALA E 86 -27.29 1.41 29.20
N MET E 87 -27.01 2.71 29.11
CA MET E 87 -25.96 3.30 29.91
C MET E 87 -26.41 3.42 31.36
N ALA E 88 -27.63 3.92 31.55
CA ALA E 88 -28.24 3.94 32.88
C ALA E 88 -28.59 2.54 33.36
N LEU E 89 -28.85 1.64 32.43
CA LEU E 89 -29.04 0.24 32.75
C LEU E 89 -27.75 -0.35 33.31
N THR E 90 -26.61 0.17 32.87
CA THR E 90 -25.32 -0.15 33.44
C THR E 90 -24.82 0.94 34.39
N GLY E 91 -25.67 1.91 34.71
CA GLY E 91 -25.35 2.92 35.69
C GLY E 91 -24.56 4.10 35.19
N GLY E 92 -24.59 4.40 33.89
CA GLY E 92 -24.01 5.61 33.35
C GLY E 92 -25.08 6.61 32.96
N ILE E 93 -24.65 7.65 32.26
CA ILE E 93 -25.57 8.65 31.73
C ILE E 93 -25.48 8.67 30.22
N GLY E 94 -26.63 8.49 29.58
CA GLY E 94 -26.71 8.75 28.16
C GLY E 94 -27.41 10.08 27.92
N PHE E 95 -26.70 11.04 27.35
CA PHE E 95 -27.32 12.31 26.97
C PHE E 95 -27.96 12.14 25.60
N ILE E 96 -28.56 13.22 25.10
CA ILE E 96 -29.25 13.21 23.82
C ILE E 96 -28.81 14.44 23.04
N HIS E 97 -28.47 14.23 21.76
CA HIS E 97 -28.05 15.32 20.90
C HIS E 97 -29.21 16.26 20.62
N HIS E 98 -28.89 17.43 20.09
CA HIS E 98 -29.91 18.40 19.74
C HIS E 98 -29.93 18.64 18.23
N ASN E 99 -29.49 17.66 17.46
CA ASN E 99 -29.63 17.71 16.01
C ASN E 99 -30.91 16.96 15.63
N CYS E 100 -32.02 17.53 16.10
CA CYS E 100 -33.36 17.00 15.87
C CYS E 100 -34.38 18.09 16.19
N THR E 101 -35.64 17.78 15.97
CA THR E 101 -36.74 18.63 16.38
C THR E 101 -36.93 18.48 17.89
N PRO E 102 -37.69 19.38 18.53
CA PRO E 102 -38.00 19.13 19.95
C PRO E 102 -38.88 17.92 20.16
N GLU E 103 -39.67 17.54 19.17
CA GLU E 103 -40.64 16.45 19.31
C GLU E 103 -40.03 15.09 19.02
N PHE E 104 -39.12 15.02 18.04
CA PHE E 104 -38.35 13.80 17.84
C PHE E 104 -37.42 13.55 19.02
N GLN E 105 -36.93 14.62 19.64
CA GLN E 105 -36.26 14.51 20.92
C GLN E 105 -37.23 14.04 22.01
N ALA E 106 -38.46 14.56 21.98
CA ALA E 106 -39.40 14.34 23.08
C ALA E 106 -39.90 12.90 23.13
N ASN E 107 -40.04 12.26 21.97
CA ASN E 107 -40.57 10.89 21.93
C ASN E 107 -39.62 9.91 22.59
N GLU E 108 -38.36 9.92 22.19
CA GLU E 108 -37.35 9.11 22.84
C GLU E 108 -37.01 9.59 24.24
N VAL E 109 -37.24 10.86 24.57
CA VAL E 109 -36.92 11.22 25.95
C VAL E 109 -38.04 10.75 26.89
N ARG E 110 -39.29 10.64 26.42
CA ARG E 110 -40.28 9.95 27.23
C ARG E 110 -40.04 8.45 27.19
N LYS E 111 -39.43 7.94 26.12
CA LYS E 111 -39.06 6.54 26.10
C LYS E 111 -37.99 6.21 27.13
N VAL E 112 -37.04 7.14 27.36
CA VAL E 112 -35.96 6.84 28.29
C VAL E 112 -36.30 7.24 29.73
N LYS E 113 -37.12 8.28 29.92
CA LYS E 113 -37.72 8.50 31.24
C LYS E 113 -38.55 7.33 31.70
N LYS E 114 -39.18 6.63 30.80
CA LYS E 114 -39.99 5.47 31.11
C LYS E 114 -39.07 4.24 31.10
N TYR E 115 -39.62 3.03 30.87
CA TYR E 115 -38.92 1.74 30.81
C TYR E 115 -38.47 1.35 32.21
N GLU E 116 -39.22 1.82 33.21
CA GLU E 116 -38.83 1.65 34.61
C GLU E 116 -39.94 1.17 35.53
N GLN E 117 -41.19 1.50 35.25
CA GLN E 117 -42.17 2.06 36.19
C GLN E 117 -42.09 1.70 37.68
N GLY E 118 -42.14 2.73 38.53
CA GLY E 118 -42.50 2.59 39.92
C GLY E 118 -43.94 3.03 40.13
N PHE E 119 -44.22 3.89 41.11
CA PHE E 119 -45.57 4.41 41.29
C PHE E 119 -45.89 5.41 40.18
N ILE E 120 -46.31 4.92 39.03
CA ILE E 120 -46.41 5.79 37.87
C ILE E 120 -47.80 6.37 37.70
N THR E 121 -47.84 7.64 37.31
CA THR E 121 -49.00 8.21 36.66
C THR E 121 -48.99 7.81 35.18
N ASP E 122 -50.06 8.22 34.49
CA ASP E 122 -50.43 8.11 33.07
C ASP E 122 -49.92 6.90 32.30
N PRO E 123 -50.29 5.67 32.66
CA PRO E 123 -50.10 4.58 31.70
C PRO E 123 -51.25 4.61 30.70
N VAL E 124 -51.21 3.78 29.71
CA VAL E 124 -52.30 3.74 28.75
C VAL E 124 -53.41 2.87 29.31
N VAL E 125 -54.65 3.29 29.08
CA VAL E 125 -55.80 2.68 29.75
C VAL E 125 -56.98 2.72 28.77
N LEU E 126 -57.72 1.62 28.72
CA LEU E 126 -58.78 1.43 27.73
C LEU E 126 -60.12 1.19 28.40
N SER E 127 -61.18 1.46 27.63
CA SER E 127 -62.59 1.20 27.88
C SER E 127 -63.03 -0.02 27.09
N PRO E 128 -63.84 -0.91 27.67
CA PRO E 128 -64.13 -2.19 27.00
C PRO E 128 -65.07 -2.09 25.82
N LYS E 129 -65.68 -0.92 25.55
CA LYS E 129 -66.74 -0.80 24.54
C LYS E 129 -66.28 -1.09 23.10
N ASP E 130 -64.99 -1.12 22.84
CA ASP E 130 -64.46 -1.34 21.50
C ASP E 130 -64.02 -2.80 21.33
N ARG E 131 -63.36 -3.10 20.23
CA ARG E 131 -62.91 -4.45 19.89
C ARG E 131 -61.39 -4.47 19.82
N VAL E 132 -60.88 -5.54 19.22
CA VAL E 132 -59.60 -6.12 19.64
C VAL E 132 -58.40 -5.28 19.18
N ARG E 133 -58.57 -4.39 18.18
CA ARG E 133 -57.39 -3.84 17.50
C ARG E 133 -56.55 -2.95 18.41
N ASP E 134 -57.12 -2.47 19.51
CA ASP E 134 -56.47 -1.46 20.35
C ASP E 134 -55.26 -1.99 21.10
N VAL E 135 -55.28 -3.25 21.54
CA VAL E 135 -54.19 -3.72 22.38
C VAL E 135 -52.92 -4.00 21.58
N PHE E 136 -53.02 -4.70 20.45
CA PHE E 136 -51.82 -4.86 19.64
C PHE E 136 -51.57 -3.60 18.81
N GLU E 137 -52.57 -2.74 18.70
CA GLU E 137 -52.35 -1.41 18.17
C GLU E 137 -51.46 -0.59 19.08
N ALA E 138 -51.61 -0.78 20.39
CA ALA E 138 -50.68 -0.18 21.33
C ALA E 138 -49.32 -0.86 21.24
N LYS E 139 -49.31 -2.19 21.21
CA LYS E 139 -48.10 -3.01 21.06
C LYS E 139 -47.24 -2.61 19.87
N ALA E 140 -47.84 -2.34 18.71
CA ALA E 140 -47.06 -1.90 17.56
C ALA E 140 -46.55 -0.49 17.76
N ARG E 141 -47.20 0.29 18.63
CA ARG E 141 -46.81 1.66 18.92
C ARG E 141 -45.99 1.76 20.20
N HIS E 142 -46.10 0.75 21.06
CA HIS E 142 -45.47 0.85 22.38
C HIS E 142 -44.70 -0.38 22.84
N GLY E 143 -45.02 -1.58 22.37
CA GLY E 143 -44.24 -2.75 22.72
C GLY E 143 -44.73 -3.55 23.92
N PHE E 144 -45.74 -3.09 24.63
CA PHE E 144 -46.28 -3.85 25.76
C PHE E 144 -47.77 -4.08 25.56
N CYS E 145 -48.31 -5.05 26.30
CA CYS E 145 -49.76 -5.26 26.38
C CYS E 145 -50.21 -5.52 27.81
N GLY E 146 -49.52 -4.95 28.79
CA GLY E 146 -50.04 -4.95 30.14
C GLY E 146 -50.95 -3.74 30.30
N ILE E 147 -52.25 -3.94 30.23
CA ILE E 147 -53.18 -2.82 30.23
C ILE E 147 -54.35 -3.07 31.17
N PRO E 148 -54.64 -2.16 32.09
CA PRO E 148 -55.87 -2.25 32.87
C PRO E 148 -57.06 -1.74 32.08
N ILE E 149 -58.25 -2.08 32.55
CA ILE E 149 -59.49 -1.68 31.91
C ILE E 149 -60.28 -0.89 32.95
N THR E 150 -60.76 0.29 32.56
CA THR E 150 -61.64 1.09 33.41
C THR E 150 -62.99 1.22 32.73
N ASP E 151 -63.85 1.99 33.37
CA ASP E 151 -65.14 2.31 32.81
C ASP E 151 -65.06 3.39 31.73
N THR E 152 -64.18 4.37 31.92
CA THR E 152 -64.10 5.52 31.03
C THR E 152 -62.94 5.46 30.06
N GLY E 153 -61.86 4.78 30.43
CA GLY E 153 -60.63 4.84 29.67
C GLY E 153 -59.69 5.93 30.12
N ARG E 154 -59.81 6.41 31.35
CA ARG E 154 -59.00 7.49 31.87
C ARG E 154 -58.22 6.97 33.08
N MET E 155 -57.30 7.80 33.57
CA MET E 155 -56.48 7.44 34.72
C MET E 155 -57.32 7.46 35.98
N GLY E 156 -57.89 8.62 36.31
CA GLY E 156 -58.73 8.74 37.48
C GLY E 156 -60.11 8.17 37.27
N SER E 157 -60.20 6.84 37.20
CA SER E 157 -61.45 6.16 36.88
C SER E 157 -61.59 4.91 37.74
N ARG E 158 -62.81 4.39 37.77
CA ARG E 158 -63.11 3.19 38.54
C ARG E 158 -62.59 1.96 37.79
N LEU E 159 -62.00 1.02 38.54
CA LEU E 159 -61.43 -0.18 37.93
C LEU E 159 -62.51 -1.17 37.52
N VAL E 160 -62.25 -1.86 36.41
CA VAL E 160 -63.15 -2.89 35.91
C VAL E 160 -62.36 -4.17 35.70
N GLY E 161 -61.38 -4.13 34.80
CA GLY E 161 -60.55 -5.29 34.53
C GLY E 161 -59.16 -5.00 34.03
N ILE E 162 -58.50 -5.99 33.43
CA ILE E 162 -57.12 -5.85 32.98
C ILE E 162 -56.84 -6.92 31.93
N ILE E 163 -56.06 -6.57 30.90
CA ILE E 163 -55.77 -7.46 29.79
C ILE E 163 -54.26 -7.60 29.63
N SER E 164 -53.82 -8.85 29.39
CA SER E 164 -52.41 -9.17 29.26
C SER E 164 -52.11 -9.75 27.89
N SER E 165 -50.83 -10.06 27.68
CA SER E 165 -50.34 -10.78 26.53
C SER E 165 -50.91 -12.19 26.45
N ARG E 166 -51.10 -12.84 27.59
CA ARG E 166 -51.60 -14.20 27.59
C ARG E 166 -53.11 -14.23 27.36
N ASP E 167 -53.74 -13.07 27.33
CA ASP E 167 -55.11 -12.98 26.85
C ASP E 167 -55.16 -12.93 25.34
N ILE E 168 -54.12 -12.40 24.69
CA ILE E 168 -54.21 -12.03 23.29
C ILE E 168 -53.22 -12.82 22.46
N ASP E 169 -52.67 -13.87 23.02
CA ASP E 169 -51.59 -14.58 22.37
C ASP E 169 -52.08 -15.51 21.26
N PHE E 170 -53.39 -15.78 21.22
CA PHE E 170 -53.84 -16.95 20.48
C PHE E 170 -54.90 -16.71 19.42
N LEU E 171 -55.72 -15.67 19.52
CA LEU E 171 -57.08 -15.76 19.01
C LEU E 171 -57.16 -15.53 17.50
N LYS E 172 -57.90 -16.42 16.83
CA LYS E 172 -58.20 -16.31 15.42
C LYS E 172 -59.10 -15.12 15.11
N GLU E 173 -59.86 -14.66 16.08
CA GLU E 173 -60.76 -13.53 15.88
C GLU E 173 -60.02 -12.24 16.24
N GLU E 174 -59.10 -11.84 15.36
CA GLU E 174 -58.17 -10.76 15.67
C GLU E 174 -58.84 -9.40 15.81
N GLU E 175 -60.05 -9.25 15.28
CA GLU E 175 -60.99 -8.25 15.78
C GLU E 175 -62.42 -8.76 15.67
N HIS E 176 -62.57 -10.04 15.31
CA HIS E 176 -63.80 -10.53 14.71
C HIS E 176 -64.90 -10.61 15.76
N ASP E 177 -65.62 -9.49 15.92
CA ASP E 177 -66.77 -9.31 16.81
C ASP E 177 -66.44 -9.59 18.28
N CYS E 178 -65.17 -9.50 18.66
CA CYS E 178 -64.79 -9.74 20.05
C CYS E 178 -64.67 -8.44 20.83
N PHE E 179 -65.81 -7.85 21.18
CA PHE E 179 -65.89 -6.74 22.11
C PHE E 179 -65.28 -7.13 23.44
N LEU E 180 -64.51 -6.22 24.04
CA LEU E 180 -63.66 -6.52 25.19
C LEU E 180 -64.39 -6.87 26.49
N GLU E 181 -65.73 -6.81 26.49
CA GLU E 181 -66.50 -7.09 27.70
C GLU E 181 -66.40 -8.54 28.16
N GLU E 182 -66.38 -9.50 27.23
CA GLU E 182 -66.42 -10.90 27.64
C GLU E 182 -65.06 -11.58 27.61
N ILE E 183 -64.08 -11.02 26.89
CA ILE E 183 -62.72 -11.54 26.93
C ILE E 183 -61.97 -10.57 27.82
N MET E 184 -61.95 -10.88 29.12
CA MET E 184 -61.90 -9.87 30.16
C MET E 184 -61.70 -10.54 31.52
N THR E 185 -61.07 -9.83 32.45
CA THR E 185 -60.75 -10.40 33.75
C THR E 185 -61.58 -9.75 34.83
N LYS E 186 -62.53 -10.51 35.39
CA LYS E 186 -63.62 -10.00 36.21
C LYS E 186 -63.06 -9.38 37.48
N ARG E 187 -63.71 -8.30 37.93
CA ARG E 187 -63.26 -7.45 39.04
C ARG E 187 -62.91 -8.19 40.32
N GLU E 188 -63.71 -9.21 40.67
CA GLU E 188 -63.66 -9.78 42.01
C GLU E 188 -62.38 -10.57 42.30
N ASP E 189 -61.88 -11.38 41.37
CA ASP E 189 -60.68 -12.15 41.65
C ASP E 189 -59.42 -11.40 41.21
N LEU E 190 -59.34 -10.14 41.60
CA LEU E 190 -58.26 -9.24 41.22
C LEU E 190 -57.65 -8.66 42.49
N VAL E 191 -56.40 -9.01 42.75
CA VAL E 191 -55.71 -8.56 43.94
C VAL E 191 -55.38 -7.08 43.79
N VAL E 192 -55.75 -6.27 44.76
CA VAL E 192 -55.47 -4.85 44.74
C VAL E 192 -55.06 -4.46 46.15
N ALA E 193 -54.28 -3.39 46.30
CA ALA E 193 -53.81 -2.93 47.59
C ALA E 193 -54.25 -1.49 47.74
N PRO E 194 -54.32 -0.95 48.96
CA PRO E 194 -54.65 0.48 49.10
C PRO E 194 -53.52 1.36 48.61
N ALA E 195 -53.85 2.62 48.39
CA ALA E 195 -52.90 3.63 47.96
C ALA E 195 -52.33 4.34 49.18
N GLY E 196 -51.59 5.42 48.94
CA GLY E 196 -51.00 6.20 50.02
C GLY E 196 -49.93 5.45 50.79
N ILE E 197 -49.24 4.53 50.12
CA ILE E 197 -48.28 3.65 50.77
C ILE E 197 -46.97 3.68 49.98
N THR E 198 -45.90 3.30 50.65
CA THR E 198 -44.60 3.28 49.98
C THR E 198 -44.41 1.91 49.32
N LEU E 199 -43.25 1.72 48.69
CA LEU E 199 -43.08 0.64 47.73
C LEU E 199 -42.70 -0.69 48.37
N LYS E 200 -42.17 -0.66 49.59
CA LYS E 200 -41.68 -1.89 50.23
C LYS E 200 -42.81 -2.87 50.52
N GLU E 201 -43.88 -2.39 51.15
CA GLU E 201 -45.04 -3.24 51.38
C GLU E 201 -45.71 -3.62 50.07
N ALA E 202 -45.62 -2.75 49.06
CA ALA E 202 -46.08 -3.12 47.73
C ALA E 202 -45.24 -4.26 47.16
N ASN E 203 -43.95 -4.31 47.49
CA ASN E 203 -43.11 -5.41 47.05
C ASN E 203 -43.49 -6.71 47.74
N GLU E 204 -43.83 -6.65 49.02
CA GLU E 204 -44.31 -7.89 49.66
C GLU E 204 -45.67 -8.30 49.11
N ILE E 205 -46.48 -7.33 48.65
CA ILE E 205 -47.71 -7.68 47.94
C ILE E 205 -47.38 -8.30 46.58
N LEU E 206 -46.29 -7.86 45.96
CA LEU E 206 -45.85 -8.47 44.71
C LEU E 206 -45.41 -9.92 44.93
N GLN E 207 -44.69 -10.17 46.02
CA GLN E 207 -44.33 -11.54 46.36
C GLN E 207 -45.54 -12.39 46.75
N ARG E 208 -46.40 -11.90 47.64
CA ARG E 208 -47.55 -12.69 48.07
C ARG E 208 -48.64 -12.75 47.02
N SER E 209 -48.52 -11.96 45.95
CA SER E 209 -49.25 -12.24 44.73
C SER E 209 -48.71 -13.46 44.04
N LYS E 210 -47.39 -13.64 44.12
CA LYS E 210 -46.62 -14.59 43.30
C LYS E 210 -46.89 -14.36 41.81
N LYS E 211 -47.23 -13.14 41.42
CA LYS E 211 -47.89 -12.92 40.14
C LYS E 211 -47.31 -11.75 39.34
N GLY E 212 -47.10 -10.59 39.95
CA GLY E 212 -46.44 -9.49 39.25
C GLY E 212 -47.10 -8.15 38.96
N LYS E 213 -48.38 -8.07 38.59
CA LYS E 213 -48.98 -6.77 38.33
C LYS E 213 -49.99 -6.44 39.42
N LEU E 214 -49.99 -5.18 39.84
CA LEU E 214 -50.72 -4.79 41.05
C LEU E 214 -51.18 -3.35 40.92
N PRO E 215 -52.49 -3.14 40.77
CA PRO E 215 -53.04 -1.78 40.90
C PRO E 215 -53.29 -1.43 42.36
N ILE E 216 -53.23 -0.12 42.64
CA ILE E 216 -53.55 0.41 43.96
C ILE E 216 -54.54 1.55 43.81
N VAL E 217 -55.57 1.56 44.67
CA VAL E 217 -56.62 2.57 44.62
C VAL E 217 -56.83 3.14 46.02
N ASN E 218 -57.70 4.15 46.09
CA ASN E 218 -58.17 4.71 47.34
C ASN E 218 -59.39 3.97 47.84
N GLU E 219 -60.08 4.54 48.84
CA GLU E 219 -61.29 3.93 49.37
C GLU E 219 -62.45 3.95 48.39
N ASP E 220 -62.49 4.95 47.50
CA ASP E 220 -63.55 5.05 46.50
C ASP E 220 -63.11 4.52 45.14
N ASP E 221 -62.04 3.71 45.11
CA ASP E 221 -61.60 2.95 43.94
C ASP E 221 -61.21 3.85 42.77
N GLU E 222 -60.52 4.94 43.04
CA GLU E 222 -59.91 5.71 41.96
C GLU E 222 -58.44 5.29 41.83
N LEU E 223 -58.04 4.93 40.61
CA LEU E 223 -56.66 4.56 40.35
C LEU E 223 -55.78 5.79 40.42
N VAL E 224 -54.69 5.69 41.17
CA VAL E 224 -53.64 6.71 41.12
C VAL E 224 -52.30 6.16 40.66
N ALA E 225 -52.04 4.86 40.77
CA ALA E 225 -50.79 4.25 40.31
C ALA E 225 -50.97 2.75 40.17
N ILE E 226 -50.08 2.14 39.40
CA ILE E 226 -50.06 0.70 39.19
C ILE E 226 -48.61 0.25 39.18
N ILE E 227 -48.33 -0.85 39.86
CA ILE E 227 -47.03 -1.49 39.82
C ILE E 227 -47.11 -2.72 38.93
N ALA E 228 -46.18 -2.78 37.98
CA ALA E 228 -46.09 -3.79 36.95
C ALA E 228 -45.05 -4.83 37.33
N ARG E 229 -44.69 -5.66 36.37
CA ARG E 229 -43.90 -6.87 36.60
C ARG E 229 -42.40 -6.65 36.56
N THR E 230 -41.88 -6.19 35.43
CA THR E 230 -40.47 -6.37 35.13
C THR E 230 -39.54 -5.47 35.92
N ASP E 231 -40.09 -4.59 36.78
CA ASP E 231 -39.26 -3.72 37.62
C ASP E 231 -38.33 -4.52 38.52
N LEU E 232 -38.85 -5.53 39.20
CA LEU E 232 -37.99 -6.32 40.07
C LEU E 232 -37.04 -7.22 39.30
N LYS E 233 -37.43 -7.71 38.12
CA LYS E 233 -36.49 -8.55 37.39
C LYS E 233 -35.37 -7.70 36.79
N LYS E 234 -35.65 -6.44 36.47
CA LYS E 234 -34.60 -5.53 36.07
C LYS E 234 -33.75 -5.10 37.25
N ASN E 235 -34.35 -5.04 38.44
CA ASN E 235 -33.58 -4.78 39.65
C ASN E 235 -32.60 -5.90 39.95
N ARG E 236 -33.04 -7.15 39.85
CA ARG E 236 -32.15 -8.26 40.13
C ARG E 236 -31.16 -8.49 38.98
N ASP E 237 -31.59 -8.20 37.76
CA ASP E 237 -30.77 -8.53 36.61
C ASP E 237 -29.64 -7.53 36.46
N TYR E 238 -29.82 -6.33 36.98
CA TYR E 238 -28.79 -5.29 37.03
C TYR E 238 -28.87 -4.71 38.42
N PRO E 239 -27.97 -5.12 39.32
CA PRO E 239 -28.19 -4.90 40.76
C PRO E 239 -28.14 -3.45 41.18
N LEU E 240 -27.12 -2.71 40.78
CA LEU E 240 -27.08 -1.27 41.01
C LEU E 240 -27.09 -0.62 39.64
N ALA E 241 -27.75 0.53 39.53
CA ALA E 241 -27.81 1.27 38.29
C ALA E 241 -27.93 2.78 38.48
N SER E 242 -27.83 3.28 39.71
CA SER E 242 -27.85 4.70 40.07
C SER E 242 -29.12 5.44 39.66
N LYS E 243 -30.25 5.08 40.26
CA LYS E 243 -31.54 5.70 39.96
C LYS E 243 -31.77 6.91 40.85
N ASP E 244 -32.88 7.59 40.61
CA ASP E 244 -33.17 8.83 41.31
C ASP E 244 -33.88 8.53 42.63
N ALA E 245 -34.32 9.58 43.32
CA ALA E 245 -35.14 9.39 44.51
C ALA E 245 -36.53 8.92 44.15
N LYS E 246 -37.06 9.39 43.03
CA LYS E 246 -38.37 8.96 42.58
C LYS E 246 -38.35 7.73 41.73
N LYS E 247 -37.38 6.83 41.97
CA LYS E 247 -37.37 5.46 41.48
C LYS E 247 -37.02 5.33 39.99
N GLN E 248 -37.22 6.37 39.18
CA GLN E 248 -37.07 6.24 37.74
C GLN E 248 -35.60 6.28 37.30
N LEU E 249 -35.40 6.13 35.99
CA LEU E 249 -34.08 6.26 35.40
C LEU E 249 -33.60 7.70 35.44
N LEU E 250 -32.29 7.86 35.24
CA LEU E 250 -31.74 9.17 34.96
C LEU E 250 -31.55 9.32 33.47
N CYS E 251 -31.59 10.57 32.99
CA CYS E 251 -31.23 10.84 31.61
C CYS E 251 -30.81 12.29 31.47
N GLY E 252 -30.20 12.59 30.32
CA GLY E 252 -29.86 13.96 29.96
C GLY E 252 -29.96 14.24 28.48
N ALA E 253 -29.67 15.48 28.08
CA ALA E 253 -29.76 15.91 26.69
C ALA E 253 -28.98 17.21 26.53
N ALA E 254 -28.65 17.51 25.28
CA ALA E 254 -27.96 18.73 24.94
C ALA E 254 -28.91 19.69 24.24
N ILE E 255 -28.56 20.97 24.28
CA ILE E 255 -29.30 22.02 23.60
C ILE E 255 -28.32 22.89 22.83
N GLY E 256 -28.85 23.85 22.10
CA GLY E 256 -28.03 24.68 21.23
C GLY E 256 -27.51 25.96 21.84
N THR E 257 -27.47 27.02 21.05
CA THR E 257 -26.93 28.30 21.48
C THR E 257 -27.90 29.43 21.19
N HIS E 258 -28.95 29.13 20.45
CA HIS E 258 -29.73 30.21 19.87
C HIS E 258 -30.96 30.47 20.74
N GLU E 259 -31.66 31.58 20.43
CA GLU E 259 -32.71 32.08 21.31
C GLU E 259 -33.92 31.14 21.41
N ASP E 260 -34.11 30.26 20.43
CA ASP E 260 -35.21 29.32 20.41
C ASP E 260 -35.02 28.16 21.39
N ASP E 261 -33.91 28.12 22.12
CA ASP E 261 -33.63 27.05 23.07
C ASP E 261 -34.61 26.98 24.23
N LYS E 262 -35.24 28.11 24.57
CA LYS E 262 -36.09 28.15 25.75
C LYS E 262 -37.36 27.35 25.57
N TYR E 263 -37.93 27.38 24.36
CA TYR E 263 -39.04 26.50 24.02
C TYR E 263 -38.66 25.04 24.13
N ARG E 264 -37.46 24.67 23.66
CA ARG E 264 -36.99 23.30 23.77
C ARG E 264 -36.78 22.87 25.21
N LEU E 265 -36.15 23.72 26.02
CA LEU E 265 -35.85 23.31 27.39
C LEU E 265 -37.11 23.30 28.24
N ASP E 266 -38.08 24.14 27.90
CA ASP E 266 -39.34 24.06 28.61
C ASP E 266 -40.18 22.89 28.14
N LEU E 267 -40.06 22.49 26.86
CA LEU E 267 -40.69 21.26 26.40
C LEU E 267 -40.11 20.04 27.09
N LEU E 268 -38.80 20.02 27.34
CA LEU E 268 -38.30 18.84 28.02
C LEU E 268 -38.38 18.97 29.54
N ALA E 269 -38.64 20.17 30.05
CA ALA E 269 -39.08 20.28 31.42
C ALA E 269 -40.51 19.77 31.56
N GLN E 270 -41.32 19.93 30.51
CA GLN E 270 -42.58 19.20 30.45
C GLN E 270 -42.35 17.71 30.29
N ALA E 271 -41.23 17.32 29.68
CA ALA E 271 -40.83 15.93 29.79
C ALA E 271 -40.32 15.60 31.17
N GLY E 272 -39.76 16.57 31.88
CA GLY E 272 -39.34 16.35 33.25
C GLY E 272 -38.04 15.58 33.42
N VAL E 273 -37.09 15.78 32.51
CA VAL E 273 -35.77 15.14 32.61
C VAL E 273 -34.80 16.13 33.25
N ASP E 274 -33.96 15.64 34.18
CA ASP E 274 -33.42 16.49 35.23
C ASP E 274 -32.05 17.08 34.95
N VAL E 275 -31.25 16.51 34.05
CA VAL E 275 -29.93 17.06 33.76
C VAL E 275 -29.88 17.39 32.27
N VAL E 276 -29.13 18.44 31.93
CA VAL E 276 -29.14 18.96 30.57
C VAL E 276 -27.77 19.56 30.26
N VAL E 277 -27.32 19.36 29.01
CA VAL E 277 -26.08 19.95 28.55
C VAL E 277 -26.42 21.13 27.64
N LEU E 278 -25.46 22.02 27.51
CA LEU E 278 -25.48 23.06 26.50
C LEU E 278 -24.16 22.94 25.74
N ASP E 279 -24.24 22.32 24.56
CA ASP E 279 -23.05 22.01 23.78
C ASP E 279 -22.59 23.29 23.11
N SER E 280 -21.31 23.58 23.23
CA SER E 280 -20.71 24.73 22.56
C SER E 280 -19.24 24.42 22.40
N SER E 281 -18.62 25.04 21.40
CA SER E 281 -17.18 24.94 21.27
C SER E 281 -16.45 25.78 22.30
N GLN E 282 -17.13 26.73 22.93
CA GLN E 282 -16.52 27.51 24.01
C GLN E 282 -17.63 28.01 24.90
N GLY E 283 -17.38 28.05 26.20
CA GLY E 283 -18.39 28.47 27.15
C GLY E 283 -18.07 29.67 28.02
N ASN E 284 -17.55 30.74 27.44
CA ASN E 284 -17.48 32.02 28.14
C ASN E 284 -18.35 33.08 27.49
N SER E 285 -19.52 32.69 26.99
CA SER E 285 -20.37 33.62 26.28
C SER E 285 -21.37 34.27 27.23
N ILE E 286 -21.91 35.41 26.78
CA ILE E 286 -23.07 36.01 27.40
C ILE E 286 -24.28 35.11 27.21
N PHE E 287 -24.31 34.37 26.11
CA PHE E 287 -25.32 33.34 25.88
C PHE E 287 -25.33 32.32 27.00
N GLN E 288 -24.14 31.86 27.42
CA GLN E 288 -24.04 30.85 28.47
C GLN E 288 -24.56 31.36 29.80
N ILE E 289 -24.18 32.57 30.18
CA ILE E 289 -24.54 33.06 31.50
C ILE E 289 -26.02 33.41 31.55
N ASN E 290 -26.57 33.89 30.43
CA ASN E 290 -28.00 34.17 30.44
C ASN E 290 -28.83 32.90 30.37
N MET E 291 -28.30 31.84 29.74
CA MET E 291 -28.99 30.56 29.78
C MET E 291 -29.02 29.99 31.19
N ILE E 292 -27.92 30.09 31.93
CA ILE E 292 -27.94 29.50 33.27
C ILE E 292 -28.73 30.37 34.23
N LYS E 293 -28.75 31.70 34.00
CA LYS E 293 -29.67 32.56 34.72
C LYS E 293 -31.12 32.20 34.43
N TYR E 294 -31.43 31.89 33.18
CA TYR E 294 -32.76 31.42 32.81
C TYR E 294 -33.08 30.06 33.40
N ILE E 295 -32.06 29.24 33.65
CA ILE E 295 -32.28 27.96 34.30
C ILE E 295 -32.64 28.13 35.77
N LYS E 296 -31.82 28.87 36.53
CA LYS E 296 -31.83 28.72 37.99
C LYS E 296 -33.09 29.30 38.62
N ASP E 297 -33.65 30.36 38.04
CA ASP E 297 -34.86 30.93 38.62
C ASP E 297 -36.09 30.10 38.27
N LYS E 298 -36.12 29.54 37.06
CA LYS E 298 -37.29 28.77 36.66
C LYS E 298 -37.27 27.37 37.25
N TYR E 299 -36.09 26.78 37.37
CA TYR E 299 -35.96 25.38 37.78
C TYR E 299 -34.79 25.23 38.73
N PRO E 300 -35.04 25.37 40.05
CA PRO E 300 -33.97 25.05 41.02
C PRO E 300 -33.69 23.56 41.11
N ASN E 301 -34.66 22.72 40.78
CA ASN E 301 -34.47 21.28 40.90
C ASN E 301 -33.66 20.70 39.73
N LEU E 302 -33.69 21.36 38.58
CA LEU E 302 -33.05 20.88 37.37
C LEU E 302 -31.53 20.98 37.49
N GLN E 303 -30.83 20.22 36.64
CA GLN E 303 -29.39 20.20 36.68
C GLN E 303 -28.86 20.55 35.30
N VAL E 304 -27.66 21.13 35.29
CA VAL E 304 -27.04 21.59 34.08
C VAL E 304 -25.58 21.14 34.08
N ILE E 305 -25.09 20.81 32.89
CA ILE E 305 -23.67 20.58 32.69
C ILE E 305 -23.22 21.52 31.59
N GLY E 306 -22.17 22.28 31.87
CA GLY E 306 -21.85 23.44 31.06
C GLY E 306 -20.55 23.41 30.27
N GLY E 307 -20.66 23.51 28.94
CA GLY E 307 -19.50 23.55 28.09
C GLY E 307 -19.54 24.77 27.19
N ASN E 308 -18.36 25.15 26.68
CA ASN E 308 -17.11 24.44 26.90
C ASN E 308 -16.06 25.34 27.52
N VAL E 309 -15.34 24.79 28.50
CA VAL E 309 -14.31 25.49 29.27
C VAL E 309 -13.10 24.58 29.29
N VAL E 310 -11.92 25.16 29.10
CA VAL E 310 -10.70 24.38 29.28
C VAL E 310 -9.78 25.03 30.30
N THR E 311 -9.51 26.32 30.17
CA THR E 311 -8.74 27.00 31.20
C THR E 311 -9.62 27.53 32.32
N ALA E 312 -9.01 28.13 33.34
CA ALA E 312 -9.64 28.25 34.64
C ALA E 312 -10.52 29.48 34.79
N ALA E 313 -10.25 30.56 34.06
CA ALA E 313 -10.88 31.83 34.40
C ALA E 313 -12.34 31.87 34.00
N GLN E 314 -12.68 31.26 32.87
CA GLN E 314 -14.09 31.20 32.51
C GLN E 314 -14.82 30.24 33.42
N ALA E 315 -14.13 29.22 33.92
CA ALA E 315 -14.70 28.36 34.93
C ALA E 315 -14.98 29.08 36.23
N LYS E 316 -14.10 30.01 36.62
CA LYS E 316 -14.35 30.89 37.76
C LYS E 316 -15.63 31.66 37.56
N ASN E 317 -15.77 32.27 36.38
CA ASN E 317 -16.91 33.12 36.10
C ASN E 317 -18.22 32.34 36.06
N LEU E 318 -18.20 31.11 35.55
CA LEU E 318 -19.45 30.37 35.54
C LEU E 318 -19.78 29.74 36.89
N ILE E 319 -18.78 29.42 37.71
CA ILE E 319 -19.17 28.83 38.98
C ILE E 319 -19.60 29.90 39.98
N ASP E 320 -19.02 31.11 39.95
CA ASP E 320 -19.57 32.11 40.84
C ASP E 320 -20.77 32.78 40.19
N ALA E 321 -20.98 32.51 38.91
CA ALA E 321 -22.27 32.75 38.28
C ALA E 321 -23.30 31.72 38.68
N GLY E 322 -22.88 30.53 39.08
CA GLY E 322 -23.82 29.57 39.64
C GLY E 322 -24.14 28.38 38.77
N VAL E 323 -23.13 27.83 38.11
CA VAL E 323 -23.31 26.64 37.29
C VAL E 323 -23.51 25.43 38.20
N ASP E 324 -24.01 24.33 37.64
CA ASP E 324 -24.04 23.09 38.39
C ASP E 324 -22.83 22.21 38.13
N ALA E 325 -22.37 22.07 36.89
CA ALA E 325 -21.31 21.13 36.59
C ALA E 325 -20.54 21.57 35.35
N LEU E 326 -19.36 20.97 35.18
CA LEU E 326 -18.28 21.49 34.35
C LEU E 326 -17.90 20.52 33.24
N ARG E 327 -17.86 21.03 32.00
CA ARG E 327 -17.62 20.20 30.83
C ARG E 327 -16.32 20.63 30.16
N VAL E 328 -15.38 19.70 30.04
CA VAL E 328 -14.03 20.00 29.58
C VAL E 328 -13.66 19.07 28.42
N GLY E 329 -12.93 19.64 27.48
CA GLY E 329 -12.31 18.96 26.34
C GLY E 329 -13.01 19.36 25.04
N MET E 330 -12.20 19.57 23.99
CA MET E 330 -12.77 20.11 22.76
C MET E 330 -12.50 19.16 21.61
N GLY E 331 -13.25 19.34 20.51
CA GLY E 331 -13.09 18.58 19.29
C GLY E 331 -13.31 17.09 19.43
N SER E 332 -14.38 16.71 20.13
CA SER E 332 -14.74 15.30 20.26
C SER E 332 -16.24 15.18 20.54
N THR E 338 -11.23 17.80 14.38
CA THR E 338 -11.49 19.23 14.23
C THR E 338 -10.59 20.02 15.19
N GLN E 339 -9.96 19.28 16.10
CA GLN E 339 -8.91 19.81 16.98
C GLN E 339 -7.71 20.33 16.22
N GLU E 340 -7.35 19.69 15.10
CA GLU E 340 -6.31 20.17 14.22
C GLU E 340 -6.83 21.27 13.30
N VAL E 341 -8.12 21.58 13.37
CA VAL E 341 -8.74 22.50 12.43
C VAL E 341 -9.04 23.82 13.11
N LEU E 342 -9.86 23.80 14.16
CA LEU E 342 -10.29 25.05 14.77
C LEU E 342 -9.17 25.72 15.55
N ALA E 343 -8.23 24.92 16.05
CA ALA E 343 -6.99 25.37 16.66
C ALA E 343 -7.21 26.33 17.82
N CYS E 344 -8.00 25.95 18.81
CA CYS E 344 -8.20 26.77 19.98
C CYS E 344 -8.27 25.91 21.23
N GLY E 345 -7.93 26.53 22.36
CA GLY E 345 -7.97 25.81 23.62
C GLY E 345 -6.60 25.39 24.08
N ARG E 346 -6.48 24.15 24.54
CA ARG E 346 -5.24 23.65 25.09
C ARG E 346 -5.32 22.12 25.07
N PRO E 347 -4.22 21.39 25.24
CA PRO E 347 -4.32 19.93 25.34
C PRO E 347 -5.04 19.51 26.60
N GLN E 348 -5.42 18.24 26.60
CA GLN E 348 -6.40 17.75 27.56
C GLN E 348 -5.87 17.72 28.97
N ALA E 349 -4.68 17.13 29.14
CA ALA E 349 -4.24 16.68 30.45
C ALA E 349 -3.94 17.83 31.38
N THR E 350 -3.36 18.91 30.87
CA THR E 350 -3.13 20.08 31.70
C THR E 350 -4.44 20.76 32.08
N ALA E 351 -5.42 20.70 31.20
CA ALA E 351 -6.68 21.37 31.46
C ALA E 351 -7.49 20.63 32.50
N VAL E 352 -7.60 19.31 32.35
CA VAL E 352 -8.42 18.52 33.23
C VAL E 352 -7.84 18.51 34.62
N TYR E 353 -6.52 18.74 34.73
CA TYR E 353 -5.87 18.92 36.00
C TYR E 353 -6.33 20.20 36.67
N LYS E 354 -6.16 21.32 35.98
CA LYS E 354 -6.31 22.59 36.68
C LYS E 354 -7.77 22.95 36.89
N VAL E 355 -8.68 22.37 36.10
CA VAL E 355 -10.08 22.61 36.39
C VAL E 355 -10.49 21.93 37.68
N SER E 356 -9.90 20.78 37.98
CA SER E 356 -10.10 20.19 39.29
C SER E 356 -9.38 20.97 40.37
N GLU E 357 -8.23 21.56 40.03
CA GLU E 357 -7.47 22.35 41.00
C GLU E 357 -8.23 23.59 41.43
N TYR E 358 -9.09 24.13 40.58
CA TYR E 358 -9.94 25.20 41.07
C TYR E 358 -11.29 24.70 41.53
N ALA E 359 -11.73 23.53 41.06
CA ALA E 359 -13.06 23.06 41.44
C ALA E 359 -13.08 22.52 42.86
N ARG E 360 -11.95 22.02 43.35
CA ARG E 360 -11.90 21.55 44.73
C ARG E 360 -11.96 22.68 45.73
N ARG E 361 -11.64 23.91 45.32
CA ARG E 361 -11.85 25.07 46.17
C ARG E 361 -13.33 25.36 46.37
N PHE E 362 -14.19 24.85 45.49
CA PHE E 362 -15.62 25.06 45.61
C PHE E 362 -16.42 23.78 45.45
N GLY E 363 -15.76 22.61 45.49
CA GLY E 363 -16.43 21.32 45.56
C GLY E 363 -17.28 21.00 44.36
N VAL E 364 -16.74 21.20 43.17
CA VAL E 364 -17.51 21.14 41.94
C VAL E 364 -17.04 19.92 41.15
N PRO E 365 -17.93 19.08 40.64
CA PRO E 365 -17.51 17.98 39.78
C PRO E 365 -17.16 18.48 38.39
N VAL E 366 -16.58 17.60 37.60
CA VAL E 366 -16.16 17.92 36.24
C VAL E 366 -16.21 16.66 35.38
N ILE E 367 -16.57 16.82 34.11
CA ILE E 367 -16.64 15.76 33.13
C ILE E 367 -15.69 16.12 31.99
N ALA E 368 -15.13 15.10 31.34
CA ALA E 368 -13.92 15.31 30.56
C ALA E 368 -13.93 14.62 29.21
N ASP E 369 -13.44 15.31 28.20
CA ASP E 369 -13.26 14.82 26.83
C ASP E 369 -11.78 14.69 26.49
N GLY E 370 -11.55 14.26 25.25
CA GLY E 370 -10.22 14.21 24.67
C GLY E 370 -9.50 12.91 24.92
N GLY E 371 -8.71 12.48 23.93
CA GLY E 371 -7.78 11.39 24.10
C GLY E 371 -8.41 10.03 24.31
N ILE E 372 -9.59 9.79 23.75
CA ILE E 372 -10.32 8.57 24.02
C ILE E 372 -10.17 7.66 22.82
N GLN E 373 -9.29 6.67 22.92
CA GLN E 373 -9.33 5.56 21.98
C GLN E 373 -9.42 4.23 22.71
N ASN E 374 -8.71 4.08 23.82
CA ASN E 374 -8.72 2.79 24.46
C ASN E 374 -8.74 2.90 25.98
N VAL E 375 -8.65 1.74 26.64
CA VAL E 375 -9.12 1.57 28.00
C VAL E 375 -8.25 2.26 29.03
N GLY E 376 -6.95 2.44 28.77
CA GLY E 376 -6.09 3.02 29.77
C GLY E 376 -6.30 4.51 29.88
N HIS E 377 -6.79 5.12 28.80
CA HIS E 377 -7.03 6.55 28.75
C HIS E 377 -8.03 6.98 29.80
N ILE E 378 -9.08 6.19 29.93
CA ILE E 378 -10.17 6.50 30.83
C ILE E 378 -9.68 6.54 32.25
N ALA E 379 -9.00 5.47 32.63
CA ALA E 379 -8.51 5.32 33.98
C ALA E 379 -7.50 6.38 34.32
N LYS E 380 -6.61 6.72 33.39
CA LYS E 380 -5.60 7.71 33.72
C LYS E 380 -6.21 9.10 33.75
N ALA E 381 -7.26 9.31 32.94
CA ALA E 381 -7.90 10.62 32.90
C ALA E 381 -8.64 10.88 34.18
N LEU E 382 -9.40 9.91 34.67
CA LEU E 382 -10.03 10.08 35.97
C LEU E 382 -8.97 10.07 37.06
N ALA E 383 -7.90 9.32 36.83
CA ALA E 383 -6.93 9.03 37.88
C ALA E 383 -6.07 10.22 38.21
N LEU E 384 -5.82 11.09 37.25
CA LEU E 384 -5.08 12.30 37.60
C LEU E 384 -5.91 13.29 38.39
N GLY E 385 -7.22 13.06 38.50
CA GLY E 385 -8.02 13.88 39.37
C GLY E 385 -9.33 14.32 38.77
N ALA E 386 -9.66 13.82 37.59
CA ALA E 386 -11.00 14.06 37.09
C ALA E 386 -11.98 13.24 37.90
N SER E 387 -13.09 13.87 38.27
CA SER E 387 -14.13 13.16 39.01
C SER E 387 -14.80 12.12 38.16
N THR E 388 -15.04 12.44 36.89
CA THR E 388 -15.57 11.52 35.90
C THR E 388 -15.26 12.07 34.52
N VAL E 389 -15.22 11.20 33.50
CA VAL E 389 -14.89 11.59 32.13
C VAL E 389 -15.95 11.01 31.19
N MET E 390 -16.05 11.61 30.00
CA MET E 390 -17.00 11.23 28.95
C MET E 390 -16.48 10.02 28.20
N MET E 391 -17.41 9.26 27.63
CA MET E 391 -17.04 8.27 26.65
C MET E 391 -17.47 8.79 25.29
N GLY E 392 -16.54 8.85 24.35
CA GLY E 392 -16.89 9.51 23.13
C GLY E 392 -17.01 8.61 21.93
N SER E 393 -16.02 8.67 21.05
CA SER E 393 -16.07 7.89 19.83
C SER E 393 -15.64 6.45 20.03
N LEU E 394 -15.24 6.07 21.24
CA LEU E 394 -14.94 4.66 21.45
C LEU E 394 -16.19 3.81 21.33
N LEU E 395 -17.33 4.33 21.75
CA LEU E 395 -18.55 3.58 21.54
C LEU E 395 -19.30 4.05 20.31
N ALA E 396 -18.61 4.72 19.39
CA ALA E 396 -19.19 4.89 18.07
C ALA E 396 -19.34 3.54 17.42
N ALA E 397 -20.50 3.31 16.82
CA ALA E 397 -20.90 2.07 16.15
C ALA E 397 -20.84 0.87 17.08
N THR E 398 -21.70 0.84 18.08
CA THR E 398 -22.01 -0.37 18.82
C THR E 398 -23.17 -1.08 18.14
N THR E 399 -23.70 -2.12 18.79
CA THR E 399 -24.94 -2.72 18.30
C THR E 399 -26.10 -1.79 18.48
N GLU E 400 -26.07 -0.99 19.54
CA GLU E 400 -27.16 -0.11 19.91
C GLU E 400 -27.23 1.15 19.06
N ALA E 401 -26.29 1.33 18.12
CA ALA E 401 -25.93 2.53 17.33
C ALA E 401 -27.14 3.24 16.71
N PRO E 402 -27.13 4.57 16.61
CA PRO E 402 -28.38 5.29 16.37
C PRO E 402 -28.83 5.15 14.92
N GLY E 403 -30.14 5.03 14.77
CA GLY E 403 -30.60 4.55 13.49
C GLY E 403 -30.43 3.04 13.46
N GLU E 404 -30.31 2.51 12.24
CA GLU E 404 -30.26 1.07 12.06
C GLU E 404 -29.36 0.78 10.87
N TYR E 405 -28.84 -0.44 10.81
CA TYR E 405 -27.93 -0.88 9.77
C TYR E 405 -28.63 -0.97 8.43
N PHE E 406 -27.85 -1.23 7.39
CA PHE E 406 -28.50 -1.45 6.11
C PHE E 406 -27.92 -2.69 5.46
N PHE E 407 -28.35 -2.98 4.24
CA PHE E 407 -28.21 -4.32 3.70
C PHE E 407 -27.57 -4.25 2.33
N SER E 408 -26.34 -4.73 2.23
CA SER E 408 -25.53 -4.55 1.03
C SER E 408 -24.71 -5.80 0.82
N ASP E 409 -24.57 -6.21 -0.44
CA ASP E 409 -23.49 -7.00 -1.06
C ASP E 409 -23.00 -8.18 -0.22
N GLY E 410 -23.86 -8.77 0.60
CA GLY E 410 -23.45 -9.76 1.56
C GLY E 410 -22.82 -9.21 2.82
N ILE E 411 -22.54 -7.90 2.90
CA ILE E 411 -21.89 -7.29 4.05
C ILE E 411 -22.66 -6.05 4.44
N ARG E 412 -23.24 -6.09 5.63
CA ARG E 412 -24.02 -4.97 6.14
C ARG E 412 -23.09 -3.85 6.60
N LEU E 413 -23.70 -2.71 6.90
CA LEU E 413 -22.99 -1.55 7.44
C LEU E 413 -24.04 -0.65 8.07
N LYS E 414 -23.59 0.32 8.88
CA LYS E 414 -24.50 1.14 9.66
C LYS E 414 -24.82 2.45 8.93
N LYS E 415 -26.11 2.76 8.84
CA LYS E 415 -26.58 4.02 8.26
C LYS E 415 -26.90 5.00 9.38
N TYR E 416 -26.81 6.30 9.07
CA TYR E 416 -27.06 7.35 10.04
C TYR E 416 -28.12 8.33 9.51
N ARG E 417 -29.39 7.99 9.72
CA ARG E 417 -30.51 8.90 9.51
C ARG E 417 -31.51 8.63 10.64
N GLY E 418 -31.01 8.59 11.86
CA GLY E 418 -31.83 8.30 13.03
C GLY E 418 -32.90 9.33 13.30
N ALA E 451 -18.52 3.22 6.36
CA ALA E 451 -17.98 3.20 7.72
C ALA E 451 -17.44 1.82 8.09
N VAL E 452 -17.25 1.60 9.39
CA VAL E 452 -16.62 0.38 9.90
C VAL E 452 -17.71 -0.48 10.53
N GLN E 453 -17.61 -1.79 10.37
CA GLN E 453 -18.61 -2.73 10.80
C GLN E 453 -18.58 -2.93 12.33
N ASP E 454 -19.56 -3.67 12.84
CA ASP E 454 -19.97 -3.67 14.24
C ASP E 454 -18.98 -4.35 15.17
N LYS E 455 -18.95 -3.85 16.41
CA LYS E 455 -18.06 -4.37 17.44
C LYS E 455 -18.78 -4.82 18.70
N GLY E 456 -20.11 -4.80 18.75
CA GLY E 456 -20.78 -5.40 19.89
C GLY E 456 -21.81 -4.58 20.63
N SER E 457 -22.44 -5.21 21.63
CA SER E 457 -23.45 -4.58 22.46
C SER E 457 -22.81 -4.16 23.77
N ILE E 458 -23.25 -3.02 24.30
CA ILE E 458 -22.42 -2.33 25.28
C ILE E 458 -22.49 -3.01 26.64
N HIS E 459 -23.64 -3.61 26.97
CA HIS E 459 -23.80 -4.05 28.34
C HIS E 459 -23.07 -5.36 28.62
N LYS E 460 -22.41 -5.94 27.61
CA LYS E 460 -21.31 -6.88 27.84
C LYS E 460 -19.95 -6.26 27.55
N PHE E 461 -19.91 -5.02 27.06
CA PHE E 461 -18.68 -4.35 26.67
C PHE E 461 -18.13 -3.45 27.77
N VAL E 462 -18.95 -2.52 28.24
CA VAL E 462 -18.66 -1.69 29.39
C VAL E 462 -18.40 -2.49 30.68
N PRO E 463 -18.85 -3.75 30.88
CA PRO E 463 -18.21 -4.53 31.95
C PRO E 463 -16.71 -4.74 31.76
N TYR E 464 -16.26 -4.94 30.53
CA TYR E 464 -14.82 -5.02 30.30
C TYR E 464 -14.14 -3.68 30.56
N LEU E 465 -14.86 -2.59 30.33
CA LEU E 465 -14.27 -1.28 30.57
C LEU E 465 -14.18 -0.99 32.07
N ILE E 466 -15.22 -1.36 32.82
CA ILE E 466 -15.16 -1.11 34.24
C ILE E 466 -14.16 -2.06 34.90
N ALA E 467 -14.05 -3.29 34.39
CA ALA E 467 -13.04 -4.20 34.90
C ALA E 467 -11.66 -3.70 34.57
N GLY E 468 -11.49 -3.09 33.40
CA GLY E 468 -10.20 -2.54 33.07
C GLY E 468 -9.83 -1.34 33.90
N ILE E 469 -10.79 -0.51 34.27
CA ILE E 469 -10.41 0.66 35.05
C ILE E 469 -10.18 0.28 36.51
N GLN E 470 -10.92 -0.71 37.02
CA GLN E 470 -10.53 -1.14 38.36
C GLN E 470 -9.27 -1.99 38.35
N HIS E 471 -8.92 -2.58 37.21
CA HIS E 471 -7.61 -3.18 37.06
C HIS E 471 -6.53 -2.12 37.23
N SER E 472 -6.75 -0.95 36.65
CA SER E 472 -5.82 0.15 36.87
C SER E 472 -5.93 0.70 38.28
N CYS E 473 -7.10 0.60 38.90
CA CYS E 473 -7.25 1.08 40.26
C CYS E 473 -6.42 0.24 41.22
N GLN E 474 -6.39 -1.07 41.01
CA GLN E 474 -5.49 -1.88 41.82
C GLN E 474 -4.06 -1.73 41.32
N ASP E 475 -3.87 -1.28 40.09
CA ASP E 475 -2.52 -0.90 39.68
C ASP E 475 -2.03 0.29 40.48
N ILE E 476 -2.90 1.24 40.82
CA ILE E 476 -2.58 2.14 41.92
C ILE E 476 -2.62 1.37 43.23
N GLY E 477 -3.75 0.77 43.54
CA GLY E 477 -3.89 0.15 44.83
C GLY E 477 -4.63 1.05 45.80
N ALA E 478 -5.62 1.77 45.30
CA ALA E 478 -6.48 2.56 46.16
C ALA E 478 -7.86 1.92 46.16
N LYS E 479 -8.50 1.96 47.31
CA LYS E 479 -9.80 1.32 47.44
C LYS E 479 -10.89 2.15 46.77
N SER E 480 -10.75 3.48 46.77
CA SER E 480 -11.72 4.38 46.16
C SER E 480 -11.00 5.41 45.30
N LEU E 481 -11.79 6.13 44.51
CA LEU E 481 -11.27 7.29 43.79
C LEU E 481 -11.18 8.53 44.65
N THR E 482 -11.99 8.63 45.70
CA THR E 482 -11.79 9.69 46.68
C THR E 482 -10.42 9.55 47.32
N GLN E 483 -9.98 8.31 47.49
CA GLN E 483 -8.59 8.05 47.84
C GLN E 483 -7.63 8.51 46.73
N VAL E 484 -8.02 8.48 45.45
CA VAL E 484 -7.01 8.80 44.44
C VAL E 484 -6.85 10.32 44.31
N ARG E 485 -7.91 11.11 44.54
CA ARG E 485 -7.60 12.53 44.61
C ARG E 485 -7.18 12.99 45.99
N ALA E 486 -7.43 12.22 47.05
CA ALA E 486 -6.76 12.50 48.31
C ALA E 486 -5.25 12.31 48.15
N MET E 487 -4.87 11.24 47.46
CA MET E 487 -3.53 11.04 46.94
C MET E 487 -3.03 12.23 46.13
N MET E 488 -3.82 12.67 45.14
CA MET E 488 -3.33 13.67 44.20
C MET E 488 -3.15 15.03 44.88
N TYR E 489 -4.04 15.38 45.79
CA TYR E 489 -3.88 16.61 46.54
C TYR E 489 -2.85 16.46 47.65
N SER E 490 -2.52 15.24 48.03
CA SER E 490 -1.48 15.03 49.03
C SER E 490 -0.14 14.72 48.41
N GLY E 491 -0.10 13.86 47.41
CA GLY E 491 1.12 13.51 46.72
C GLY E 491 1.89 12.34 47.29
N GLU E 492 1.22 11.35 47.90
CA GLU E 492 2.04 10.28 48.46
C GLU E 492 2.46 9.30 47.37
N LEU E 493 1.60 9.09 46.37
CA LEU E 493 1.97 8.42 45.14
C LEU E 493 2.23 9.50 44.10
N LYS E 494 3.10 9.22 43.15
CA LYS E 494 3.74 10.26 42.37
C LYS E 494 3.79 9.79 40.92
N PHE E 495 4.33 10.62 40.01
CA PHE E 495 4.30 10.28 38.59
C PHE E 495 5.59 10.58 37.85
N GLU E 496 5.57 10.44 36.53
CA GLU E 496 6.80 10.61 35.77
C GLU E 496 6.47 10.98 34.33
N LYS E 497 7.50 11.36 33.59
CA LYS E 497 7.50 11.88 32.22
C LYS E 497 7.46 10.70 31.23
N ARG E 498 7.41 11.03 29.94
CA ARG E 498 7.25 10.09 28.84
C ARG E 498 7.66 10.81 27.56
N THR E 499 8.20 10.06 26.60
CA THR E 499 8.52 10.56 25.26
C THR E 499 7.75 9.75 24.22
N SER E 500 7.75 10.29 22.99
CA SER E 500 6.81 9.86 21.97
C SER E 500 7.20 8.56 21.26
N SER E 501 8.33 7.98 21.63
CA SER E 501 8.96 6.96 20.80
C SER E 501 8.23 5.62 20.78
N ALA E 502 7.43 5.31 21.78
CA ALA E 502 6.77 4.01 21.80
C ALA E 502 5.42 4.00 21.08
N GLN E 503 5.04 5.12 20.46
CA GLN E 503 3.73 5.23 19.82
C GLN E 503 3.65 4.43 18.52
N VAL E 504 4.77 4.24 17.83
CA VAL E 504 4.73 3.76 16.46
C VAL E 504 4.49 2.26 16.32
N GLU E 505 4.23 1.54 17.41
CA GLU E 505 3.85 0.13 17.31
C GLU E 505 2.48 -0.03 16.67
N SER F 16 46.84 20.68 27.82
CA SER F 16 46.67 20.13 29.16
C SER F 16 45.37 20.62 29.79
N TYR F 17 44.32 20.75 28.96
CA TYR F 17 43.04 21.23 29.46
C TYR F 17 42.13 20.07 29.82
N VAL F 18 42.04 19.09 28.92
CA VAL F 18 41.22 17.87 29.04
C VAL F 18 39.75 18.25 29.29
N PRO F 19 39.00 18.66 28.26
CA PRO F 19 37.60 19.05 28.44
C PRO F 19 36.71 17.94 28.98
N ASP F 20 35.77 18.36 29.82
CA ASP F 20 34.78 17.45 30.40
C ASP F 20 33.58 17.35 29.47
N ASP F 21 33.28 16.14 29.02
CA ASP F 21 32.39 15.96 27.88
C ASP F 21 31.35 14.89 28.16
N GLY F 22 30.08 15.28 28.17
CA GLY F 22 29.02 14.32 28.42
C GLY F 22 28.37 14.54 29.76
N LEU F 23 27.49 13.63 30.18
CA LEU F 23 26.69 13.81 31.40
C LEU F 23 26.50 12.47 32.08
N THR F 24 26.72 12.44 33.40
CA THR F 24 26.78 11.19 34.15
C THR F 24 25.39 10.63 34.41
N ALA F 25 25.37 9.46 35.05
CA ALA F 25 24.12 8.72 35.21
C ALA F 25 23.20 9.36 36.23
N GLN F 26 23.74 9.84 37.35
CA GLN F 26 22.89 10.59 38.27
C GLN F 26 22.57 11.97 37.72
N GLN F 27 23.34 12.43 36.73
CA GLN F 27 22.92 13.55 35.90
C GLN F 27 22.11 13.10 34.69
N LEU F 28 21.84 11.81 34.54
CA LEU F 28 21.04 11.33 33.43
C LEU F 28 19.62 11.03 33.86
N PHE F 29 19.43 10.63 35.11
CA PHE F 29 18.13 10.13 35.51
C PHE F 29 17.44 10.98 36.56
N ASN F 30 18.19 11.80 37.32
CA ASN F 30 17.56 12.66 38.31
C ASN F 30 16.90 13.89 37.69
N CYS F 31 16.97 14.03 36.36
CA CYS F 31 16.29 15.13 35.69
C CYS F 31 14.77 15.02 35.75
N GLY F 32 14.24 13.83 35.99
CA GLY F 32 12.80 13.70 35.97
C GLY F 32 12.22 13.65 34.57
N ASP F 33 13.02 13.26 33.59
CA ASP F 33 12.60 13.04 32.22
C ASP F 33 12.54 11.55 31.96
N GLY F 34 11.50 11.15 31.23
CA GLY F 34 11.20 9.77 30.93
C GLY F 34 12.12 9.22 29.88
N LEU F 35 12.69 8.04 30.12
CA LEU F 35 13.79 7.55 29.31
C LEU F 35 13.56 6.08 28.96
N THR F 36 13.75 5.77 27.68
CA THR F 36 13.72 4.39 27.20
C THR F 36 15.05 4.04 26.58
N TYR F 37 15.06 2.93 25.84
CA TYR F 37 16.24 2.34 25.22
C TYR F 37 16.91 3.32 24.25
N ASN F 38 16.12 3.91 23.34
CA ASN F 38 16.70 4.74 22.31
C ASN F 38 16.57 6.20 22.68
N ASP F 39 16.80 6.53 23.94
CA ASP F 39 16.64 7.90 24.36
C ASP F 39 18.01 8.41 24.75
N PHE F 40 18.99 7.55 24.52
CA PHE F 40 20.37 7.83 24.87
C PHE F 40 21.21 6.85 24.11
N LEU F 41 22.51 7.05 24.13
CA LEU F 41 23.45 6.20 23.42
C LEU F 41 24.67 6.08 24.33
N ILE F 42 25.54 5.15 24.01
CA ILE F 42 26.71 4.93 24.81
C ILE F 42 27.93 5.31 24.00
N LEU F 43 28.81 6.07 24.63
CA LEU F 43 29.96 6.52 23.89
C LEU F 43 31.18 5.67 24.23
N PRO F 44 32.14 5.51 23.34
CA PRO F 44 33.27 4.63 23.64
C PRO F 44 34.26 5.23 24.63
N GLY F 45 35.10 4.35 25.17
CA GLY F 45 36.16 4.71 26.09
C GLY F 45 37.53 4.37 25.55
N TYR F 46 38.39 3.91 26.47
CA TYR F 46 39.74 3.50 26.09
C TYR F 46 39.80 2.00 25.87
N ILE F 47 40.52 1.57 24.85
CA ILE F 47 40.56 0.17 24.46
C ILE F 47 42.00 -0.30 24.46
N ASP F 48 42.24 -1.44 25.11
CA ASP F 48 43.56 -2.05 25.08
C ASP F 48 43.51 -3.56 24.92
N PHE F 49 42.43 -4.10 24.37
CA PHE F 49 42.35 -5.52 24.07
C PHE F 49 41.41 -5.73 22.89
N THR F 50 41.33 -6.97 22.42
CA THR F 50 40.42 -7.38 21.38
C THR F 50 39.21 -8.10 21.99
N ALA F 51 38.40 -8.70 21.13
CA ALA F 51 37.04 -9.07 21.48
C ALA F 51 36.90 -10.43 22.15
N ASP F 52 37.36 -11.49 21.50
CA ASP F 52 36.86 -12.84 21.76
C ASP F 52 37.31 -13.41 23.10
N GLN F 53 38.25 -12.76 23.77
CA GLN F 53 38.73 -13.28 25.05
C GLN F 53 37.96 -12.68 26.20
N VAL F 54 37.12 -11.67 25.93
CA VAL F 54 36.46 -10.94 27.01
C VAL F 54 35.29 -11.82 27.47
N ASP F 55 35.32 -12.18 28.74
CA ASP F 55 34.32 -13.06 29.32
C ASP F 55 33.39 -12.25 30.22
N LEU F 56 32.12 -12.62 30.25
CA LEU F 56 31.09 -11.89 30.98
C LEU F 56 30.24 -12.83 31.84
N THR F 57 30.88 -13.65 32.65
CA THR F 57 30.15 -14.52 33.56
C THR F 57 29.44 -13.68 34.61
N SER F 58 28.12 -13.84 34.70
CA SER F 58 27.28 -12.96 35.48
C SER F 58 26.50 -13.73 36.53
N ALA F 59 26.19 -13.06 37.63
CA ALA F 59 25.48 -13.69 38.74
C ALA F 59 24.01 -13.32 38.68
N LEU F 60 23.15 -14.33 38.47
CA LEU F 60 21.72 -14.09 38.33
C LEU F 60 20.98 -14.13 39.65
N THR F 61 21.39 -14.99 40.55
CA THR F 61 20.85 -15.00 41.89
C THR F 61 21.95 -14.60 42.85
N LYS F 62 21.66 -14.70 44.13
CA LYS F 62 22.70 -14.58 45.13
C LYS F 62 23.44 -15.88 45.35
N LYS F 63 23.02 -16.96 44.68
CA LYS F 63 23.62 -18.27 44.92
C LYS F 63 24.22 -18.87 43.65
N ILE F 64 23.61 -18.66 42.50
CA ILE F 64 24.10 -19.26 41.27
C ILE F 64 24.43 -18.17 40.26
N THR F 65 25.39 -18.48 39.38
CA THR F 65 25.88 -17.58 38.36
C THR F 65 25.73 -18.20 36.98
N LEU F 66 25.85 -17.36 35.96
CA LEU F 66 25.76 -17.82 34.58
C LEU F 66 26.85 -17.17 33.76
N LYS F 67 27.33 -17.89 32.76
CA LYS F 67 28.35 -17.30 31.91
C LYS F 67 27.76 -16.36 30.86
N THR F 68 26.48 -16.51 30.54
CA THR F 68 25.80 -15.66 29.57
C THR F 68 24.68 -14.94 30.28
N PRO F 69 24.47 -13.65 29.98
CA PRO F 69 23.49 -12.86 30.71
C PRO F 69 22.07 -12.92 30.17
N LEU F 70 21.84 -13.62 29.07
CA LEU F 70 20.55 -13.58 28.41
C LEU F 70 19.75 -14.81 28.77
N VAL F 71 18.57 -14.61 29.38
CA VAL F 71 17.67 -15.70 29.70
C VAL F 71 16.33 -15.45 28.99
N SER F 72 15.58 -16.53 28.82
CA SER F 72 14.37 -16.51 28.03
C SER F 72 13.23 -15.80 28.77
N SER F 73 12.04 -16.00 28.28
CA SER F 73 10.87 -15.40 28.88
C SER F 73 9.96 -16.47 29.45
N PRO F 74 9.19 -16.14 30.47
CA PRO F 74 8.18 -17.09 30.96
C PRO F 74 6.89 -17.09 30.15
N MET F 75 6.91 -16.49 28.96
CA MET F 75 5.71 -16.41 28.15
C MET F 75 5.39 -17.79 27.56
N ASP F 76 4.12 -17.99 27.20
CA ASP F 76 3.66 -19.30 26.73
C ASP F 76 4.21 -19.67 25.36
N THR F 77 4.22 -18.73 24.43
CA THR F 77 4.55 -19.02 23.03
C THR F 77 6.06 -18.89 22.80
N VAL F 78 6.81 -18.80 23.89
CA VAL F 78 8.25 -18.66 23.77
C VAL F 78 9.01 -19.87 24.32
N THR F 79 8.55 -20.49 25.41
CA THR F 79 9.34 -21.55 26.03
C THR F 79 8.63 -22.90 26.03
N GLU F 80 9.44 -23.96 25.91
CA GLU F 80 9.07 -25.31 26.32
C GLU F 80 10.37 -26.03 26.62
N ALA F 81 10.35 -27.37 26.63
CA ALA F 81 11.54 -28.18 26.88
C ALA F 81 12.68 -27.85 25.92
N GLY F 82 12.37 -27.68 24.64
CA GLY F 82 13.39 -27.46 23.63
C GLY F 82 14.17 -26.16 23.80
N MET F 83 13.58 -25.14 24.43
CA MET F 83 14.32 -23.92 24.67
C MET F 83 15.17 -24.08 25.91
N ALA F 84 14.59 -24.69 26.93
CA ALA F 84 15.24 -24.73 28.22
C ALA F 84 16.42 -25.69 28.19
N ILE F 85 16.39 -26.70 27.33
CA ILE F 85 17.61 -27.48 27.14
C ILE F 85 18.63 -26.65 26.40
N ALA F 86 18.20 -25.83 25.43
CA ALA F 86 19.14 -25.22 24.52
C ALA F 86 19.78 -24.00 25.15
N MET F 87 19.04 -23.32 26.03
CA MET F 87 19.50 -22.11 26.65
C MET F 87 20.57 -22.43 27.68
N ALA F 88 20.31 -23.42 28.52
CA ALA F 88 21.31 -23.93 29.45
C ALA F 88 22.42 -24.66 28.74
N LEU F 89 22.11 -25.24 27.58
CA LEU F 89 23.12 -25.82 26.72
C LEU F 89 24.08 -24.75 26.22
N THR F 90 23.58 -23.54 26.06
CA THR F 90 24.39 -22.37 25.76
C THR F 90 24.65 -21.52 27.01
N GLY F 91 24.26 -22.03 28.18
CA GLY F 91 24.57 -21.35 29.42
C GLY F 91 23.61 -20.26 29.84
N GLY F 92 22.37 -20.27 29.35
CA GLY F 92 21.35 -19.38 29.82
C GLY F 92 20.32 -20.10 30.68
N ILE F 93 19.23 -19.42 30.97
CA ILE F 93 18.13 -20.01 31.72
C ILE F 93 16.89 -19.99 30.85
N GLY F 94 16.29 -21.16 30.68
CA GLY F 94 14.97 -21.25 30.11
C GLY F 94 13.94 -21.51 31.20
N PHE F 95 13.04 -20.57 31.43
CA PHE F 95 11.96 -20.79 32.38
C PHE F 95 10.83 -21.53 31.65
N ILE F 96 9.75 -21.78 32.38
CA ILE F 96 8.60 -22.51 31.84
C ILE F 96 7.34 -21.75 32.24
N HIS F 97 6.45 -21.55 31.27
CA HIS F 97 5.20 -20.87 31.51
C HIS F 97 4.30 -21.70 32.41
N HIS F 98 3.26 -21.06 32.93
CA HIS F 98 2.29 -21.74 33.77
C HIS F 98 0.92 -21.76 33.12
N ASN F 99 0.88 -21.68 31.80
CA ASN F 99 -0.36 -21.89 31.05
C ASN F 99 -0.44 -23.35 30.63
N CYS F 100 -0.52 -24.21 31.64
CA CYS F 100 -0.58 -25.64 31.47
C CYS F 100 -1.05 -26.26 32.79
N THR F 101 -1.23 -27.57 32.78
CA THR F 101 -1.50 -28.34 33.97
C THR F 101 -0.20 -28.49 34.77
N PRO F 102 -0.26 -28.91 36.04
CA PRO F 102 1.00 -29.20 36.73
C PRO F 102 1.73 -30.40 36.15
N GLU F 103 1.01 -31.32 35.52
CA GLU F 103 1.58 -32.56 35.03
C GLU F 103 2.17 -32.41 33.64
N PHE F 104 1.53 -31.62 32.76
CA PHE F 104 2.14 -31.27 31.49
C PHE F 104 3.37 -30.41 31.70
N GLN F 105 3.36 -29.58 32.74
CA GLN F 105 4.57 -28.92 33.20
C GLN F 105 5.59 -29.92 33.71
N ALA F 106 5.13 -30.93 34.44
CA ALA F 106 6.02 -31.83 35.16
C ALA F 106 6.79 -32.75 34.21
N ASN F 107 6.16 -33.15 33.10
CA ASN F 107 6.81 -34.07 32.15
C ASN F 107 8.02 -33.44 31.50
N GLU F 108 7.85 -32.26 30.92
CA GLU F 108 8.96 -31.51 30.37
C GLU F 108 9.91 -30.96 31.43
N VAL F 109 9.46 -30.79 32.68
CA VAL F 109 10.43 -30.31 33.65
C VAL F 109 11.31 -31.45 34.13
N ARG F 110 10.83 -32.70 34.13
CA ARG F 110 11.74 -33.82 34.31
C ARG F 110 12.57 -34.05 33.07
N LYS F 111 12.04 -33.68 31.90
CA LYS F 111 12.84 -33.76 30.69
C LYS F 111 14.01 -32.78 30.72
N VAL F 112 13.82 -31.60 31.30
CA VAL F 112 14.89 -30.62 31.28
C VAL F 112 15.81 -30.73 32.50
N LYS F 113 15.30 -31.20 33.65
CA LYS F 113 16.18 -31.62 34.73
C LYS F 113 17.10 -32.75 34.32
N LYS F 114 16.65 -33.61 33.44
CA LYS F 114 17.44 -34.72 32.94
C LYS F 114 18.23 -34.22 31.72
N TYR F 115 18.62 -35.13 30.80
CA TYR F 115 19.37 -34.87 29.56
C TYR F 115 20.81 -34.48 29.93
N GLU F 116 21.28 -35.00 31.07
CA GLU F 116 22.58 -34.61 31.60
C GLU F 116 23.45 -35.76 32.06
N GLN F 117 22.86 -36.87 32.52
CA GLN F 117 23.21 -37.59 33.76
C GLN F 117 24.63 -37.54 34.29
N GLY F 118 24.77 -37.22 35.58
CA GLY F 118 25.95 -37.54 36.37
C GLY F 118 25.69 -38.77 37.22
N PHE F 119 26.00 -38.72 38.52
CA PHE F 119 25.67 -39.83 39.41
C PHE F 119 24.17 -39.89 39.64
N ILE F 120 23.43 -40.50 38.73
CA ILE F 120 21.98 -40.39 38.79
C ILE F 120 21.34 -41.53 39.54
N THR F 121 20.32 -41.20 40.32
CA THR F 121 19.31 -42.16 40.71
C THR F 121 18.32 -42.36 39.57
N ASP F 122 17.37 -43.27 39.80
CA ASP F 122 16.21 -43.74 39.03
C ASP F 122 16.32 -43.65 37.50
N PRO F 123 17.24 -44.38 36.85
CA PRO F 123 17.06 -44.58 35.42
C PRO F 123 16.07 -45.70 35.19
N VAL F 124 15.70 -45.97 33.98
CA VAL F 124 14.79 -47.07 33.71
C VAL F 124 15.59 -48.37 33.67
N VAL F 125 15.00 -49.42 34.22
CA VAL F 125 15.73 -50.67 34.44
C VAL F 125 14.75 -51.82 34.24
N LEU F 126 15.21 -52.88 33.57
CA LEU F 126 14.35 -53.98 33.16
C LEU F 126 14.86 -55.30 33.72
N SER F 127 13.95 -56.26 33.80
CA SER F 127 14.11 -57.66 34.13
C SER F 127 14.06 -58.50 32.86
N PRO F 128 14.92 -59.52 32.73
CA PRO F 128 15.03 -60.22 31.45
C PRO F 128 13.87 -61.14 31.11
N LYS F 129 12.93 -61.38 32.03
CA LYS F 129 11.88 -62.39 31.86
C LYS F 129 10.93 -62.12 30.71
N ASP F 130 10.89 -60.91 30.16
CA ASP F 130 9.98 -60.55 29.10
C ASP F 130 10.70 -60.59 27.74
N ARG F 131 10.04 -60.10 26.70
CA ARG F 131 10.56 -60.11 25.35
C ARG F 131 10.71 -58.67 24.85
N VAL F 132 10.88 -58.54 23.54
CA VAL F 132 11.72 -57.48 22.96
C VAL F 132 11.04 -56.11 23.03
N ARG F 133 9.70 -56.05 23.20
CA ARG F 133 9.00 -54.79 22.92
C ARG F 133 9.36 -53.66 23.89
N ASP F 134 9.93 -54.01 25.04
CA ASP F 134 10.16 -53.05 26.11
C ASP F 134 11.23 -52.01 25.78
N VAL F 135 12.29 -52.41 25.06
CA VAL F 135 13.38 -51.47 24.86
C VAL F 135 13.05 -50.39 23.84
N PHE F 136 12.48 -50.75 22.69
CA PHE F 136 12.06 -49.70 21.77
C PHE F 136 10.73 -49.12 22.21
N GLU F 137 10.02 -49.82 23.10
CA GLU F 137 8.88 -49.23 23.78
C GLU F 137 9.31 -48.08 24.67
N ALA F 138 10.48 -48.21 25.31
CA ALA F 138 11.04 -47.10 26.05
C ALA F 138 11.52 -46.02 25.09
N LYS F 139 12.23 -46.42 24.02
CA LYS F 139 12.71 -45.53 22.97
C LYS F 139 11.63 -44.65 22.36
N ALA F 140 10.44 -45.20 22.09
CA ALA F 140 9.36 -44.38 21.57
C ALA F 140 8.82 -43.44 22.63
N ARG F 141 9.01 -43.79 23.92
CA ARG F 141 8.55 -42.98 25.03
C ARG F 141 9.67 -42.11 25.60
N HIS F 142 10.93 -42.47 25.32
CA HIS F 142 12.04 -41.77 25.97
C HIS F 142 13.20 -41.40 25.06
N GLY F 143 13.43 -42.10 23.95
CA GLY F 143 14.47 -41.70 23.02
C GLY F 143 15.82 -42.34 23.20
N PHE F 144 16.03 -43.14 24.25
CA PHE F 144 17.29 -43.82 24.44
C PHE F 144 17.05 -45.32 24.57
N CYS F 145 18.13 -46.09 24.40
CA CYS F 145 18.12 -47.52 24.67
C CYS F 145 19.38 -47.97 25.40
N GLY F 146 19.97 -47.08 26.20
CA GLY F 146 21.01 -47.52 27.11
C GLY F 146 20.36 -48.00 28.40
N ILE F 147 20.24 -49.30 28.57
CA ILE F 147 19.50 -49.85 29.69
C ILE F 147 20.26 -50.99 30.35
N PRO F 148 20.48 -50.93 31.66
CA PRO F 148 21.02 -52.09 32.37
C PRO F 148 19.91 -53.10 32.67
N ILE F 149 20.34 -54.32 32.99
CA ILE F 149 19.42 -55.41 33.30
C ILE F 149 19.74 -55.87 34.71
N THR F 150 18.71 -55.98 35.55
CA THR F 150 18.85 -56.53 36.89
C THR F 150 18.04 -57.81 36.99
N ASP F 151 18.04 -58.35 38.19
CA ASP F 151 17.21 -59.51 38.49
C ASP F 151 15.75 -59.15 38.71
N THR F 152 15.49 -58.00 39.32
CA THR F 152 14.12 -57.64 39.69
C THR F 152 13.52 -56.59 38.77
N GLY F 153 14.34 -55.75 38.15
CA GLY F 153 13.84 -54.60 37.43
C GLY F 153 13.73 -53.35 38.26
N ARG F 154 14.48 -53.27 39.35
CA ARG F 154 14.43 -52.13 40.26
C ARG F 154 15.81 -51.49 40.32
N MET F 155 15.88 -50.34 40.99
CA MET F 155 17.14 -49.61 41.12
C MET F 155 18.06 -50.34 42.08
N GLY F 156 17.61 -50.52 43.33
CA GLY F 156 18.40 -51.21 44.32
C GLY F 156 18.36 -52.71 44.14
N SER F 157 19.02 -53.21 43.10
CA SER F 157 18.96 -54.62 42.73
C SER F 157 20.33 -55.09 42.28
N ARG F 158 20.49 -56.41 42.24
CA ARG F 158 21.74 -57.02 41.82
C ARG F 158 21.87 -56.94 40.30
N LEU F 159 23.07 -56.63 39.83
CA LEU F 159 23.31 -56.48 38.39
C LEU F 159 23.37 -57.83 37.70
N VAL F 160 22.85 -57.86 36.46
CA VAL F 160 22.90 -59.06 35.64
C VAL F 160 23.53 -58.71 34.29
N GLY F 161 22.90 -57.80 33.54
CA GLY F 161 23.42 -57.38 32.25
C GLY F 161 23.03 -56.00 31.81
N ILE F 162 23.17 -55.71 30.52
CA ILE F 162 22.91 -54.38 29.98
C ILE F 162 22.66 -54.49 28.48
N ILE F 163 21.72 -53.70 27.96
CA ILE F 163 21.33 -53.75 26.56
C ILE F 163 21.49 -52.36 25.93
N SER F 164 22.03 -52.33 24.72
CA SER F 164 22.30 -51.10 23.99
C SER F 164 21.51 -51.06 22.69
N SER F 165 21.69 -49.95 21.97
CA SER F 165 21.20 -49.76 20.61
C SER F 165 21.82 -50.74 19.64
N ARG F 166 23.10 -51.07 19.84
CA ARG F 166 23.79 -51.97 18.92
C ARG F 166 23.41 -53.41 19.19
N ASP F 167 22.66 -53.66 20.25
CA ASP F 167 22.03 -54.95 20.43
C ASP F 167 20.75 -55.06 19.63
N ILE F 168 20.06 -53.94 19.39
CA ILE F 168 18.69 -54.00 18.91
C ILE F 168 18.56 -53.33 17.56
N ASP F 169 19.69 -53.10 16.90
CA ASP F 169 19.68 -52.32 15.67
C ASP F 169 19.20 -53.14 14.47
N PHE F 170 19.15 -54.46 14.60
CA PHE F 170 19.12 -55.28 13.41
C PHE F 170 17.98 -56.27 13.29
N LEU F 171 17.38 -56.73 14.39
CA LEU F 171 16.83 -58.08 14.40
C LEU F 171 15.44 -58.16 13.77
N LYS F 172 15.28 -59.16 12.91
CA LYS F 172 14.01 -59.49 12.27
C LYS F 172 12.99 -59.99 13.27
N GLU F 173 13.43 -60.52 14.41
CA GLU F 173 12.53 -61.04 15.42
C GLU F 173 12.22 -59.94 16.41
N GLU F 174 11.39 -58.98 15.98
CA GLU F 174 11.18 -57.74 16.73
C GLU F 174 10.45 -57.96 18.05
N GLU F 175 9.77 -59.09 18.21
CA GLU F 175 9.51 -59.65 19.54
C GLU F 175 9.51 -61.16 19.47
N HIS F 176 9.91 -61.72 18.33
CA HIS F 176 9.51 -63.07 17.94
C HIS F 176 10.27 -64.09 18.78
N ASP F 177 9.70 -64.43 19.94
CA ASP F 177 10.18 -65.42 20.91
C ASP F 177 11.59 -65.12 21.42
N CYS F 178 12.02 -63.86 21.35
CA CYS F 178 13.35 -63.51 21.84
C CYS F 178 13.30 -62.96 23.26
N PHE F 179 13.11 -63.85 24.22
CA PHE F 179 13.25 -63.53 25.64
C PHE F 179 14.65 -63.00 25.92
N LEU F 180 14.75 -61.96 26.74
CA LEU F 180 15.98 -61.19 26.92
C LEU F 180 17.14 -61.93 27.58
N GLU F 181 16.93 -63.17 28.01
CA GLU F 181 17.98 -63.94 28.69
C GLU F 181 19.17 -64.26 27.78
N GLU F 182 18.93 -64.58 26.51
CA GLU F 182 20.03 -65.04 25.66
C GLU F 182 20.56 -63.94 24.73
N ILE F 183 19.78 -62.88 24.49
CA ILE F 183 20.30 -61.75 23.73
C ILE F 183 20.59 -60.69 24.78
N MET F 184 21.83 -60.71 25.25
CA MET F 184 22.15 -60.30 26.61
C MET F 184 23.66 -60.23 26.81
N THR F 185 24.12 -59.38 27.71
CA THR F 185 25.55 -59.19 27.89
C THR F 185 25.98 -59.71 29.25
N LYS F 186 26.73 -60.82 29.23
CA LYS F 186 26.99 -61.66 30.40
C LYS F 186 27.76 -60.88 31.45
N ARG F 187 27.47 -61.14 32.72
CA ARG F 187 27.97 -60.40 33.87
C ARG F 187 29.48 -60.24 33.92
N GLU F 188 30.22 -61.28 33.55
CA GLU F 188 31.64 -61.34 33.85
C GLU F 188 32.49 -60.35 33.03
N ASP F 189 32.22 -60.18 31.74
CA ASP F 189 33.04 -59.25 30.96
C ASP F 189 32.43 -57.85 30.95
N LEU F 190 32.08 -57.37 32.13
CA LEU F 190 31.42 -56.08 32.31
C LEU F 190 32.24 -55.27 33.29
N VAL F 191 32.80 -54.17 32.82
CA VAL F 191 33.63 -53.32 33.66
C VAL F 191 32.73 -52.55 34.61
N VAL F 192 33.05 -52.62 35.90
CA VAL F 192 32.28 -51.91 36.92
C VAL F 192 33.29 -51.33 37.90
N ALA F 193 32.92 -50.25 38.60
CA ALA F 193 33.80 -49.60 39.55
C ALA F 193 33.07 -49.57 40.88
N PRO F 194 33.78 -49.41 42.00
CA PRO F 194 33.07 -49.28 43.29
C PRO F 194 32.34 -47.96 43.38
N ALA F 195 31.42 -47.90 44.33
CA ALA F 195 30.63 -46.71 44.60
C ALA F 195 31.32 -45.89 45.69
N GLY F 196 30.63 -44.86 46.18
CA GLY F 196 31.18 -44.02 47.23
C GLY F 196 32.36 -43.19 46.79
N ILE F 197 32.40 -42.84 45.50
CA ILE F 197 33.55 -42.17 44.91
C ILE F 197 33.06 -40.96 44.12
N THR F 198 33.96 -40.02 43.90
CA THR F 198 33.60 -38.83 43.14
C THR F 198 33.83 -39.10 41.66
N LEU F 199 33.57 -38.09 40.82
CA LEU F 199 33.39 -38.30 39.39
C LEU F 199 34.69 -38.31 38.62
N LYS F 200 35.77 -37.75 39.18
CA LYS F 200 37.03 -37.62 38.44
C LYS F 200 37.66 -38.98 38.16
N GLU F 201 37.77 -39.82 39.19
CA GLU F 201 38.27 -41.16 38.98
C GLU F 201 37.30 -41.99 38.15
N ALA F 202 36.01 -41.68 38.22
CA ALA F 202 35.06 -42.30 37.31
C ALA F 202 35.32 -41.88 35.87
N ASN F 203 35.80 -40.65 35.66
CA ASN F 203 36.14 -40.22 34.31
C ASN F 203 37.37 -40.94 33.79
N GLU F 204 38.37 -41.18 34.66
CA GLU F 204 39.50 -41.98 34.20
C GLU F 204 39.08 -43.44 33.95
N ILE F 205 38.07 -43.93 34.67
CA ILE F 205 37.52 -45.24 34.34
C ILE F 205 36.78 -45.19 33.00
N LEU F 206 36.16 -44.05 32.69
CA LEU F 206 35.53 -43.88 31.39
C LEU F 206 36.56 -43.89 30.26
N GLN F 207 37.70 -43.23 30.47
CA GLN F 207 38.78 -43.29 29.50
C GLN F 207 39.40 -44.68 29.40
N ARG F 208 39.76 -45.30 30.53
CA ARG F 208 40.39 -46.61 30.47
C ARG F 208 39.41 -47.72 30.14
N SER F 209 38.11 -47.42 30.11
CA SER F 209 37.16 -48.26 29.43
C SER F 209 37.34 -48.16 27.93
N LYS F 210 37.68 -46.96 27.46
CA LYS F 210 37.62 -46.56 26.06
C LYS F 210 36.24 -46.82 25.46
N LYS F 211 35.19 -46.79 26.30
CA LYS F 211 33.93 -47.40 25.93
C LYS F 211 32.70 -46.54 26.23
N GLY F 212 32.60 -45.95 27.42
CA GLY F 212 31.51 -45.03 27.68
C GLY F 212 30.44 -45.26 28.75
N LYS F 213 29.92 -46.46 28.97
CA LYS F 213 28.91 -46.65 30.01
C LYS F 213 29.49 -47.45 31.16
N LEU F 214 29.15 -47.05 32.37
CA LEU F 214 29.84 -47.55 33.56
C LEU F 214 28.88 -47.58 34.74
N PRO F 215 28.47 -48.76 35.18
CA PRO F 215 27.76 -48.85 36.46
C PRO F 215 28.73 -48.91 37.64
N ILE F 216 28.25 -48.44 38.79
CA ILE F 216 29.00 -48.52 40.03
C ILE F 216 28.12 -49.11 41.12
N VAL F 217 28.69 -50.05 41.89
CA VAL F 217 27.96 -50.74 42.95
C VAL F 217 28.77 -50.68 44.23
N ASN F 218 28.16 -51.21 45.30
CA ASN F 218 28.82 -51.41 46.58
C ASN F 218 29.48 -52.79 46.63
N GLU F 219 29.90 -53.21 47.82
CA GLU F 219 30.51 -54.52 47.98
C GLU F 219 29.54 -55.66 47.78
N ASP F 220 28.25 -55.45 48.06
CA ASP F 220 27.23 -56.47 47.87
C ASP F 220 26.46 -56.29 46.58
N ASP F 221 27.01 -55.51 45.63
CA ASP F 221 26.53 -55.39 44.26
C ASP F 221 25.12 -54.81 44.18
N GLU F 222 24.83 -53.80 44.99
CA GLU F 222 23.60 -53.03 44.80
C GLU F 222 23.92 -51.77 44.01
N LEU F 223 23.17 -51.56 42.93
CA LEU F 223 23.35 -50.39 42.10
C LEU F 223 22.84 -49.16 42.85
N VAL F 224 23.66 -48.11 42.89
CA VAL F 224 23.19 -46.81 43.36
C VAL F 224 23.29 -45.73 42.30
N ALA F 225 24.15 -45.87 41.28
CA ALA F 225 24.26 -44.90 40.19
C ALA F 225 24.94 -45.54 39.00
N ILE F 226 24.77 -44.91 37.84
CA ILE F 226 25.39 -45.34 36.60
C ILE F 226 25.81 -44.10 35.83
N ILE F 227 27.02 -44.16 35.28
CA ILE F 227 27.51 -43.11 34.40
C ILE F 227 27.43 -43.60 32.97
N ALA F 228 26.81 -42.78 32.12
CA ALA F 228 26.52 -43.06 30.73
C ALA F 228 27.56 -42.37 29.85
N ARG F 229 27.26 -42.33 28.55
CA ARG F 229 28.22 -41.94 27.53
C ARG F 229 28.26 -40.45 27.24
N THR F 230 27.15 -39.86 26.83
CA THR F 230 27.19 -38.60 26.12
C THR F 230 27.48 -37.40 27.01
N ASP F 231 27.62 -37.61 28.33
CA ASP F 231 27.95 -36.52 29.25
C ASP F 231 29.26 -35.83 28.88
N LEU F 232 30.31 -36.60 28.62
CA LEU F 232 31.57 -35.99 28.25
C LEU F 232 31.55 -35.39 26.85
N LYS F 233 30.79 -35.97 25.91
CA LYS F 233 30.77 -35.37 24.59
C LYS F 233 29.97 -34.08 24.58
N LYS F 234 28.97 -33.98 25.47
CA LYS F 234 28.28 -32.71 25.66
C LYS F 234 29.13 -31.72 26.43
N ASN F 235 30.01 -32.20 27.30
CA ASN F 235 30.96 -31.35 27.97
C ASN F 235 31.96 -30.74 27.00
N ARG F 236 32.50 -31.54 26.08
CA ARG F 236 33.46 -31.02 25.13
C ARG F 236 32.78 -30.21 24.03
N ASP F 237 31.54 -30.58 23.69
CA ASP F 237 30.88 -29.96 22.55
C ASP F 237 30.36 -28.60 22.93
N TYR F 238 30.12 -28.37 24.22
CA TYR F 238 29.72 -27.07 24.76
C TYR F 238 30.54 -26.89 26.02
N PRO F 239 31.62 -26.12 25.94
CA PRO F 239 32.66 -26.19 26.99
C PRO F 239 32.23 -25.68 28.35
N LEU F 240 31.62 -24.51 28.41
CA LEU F 240 31.03 -24.01 29.64
C LEU F 240 29.53 -23.89 29.37
N ALA F 241 28.74 -24.18 30.40
CA ALA F 241 27.28 -24.07 30.30
C ALA F 241 26.60 -23.71 31.61
N SER F 242 27.36 -23.40 32.67
CA SER F 242 26.88 -22.96 33.98
C SER F 242 25.95 -23.97 34.68
N LYS F 243 26.50 -25.12 35.06
CA LYS F 243 25.74 -26.17 35.72
C LYS F 243 25.78 -25.98 37.23
N ASP F 244 25.06 -26.83 37.93
CA ASP F 244 24.92 -26.70 39.39
C ASP F 244 26.08 -27.40 40.08
N ALA F 245 26.01 -27.46 41.42
CA ALA F 245 26.99 -28.23 42.17
C ALA F 245 26.77 -29.72 41.99
N LYS F 246 25.51 -30.14 41.87
CA LYS F 246 25.20 -31.54 41.66
C LYS F 246 25.18 -31.92 40.21
N LYS F 247 26.00 -31.28 39.38
CA LYS F 247 26.35 -31.71 38.02
C LYS F 247 25.24 -31.49 36.99
N GLN F 248 23.97 -31.40 37.41
CA GLN F 248 22.88 -31.37 36.45
C GLN F 248 22.69 -29.99 35.82
N LEU F 249 21.72 -29.91 34.90
CA LEU F 249 21.33 -28.64 34.30
C LEU F 249 20.64 -27.74 35.31
N LEU F 250 20.56 -26.46 34.97
CA LEU F 250 19.69 -25.55 35.67
C LEU F 250 18.39 -25.39 34.90
N CYS F 251 17.32 -25.07 35.61
CA CYS F 251 16.07 -24.73 34.95
C CYS F 251 15.22 -23.88 35.87
N GLY F 252 14.18 -23.27 35.29
CA GLY F 252 13.18 -22.54 36.04
C GLY F 252 11.79 -22.63 35.46
N ALA F 253 10.82 -21.99 36.13
CA ALA F 253 9.43 -22.02 35.70
C ALA F 253 8.68 -20.89 36.41
N ALA F 254 7.53 -20.55 35.85
CA ALA F 254 6.67 -19.52 36.41
C ALA F 254 5.44 -20.16 37.03
N ILE F 255 4.82 -19.44 37.95
CA ILE F 255 3.58 -19.87 38.59
C ILE F 255 2.60 -18.70 38.56
N GLY F 256 1.39 -18.94 39.05
CA GLY F 256 0.33 -17.97 38.97
C GLY F 256 0.21 -17.04 40.16
N THR F 257 -1.03 -16.72 40.53
CA THR F 257 -1.29 -15.79 41.62
C THR F 257 -2.29 -16.38 42.61
N HIS F 258 -2.88 -17.51 42.25
CA HIS F 258 -4.05 -17.95 42.98
C HIS F 258 -3.64 -19.00 44.02
N GLU F 259 -4.59 -19.34 44.91
CA GLU F 259 -4.29 -20.14 46.08
C GLU F 259 -3.85 -21.56 45.75
N ASP F 260 -4.20 -22.06 44.57
CA ASP F 260 -3.84 -23.40 44.13
C ASP F 260 -2.38 -23.53 43.73
N ASP F 261 -1.59 -22.45 43.80
CA ASP F 261 -0.19 -22.46 43.41
C ASP F 261 0.67 -23.36 44.29
N LYS F 262 0.26 -23.59 45.54
CA LYS F 262 1.09 -24.33 46.48
C LYS F 262 1.21 -25.80 46.10
N TYR F 263 0.13 -26.39 45.60
CA TYR F 263 0.16 -27.73 45.05
C TYR F 263 1.11 -27.82 43.85
N ARG F 264 1.08 -26.81 42.98
CA ARG F 264 1.99 -26.77 41.84
C ARG F 264 3.45 -26.63 42.25
N LEU F 265 3.73 -25.74 43.19
CA LEU F 265 5.13 -25.50 43.57
C LEU F 265 5.66 -26.66 44.39
N ASP F 266 4.79 -27.34 45.12
CA ASP F 266 5.26 -28.53 45.82
C ASP F 266 5.40 -29.71 44.87
N LEU F 267 4.59 -29.78 43.81
CA LEU F 267 4.79 -30.77 42.77
C LEU F 267 6.11 -30.57 42.05
N LEU F 268 6.50 -29.32 41.80
CA LEU F 268 7.78 -29.17 41.13
C LEU F 268 8.94 -29.13 42.10
N ALA F 269 8.66 -28.99 43.40
CA ALA F 269 9.68 -29.31 44.38
C ALA F 269 9.90 -30.81 44.46
N GLN F 270 8.83 -31.58 44.22
CA GLN F 270 9.00 -33.01 43.98
C GLN F 270 9.72 -33.25 42.66
N ALA F 271 9.59 -32.34 41.69
CA ALA F 271 10.49 -32.38 40.56
C ALA F 271 11.89 -31.92 40.94
N GLY F 272 12.01 -31.05 41.94
CA GLY F 272 13.32 -30.66 42.41
C GLY F 272 14.05 -29.65 41.55
N VAL F 273 13.33 -28.73 40.93
CA VAL F 273 13.93 -27.67 40.13
C VAL F 273 14.05 -26.41 40.98
N ASP F 274 15.19 -25.72 40.88
CA ASP F 274 15.67 -24.89 41.98
C ASP F 274 15.28 -23.42 41.91
N VAL F 275 14.97 -22.88 40.73
CA VAL F 275 14.59 -21.47 40.63
C VAL F 275 13.20 -21.40 40.03
N VAL F 276 12.44 -20.39 40.45
CA VAL F 276 11.03 -20.30 40.09
C VAL F 276 10.63 -18.83 39.99
N VAL F 277 9.77 -18.52 39.01
CA VAL F 277 9.23 -17.19 38.86
C VAL F 277 7.79 -17.19 39.35
N LEU F 278 7.32 -16.02 39.73
CA LEU F 278 5.91 -15.76 39.97
C LEU F 278 5.53 -14.58 39.07
N ASP F 279 4.88 -14.91 37.95
CA ASP F 279 4.57 -13.92 36.93
C ASP F 279 3.37 -13.12 37.42
N SER F 280 3.48 -11.80 37.36
CA SER F 280 2.38 -10.92 37.69
C SER F 280 2.61 -9.61 36.96
N SER F 281 1.53 -8.90 36.71
CA SER F 281 1.67 -7.57 36.15
C SER F 281 2.16 -6.56 37.18
N GLN F 282 2.06 -6.88 38.47
CA GLN F 282 2.61 -6.01 39.50
C GLN F 282 2.92 -6.88 40.71
N GLY F 283 4.01 -6.55 41.41
CA GLY F 283 4.43 -7.34 42.55
C GLY F 283 4.53 -6.62 43.88
N ASN F 284 3.53 -5.83 44.25
CA ASN F 284 3.42 -5.33 45.61
C ASN F 284 2.18 -5.87 46.31
N SER F 285 1.83 -7.12 46.05
CA SER F 285 0.62 -7.69 46.62
C SER F 285 0.92 -8.38 47.94
N ILE F 286 -0.15 -8.57 48.72
CA ILE F 286 -0.13 -9.47 49.87
C ILE F 286 0.05 -10.90 49.40
N PHE F 287 -0.46 -11.21 48.21
CA PHE F 287 -0.22 -12.50 47.56
C PHE F 287 1.27 -12.76 47.39
N GLN F 288 2.02 -11.75 46.95
CA GLN F 288 3.46 -11.91 46.73
C GLN F 288 4.21 -12.19 48.02
N ILE F 289 3.91 -11.43 49.07
CA ILE F 289 4.69 -11.56 50.29
C ILE F 289 4.33 -12.86 51.00
N ASN F 290 3.07 -13.29 50.90
CA ASN F 290 2.74 -14.56 51.53
C ASN F 290 3.26 -15.74 50.72
N MET F 291 3.39 -15.60 49.40
CA MET F 291 4.03 -16.65 48.63
C MET F 291 5.50 -16.77 48.97
N ILE F 292 6.21 -15.66 49.15
CA ILE F 292 7.64 -15.79 49.46
C ILE F 292 7.85 -16.22 50.91
N LYS F 293 6.93 -15.85 51.81
CA LYS F 293 6.93 -16.42 53.15
C LYS F 293 6.70 -17.93 53.11
N TYR F 294 5.79 -18.39 52.26
CA TYR F 294 5.56 -19.82 52.05
C TYR F 294 6.75 -20.50 51.42
N ILE F 295 7.55 -19.77 50.64
CA ILE F 295 8.76 -20.34 50.07
C ILE F 295 9.83 -20.56 51.13
N LYS F 296 10.16 -19.52 51.90
CA LYS F 296 11.44 -19.50 52.60
C LYS F 296 11.48 -20.48 53.77
N ASP F 297 10.34 -20.73 54.42
CA ASP F 297 10.36 -21.67 55.53
C ASP F 297 10.34 -23.10 55.03
N LYS F 298 9.66 -23.37 53.92
CA LYS F 298 9.59 -24.74 53.43
C LYS F 298 10.85 -25.12 52.66
N TYR F 299 11.43 -24.16 51.94
CA TYR F 299 12.55 -24.45 51.04
C TYR F 299 13.58 -23.34 51.15
N PRO F 300 14.55 -23.46 52.05
CA PRO F 300 15.66 -22.50 52.05
C PRO F 300 16.60 -22.69 50.88
N ASN F 301 16.66 -23.88 50.30
CA ASN F 301 17.58 -24.13 49.19
C ASN F 301 17.03 -23.61 47.86
N LEU F 302 15.72 -23.49 47.74
CA LEU F 302 15.08 -23.08 46.50
C LEU F 302 15.33 -21.60 46.22
N GLN F 303 15.13 -21.23 44.96
CA GLN F 303 15.36 -19.85 44.55
C GLN F 303 14.10 -19.30 43.91
N VAL F 304 13.95 -17.99 44.01
CA VAL F 304 12.77 -17.31 43.52
C VAL F 304 13.21 -16.08 42.76
N ILE F 305 12.48 -15.77 41.70
CA ILE F 305 12.62 -14.50 41.01
C ILE F 305 11.26 -13.83 40.99
N GLY F 306 11.20 -12.59 41.44
CA GLY F 306 9.94 -11.97 41.79
C GLY F 306 9.50 -10.79 40.97
N GLY F 307 8.33 -10.93 40.33
CA GLY F 307 7.76 -9.85 39.56
C GLY F 307 6.33 -9.56 40.01
N ASN F 308 5.86 -8.36 39.68
CA ASN F 308 6.60 -7.37 38.91
C ASN F 308 6.76 -6.06 39.67
N VAL F 309 7.96 -5.50 39.60
CA VAL F 309 8.35 -4.27 40.28
C VAL F 309 9.03 -3.39 39.24
N VAL F 310 8.72 -2.10 39.25
CA VAL F 310 9.45 -1.18 38.40
C VAL F 310 10.06 -0.05 39.22
N THR F 311 9.28 0.60 40.08
CA THR F 311 9.87 1.59 40.97
C THR F 311 10.38 0.97 42.27
N ALA F 312 10.97 1.78 43.13
CA ALA F 312 11.90 1.29 44.13
C ALA F 312 11.23 0.84 45.42
N ALA F 313 10.07 1.39 45.78
CA ALA F 313 9.56 1.20 47.13
C ALA F 313 9.02 -0.20 47.35
N GLN F 314 8.38 -0.77 46.33
CA GLN F 314 7.92 -2.14 46.47
C GLN F 314 9.10 -3.09 46.45
N ALA F 315 10.18 -2.71 45.74
CA ALA F 315 11.40 -3.47 45.79
C ALA F 315 12.03 -3.45 47.18
N LYS F 316 11.97 -2.31 47.87
CA LYS F 316 12.39 -2.22 49.27
C LYS F 316 11.63 -3.22 50.11
N ASN F 317 10.31 -3.22 49.95
CA ASN F 317 9.46 -4.06 50.79
C ASN F 317 9.68 -5.54 50.52
N LEU F 318 9.94 -5.92 49.27
CA LEU F 318 10.17 -7.35 49.04
C LEU F 318 11.58 -7.78 49.40
N ILE F 319 12.57 -6.88 49.34
CA ILE F 319 13.89 -7.37 49.70
C ILE F 319 14.07 -7.42 51.21
N ASP F 320 13.46 -6.49 51.97
CA ASP F 320 13.57 -6.65 53.41
C ASP F 320 12.51 -7.63 53.89
N ALA F 321 11.56 -7.98 53.02
CA ALA F 321 10.74 -9.16 53.22
C ALA F 321 11.51 -10.44 52.93
N GLY F 322 12.55 -10.38 52.11
CA GLY F 322 13.40 -11.54 51.95
C GLY F 322 13.29 -12.24 50.62
N VAL F 323 13.19 -11.49 49.53
CA VAL F 323 13.14 -12.07 48.20
C VAL F 323 14.53 -12.58 47.84
N ASP F 324 14.61 -13.42 46.80
CA ASP F 324 15.91 -13.79 46.26
C ASP F 324 16.34 -12.92 45.10
N ALA F 325 15.44 -12.59 44.17
CA ALA F 325 15.85 -11.89 42.96
C ALA F 325 14.70 -11.08 42.39
N LEU F 326 15.05 -10.15 41.50
CA LEU F 326 14.22 -9.01 41.13
C LEU F 326 13.88 -9.00 39.65
N ARG F 327 12.60 -8.87 39.34
CA ARG F 327 12.10 -8.95 37.96
C ARG F 327 11.48 -7.62 37.56
N VAL F 328 12.02 -7.01 36.52
CA VAL F 328 11.67 -5.66 36.10
C VAL F 328 11.26 -5.66 34.63
N GLY F 329 10.27 -4.83 34.33
CA GLY F 329 9.78 -4.51 32.99
C GLY F 329 8.40 -5.11 32.76
N MET F 330 7.53 -4.35 32.11
CA MET F 330 6.13 -4.78 32.00
C MET F 330 5.75 -4.87 30.54
N GLY F 331 4.65 -5.58 30.28
CA GLY F 331 4.08 -5.72 28.95
C GLY F 331 4.98 -6.39 27.92
N SER F 332 5.61 -7.48 28.32
CA SER F 332 6.46 -8.26 27.41
C SER F 332 6.55 -9.70 27.90
N THR F 338 0.69 -4.44 25.05
CA THR F 338 -0.25 -4.26 26.15
C THR F 338 0.24 -3.12 27.06
N GLN F 339 1.48 -2.69 26.82
CA GLN F 339 2.05 -1.49 27.43
C GLN F 339 1.30 -0.22 27.07
N GLU F 340 0.78 -0.14 25.85
CA GLU F 340 -0.07 0.95 25.43
C GLU F 340 -1.51 0.75 25.91
N VAL F 341 -1.79 -0.38 26.55
CA VAL F 341 -3.16 -0.75 26.91
C VAL F 341 -3.37 -0.58 28.42
N LEU F 342 -2.60 -1.31 29.21
CA LEU F 342 -2.84 -1.31 30.65
C LEU F 342 -2.41 0.00 31.29
N ALA F 343 -1.42 0.68 30.70
CA ALA F 343 -1.01 2.03 31.04
C ALA F 343 -0.61 2.17 32.50
N CYS F 344 0.30 1.34 32.98
CA CYS F 344 0.81 1.47 34.34
C CYS F 344 2.30 1.20 34.39
N GLY F 345 2.93 1.77 35.41
CA GLY F 345 4.36 1.57 35.57
C GLY F 345 5.15 2.77 35.11
N ARG F 346 6.23 2.53 34.38
CA ARG F 346 7.13 3.58 33.95
C ARG F 346 7.94 3.03 32.78
N PRO F 347 8.62 3.87 31.99
CA PRO F 347 9.49 3.34 30.94
C PRO F 347 10.67 2.59 31.52
N GLN F 348 11.32 1.83 30.64
CA GLN F 348 12.25 0.79 31.07
C GLN F 348 13.50 1.38 31.70
N ALA F 349 14.12 2.33 31.00
CA ALA F 349 15.50 2.67 31.26
C ALA F 349 15.69 3.36 32.60
N THR F 350 14.74 4.21 32.99
CA THR F 350 14.82 4.82 34.31
C THR F 350 14.59 3.81 35.40
N ALA F 351 13.77 2.80 35.15
CA ALA F 351 13.43 1.83 36.16
C ALA F 351 14.60 0.88 36.40
N VAL F 352 15.18 0.37 35.32
CA VAL F 352 16.24 -0.61 35.43
C VAL F 352 17.46 0.02 36.04
N TYR F 353 17.60 1.33 35.90
CA TYR F 353 18.64 2.08 36.58
C TYR F 353 18.43 2.07 38.08
N LYS F 354 17.27 2.55 38.52
CA LYS F 354 17.13 2.83 39.94
C LYS F 354 16.91 1.55 40.75
N VAL F 355 16.46 0.48 40.11
CA VAL F 355 16.37 -0.77 40.85
C VAL F 355 17.76 -1.30 41.16
N SER F 356 18.72 -1.08 40.28
CA SER F 356 20.10 -1.39 40.61
C SER F 356 20.65 -0.41 41.62
N GLU F 357 20.20 0.85 41.56
CA GLU F 357 20.67 1.86 42.51
C GLU F 357 20.25 1.54 43.94
N TYR F 358 19.13 0.85 44.11
CA TYR F 358 18.84 0.40 45.46
C TYR F 358 19.31 -1.03 45.71
N ALA F 359 19.51 -1.83 44.67
CA ALA F 359 19.90 -3.21 44.88
C ALA F 359 21.36 -3.33 45.28
N ARG F 360 22.20 -2.39 44.84
CA ARG F 360 23.60 -2.41 45.23
C ARG F 360 23.80 -2.06 46.69
N ARG F 361 22.82 -1.40 47.32
CA ARG F 361 22.86 -1.21 48.77
C ARG F 361 22.67 -2.51 49.52
N PHE F 362 22.11 -3.53 48.87
CA PHE F 362 21.90 -4.82 49.50
C PHE F 362 22.37 -5.98 48.63
N GLY F 363 23.11 -5.71 47.57
CA GLY F 363 23.80 -6.73 46.78
C GLY F 363 22.88 -7.71 46.11
N VAL F 364 21.86 -7.20 45.44
CA VAL F 364 20.78 -8.01 44.91
C VAL F 364 20.85 -7.97 43.39
N PRO F 365 20.77 -9.10 42.71
CA PRO F 365 20.72 -9.07 41.24
C PRO F 365 19.34 -8.67 40.76
N VAL F 366 19.26 -8.42 39.45
CA VAL F 366 18.02 -7.99 38.83
C VAL F 366 17.99 -8.46 37.37
N ILE F 367 16.80 -8.82 36.90
CA ILE F 367 16.57 -9.28 35.53
C ILE F 367 15.57 -8.31 34.91
N ALA F 368 15.66 -8.12 33.59
CA ALA F 368 15.05 -6.95 32.98
C ALA F 368 14.33 -7.24 31.68
N ASP F 369 13.17 -6.60 31.51
CA ASP F 369 12.34 -6.66 30.31
C ASP F 369 12.32 -5.31 29.61
N GLY F 370 11.57 -5.28 28.50
CA GLY F 370 11.29 -4.07 27.77
C GLY F 370 12.31 -3.76 26.69
N GLY F 371 11.83 -3.19 25.59
CA GLY F 371 12.70 -2.64 24.57
C GLY F 371 13.53 -3.65 23.80
N ILE F 372 13.04 -4.86 23.64
CA ILE F 372 13.84 -5.92 23.04
C ILE F 372 13.37 -6.11 21.61
N GLN F 373 14.12 -5.58 20.66
CA GLN F 373 13.94 -5.99 19.28
C GLN F 373 15.25 -6.46 18.68
N ASN F 374 16.34 -5.78 18.99
CA ASN F 374 17.59 -6.15 18.35
C ASN F 374 18.78 -6.06 19.30
N VAL F 375 19.97 -6.30 18.74
CA VAL F 375 21.13 -6.72 19.50
C VAL F 375 21.71 -5.63 20.38
N GLY F 376 21.57 -4.35 20.00
CA GLY F 376 22.19 -3.31 20.79
C GLY F 376 21.44 -3.05 22.06
N HIS F 377 20.15 -3.38 22.06
CA HIS F 377 19.29 -3.17 23.21
C HIS F 377 19.79 -3.93 24.41
N ILE F 378 20.19 -5.18 24.17
CA ILE F 378 20.61 -6.07 25.23
C ILE F 378 21.84 -5.53 25.91
N ALA F 379 22.82 -5.17 25.11
CA ALA F 379 24.09 -4.69 25.61
C ALA F 379 23.91 -3.39 26.34
N LYS F 380 23.08 -2.49 25.83
CA LYS F 380 22.94 -1.21 26.51
C LYS F 380 22.12 -1.37 27.77
N ALA F 381 21.21 -2.33 27.78
CA ALA F 381 20.37 -2.55 28.95
C ALA F 381 21.19 -3.11 30.09
N LEU F 382 22.02 -4.10 29.82
CA LEU F 382 22.91 -4.57 30.86
C LEU F 382 23.96 -3.53 31.16
N ALA F 383 24.32 -2.74 30.15
CA ALA F 383 25.47 -1.86 30.24
C ALA F 383 25.21 -0.66 31.12
N LEU F 384 23.98 -0.20 31.19
CA LEU F 384 23.70 0.89 32.11
C LEU F 384 23.70 0.44 33.57
N GLY F 385 23.74 -0.86 33.81
CA GLY F 385 23.89 -1.33 35.17
C GLY F 385 22.99 -2.48 35.55
N ALA F 386 22.24 -3.00 34.58
CA ALA F 386 21.52 -4.23 34.86
C ALA F 386 22.52 -5.37 34.95
N SER F 387 22.32 -6.22 35.97
CA SER F 387 23.18 -7.38 36.12
C SER F 387 22.97 -8.39 35.01
N THR F 388 21.72 -8.57 34.61
CA THR F 388 21.32 -9.41 33.49
C THR F 388 19.92 -9.03 33.06
N VAL F 389 19.57 -9.30 31.80
CA VAL F 389 18.26 -8.93 31.24
C VAL F 389 17.67 -10.16 30.55
N MET F 390 16.35 -10.13 30.38
CA MET F 390 15.55 -11.20 29.77
C MET F 390 15.68 -11.13 28.26
N MET F 391 15.49 -12.27 27.60
CA MET F 391 15.28 -12.27 26.17
C MET F 391 13.82 -12.59 25.93
N GLY F 392 13.13 -11.73 25.19
CA GLY F 392 11.70 -11.92 25.12
C GLY F 392 11.20 -12.37 23.77
N SER F 393 10.57 -11.45 23.05
CA SER F 393 9.98 -11.80 21.78
C SER F 393 10.99 -11.82 20.65
N LEU F 394 12.27 -11.51 20.91
CA LEU F 394 13.25 -11.65 19.85
C LEU F 394 13.45 -13.09 19.47
N LEU F 395 13.37 -13.99 20.43
CA LEU F 395 13.44 -15.40 20.08
C LEU F 395 12.06 -16.02 19.96
N ALA F 396 11.03 -15.22 19.78
CA ALA F 396 9.77 -15.78 19.34
C ALA F 396 9.95 -16.36 17.94
N ALA F 397 9.43 -17.58 17.76
CA ALA F 397 9.50 -18.36 16.53
C ALA F 397 10.94 -18.63 16.10
N THR F 398 11.66 -19.40 16.89
CA THR F 398 12.89 -20.03 16.45
C THR F 398 12.58 -21.38 15.83
N THR F 399 13.60 -22.17 15.54
CA THR F 399 13.37 -23.56 15.13
C THR F 399 12.85 -24.38 16.30
N GLU F 400 13.28 -24.04 17.51
CA GLU F 400 12.96 -24.80 18.70
C GLU F 400 11.56 -24.50 19.22
N ALA F 401 10.81 -23.61 18.56
CA ALA F 401 9.56 -22.95 18.95
C ALA F 401 8.50 -23.91 19.49
N PRO F 402 7.68 -23.49 20.48
CA PRO F 402 6.91 -24.47 21.25
C PRO F 402 5.74 -25.02 20.47
N GLY F 403 5.51 -26.31 20.65
CA GLY F 403 4.66 -26.97 19.68
C GLY F 403 5.47 -27.25 18.45
N GLU F 404 4.78 -27.37 17.31
CA GLU F 404 5.43 -27.77 16.07
C GLU F 404 4.72 -27.06 14.93
N TYR F 405 5.40 -26.95 13.79
CA TYR F 405 4.92 -26.26 12.61
C TYR F 405 3.77 -27.03 11.99
N PHE F 406 3.15 -26.42 10.98
CA PHE F 406 2.14 -27.17 10.27
C PHE F 406 2.36 -27.03 8.77
N PHE F 407 1.44 -27.58 7.98
CA PHE F 407 1.76 -27.90 6.61
C PHE F 407 0.68 -27.34 5.70
N SER F 408 1.02 -26.31 4.94
CA SER F 408 0.05 -25.56 4.17
C SER F 408 0.66 -25.15 2.85
N ASP F 409 -0.14 -25.22 1.78
CA ASP F 409 -0.07 -24.46 0.53
C ASP F 409 1.34 -24.32 -0.06
N GLY F 410 2.22 -25.28 0.19
CA GLY F 410 3.61 -25.14 -0.16
C GLY F 410 4.44 -24.30 0.80
N ILE F 411 3.82 -23.65 1.78
CA ILE F 411 4.51 -22.77 2.71
C ILE F 411 4.06 -23.12 4.12
N ARG F 412 4.98 -23.62 4.93
CA ARG F 412 4.69 -23.99 6.29
C ARG F 412 4.57 -22.74 7.17
N LEU F 413 4.11 -22.95 8.40
CA LEU F 413 4.02 -21.90 9.40
C LEU F 413 3.91 -22.59 10.75
N LYS F 414 4.10 -21.83 11.82
CA LYS F 414 4.17 -22.40 13.17
C LYS F 414 2.81 -22.34 13.85
N LYS F 415 2.39 -23.47 14.41
CA LYS F 415 1.17 -23.57 15.19
C LYS F 415 1.50 -23.51 16.68
N TYR F 416 0.55 -23.03 17.49
CA TYR F 416 0.74 -22.91 18.94
C TYR F 416 -0.38 -23.64 19.70
N ARG F 417 -0.18 -24.95 19.89
CA ARG F 417 -1.01 -25.74 20.80
C ARG F 417 -0.06 -26.72 21.50
N GLY F 418 1.04 -26.19 22.02
CA GLY F 418 2.05 -27.01 22.68
C GLY F 418 1.57 -27.70 23.94
N ALA F 451 1.10 -16.24 11.25
CA ALA F 451 2.31 -15.66 11.84
C ALA F 451 3.45 -15.56 10.82
N VAL F 452 4.67 -15.38 11.33
CA VAL F 452 5.84 -15.14 10.50
C VAL F 452 6.69 -16.40 10.50
N GLN F 453 7.29 -16.70 9.35
CA GLN F 453 8.03 -17.93 9.15
C GLN F 453 9.40 -17.88 9.84
N ASP F 454 10.10 -19.02 9.83
CA ASP F 454 11.19 -19.34 10.72
C ASP F 454 12.47 -18.56 10.45
N LYS F 455 13.23 -18.32 11.52
CA LYS F 455 14.47 -17.57 11.45
C LYS F 455 15.67 -18.33 12.01
N GLY F 456 15.52 -19.58 12.43
CA GLY F 456 16.70 -20.35 12.79
C GLY F 456 16.73 -21.05 14.14
N SER F 457 17.81 -21.79 14.38
CA SER F 457 18.02 -22.51 15.62
C SER F 457 18.96 -21.72 16.50
N ILE F 458 18.71 -21.74 17.81
CA ILE F 458 19.25 -20.70 18.68
C ILE F 458 20.73 -20.91 18.91
N HIS F 459 21.17 -22.16 18.97
CA HIS F 459 22.54 -22.39 19.44
C HIS F 459 23.59 -22.07 18.37
N LYS F 460 23.15 -21.68 17.17
CA LYS F 460 24.00 -20.91 16.26
C LYS F 460 23.60 -19.44 16.20
N PHE F 461 22.53 -19.05 16.87
CA PHE F 461 22.00 -17.69 16.83
C PHE F 461 22.49 -16.84 17.99
N VAL F 462 22.26 -17.31 19.21
CA VAL F 462 22.79 -16.72 20.42
C VAL F 462 24.33 -16.65 20.45
N PRO F 463 25.12 -17.45 19.71
CA PRO F 463 26.53 -17.03 19.53
C PRO F 463 26.68 -15.69 18.84
N TYR F 464 25.84 -15.37 17.86
CA TYR F 464 25.88 -14.04 17.27
C TYR F 464 25.45 -12.98 18.26
N LEU F 465 24.56 -13.33 19.18
CA LEU F 465 24.13 -12.36 20.18
C LEU F 465 25.21 -12.11 21.21
N ILE F 466 25.90 -13.17 21.64
CA ILE F 466 26.95 -12.97 22.61
C ILE F 466 28.14 -12.28 21.97
N ALA F 467 28.40 -12.58 20.70
CA ALA F 467 29.46 -11.87 20.00
C ALA F 467 29.10 -10.42 19.81
N GLY F 468 27.83 -10.13 19.57
CA GLY F 468 27.42 -8.76 19.46
C GLY F 468 27.49 -7.99 20.75
N ILE F 469 27.23 -8.63 21.88
CA ILE F 469 27.28 -7.88 23.12
C ILE F 469 28.71 -7.71 23.57
N GLN F 470 29.59 -8.69 23.31
CA GLN F 470 30.98 -8.37 23.63
C GLN F 470 31.60 -7.43 22.60
N HIS F 471 31.04 -7.35 21.40
CA HIS F 471 31.41 -6.29 20.47
C HIS F 471 31.11 -4.93 21.10
N SER F 472 29.96 -4.81 21.74
CA SER F 472 29.67 -3.58 22.45
C SER F 472 30.52 -3.44 23.71
N CYS F 473 30.92 -4.55 24.30
CA CYS F 473 31.76 -4.47 25.49
C CYS F 473 33.13 -3.90 25.15
N GLN F 474 33.67 -4.29 24.00
CA GLN F 474 34.90 -3.64 23.57
C GLN F 474 34.62 -2.26 23.01
N ASP F 475 33.36 -2.00 22.62
CA ASP F 475 33.01 -0.62 22.30
C ASP F 475 33.08 0.25 23.54
N ILE F 476 32.72 -0.27 24.71
CA ILE F 476 33.18 0.36 25.94
C ILE F 476 34.67 0.16 26.09
N GLY F 477 35.11 -1.09 26.12
CA GLY F 477 36.50 -1.34 26.40
C GLY F 477 36.70 -1.72 27.85
N ALA F 478 35.75 -2.47 28.41
CA ALA F 478 35.92 -3.00 29.74
C ALA F 478 36.09 -4.50 29.64
N LYS F 479 36.94 -5.05 30.49
CA LYS F 479 37.21 -6.47 30.43
C LYS F 479 36.05 -7.29 31.01
N SER F 480 35.36 -6.75 32.00
CA SER F 480 34.22 -7.43 32.63
C SER F 480 33.05 -6.47 32.74
N LEU F 481 31.89 -7.03 33.08
CA LEU F 481 30.73 -6.22 33.43
C LEU F 481 30.77 -5.71 34.85
N THR F 482 31.47 -6.40 35.76
CA THR F 482 31.72 -5.83 37.07
C THR F 482 32.52 -4.54 36.94
N GLN F 483 33.40 -4.49 35.95
CA GLN F 483 34.01 -3.24 35.56
C GLN F 483 32.98 -2.24 35.03
N VAL F 484 31.88 -2.69 34.38
CA VAL F 484 31.01 -1.67 33.79
C VAL F 484 30.08 -1.07 34.85
N ARG F 485 29.70 -1.83 35.88
CA ARG F 485 29.02 -1.09 36.94
C ARG F 485 29.96 -0.47 37.97
N ALA F 486 31.23 -0.90 38.03
CA ALA F 486 32.20 -0.11 38.77
C ALA F 486 32.39 1.25 38.10
N MET F 487 32.44 1.26 36.78
CA MET F 487 32.30 2.45 35.96
C MET F 487 31.05 3.23 36.28
N MET F 488 29.89 2.58 36.29
CA MET F 488 28.64 3.31 36.40
C MET F 488 28.46 3.92 37.78
N TYR F 489 28.90 3.22 38.83
CA TYR F 489 28.87 3.79 40.16
C TYR F 489 30.00 4.78 40.39
N SER F 490 31.04 4.74 39.55
CA SER F 490 32.11 5.71 39.66
C SER F 490 31.95 6.87 38.70
N GLY F 491 31.60 6.59 37.44
CA GLY F 491 31.38 7.61 36.46
C GLY F 491 32.60 8.01 35.65
N GLU F 492 33.57 7.11 35.41
CA GLU F 492 34.72 7.57 34.65
C GLU F 492 34.41 7.62 33.16
N LEU F 493 33.59 6.69 32.69
CA LEU F 493 32.98 6.78 31.36
C LEU F 493 31.57 7.31 31.56
N LYS F 494 31.06 8.00 30.55
CA LYS F 494 29.93 8.89 30.73
C LYS F 494 28.99 8.71 29.54
N PHE F 495 27.87 9.44 29.52
CA PHE F 495 26.87 9.23 28.48
C PHE F 495 26.27 10.52 27.94
N GLU F 496 25.25 10.39 27.09
CA GLU F 496 24.70 11.58 26.44
C GLU F 496 23.26 11.29 26.01
N LYS F 497 22.58 12.36 25.60
CA LYS F 497 21.17 12.44 25.24
C LYS F 497 20.99 11.99 23.78
N ARG F 498 19.74 11.98 23.32
CA ARG F 498 19.33 11.49 22.01
C ARG F 498 17.93 12.04 21.74
N THR F 499 17.62 12.28 20.46
CA THR F 499 16.29 12.66 20.01
C THR F 499 15.76 11.63 19.01
N SER F 500 14.46 11.72 18.73
CA SER F 500 13.72 10.64 18.09
C SER F 500 13.90 10.60 16.58
N SER F 501 14.68 11.51 16.01
CA SER F 501 14.63 11.76 14.57
C SER F 501 15.25 10.65 13.73
N ALA F 502 16.15 9.83 14.27
CA ALA F 502 16.79 8.81 13.45
C ALA F 502 16.02 7.50 13.43
N GLN F 503 14.84 7.45 14.06
CA GLN F 503 14.08 6.20 14.15
C GLN F 503 13.44 5.81 12.81
N VAL F 504 13.12 6.79 11.96
CA VAL F 504 12.25 6.54 10.82
C VAL F 504 12.92 5.85 9.64
N GLU F 505 14.17 5.42 9.78
CA GLU F 505 14.83 4.63 8.74
C GLU F 505 14.19 3.24 8.63
N SER G 16 17.91 52.33 18.35
CA SER G 16 19.29 52.07 18.73
C SER G 16 19.36 51.02 19.83
N TYR G 17 18.47 50.03 19.77
CA TYR G 17 18.45 48.98 20.78
C TYR G 17 19.26 47.78 20.34
N VAL G 18 19.05 47.34 19.09
CA VAL G 18 19.69 46.19 18.45
C VAL G 18 19.49 44.93 19.30
N PRO G 19 18.32 44.29 19.24
CA PRO G 19 18.07 43.09 20.05
C PRO G 19 19.00 41.93 19.74
N ASP G 20 19.34 41.20 20.81
CA ASP G 20 20.18 40.02 20.71
C ASP G 20 19.31 38.80 20.45
N ASP G 21 19.55 38.12 19.34
CA ASP G 21 18.60 37.16 18.81
C ASP G 21 19.28 35.85 18.42
N GLY G 22 18.89 34.77 19.10
CA GLY G 22 19.49 33.49 18.79
C GLY G 22 20.39 33.00 19.91
N LEU G 23 21.11 31.90 19.69
CA LEU G 23 21.91 31.27 20.73
C LEU G 23 23.19 30.70 20.13
N THR G 24 24.32 30.97 20.78
CA THR G 24 25.63 30.68 20.23
C THR G 24 25.96 29.19 20.32
N ALA G 25 27.13 28.84 19.79
CA ALA G 25 27.50 27.44 19.66
C ALA G 25 27.87 26.81 20.98
N GLN G 26 28.60 27.53 21.84
CA GLN G 26 28.83 27.00 23.17
C GLN G 26 27.58 27.10 24.03
N GLN G 27 26.61 27.92 23.61
CA GLN G 27 25.26 27.82 24.13
C GLN G 27 24.40 26.86 23.33
N LEU G 28 24.95 26.20 22.32
CA LEU G 28 24.19 25.22 21.54
C LEU G 28 24.51 23.81 21.96
N PHE G 29 25.73 23.57 22.41
CA PHE G 29 26.16 22.19 22.61
C PHE G 29 26.48 21.86 24.07
N ASN G 30 26.75 22.86 24.91
CA ASN G 30 27.01 22.59 26.32
C ASN G 30 25.74 22.31 27.11
N CYS G 31 24.57 22.34 26.46
CA CYS G 31 23.32 22.00 27.12
C CYS G 31 23.23 20.53 27.50
N GLY G 32 24.00 19.67 26.86
CA GLY G 32 23.86 18.26 27.14
C GLY G 32 22.66 17.63 26.50
N ASP G 33 22.18 18.22 25.41
CA ASP G 33 21.11 17.69 24.59
C ASP G 33 21.71 17.14 23.29
N GLY G 34 21.18 16.00 22.87
CA GLY G 34 21.66 15.27 21.72
C GLY G 34 21.21 15.93 20.43
N LEU G 35 22.12 16.12 19.50
CA LEU G 35 21.89 16.96 18.35
C LEU G 35 22.36 16.28 17.08
N THR G 36 21.51 16.29 16.05
CA THR G 36 21.86 15.81 14.72
C THR G 36 21.72 16.94 13.73
N TYR G 37 21.73 16.57 12.45
CA TYR G 37 21.70 17.49 11.32
C TYR G 37 20.45 18.35 11.33
N ASN G 38 19.28 17.76 11.51
CA ASN G 38 18.04 18.51 11.41
C ASN G 38 17.53 18.86 12.78
N ASP G 39 18.41 19.24 13.68
CA ASP G 39 17.98 19.53 15.03
C ASP G 39 18.22 21.00 15.25
N PHE G 40 18.63 21.66 14.18
CA PHE G 40 18.95 23.08 14.21
C PHE G 40 18.97 23.53 12.78
N LEU G 41 19.05 24.83 12.58
CA LEU G 41 19.08 25.42 11.25
C LEU G 41 20.05 26.59 11.33
N ILE G 42 20.41 27.11 10.18
CA ILE G 42 21.35 28.19 10.12
C ILE G 42 20.64 29.44 9.62
N LEU G 43 20.86 30.53 10.31
CA LEU G 43 20.15 31.74 9.91
C LEU G 43 21.07 32.64 9.11
N PRO G 44 20.55 33.46 8.21
CA PRO G 44 21.43 34.28 7.38
C PRO G 44 22.05 35.45 8.11
N GLY G 45 23.10 36.01 7.49
CA GLY G 45 23.80 37.16 8.01
C GLY G 45 23.73 38.34 7.05
N TYR G 46 24.85 39.06 6.97
CA TYR G 46 24.94 40.19 6.05
C TYR G 46 25.60 39.78 4.74
N ILE G 47 25.09 40.28 3.63
CA ILE G 47 25.54 39.86 2.31
C ILE G 47 25.99 41.09 1.53
N ASP G 48 27.19 40.99 0.96
CA ASP G 48 27.68 42.05 0.09
C ASP G 48 28.37 41.54 -1.17
N PHE G 49 28.06 40.31 -1.58
CA PHE G 49 28.59 39.78 -2.83
C PHE G 49 27.61 38.76 -3.40
N THR G 50 27.88 38.28 -4.60
CA THR G 50 27.12 37.23 -5.24
C THR G 50 27.86 35.90 -5.13
N ALA G 51 27.37 34.89 -5.84
CA ALA G 51 27.69 33.50 -5.55
C ALA G 51 28.97 32.99 -6.18
N ASP G 52 29.08 33.06 -7.50
CA ASP G 52 29.96 32.18 -8.26
C ASP G 52 31.43 32.50 -8.09
N GLN G 53 31.77 33.63 -7.47
CA GLN G 53 33.16 34.00 -7.29
C GLN G 53 33.69 33.50 -5.95
N VAL G 54 32.80 33.00 -5.09
CA VAL G 54 33.19 32.65 -3.73
C VAL G 54 33.89 31.30 -3.81
N ASP G 55 35.15 31.27 -3.40
CA ASP G 55 35.98 30.08 -3.46
C ASP G 55 36.14 29.50 -2.06
N LEU G 56 36.21 28.17 -1.98
CA LEU G 56 36.27 27.46 -0.71
C LEU G 56 37.38 26.41 -0.71
N THR G 57 38.59 26.80 -1.07
CA THR G 57 39.71 25.88 -1.03
C THR G 57 40.03 25.53 0.42
N SER G 58 40.01 24.24 0.72
CA SER G 58 40.04 23.74 2.08
C SER G 58 41.23 22.82 2.29
N ALA G 59 41.74 22.79 3.52
CA ALA G 59 42.90 21.97 3.85
C ALA G 59 42.44 20.68 4.52
N LEU G 60 42.71 19.55 3.87
CA LEU G 60 42.27 18.26 4.37
C LEU G 60 43.29 17.60 5.29
N THR G 61 44.55 17.78 5.02
CA THR G 61 45.59 17.32 5.93
C THR G 61 46.31 18.55 6.46
N LYS G 62 47.37 18.30 7.19
CA LYS G 62 48.27 19.38 7.55
C LYS G 62 49.28 19.68 6.45
N LYS G 63 49.25 18.93 5.35
CA LYS G 63 50.25 19.10 4.31
C LYS G 63 49.63 19.41 2.96
N ILE G 64 48.47 18.84 2.64
CA ILE G 64 47.85 19.05 1.34
C ILE G 64 46.47 19.67 1.52
N THR G 65 46.04 20.43 0.52
CA THR G 65 44.77 21.13 0.51
C THR G 65 43.96 20.72 -0.70
N LEU G 66 42.67 21.05 -0.66
CA LEU G 66 41.78 20.75 -1.77
C LEU G 66 40.88 21.94 -2.04
N LYS G 67 40.51 22.13 -3.30
CA LYS G 67 39.62 23.23 -3.60
C LYS G 67 38.17 22.91 -3.30
N THR G 68 37.80 21.63 -3.23
CA THR G 68 36.46 21.21 -2.93
C THR G 68 36.49 20.39 -1.65
N PRO G 69 35.51 20.59 -0.77
CA PRO G 69 35.55 19.94 0.55
C PRO G 69 34.95 18.54 0.59
N LEU G 70 34.38 18.05 -0.50
CA LEU G 70 33.65 16.80 -0.47
C LEU G 70 34.51 15.67 -1.01
N VAL G 71 34.74 14.65 -0.18
CA VAL G 71 35.49 13.47 -0.58
C VAL G 71 34.59 12.26 -0.42
N SER G 72 34.93 11.19 -1.14
CA SER G 72 34.10 10.01 -1.21
C SER G 72 34.18 9.18 0.07
N SER G 73 33.72 7.97 -0.02
CA SER G 73 33.72 7.07 1.10
C SER G 73 34.67 5.91 0.85
N PRO G 74 35.22 5.32 1.90
CA PRO G 74 36.01 4.10 1.73
C PRO G 74 35.17 2.83 1.63
N MET G 75 33.86 2.98 1.42
CA MET G 75 32.99 1.81 1.38
C MET G 75 33.22 1.06 0.06
N ASP G 76 32.86 -0.22 0.06
CA ASP G 76 33.12 -1.08 -1.08
C ASP G 76 32.27 -0.75 -2.30
N THR G 77 30.99 -0.49 -2.10
CA THR G 77 30.04 -0.35 -3.20
C THR G 77 29.98 1.11 -3.67
N VAL G 78 30.94 1.91 -3.19
CA VAL G 78 30.95 3.33 -3.55
C VAL G 78 32.17 3.69 -4.40
N THR G 79 33.35 3.11 -4.14
CA THR G 79 34.55 3.56 -4.83
C THR G 79 35.19 2.48 -5.69
N GLU G 80 35.78 2.91 -6.80
CA GLU G 80 36.81 2.17 -7.52
C GLU G 80 37.64 3.19 -8.28
N ALA G 81 38.37 2.76 -9.30
CA ALA G 81 39.18 3.65 -10.13
C ALA G 81 38.37 4.78 -10.73
N GLY G 82 37.16 4.48 -11.23
CA GLY G 82 36.36 5.47 -11.92
C GLY G 82 35.89 6.61 -11.04
N MET G 83 35.77 6.40 -9.73
CA MET G 83 35.40 7.51 -8.85
C MET G 83 36.62 8.32 -8.52
N ALA G 84 37.72 7.63 -8.25
CA ALA G 84 38.90 8.30 -7.75
C ALA G 84 39.55 9.12 -8.83
N ILE G 85 39.39 8.74 -10.10
CA ILE G 85 39.82 9.64 -11.15
C ILE G 85 38.89 10.84 -11.21
N ALA G 86 37.60 10.63 -11.01
CA ALA G 86 36.64 11.67 -11.31
C ALA G 86 36.57 12.69 -10.18
N MET G 87 36.82 12.23 -8.96
CA MET G 87 36.73 13.09 -7.79
C MET G 87 37.90 14.05 -7.77
N ALA G 88 39.11 13.53 -7.99
CA ALA G 88 40.28 14.37 -8.14
C ALA G 88 40.25 15.16 -9.44
N LEU G 89 39.57 14.64 -10.44
CA LEU G 89 39.32 15.37 -11.67
C LEU G 89 38.45 16.58 -11.39
N THR G 90 37.59 16.48 -10.39
CA THR G 90 36.81 17.60 -9.89
C THR G 90 37.40 18.17 -8.59
N GLY G 91 38.60 17.71 -8.22
CA GLY G 91 39.29 18.26 -7.08
C GLY G 91 38.91 17.71 -5.73
N GLY G 92 38.34 16.51 -5.66
CA GLY G 92 38.11 15.84 -4.41
C GLY G 92 39.07 14.68 -4.20
N ILE G 93 38.79 13.88 -3.19
CA ILE G 93 39.58 12.68 -2.92
C ILE G 93 38.69 11.47 -3.04
N GLY G 94 39.10 10.53 -3.89
CA GLY G 94 38.50 9.22 -3.89
C GLY G 94 39.41 8.21 -3.20
N PHE G 95 38.97 7.66 -2.08
CA PHE G 95 39.71 6.61 -1.41
C PHE G 95 39.38 5.28 -2.07
N ILE G 96 39.97 4.20 -1.56
CA ILE G 96 39.77 2.87 -2.09
C ILE G 96 39.51 1.93 -0.93
N HIS G 97 38.49 1.10 -1.07
CA HIS G 97 38.13 0.13 -0.05
C HIS G 97 39.21 -0.94 0.06
N HIS G 98 39.14 -1.70 1.14
CA HIS G 98 40.09 -2.79 1.36
C HIS G 98 39.38 -4.13 1.37
N ASN G 99 38.24 -4.21 0.70
CA ASN G 99 37.57 -5.48 0.48
C ASN G 99 38.01 -6.03 -0.88
N CYS G 100 39.31 -6.32 -0.95
CA CYS G 100 39.95 -6.84 -2.15
C CYS G 100 41.31 -7.41 -1.76
N THR G 101 41.99 -7.99 -2.73
CA THR G 101 43.37 -8.43 -2.57
C THR G 101 44.27 -7.20 -2.61
N PRO G 102 45.54 -7.32 -2.20
CA PRO G 102 46.45 -6.18 -2.39
C PRO G 102 46.73 -5.89 -3.85
N GLU G 103 46.61 -6.89 -4.73
CA GLU G 103 46.97 -6.75 -6.12
C GLU G 103 45.81 -6.21 -6.97
N PHE G 104 44.59 -6.63 -6.66
CA PHE G 104 43.42 -6.00 -7.27
C PHE G 104 43.28 -4.55 -6.84
N GLN G 105 43.69 -4.25 -5.60
CA GLN G 105 43.86 -2.88 -5.18
C GLN G 105 44.98 -2.19 -5.95
N ALA G 106 46.07 -2.91 -6.20
CA ALA G 106 47.27 -2.30 -6.76
C ALA G 106 47.10 -1.90 -8.21
N ASN G 107 46.31 -2.68 -8.98
CA ASN G 107 46.13 -2.40 -10.39
C ASN G 107 45.40 -1.08 -10.61
N GLU G 108 44.26 -0.91 -9.98
CA GLU G 108 43.55 0.36 -10.01
C GLU G 108 44.25 1.47 -9.27
N VAL G 109 45.12 1.16 -8.30
CA VAL G 109 45.79 2.28 -7.66
C VAL G 109 46.92 2.79 -8.53
N ARG G 110 47.55 1.93 -9.36
CA ARG G 110 48.44 2.47 -10.38
C ARG G 110 47.65 3.12 -11.50
N LYS G 111 46.41 2.68 -11.71
CA LYS G 111 45.56 3.34 -12.68
C LYS G 111 45.22 4.77 -12.25
N VAL G 112 45.02 4.98 -10.95
CA VAL G 112 44.61 6.31 -10.50
C VAL G 112 45.80 7.20 -10.15
N LYS G 113 46.93 6.63 -9.72
CA LYS G 113 48.18 7.38 -9.69
C LYS G 113 48.58 7.89 -11.07
N LYS G 114 48.26 7.15 -12.10
CA LYS G 114 48.57 7.54 -13.47
C LYS G 114 47.40 8.38 -13.99
N TYR G 115 47.19 8.43 -15.32
CA TYR G 115 46.13 9.16 -16.03
C TYR G 115 46.40 10.66 -15.93
N GLU G 116 47.69 11.00 -15.82
CA GLU G 116 48.10 12.38 -15.58
C GLU G 116 49.23 12.89 -16.47
N GLN G 117 50.13 12.00 -16.91
CA GLN G 117 51.59 12.17 -16.86
C GLN G 117 52.20 13.57 -16.94
N GLY G 118 53.11 13.86 -16.00
CA GLY G 118 54.09 14.92 -16.13
C GLY G 118 55.43 14.34 -16.53
N PHE G 119 56.52 14.71 -15.85
CA PHE G 119 57.82 14.10 -16.12
C PHE G 119 57.84 12.67 -15.61
N ILE G 120 57.32 11.73 -16.39
CA ILE G 120 57.12 10.40 -15.86
C ILE G 120 58.28 9.46 -16.15
N THR G 121 58.60 8.64 -15.16
CA THR G 121 59.31 7.41 -15.41
C THR G 121 58.35 6.34 -15.91
N ASP G 122 58.92 5.18 -16.22
CA ASP G 122 58.38 3.89 -16.69
C ASP G 122 57.08 3.93 -17.52
N PRO G 123 57.07 4.57 -18.70
CA PRO G 123 55.97 4.25 -19.62
C PRO G 123 56.27 2.96 -20.33
N VAL G 124 55.37 2.46 -21.13
CA VAL G 124 55.63 1.24 -21.88
C VAL G 124 56.42 1.60 -23.13
N VAL G 125 57.37 0.74 -23.47
CA VAL G 125 58.32 1.05 -24.52
C VAL G 125 58.67 -0.24 -25.25
N LEU G 126 58.75 -0.17 -26.59
CA LEU G 126 58.91 -1.34 -27.42
C LEU G 126 60.17 -1.24 -28.28
N SER G 127 60.63 -2.41 -28.73
CA SER G 127 61.70 -2.67 -29.67
C SER G 127 61.10 -3.02 -31.02
N PRO G 128 61.67 -2.54 -32.13
CA PRO G 128 61.01 -2.72 -33.44
C PRO G 128 61.08 -4.12 -34.01
N LYS G 129 61.84 -5.04 -33.40
CA LYS G 129 62.12 -6.35 -33.99
C LYS G 129 60.88 -7.24 -34.16
N ASP G 130 59.77 -6.92 -33.52
CA ASP G 130 58.56 -7.74 -33.58
C ASP G 130 57.58 -7.12 -34.57
N ARG G 131 56.36 -7.66 -34.59
CA ARG G 131 55.31 -7.23 -35.51
C ARG G 131 54.14 -6.67 -34.72
N VAL G 132 53.00 -6.54 -35.40
CA VAL G 132 52.06 -5.44 -35.14
C VAL G 132 51.26 -5.67 -33.85
N ARG G 133 51.19 -6.91 -33.32
CA ARG G 133 50.18 -7.20 -32.30
C ARG G 133 50.41 -6.45 -31.00
N ASP G 134 51.63 -5.95 -30.77
CA ASP G 134 52.01 -5.40 -29.48
C ASP G 134 51.31 -4.07 -29.18
N VAL G 135 51.09 -3.22 -30.18
CA VAL G 135 50.55 -1.90 -29.88
C VAL G 135 49.07 -1.95 -29.51
N PHE G 136 48.24 -2.65 -30.28
CA PHE G 136 46.86 -2.77 -29.87
C PHE G 136 46.71 -3.84 -28.79
N GLU G 137 47.73 -4.67 -28.63
CA GLU G 137 47.82 -5.54 -27.47
C GLU G 137 47.99 -4.73 -26.20
N ALA G 138 48.74 -3.64 -26.27
CA ALA G 138 48.81 -2.71 -25.15
C ALA G 138 47.50 -1.97 -24.99
N LYS G 139 46.93 -1.48 -26.10
CA LYS G 139 45.64 -0.80 -26.13
C LYS G 139 44.50 -1.59 -25.48
N ALA G 140 44.43 -2.90 -25.74
CA ALA G 140 43.40 -3.70 -25.08
C ALA G 140 43.69 -3.87 -23.60
N ARG G 141 44.96 -3.72 -23.20
CA ARG G 141 45.37 -3.86 -21.82
C ARG G 141 45.52 -2.49 -21.14
N HIS G 142 45.66 -1.43 -21.93
CA HIS G 142 45.96 -0.13 -21.34
C HIS G 142 45.17 1.04 -21.89
N GLY G 143 44.66 0.99 -23.13
CA GLY G 143 43.82 2.05 -23.62
C GLY G 143 44.51 3.15 -24.41
N PHE G 144 45.82 3.15 -24.49
CA PHE G 144 46.54 4.15 -25.27
C PHE G 144 47.43 3.47 -26.30
N CYS G 145 47.85 4.24 -27.30
CA CYS G 145 48.87 3.80 -28.26
C CYS G 145 49.88 4.90 -28.55
N GLY G 146 50.13 5.78 -27.58
CA GLY G 146 51.27 6.66 -27.70
C GLY G 146 52.49 5.98 -27.17
N ILE G 147 53.34 5.46 -28.05
CA ILE G 147 54.47 4.64 -27.62
C ILE G 147 55.74 5.06 -28.35
N PRO G 148 56.82 5.34 -27.64
CA PRO G 148 58.12 5.52 -28.28
C PRO G 148 58.77 4.18 -28.60
N ILE G 149 59.76 4.23 -29.48
CA ILE G 149 60.49 3.04 -29.90
C ILE G 149 61.95 3.27 -29.54
N THR G 150 62.56 2.30 -28.87
CA THR G 150 63.98 2.33 -28.57
C THR G 150 64.66 1.17 -29.29
N ASP G 151 65.95 1.05 -29.03
CA ASP G 151 66.73 -0.06 -29.54
C ASP G 151 66.51 -1.33 -28.72
N THR G 152 66.35 -1.20 -27.40
CA THR G 152 66.26 -2.36 -26.52
C THR G 152 64.85 -2.66 -26.06
N GLY G 153 63.99 -1.65 -25.99
CA GLY G 153 62.70 -1.80 -25.37
C GLY G 153 62.68 -1.48 -23.89
N ARG G 154 63.64 -0.69 -23.42
CA ARG G 154 63.76 -0.34 -22.01
C ARG G 154 63.64 1.17 -21.87
N MET G 155 63.57 1.63 -20.62
CA MET G 155 63.45 3.05 -20.34
C MET G 155 64.78 3.76 -20.62
N GLY G 156 65.82 3.34 -19.93
CA GLY G 156 67.14 3.93 -20.13
C GLY G 156 67.81 3.41 -21.40
N SER G 157 67.31 3.83 -22.55
CA SER G 157 67.78 3.32 -23.83
C SER G 157 67.85 4.46 -24.84
N ARG G 158 68.56 4.19 -25.94
CA ARG G 158 68.72 5.16 -27.00
C ARG G 158 67.43 5.24 -27.84
N LEU G 159 67.03 6.46 -28.20
CA LEU G 159 65.80 6.66 -28.96
C LEU G 159 65.97 6.26 -30.42
N VAL G 160 64.91 5.70 -30.99
CA VAL G 160 64.88 5.33 -32.39
C VAL G 160 63.67 5.97 -33.06
N GLY G 161 62.47 5.60 -32.60
CA GLY G 161 61.26 6.17 -33.15
C GLY G 161 60.07 6.20 -32.21
N ILE G 162 58.86 6.37 -32.75
CA ILE G 162 57.66 6.50 -31.94
C ILE G 162 56.45 6.15 -32.80
N ILE G 163 55.45 5.48 -32.21
CA ILE G 163 54.27 5.03 -32.93
C ILE G 163 53.02 5.57 -32.25
N SER G 164 52.07 6.04 -33.07
CA SER G 164 50.83 6.62 -32.60
C SER G 164 49.63 5.83 -33.08
N SER G 165 48.45 6.31 -32.67
CA SER G 165 47.16 5.83 -33.15
C SER G 165 46.99 6.07 -34.63
N ARG G 166 47.50 7.19 -35.13
CA ARG G 166 47.32 7.51 -36.55
C ARG G 166 48.28 6.73 -37.41
N ASP G 167 49.21 5.99 -36.79
CA ASP G 167 49.97 5.00 -37.53
C ASP G 167 49.19 3.71 -37.69
N ILE G 168 48.30 3.41 -36.76
CA ILE G 168 47.75 2.05 -36.68
C ILE G 168 46.25 2.07 -36.90
N ASP G 169 45.73 3.18 -37.41
CA ASP G 169 44.28 3.35 -37.49
C ASP G 169 43.68 2.59 -38.66
N PHE G 170 44.50 2.12 -39.60
CA PHE G 170 43.97 1.79 -40.91
C PHE G 170 44.26 0.38 -41.41
N LEU G 171 45.34 -0.27 -40.99
CA LEU G 171 46.02 -1.21 -41.87
C LEU G 171 45.34 -2.58 -41.90
N LYS G 172 45.17 -3.09 -43.12
CA LYS G 172 44.64 -4.42 -43.37
C LYS G 172 45.61 -5.51 -42.90
N GLU G 173 46.90 -5.19 -42.81
CA GLU G 173 47.91 -6.16 -42.38
C GLU G 173 48.08 -6.05 -40.87
N GLU G 174 47.08 -6.58 -40.14
CA GLU G 174 46.99 -6.36 -38.70
C GLU G 174 48.09 -7.04 -37.91
N GLU G 175 48.76 -8.03 -38.51
CA GLU G 175 50.12 -8.38 -38.13
C GLU G 175 50.90 -8.86 -39.34
N HIS G 176 50.31 -8.72 -40.53
CA HIS G 176 50.69 -9.53 -41.68
C HIS G 176 52.04 -9.07 -42.22
N ASP G 177 53.11 -9.66 -41.66
CA ASP G 177 54.52 -9.47 -42.03
C ASP G 177 54.96 -8.00 -41.89
N CYS G 178 54.27 -7.21 -41.08
CA CYS G 178 54.66 -5.81 -40.92
C CYS G 178 55.51 -5.63 -39.67
N PHE G 179 56.79 -6.03 -39.77
CA PHE G 179 57.79 -5.72 -38.76
C PHE G 179 57.92 -4.21 -38.59
N LEU G 180 58.05 -3.75 -37.35
CA LEU G 180 57.93 -2.34 -37.00
C LEU G 180 59.03 -1.43 -37.53
N GLU G 181 60.05 -2.00 -38.20
CA GLU G 181 61.17 -1.21 -38.71
C GLU G 181 60.76 -0.22 -39.80
N GLU G 182 59.86 -0.61 -40.70
CA GLU G 182 59.55 0.25 -41.83
C GLU G 182 58.26 1.03 -41.67
N ILE G 183 57.38 0.63 -40.75
CA ILE G 183 56.19 1.42 -40.45
C ILE G 183 56.52 2.09 -39.13
N MET G 184 57.09 3.28 -39.22
CA MET G 184 58.02 3.78 -38.22
C MET G 184 58.35 5.24 -38.49
N THR G 185 58.69 5.99 -37.45
CA THR G 185 58.93 7.41 -37.60
C THR G 185 60.40 7.73 -37.37
N LYS G 186 61.09 8.09 -38.45
CA LYS G 186 62.56 8.14 -38.51
C LYS G 186 63.08 9.17 -37.54
N ARG G 187 64.24 8.88 -36.95
CA ARG G 187 64.85 9.64 -35.86
C ARG G 187 65.01 11.13 -36.13
N GLU G 188 65.38 11.49 -37.37
CA GLU G 188 65.84 12.84 -37.65
C GLU G 188 64.75 13.90 -37.58
N ASP G 189 63.54 13.64 -38.10
CA ASP G 189 62.50 14.66 -38.04
C ASP G 189 61.65 14.52 -36.80
N LEU G 190 62.30 14.39 -35.65
CA LEU G 190 61.66 14.17 -34.37
C LEU G 190 62.14 15.25 -33.41
N VAL G 191 61.22 16.10 -32.98
CA VAL G 191 61.55 17.20 -32.08
C VAL G 191 61.80 16.62 -30.69
N VAL G 192 62.94 16.96 -30.11
CA VAL G 192 63.30 16.51 -28.78
C VAL G 192 63.92 17.71 -28.05
N ALA G 193 63.85 17.72 -26.72
CA ALA G 193 64.40 18.80 -25.93
C ALA G 193 65.38 18.19 -24.96
N PRO G 194 66.32 18.96 -24.39
CA PRO G 194 67.21 18.40 -23.38
C PRO G 194 66.45 18.11 -22.08
N ALA G 195 67.09 17.31 -21.24
CA ALA G 195 66.55 16.95 -19.94
C ALA G 195 67.09 17.91 -18.89
N GLY G 196 66.85 17.60 -17.63
CA GLY G 196 67.31 18.43 -16.53
C GLY G 196 66.64 19.78 -16.47
N ILE G 197 65.40 19.87 -16.94
CA ILE G 197 64.71 21.14 -17.07
C ILE G 197 63.33 21.00 -16.44
N THR G 198 62.74 22.14 -16.08
CA THR G 198 61.42 22.12 -15.49
C THR G 198 60.37 22.18 -16.60
N LEU G 199 59.10 22.20 -16.21
CA LEU G 199 58.01 21.90 -17.13
C LEU G 199 57.56 23.09 -17.94
N LYS G 200 57.85 24.32 -17.49
CA LYS G 200 57.35 25.52 -18.16
C LYS G 200 57.93 25.68 -19.56
N GLU G 201 59.27 25.58 -19.66
CA GLU G 201 59.90 25.63 -20.97
C GLU G 201 59.53 24.42 -21.80
N ALA G 202 59.25 23.28 -21.16
CA ALA G 202 58.70 22.14 -21.88
C ALA G 202 57.33 22.45 -22.44
N ASN G 203 56.54 23.27 -21.74
CA ASN G 203 55.24 23.66 -22.26
C ASN G 203 55.38 24.58 -23.46
N GLU G 204 56.35 25.49 -23.43
CA GLU G 204 56.57 26.30 -24.65
C GLU G 204 57.11 25.44 -25.79
N ILE G 205 57.83 24.37 -25.48
CA ILE G 205 58.20 23.42 -26.53
C ILE G 205 56.97 22.67 -27.04
N LEU G 206 56.00 22.42 -26.15
CA LEU G 206 54.75 21.80 -26.57
C LEU G 206 53.97 22.72 -27.50
N GLN G 207 53.94 24.02 -27.20
CA GLN G 207 53.31 24.98 -28.10
C GLN G 207 54.08 25.13 -29.41
N ARG G 208 55.40 25.33 -29.35
CA ARG G 208 56.16 25.52 -30.59
C ARG G 208 56.36 24.23 -31.36
N SER G 209 55.99 23.10 -30.77
CA SER G 209 55.76 21.89 -31.54
C SER G 209 54.50 22.02 -32.36
N LYS G 210 53.50 22.69 -31.78
CA LYS G 210 52.10 22.69 -32.25
C LYS G 210 51.58 21.26 -32.39
N LYS G 211 52.11 20.33 -31.60
CA LYS G 211 51.97 18.92 -31.93
C LYS G 211 51.58 18.04 -30.74
N GLY G 212 52.23 18.18 -29.58
CA GLY G 212 51.80 17.44 -28.41
C GLY G 212 52.65 16.40 -27.69
N LYS G 213 53.41 15.55 -28.35
CA LYS G 213 54.25 14.59 -27.63
C LYS G 213 55.72 14.95 -27.77
N LEU G 214 56.45 14.82 -26.67
CA LEU G 214 57.80 15.37 -26.59
C LEU G 214 58.65 14.51 -25.68
N PRO G 215 59.61 13.79 -26.22
CA PRO G 215 60.62 13.14 -25.38
C PRO G 215 61.75 14.11 -25.04
N ILE G 216 62.39 13.86 -23.88
CA ILE G 216 63.55 14.61 -23.46
C ILE G 216 64.66 13.64 -23.06
N VAL G 217 65.88 13.93 -23.51
CA VAL G 217 67.04 13.08 -23.26
C VAL G 217 68.18 13.93 -22.71
N ASN G 218 69.26 13.24 -22.34
CA ASN G 218 70.51 13.87 -21.97
C ASN G 218 71.40 14.07 -23.20
N GLU G 219 72.67 14.40 -22.98
CA GLU G 219 73.61 14.58 -24.07
C GLU G 219 73.94 13.29 -24.80
N ASP G 220 73.89 12.15 -24.11
CA ASP G 220 74.15 10.86 -24.73
C ASP G 220 72.88 10.12 -25.09
N ASP G 221 71.74 10.84 -25.18
CA ASP G 221 70.48 10.35 -25.72
C ASP G 221 69.90 9.19 -24.90
N GLU G 222 69.97 9.26 -23.59
CA GLU G 222 69.24 8.32 -22.76
C GLU G 222 67.93 8.97 -22.31
N LEU G 223 66.83 8.27 -22.55
CA LEU G 223 65.52 8.76 -22.14
C LEU G 223 65.39 8.69 -20.63
N VAL G 224 64.96 9.80 -20.02
CA VAL G 224 64.58 9.78 -18.62
C VAL G 224 63.12 10.16 -18.40
N ALA G 225 62.47 10.88 -19.33
CA ALA G 225 61.06 11.23 -19.21
C ALA G 225 60.52 11.62 -20.58
N ILE G 226 59.20 11.58 -20.69
CA ILE G 226 58.49 11.98 -21.91
C ILE G 226 57.24 12.73 -21.49
N ILE G 227 56.97 13.83 -22.18
CA ILE G 227 55.74 14.57 -22.01
C ILE G 227 54.81 14.27 -23.18
N ALA G 228 53.59 13.90 -22.84
CA ALA G 228 52.56 13.48 -23.76
C ALA G 228 51.58 14.62 -24.01
N ARG G 229 50.45 14.28 -24.62
CA ARG G 229 49.53 15.27 -25.17
C ARG G 229 48.48 15.75 -24.19
N THR G 230 47.67 14.85 -23.65
CA THR G 230 46.39 15.25 -23.08
C THR G 230 46.51 15.94 -21.72
N ASP G 231 47.72 16.08 -21.18
CA ASP G 231 47.93 16.77 -19.92
C ASP G 231 47.42 18.21 -19.96
N LEU G 232 47.77 18.96 -21.01
CA LEU G 232 47.30 20.33 -21.09
C LEU G 232 45.81 20.42 -21.42
N LYS G 233 45.26 19.47 -22.17
CA LYS G 233 43.83 19.58 -22.45
C LYS G 233 43.01 19.21 -21.22
N LYS G 234 43.56 18.34 -20.36
CA LYS G 234 42.93 18.08 -19.07
C LYS G 234 43.13 19.24 -18.12
N ASN G 235 44.23 19.96 -18.24
CA ASN G 235 44.44 21.17 -17.47
C ASN G 235 43.44 22.25 -17.83
N ARG G 236 43.20 22.47 -19.11
CA ARG G 236 42.25 23.49 -19.53
C ARG G 236 40.82 23.04 -19.31
N ASP G 237 40.57 21.74 -19.44
CA ASP G 237 39.21 21.25 -19.42
C ASP G 237 38.69 21.19 -18.00
N TYR G 238 39.60 21.11 -17.03
CA TYR G 238 39.28 21.15 -15.61
C TYR G 238 40.33 22.05 -14.99
N PRO G 239 39.99 23.32 -14.75
CA PRO G 239 41.04 24.33 -14.50
C PRO G 239 41.81 24.14 -13.21
N LEU G 240 41.14 23.93 -12.10
CA LEU G 240 41.80 23.58 -10.85
C LEU G 240 41.32 22.19 -10.48
N ALA G 241 42.22 21.40 -9.90
CA ALA G 241 41.88 20.05 -9.47
C ALA G 241 42.66 19.58 -8.27
N SER G 242 43.47 20.44 -7.63
CA SER G 242 44.24 20.19 -6.42
C SER G 242 45.25 19.04 -6.55
N LYS G 243 46.27 19.22 -7.39
CA LYS G 243 47.29 18.21 -7.61
C LYS G 243 48.44 18.38 -6.62
N ASP G 244 49.39 17.46 -6.69
CA ASP G 244 50.49 17.45 -5.73
C ASP G 244 51.61 18.37 -6.20
N ALA G 245 52.73 18.35 -5.48
CA ALA G 245 53.91 19.08 -5.93
C ALA G 245 54.55 18.40 -7.13
N LYS G 246 54.51 17.07 -7.16
CA LYS G 246 55.06 16.33 -8.29
C LYS G 246 54.07 16.12 -9.39
N LYS G 247 53.14 17.05 -9.59
CA LYS G 247 52.32 17.19 -10.80
C LYS G 247 51.19 16.15 -10.89
N GLN G 248 51.31 14.99 -10.23
CA GLN G 248 50.36 13.92 -10.43
C GLN G 248 49.06 14.13 -9.65
N LEU G 249 48.13 13.19 -9.84
CA LEU G 249 46.89 13.18 -9.08
C LEU G 249 47.13 12.86 -7.62
N LEU G 250 46.13 13.16 -6.79
CA LEU G 250 46.09 12.65 -5.44
C LEU G 250 45.19 11.43 -5.39
N CYS G 251 45.45 10.54 -4.44
CA CYS G 251 44.55 9.43 -4.18
C CYS G 251 44.74 8.93 -2.76
N GLY G 252 43.79 8.11 -2.33
CA GLY G 252 43.88 7.42 -1.06
C GLY G 252 43.26 6.03 -1.05
N ALA G 253 43.32 5.36 0.09
CA ALA G 253 42.80 4.00 0.23
C ALA G 253 42.66 3.68 1.69
N ALA G 254 41.85 2.67 1.98
CA ALA G 254 41.64 2.19 3.33
C ALA G 254 42.33 0.85 3.53
N ILE G 255 42.61 0.53 4.79
CA ILE G 255 43.21 -0.75 5.17
C ILE G 255 42.41 -1.32 6.34
N GLY G 256 42.78 -2.51 6.76
CA GLY G 256 42.03 -3.22 7.78
C GLY G 256 42.50 -2.99 9.21
N THR G 257 42.47 -4.05 10.01
CA THR G 257 42.81 -3.96 11.42
C THR G 257 43.81 -5.04 11.80
N HIS G 258 44.07 -5.96 10.89
CA HIS G 258 44.75 -7.17 11.29
C HIS G 258 46.23 -7.06 10.95
N GLU G 259 47.02 -8.02 11.44
CA GLU G 259 48.48 -7.92 11.40
C GLU G 259 49.04 -7.97 9.99
N ASP G 260 48.30 -8.51 9.03
CA ASP G 260 48.71 -8.60 7.64
C ASP G 260 48.65 -7.27 6.90
N ASP G 261 48.23 -6.19 7.56
CA ASP G 261 48.10 -4.88 6.93
C ASP G 261 49.43 -4.30 6.49
N LYS G 262 50.54 -4.70 7.12
CA LYS G 262 51.82 -4.09 6.85
C LYS G 262 52.34 -4.45 5.47
N TYR G 263 52.11 -5.69 5.03
CA TYR G 263 52.39 -6.09 3.66
C TYR G 263 51.58 -5.28 2.67
N ARG G 264 50.31 -5.04 2.96
CA ARG G 264 49.47 -4.23 2.09
C ARG G 264 49.93 -2.78 2.02
N LEU G 265 50.25 -2.18 3.17
CA LEU G 265 50.62 -0.77 3.16
C LEU G 265 52.00 -0.57 2.57
N ASP G 266 52.87 -1.57 2.70
CA ASP G 266 54.15 -1.47 2.04
C ASP G 266 54.04 -1.74 0.55
N LEU G 267 53.09 -2.59 0.12
CA LEU G 267 52.80 -2.76 -1.29
C LEU G 267 52.27 -1.48 -1.92
N LEU G 268 51.44 -0.74 -1.19
CA LEU G 268 50.98 0.49 -1.81
C LEU G 268 51.92 1.66 -1.56
N ALA G 269 52.87 1.51 -0.64
CA ALA G 269 54.00 2.43 -0.63
C ALA G 269 54.91 2.16 -1.81
N GLN G 270 54.99 0.90 -2.25
CA GLN G 270 55.60 0.62 -3.54
C GLN G 270 54.74 1.15 -4.68
N ALA G 271 53.43 1.25 -4.47
CA ALA G 271 52.63 2.05 -5.40
C ALA G 271 52.89 3.54 -5.22
N GLY G 272 53.24 3.97 -4.02
CA GLY G 272 53.61 5.36 -3.81
C GLY G 272 52.44 6.32 -3.72
N VAL G 273 51.32 5.88 -3.15
CA VAL G 273 50.16 6.75 -2.95
C VAL G 273 50.18 7.29 -1.53
N ASP G 274 49.87 8.58 -1.36
CA ASP G 274 50.39 9.36 -0.25
C ASP G 274 49.47 9.44 0.97
N VAL G 275 48.16 9.24 0.81
CA VAL G 275 47.26 9.32 1.95
C VAL G 275 46.54 7.99 2.06
N VAL G 276 46.22 7.61 3.30
CA VAL G 276 45.68 6.28 3.57
C VAL G 276 44.74 6.34 4.77
N VAL G 277 43.65 5.58 4.70
CA VAL G 277 42.72 5.46 5.81
C VAL G 277 42.95 4.12 6.48
N LEU G 278 42.54 4.05 7.74
CA LEU G 278 42.40 2.81 8.47
C LEU G 278 40.97 2.76 8.99
N ASP G 279 40.14 2.00 8.29
CA ASP G 279 38.71 1.95 8.58
C ASP G 279 38.52 1.08 9.81
N SER G 280 37.75 1.60 10.76
CA SER G 280 37.40 0.85 11.95
C SER G 280 36.11 1.43 12.48
N SER G 281 35.36 0.61 13.21
CA SER G 281 34.19 1.12 13.90
C SER G 281 34.56 1.96 15.11
N GLN G 282 35.78 1.83 15.61
CA GLN G 282 36.22 2.67 16.71
C GLN G 282 37.74 2.76 16.64
N GLY G 283 38.28 3.92 16.97
CA GLY G 283 39.72 4.15 16.89
C GLY G 283 40.44 4.52 18.16
N ASN G 284 40.16 3.83 19.28
CA ASN G 284 41.00 3.96 20.46
C ASN G 284 41.71 2.65 20.78
N SER G 285 42.13 1.92 19.76
CA SER G 285 42.75 0.62 19.99
C SER G 285 44.26 0.74 20.11
N ILE G 286 44.86 -0.28 20.71
CA ILE G 286 46.30 -0.47 20.64
C ILE G 286 46.73 -0.78 19.22
N PHE G 287 45.84 -1.42 18.45
CA PHE G 287 46.04 -1.62 17.02
C PHE G 287 46.26 -0.29 16.30
N GLN G 288 45.44 0.71 16.62
CA GLN G 288 45.53 2.01 15.96
C GLN G 288 46.85 2.70 16.26
N ILE G 289 47.27 2.71 17.52
CA ILE G 289 48.45 3.47 17.90
C ILE G 289 49.70 2.77 17.39
N ASN G 290 49.68 1.43 17.35
CA ASN G 290 50.86 0.75 16.81
C ASN G 290 50.91 0.85 15.30
N MET G 291 49.76 0.94 14.63
CA MET G 291 49.78 1.19 13.19
C MET G 291 50.34 2.57 12.87
N ILE G 292 49.97 3.60 13.64
CA ILE G 292 50.49 4.92 13.30
C ILE G 292 51.95 5.06 13.73
N LYS G 293 52.36 4.34 14.78
CA LYS G 293 53.79 4.23 15.10
C LYS G 293 54.55 3.55 13.97
N TYR G 294 53.96 2.51 13.39
CA TYR G 294 54.55 1.84 12.23
C TYR G 294 54.57 2.73 11.01
N ILE G 295 53.63 3.66 10.91
CA ILE G 295 53.63 4.61 9.80
C ILE G 295 54.77 5.61 9.92
N LYS G 296 54.89 6.29 11.07
CA LYS G 296 55.63 7.54 11.12
C LYS G 296 57.13 7.34 11.00
N ASP G 297 57.65 6.21 11.50
CA ASP G 297 59.08 5.99 11.38
C ASP G 297 59.46 5.51 10.00
N LYS G 298 58.60 4.72 9.36
CA LYS G 298 58.94 4.21 8.04
C LYS G 298 58.67 5.24 6.96
N TYR G 299 57.64 6.06 7.13
CA TYR G 299 57.21 6.99 6.09
C TYR G 299 56.82 8.31 6.71
N PRO G 300 57.77 9.24 6.85
CA PRO G 300 57.39 10.59 7.28
C PRO G 300 56.64 11.37 6.21
N ASN G 301 56.83 11.03 4.94
CA ASN G 301 56.18 11.76 3.87
C ASN G 301 54.73 11.35 3.68
N LEU G 302 54.38 10.13 4.07
CA LEU G 302 53.04 9.58 3.87
C LEU G 302 52.04 10.26 4.79
N GLN G 303 50.77 10.13 4.44
CA GLN G 303 49.71 10.75 5.21
C GLN G 303 48.71 9.69 5.63
N VAL G 304 48.06 9.96 6.75
CA VAL G 304 47.11 9.01 7.32
C VAL G 304 45.86 9.78 7.73
N ILE G 305 44.72 9.13 7.58
CA ILE G 305 43.48 9.62 8.14
C ILE G 305 42.92 8.53 9.03
N GLY G 306 42.59 8.90 10.27
CA GLY G 306 42.37 7.91 11.31
C GLY G 306 40.99 7.80 11.89
N GLY G 307 40.38 6.62 11.75
CA GLY G 307 39.07 6.36 12.31
C GLY G 307 39.10 5.14 13.19
N ASN G 308 38.10 5.04 14.08
CA ASN G 308 37.02 6.01 14.20
C ASN G 308 36.94 6.60 15.60
N VAL G 309 36.74 7.92 15.66
CA VAL G 309 36.68 8.70 16.88
C VAL G 309 35.44 9.56 16.78
N VAL G 310 34.69 9.66 17.89
CA VAL G 310 33.59 10.61 17.91
C VAL G 310 33.72 11.57 19.08
N THR G 311 33.99 11.08 20.28
CA THR G 311 34.24 11.98 21.40
C THR G 311 35.72 12.34 21.50
N ALA G 312 36.07 13.20 22.44
CA ALA G 312 37.29 13.98 22.37
C ALA G 312 38.51 13.27 22.94
N ALA G 313 38.35 12.36 23.89
CA ALA G 313 39.50 11.88 24.65
C ALA G 313 40.37 10.95 23.83
N GLN G 314 39.76 10.11 23.00
CA GLN G 314 40.58 9.27 22.15
C GLN G 314 41.23 10.09 21.06
N ALA G 315 40.58 11.18 20.66
CA ALA G 315 41.21 12.13 19.74
C ALA G 315 42.42 12.80 20.36
N LYS G 316 42.36 13.13 21.65
CA LYS G 316 43.52 13.62 22.39
C LYS G 316 44.66 12.63 22.31
N ASN G 317 44.35 11.36 22.59
CA ASN G 317 45.38 10.34 22.64
C ASN G 317 46.01 10.09 21.28
N LEU G 318 45.22 10.15 20.21
CA LEU G 318 45.84 9.91 18.91
C LEU G 318 46.57 11.14 18.38
N ILE G 319 46.16 12.36 18.76
CA ILE G 319 46.91 13.48 18.21
C ILE G 319 48.20 13.72 18.98
N ASP G 320 48.24 13.45 20.29
CA ASP G 320 49.53 13.57 20.95
C ASP G 320 50.33 12.29 20.76
N ALA G 321 49.67 11.24 20.27
CA ALA G 321 50.36 10.11 19.70
C ALA G 321 50.94 10.43 18.32
N GLY G 322 50.37 11.39 17.61
CA GLY G 322 50.98 11.84 16.38
C GLY G 322 50.26 11.44 15.12
N VAL G 323 48.94 11.53 15.12
CA VAL G 323 48.15 11.24 13.93
C VAL G 323 48.31 12.38 12.93
N ASP G 324 47.93 12.13 11.68
CA ASP G 324 47.86 13.22 10.72
C ASP G 324 46.48 13.85 10.62
N ALA G 325 45.42 13.05 10.61
CA ALA G 325 44.09 13.59 10.35
C ALA G 325 43.02 12.73 10.99
N LEU G 326 41.82 13.30 11.12
CA LEU G 326 40.78 12.85 12.02
C LEU G 326 39.51 12.46 11.28
N ARG G 327 39.00 11.26 11.58
CA ARG G 327 37.85 10.70 10.88
C ARG G 327 36.70 10.50 11.87
N VAL G 328 35.58 11.15 11.60
CA VAL G 328 34.45 11.20 12.51
C VAL G 328 33.17 10.75 11.80
N GLY G 329 32.34 10.04 12.55
CA GLY G 329 31.00 9.61 12.19
C GLY G 329 30.95 8.11 11.98
N MET G 330 29.87 7.48 12.45
CA MET G 330 29.84 6.02 12.46
C MET G 330 28.63 5.54 11.66
N GLY G 331 28.65 4.27 11.28
CA GLY G 331 27.56 3.62 10.59
C GLY G 331 27.20 4.22 9.24
N SER G 332 28.22 4.51 8.44
CA SER G 332 28.00 5.02 7.08
C SER G 332 29.20 4.69 6.20
N THR G 338 23.18 0.61 10.35
CA THR G 338 23.87 -0.18 11.38
C THR G 338 24.05 0.69 12.64
N GLN G 339 23.78 1.98 12.48
CA GLN G 339 23.71 2.92 13.59
C GLN G 339 22.62 2.58 14.59
N GLU G 340 21.49 2.05 14.11
CA GLU G 340 20.43 1.56 14.96
C GLU G 340 20.75 0.16 15.48
N VAL G 341 21.86 -0.43 15.05
CA VAL G 341 22.18 -1.82 15.36
C VAL G 341 23.29 -1.89 16.39
N LEU G 342 24.46 -1.34 16.05
CA LEU G 342 25.61 -1.49 16.93
C LEU G 342 25.48 -0.65 18.18
N ALA G 343 24.75 0.46 18.09
CA ALA G 343 24.34 1.30 19.21
C ALA G 343 25.52 1.79 20.04
N CYS G 344 26.50 2.43 19.41
CA CYS G 344 27.61 3.01 20.14
C CYS G 344 28.00 4.35 19.53
N GLY G 345 28.62 5.18 20.36
CA GLY G 345 29.06 6.48 19.90
C GLY G 345 28.13 7.58 20.35
N ARG G 346 27.79 8.49 19.44
CA ARG G 346 26.99 9.65 19.76
C ARG G 346 26.43 10.18 18.45
N PRO G 347 25.42 11.06 18.47
CA PRO G 347 24.96 11.66 17.20
C PRO G 347 26.01 12.58 16.62
N GLN G 348 25.79 12.92 15.36
CA GLN G 348 26.83 13.50 14.53
C GLN G 348 27.20 14.90 14.98
N ALA G 349 26.19 15.75 15.15
CA ALA G 349 26.41 17.18 15.17
C ALA G 349 27.16 17.63 16.41
N THR G 350 26.88 17.03 17.56
CA THR G 350 27.64 17.36 18.75
C THR G 350 29.07 16.88 18.64
N ALA G 351 29.30 15.76 17.96
CA ALA G 351 30.63 15.21 17.87
C ALA G 351 31.50 16.03 16.94
N VAL G 352 30.97 16.37 15.76
CA VAL G 352 31.73 17.07 14.76
C VAL G 352 32.06 18.47 15.25
N TYR G 353 31.26 19.00 16.16
CA TYR G 353 31.53 20.25 16.82
C TYR G 353 32.75 20.12 17.72
N LYS G 354 32.70 19.19 18.67
CA LYS G 354 33.69 19.21 19.72
C LYS G 354 35.03 18.65 19.25
N VAL G 355 35.03 17.86 18.18
CA VAL G 355 36.32 17.43 17.65
C VAL G 355 37.05 18.59 17.02
N SER G 356 36.33 19.53 16.42
CA SER G 356 36.96 20.75 15.99
C SER G 356 37.32 21.65 17.15
N GLU G 357 36.53 21.60 18.23
CA GLU G 357 36.82 22.40 19.41
C GLU G 357 38.12 21.98 20.08
N TYR G 358 38.49 20.71 19.96
CA TYR G 358 39.81 20.36 20.46
C TYR G 358 40.87 20.38 19.36
N ALA G 359 40.46 20.27 18.09
CA ALA G 359 41.46 20.23 17.03
C ALA G 359 42.05 21.59 16.74
N ARG G 360 41.28 22.66 16.99
CA ARG G 360 41.81 24.00 16.81
C ARG G 360 42.85 24.37 17.84
N ARG G 361 42.89 23.68 18.98
CA ARG G 361 43.96 23.86 19.93
C ARG G 361 45.27 23.31 19.39
N PHE G 362 45.22 22.43 18.40
CA PHE G 362 46.42 21.86 17.81
C PHE G 362 46.41 21.90 16.29
N GLY G 363 45.48 22.65 15.69
CA GLY G 363 45.49 22.94 14.27
C GLY G 363 45.34 21.72 13.38
N VAL G 364 44.37 20.88 13.70
CA VAL G 364 44.23 19.57 13.07
C VAL G 364 42.97 19.58 12.23
N PRO G 365 43.01 19.12 10.98
CA PRO G 365 41.79 19.00 10.19
C PRO G 365 40.98 17.80 10.62
N VAL G 366 39.75 17.73 10.11
CA VAL G 366 38.84 16.65 10.44
C VAL G 366 37.89 16.41 9.27
N ILE G 367 37.53 15.14 9.05
CA ILE G 367 36.62 14.71 8.00
C ILE G 367 35.44 14.03 8.68
N ALA G 368 34.27 14.11 8.06
CA ALA G 368 33.03 13.86 8.80
C ALA G 368 32.03 13.02 8.04
N ASP G 369 31.38 12.11 8.77
CA ASP G 369 30.32 11.24 8.29
C ASP G 369 28.99 11.60 8.94
N GLY G 370 27.96 10.85 8.56
CA GLY G 370 26.65 10.93 9.17
C GLY G 370 25.73 11.93 8.51
N GLY G 371 24.45 11.59 8.47
CA GLY G 371 23.42 12.54 8.08
C GLY G 371 23.45 12.98 6.63
N ILE G 372 23.92 12.13 5.72
CA ILE G 372 24.12 12.53 4.34
C ILE G 372 22.98 11.95 3.52
N GLN G 373 22.00 12.78 3.20
CA GLN G 373 21.06 12.42 2.14
C GLN G 373 21.00 13.49 1.07
N ASN G 374 21.02 14.75 1.48
CA ASN G 374 20.87 15.78 0.47
C ASN G 374 21.76 16.99 0.73
N VAL G 375 21.60 18.02 -0.11
CA VAL G 375 22.62 19.03 -0.33
C VAL G 375 22.82 19.96 0.85
N GLY G 376 21.79 20.20 1.67
CA GLY G 376 21.94 21.16 2.74
C GLY G 376 22.75 20.59 3.87
N HIS G 377 22.76 19.25 3.99
CA HIS G 377 23.48 18.56 5.03
C HIS G 377 24.95 18.87 4.98
N ILE G 378 25.49 18.85 3.77
CA ILE G 378 26.91 19.02 3.54
C ILE G 378 27.35 20.39 4.00
N ALA G 379 26.62 21.40 3.54
CA ALA G 379 26.94 22.76 3.85
C ALA G 379 26.81 23.04 5.32
N LYS G 380 25.77 22.51 5.97
CA LYS G 380 25.61 22.80 7.38
C LYS G 380 26.63 22.04 8.21
N ALA G 381 27.04 20.87 7.71
CA ALA G 381 28.01 20.07 8.44
C ALA G 381 29.37 20.73 8.42
N LEU G 382 29.81 21.20 7.26
CA LEU G 382 31.04 21.95 7.23
C LEU G 382 30.87 23.30 7.92
N ALA G 383 29.65 23.83 7.85
CA ALA G 383 29.39 25.19 8.26
C ALA G 383 29.42 25.36 9.75
N LEU G 384 29.06 24.33 10.50
CA LEU G 384 29.19 24.45 11.95
C LEU G 384 30.63 24.39 12.42
N GLY G 385 31.56 24.04 11.53
CA GLY G 385 32.95 24.10 11.89
C GLY G 385 33.77 22.92 11.46
N ALA G 386 33.16 21.99 10.73
CA ALA G 386 33.97 20.94 10.14
C ALA G 386 34.81 21.54 9.02
N SER G 387 36.08 21.15 8.99
CA SER G 387 36.96 21.60 7.93
C SER G 387 36.58 21.04 6.58
N THR G 388 36.17 19.77 6.57
CA THR G 388 35.66 19.09 5.40
C THR G 388 34.90 17.84 5.85
N VAL G 389 33.96 17.36 5.03
CA VAL G 389 33.13 16.21 5.37
C VAL G 389 33.15 15.23 4.20
N MET G 390 32.82 13.97 4.49
CA MET G 390 32.79 12.87 3.54
C MET G 390 31.52 12.92 2.72
N MET G 391 31.58 12.37 1.53
CA MET G 391 30.37 12.09 0.77
C MET G 391 30.15 10.60 0.79
N GLY G 392 28.98 10.17 1.24
CA GLY G 392 28.83 8.75 1.46
C GLY G 392 27.90 8.06 0.49
N SER G 393 26.71 7.72 0.97
CA SER G 393 25.77 6.98 0.15
C SER G 393 24.99 7.87 -0.79
N LEU G 394 25.21 9.20 -0.75
CA LEU G 394 24.54 10.04 -1.73
C LEU G 394 25.05 9.75 -3.13
N LEU G 395 26.33 9.45 -3.26
CA LEU G 395 26.81 9.07 -4.57
C LEU G 395 26.87 7.56 -4.73
N ALA G 396 26.15 6.81 -3.92
CA ALA G 396 25.92 5.43 -4.25
C ALA G 396 25.11 5.35 -5.53
N ALA G 397 25.55 4.46 -6.43
CA ALA G 397 24.98 4.23 -7.76
C ALA G 397 24.97 5.49 -8.61
N THR G 398 26.14 5.98 -8.97
CA THR G 398 26.28 6.93 -10.05
C THR G 398 26.48 6.18 -11.37
N THR G 399 26.81 6.90 -12.44
CA THR G 399 27.21 6.23 -13.67
C THR G 399 28.55 5.53 -13.50
N GLU G 400 29.41 6.12 -12.69
CA GLU G 400 30.77 5.64 -12.51
C GLU G 400 30.85 4.42 -11.60
N ALA G 401 29.72 3.95 -11.05
CA ALA G 401 29.50 2.99 -9.97
C ALA G 401 30.34 1.71 -10.11
N PRO G 402 30.80 1.11 -9.00
CA PRO G 402 31.88 0.12 -9.11
C PRO G 402 31.37 -1.20 -9.65
N GLY G 403 32.21 -1.82 -10.48
CA GLY G 403 31.66 -2.87 -11.29
C GLY G 403 30.90 -2.25 -12.45
N GLU G 404 29.93 -3.00 -12.97
CA GLU G 404 29.22 -2.57 -14.17
C GLU G 404 27.79 -3.09 -14.06
N TYR G 405 26.89 -2.46 -14.81
CA TYR G 405 25.47 -2.76 -14.80
C TYR G 405 25.22 -4.13 -15.42
N PHE G 406 23.97 -4.57 -15.34
CA PHE G 406 23.65 -5.80 -16.03
C PHE G 406 22.37 -5.63 -16.83
N PHE G 407 21.91 -6.70 -17.44
CA PHE G 407 20.98 -6.58 -18.56
C PHE G 407 19.78 -7.48 -18.32
N SER G 408 18.64 -6.86 -18.06
CA SER G 408 17.46 -7.60 -17.62
C SER G 408 16.24 -6.96 -18.24
N ASP G 409 15.28 -7.79 -18.66
CA ASP G 409 13.83 -7.55 -18.79
C ASP G 409 13.46 -6.20 -19.41
N GLY G 410 14.31 -5.66 -20.27
CA GLY G 410 14.14 -4.30 -20.75
C GLY G 410 14.58 -3.22 -19.79
N ILE G 411 14.94 -3.55 -18.56
CA ILE G 411 15.34 -2.57 -17.55
C ILE G 411 16.62 -3.03 -16.89
N ARG G 412 17.68 -2.27 -17.09
CA ARG G 412 18.97 -2.60 -16.52
C ARG G 412 18.99 -2.28 -15.03
N LEU G 413 20.07 -2.72 -14.37
CA LEU G 413 20.30 -2.43 -12.96
C LEU G 413 21.78 -2.68 -12.71
N LYS G 414 22.28 -2.20 -11.57
CA LYS G 414 23.71 -2.25 -11.27
C LYS G 414 24.06 -3.48 -10.45
N LYS G 415 25.08 -4.21 -10.89
CA LYS G 415 25.61 -5.36 -10.19
C LYS G 415 26.85 -4.95 -9.40
N TYR G 416 27.13 -5.67 -8.31
CA TYR G 416 28.28 -5.37 -7.46
C TYR G 416 29.15 -6.62 -7.28
N ARG G 417 30.06 -6.83 -8.23
CA ARG G 417 31.13 -7.82 -8.10
C ARG G 417 32.38 -7.18 -8.74
N GLY G 418 32.67 -5.95 -8.35
CA GLY G 418 33.80 -5.22 -8.89
C GLY G 418 35.15 -5.82 -8.59
N ALA G 451 18.33 -3.36 -6.70
CA ALA G 451 18.67 -2.00 -6.27
C ALA G 451 17.92 -0.94 -7.08
N VAL G 452 18.41 0.30 -7.01
CA VAL G 452 17.74 1.45 -7.61
C VAL G 452 18.55 1.87 -8.83
N GLN G 453 17.85 2.27 -9.88
CA GLN G 453 18.46 2.60 -11.16
C GLN G 453 19.19 3.94 -11.11
N ASP G 454 19.89 4.25 -12.21
CA ASP G 454 20.97 5.24 -12.25
C ASP G 454 20.47 6.68 -12.17
N LYS G 455 21.32 7.53 -11.59
CA LYS G 455 21.02 8.94 -11.41
C LYS G 455 22.06 9.88 -12.02
N GLY G 456 23.08 9.36 -12.72
CA GLY G 456 23.96 10.26 -13.43
C GLY G 456 25.46 10.14 -13.23
N SER G 457 26.20 10.96 -13.97
CA SER G 457 27.65 10.99 -13.90
C SER G 457 28.08 12.17 -13.04
N ILE G 458 29.14 11.99 -12.27
CA ILE G 458 29.34 12.87 -11.12
C ILE G 458 29.86 14.22 -11.57
N HIS G 459 30.66 14.26 -12.64
CA HIS G 459 31.35 15.52 -12.93
C HIS G 459 30.43 16.55 -13.58
N LYS G 460 29.17 16.20 -13.83
CA LYS G 460 28.12 17.20 -13.98
C LYS G 460 27.20 17.28 -12.77
N PHE G 461 27.40 16.40 -11.78
CA PHE G 461 26.54 16.32 -10.60
C PHE G 461 27.11 17.11 -9.43
N VAL G 462 28.34 16.80 -9.04
CA VAL G 462 29.09 17.56 -8.05
C VAL G 462 29.28 19.04 -8.42
N PRO G 463 29.22 19.51 -9.68
CA PRO G 463 29.02 20.95 -9.85
C PRO G 463 27.74 21.48 -9.24
N TYR G 464 26.64 20.73 -9.30
CA TYR G 464 25.43 21.16 -8.62
C TYR G 464 25.61 21.13 -7.12
N LEU G 465 26.44 20.23 -6.62
CA LEU G 465 26.67 20.16 -5.18
C LEU G 465 27.53 21.32 -4.71
N ILE G 466 28.57 21.66 -5.49
CA ILE G 466 29.40 22.77 -5.08
C ILE G 466 28.65 24.08 -5.24
N ALA G 467 27.80 24.18 -6.27
CA ALA G 467 26.98 25.37 -6.41
C ALA G 467 25.97 25.47 -5.29
N GLY G 468 25.45 24.33 -4.83
CA GLY G 468 24.54 24.36 -3.72
C GLY G 468 25.20 24.73 -2.42
N ILE G 469 26.44 24.34 -2.21
CA ILE G 469 27.07 24.68 -0.94
C ILE G 469 27.53 26.13 -0.95
N GLN G 470 27.97 26.64 -2.10
CA GLN G 470 28.25 28.07 -2.08
C GLN G 470 26.98 28.90 -2.10
N HIS G 471 25.86 28.33 -2.55
CA HIS G 471 24.56 28.97 -2.35
C HIS G 471 24.29 29.14 -0.87
N SER G 472 24.61 28.12 -0.08
CA SER G 472 24.48 28.25 1.35
C SER G 472 25.55 29.17 1.93
N CYS G 473 26.71 29.23 1.29
CA CYS G 473 27.76 30.12 1.77
C CYS G 473 27.34 31.57 1.64
N GLN G 474 26.68 31.92 0.54
CA GLN G 474 26.13 33.26 0.46
C GLN G 474 24.87 33.38 1.29
N ASP G 475 24.24 32.26 1.63
CA ASP G 475 23.18 32.33 2.61
C ASP G 475 23.73 32.73 3.97
N ILE G 476 24.93 32.28 4.33
CA ILE G 476 25.66 32.97 5.38
C ILE G 476 26.10 34.34 4.88
N GLY G 477 26.86 34.37 3.81
CA GLY G 477 27.43 35.63 3.37
C GLY G 477 28.86 35.77 3.85
N ALA G 478 29.60 34.68 3.84
CA ALA G 478 31.03 34.74 4.13
C ALA G 478 31.77 34.42 2.86
N LYS G 479 32.90 35.11 2.68
CA LYS G 479 33.67 34.93 1.47
C LYS G 479 34.43 33.61 1.48
N SER G 480 34.87 33.15 2.65
CA SER G 480 35.59 31.91 2.81
C SER G 480 35.00 31.09 3.94
N LEU G 481 35.44 29.83 4.02
CA LEU G 481 35.12 29.00 5.18
C LEU G 481 36.03 29.27 6.37
N THR G 482 37.25 29.76 6.13
CA THR G 482 38.05 30.26 7.25
C THR G 482 37.35 31.39 7.95
N GLN G 483 36.62 32.20 7.19
CA GLN G 483 35.69 33.15 7.76
C GLN G 483 34.57 32.45 8.53
N VAL G 484 34.12 31.23 8.14
CA VAL G 484 32.96 30.69 8.84
C VAL G 484 33.38 30.05 10.16
N ARG G 485 34.60 29.51 10.26
CA ARG G 485 34.98 29.14 11.62
C ARG G 485 35.62 30.28 12.40
N ALA G 486 36.07 31.35 11.75
CA ALA G 486 36.38 32.56 12.51
C ALA G 486 35.11 33.12 13.15
N MET G 487 34.01 33.10 12.39
CA MET G 487 32.67 33.31 12.89
C MET G 487 32.33 32.37 14.03
N MET G 488 32.54 31.07 13.86
CA MET G 488 32.06 30.11 14.85
C MET G 488 32.84 30.20 16.15
N TYR G 489 34.15 30.46 16.07
CA TYR G 489 34.93 30.68 17.28
C TYR G 489 34.73 32.07 17.84
N SER G 490 34.20 33.00 17.05
CA SER G 490 33.90 34.31 17.57
C SER G 490 32.44 34.47 17.97
N GLY G 491 31.53 33.99 17.14
CA GLY G 491 30.11 34.05 17.44
C GLY G 491 29.40 35.29 16.95
N GLU G 492 29.82 35.91 15.84
CA GLU G 492 29.10 37.12 15.45
C GLU G 492 27.81 36.77 14.74
N LEU G 493 27.81 35.67 13.97
CA LEU G 493 26.59 35.06 13.47
C LEU G 493 26.26 33.89 14.39
N LYS G 494 24.98 33.56 14.50
CA LYS G 494 24.50 32.78 15.61
C LYS G 494 23.49 31.78 15.07
N PHE G 495 22.93 30.93 15.95
CA PHE G 495 22.04 29.87 15.48
C PHE G 495 20.80 29.66 16.35
N GLU G 496 20.03 28.62 16.06
CA GLU G 496 18.78 28.42 16.77
C GLU G 496 18.38 26.96 16.72
N LYS G 497 17.37 26.62 17.51
CA LYS G 497 16.84 25.29 17.77
C LYS G 497 15.85 24.90 16.65
N ARG G 498 15.31 23.68 16.73
CA ARG G 498 14.45 23.07 15.73
C ARG G 498 13.73 21.90 16.40
N THR G 499 12.51 21.62 15.95
CA THR G 499 11.74 20.45 16.37
C THR G 499 11.42 19.57 15.16
N SER G 500 10.96 18.37 15.45
CA SER G 500 10.92 17.29 14.46
C SER G 500 9.72 17.37 13.51
N SER G 501 8.86 18.36 13.68
CA SER G 501 7.54 18.32 13.08
C SER G 501 7.52 18.53 11.57
N ALA G 502 8.55 19.15 10.99
CA ALA G 502 8.51 19.40 9.55
C ALA G 502 9.11 18.26 8.74
N GLN G 503 9.50 17.17 9.38
CA GLN G 503 10.15 16.06 8.68
C GLN G 503 9.18 15.27 7.81
N VAL G 504 7.90 15.22 8.19
CA VAL G 504 6.98 14.25 7.59
C VAL G 504 6.48 14.62 6.20
N GLU G 505 6.99 15.69 5.59
CA GLU G 505 6.65 16.01 4.20
C GLU G 505 7.24 14.97 3.25
N SER H 16 -10.95 34.02 46.02
CA SER H 16 -10.32 35.26 45.63
C SER H 16 -8.82 35.07 45.40
N TYR H 17 -8.46 33.92 44.85
CA TYR H 17 -7.05 33.63 44.61
C TYR H 17 -6.65 34.01 43.19
N VAL H 18 -7.47 33.62 42.21
CA VAL H 18 -7.29 33.84 40.77
C VAL H 18 -5.93 33.31 40.32
N PRO H 19 -5.77 32.00 40.13
CA PRO H 19 -4.48 31.43 39.71
C PRO H 19 -3.98 31.95 38.37
N ASP H 20 -2.66 32.10 38.30
CA ASP H 20 -1.98 32.54 37.09
C ASP H 20 -1.65 31.32 36.24
N ASP H 21 -2.16 31.29 35.01
CA ASP H 21 -2.21 30.06 34.24
C ASP H 21 -1.72 30.29 32.81
N GLY H 22 -0.62 29.62 32.45
CA GLY H 22 -0.09 29.79 31.11
C GLY H 22 1.21 30.54 31.10
N LEU H 23 1.72 30.89 29.92
CA LEU H 23 3.04 31.51 29.78
C LEU H 23 3.02 32.52 28.65
N THR H 24 3.56 33.71 28.90
CA THR H 24 3.42 34.83 27.99
C THR H 24 4.35 34.70 26.79
N ALA H 25 4.26 35.67 25.89
CA ALA H 25 4.95 35.59 24.61
C ALA H 25 6.45 35.82 24.76
N GLN H 26 6.86 36.77 25.59
CA GLN H 26 8.28 36.92 25.86
C GLN H 26 8.77 35.80 26.77
N GLN H 27 7.85 35.11 27.45
CA GLN H 27 8.16 33.82 28.04
C GLN H 27 7.91 32.66 27.10
N LEU H 28 7.50 32.92 25.86
CA LEU H 28 7.30 31.87 24.88
C LEU H 28 8.46 31.77 23.92
N PHE H 29 9.11 32.88 23.63
CA PHE H 29 10.09 32.87 22.56
C PHE H 29 11.52 33.15 23.01
N ASN H 30 11.71 33.76 24.19
CA ASN H 30 13.06 33.99 24.69
C ASN H 30 13.69 32.74 25.28
N CYS H 31 12.99 31.61 25.27
CA CYS H 31 13.56 30.36 25.73
C CYS H 31 14.67 29.84 24.82
N GLY H 32 14.71 30.27 23.57
CA GLY H 32 15.70 29.73 22.67
C GLY H 32 15.34 28.36 22.15
N ASP H 33 14.06 28.03 22.14
CA ASP H 33 13.54 26.80 21.56
C ASP H 33 12.84 27.13 20.26
N GLY H 34 13.04 26.26 19.28
CA GLY H 34 12.55 26.43 17.93
C GLY H 34 11.07 26.13 17.85
N LEU H 35 10.31 27.01 17.22
CA LEU H 35 8.86 26.99 17.30
C LEU H 35 8.26 27.16 15.92
N THR H 36 7.29 26.30 15.60
CA THR H 36 6.49 26.42 14.39
C THR H 36 5.03 26.57 14.75
N TYR H 37 4.18 26.40 13.75
CA TYR H 37 2.74 26.59 13.83
C TYR H 37 2.11 25.67 14.87
N ASN H 38 2.43 24.38 14.83
CA ASN H 38 1.78 23.43 15.71
C ASN H 38 2.65 23.12 16.90
N ASP H 39 3.31 24.14 17.45
CA ASP H 39 4.22 23.88 18.54
C ASP H 39 3.62 24.56 19.76
N PHE H 40 2.43 25.11 19.56
CA PHE H 40 1.72 25.85 20.59
C PHE H 40 0.29 25.92 20.13
N LEU H 41 -0.57 26.38 21.01
CA LEU H 41 -1.98 26.52 20.73
C LEU H 41 -2.43 27.80 21.41
N ILE H 42 -3.63 28.24 21.07
CA ILE H 42 -4.15 29.47 21.61
C ILE H 42 -5.33 29.15 22.51
N LEU H 43 -5.33 29.73 23.68
CA LEU H 43 -6.40 29.40 24.61
C LEU H 43 -7.44 30.52 24.60
N PRO H 44 -8.70 30.21 24.88
CA PRO H 44 -9.73 31.26 24.80
C PRO H 44 -9.67 32.25 25.96
N GLY H 45 -10.35 33.39 25.75
CA GLY H 45 -10.48 34.43 26.74
C GLY H 45 -11.92 34.67 27.14
N TYR H 46 -12.24 35.95 27.35
CA TYR H 46 -13.60 36.33 27.69
C TYR H 46 -14.37 36.77 26.45
N ILE H 47 -15.63 36.37 26.36
CA ILE H 47 -16.43 36.61 25.17
C ILE H 47 -17.69 37.37 25.57
N ASP H 48 -17.96 38.45 24.82
CA ASP H 48 -19.20 39.18 25.04
C ASP H 48 -19.86 39.62 23.74
N PHE H 49 -19.58 38.93 22.64
CA PHE H 49 -20.26 39.21 21.37
C PHE H 49 -20.29 37.92 20.55
N THR H 50 -21.00 37.98 19.42
CA THR H 50 -21.05 36.90 18.45
C THR H 50 -20.13 37.21 17.27
N ALA H 51 -20.24 36.40 16.23
CA ALA H 51 -19.19 36.28 15.21
C ALA H 51 -19.28 37.32 14.10
N ASP H 52 -20.39 37.37 13.39
CA ASP H 52 -20.42 37.90 12.04
C ASP H 52 -20.26 39.40 11.97
N GLN H 53 -20.32 40.10 13.10
CA GLN H 53 -20.19 41.54 13.09
C GLN H 53 -18.75 41.97 13.30
N VAL H 54 -17.87 41.02 13.65
CA VAL H 54 -16.51 41.35 14.02
C VAL H 54 -15.75 41.60 12.72
N ASP H 55 -15.23 42.81 12.57
CA ASP H 55 -14.52 43.23 11.38
C ASP H 55 -13.03 43.28 11.65
N LEU H 56 -12.22 42.94 10.65
CA LEU H 56 -10.78 42.86 10.78
C LEU H 56 -10.06 43.58 9.66
N THR H 57 -10.42 44.83 9.42
CA THR H 57 -9.74 45.62 8.41
C THR H 57 -8.30 45.89 8.85
N SER H 58 -7.35 45.50 8.00
CA SER H 58 -5.95 45.45 8.37
C SER H 58 -5.12 46.31 7.44
N ALA H 59 -4.02 46.85 7.96
CA ALA H 59 -3.15 47.72 7.19
C ALA H 59 -1.95 46.93 6.68
N LEU H 60 -1.84 46.80 5.36
CA LEU H 60 -0.77 46.01 4.76
C LEU H 60 0.47 46.82 4.47
N THR H 61 0.32 48.08 4.10
CA THR H 61 1.45 48.96 3.96
C THR H 61 1.31 50.06 5.00
N LYS H 62 2.20 51.03 4.93
CA LYS H 62 2.02 52.23 5.71
C LYS H 62 1.08 53.22 5.05
N LYS H 63 0.58 52.91 3.85
CA LYS H 63 -0.25 53.85 3.12
C LYS H 63 -1.62 53.28 2.79
N ILE H 64 -1.72 51.99 2.50
CA ILE H 64 -3.00 51.41 2.11
C ILE H 64 -3.36 50.29 3.08
N THR H 65 -4.66 50.06 3.23
CA THR H 65 -5.21 49.07 4.13
C THR H 65 -6.10 48.09 3.36
N LEU H 66 -6.41 46.98 4.00
CA LEU H 66 -7.28 45.98 3.40
C LEU H 66 -8.27 45.48 4.44
N LYS H 67 -9.47 45.12 3.98
CA LYS H 67 -10.44 44.60 4.93
C LYS H 67 -10.20 43.13 5.25
N THR H 68 -9.48 42.40 4.40
CA THR H 68 -9.18 41.00 4.61
C THR H 68 -7.67 40.86 4.69
N PRO H 69 -7.17 40.03 5.61
CA PRO H 69 -5.72 39.94 5.82
C PRO H 69 -5.01 38.94 4.93
N LEU H 70 -5.72 38.20 4.09
CA LEU H 70 -5.10 37.12 3.35
C LEU H 70 -4.81 37.56 1.92
N VAL H 71 -3.54 37.51 1.52
CA VAL H 71 -3.13 37.84 0.17
C VAL H 71 -2.45 36.62 -0.43
N SER H 72 -2.43 36.58 -1.76
CA SER H 72 -1.95 35.43 -2.50
C SER H 72 -0.43 35.32 -2.44
N SER H 73 0.09 34.50 -3.32
CA SER H 73 1.52 34.30 -3.39
C SER H 73 2.07 34.83 -4.70
N PRO H 74 3.34 35.23 -4.73
CA PRO H 74 3.96 35.59 -6.01
C PRO H 74 4.46 34.40 -6.80
N MET H 75 4.04 33.20 -6.44
CA MET H 75 4.52 32.00 -7.12
C MET H 75 3.88 31.92 -8.51
N ASP H 76 4.53 31.18 -9.42
CA ASP H 76 4.09 31.11 -10.80
C ASP H 76 2.79 30.34 -10.98
N THR H 77 2.65 29.20 -10.31
CA THR H 77 1.53 28.30 -10.54
C THR H 77 0.34 28.66 -9.64
N VAL H 78 0.42 29.84 -9.02
CA VAL H 78 -0.65 30.27 -8.13
C VAL H 78 -1.39 31.49 -8.66
N THR H 79 -0.71 32.44 -9.30
CA THR H 79 -1.37 33.69 -9.68
C THR H 79 -1.40 33.92 -11.18
N GLU H 80 -2.48 34.56 -11.63
CA GLU H 80 -2.53 35.27 -12.90
C GLU H 80 -3.62 36.32 -12.75
N ALA H 81 -4.13 36.84 -13.88
CA ALA H 81 -5.20 37.85 -13.87
C ALA H 81 -6.43 37.38 -13.09
N GLY H 82 -6.83 36.12 -13.27
CA GLY H 82 -8.04 35.61 -12.65
C GLY H 82 -8.00 35.57 -11.14
N MET H 83 -6.82 35.46 -10.54
CA MET H 83 -6.74 35.49 -9.08
C MET H 83 -6.75 36.92 -8.61
N ALA H 84 -6.01 37.77 -9.30
CA ALA H 84 -5.81 39.11 -8.83
C ALA H 84 -7.07 39.94 -8.98
N ILE H 85 -7.92 39.60 -9.94
CA ILE H 85 -9.24 40.23 -9.95
C ILE H 85 -10.06 39.71 -8.78
N ALA H 86 -9.94 38.42 -8.48
CA ALA H 86 -10.88 37.81 -7.55
C ALA H 86 -10.51 38.11 -6.11
N MET H 87 -9.23 38.28 -5.86
CA MET H 87 -8.74 38.52 -4.51
C MET H 87 -9.09 39.93 -4.07
N ALA H 88 -8.84 40.91 -4.95
CA ALA H 88 -9.27 42.27 -4.72
C ALA H 88 -10.77 42.41 -4.80
N LEU H 89 -11.42 41.55 -5.58
CA LEU H 89 -12.86 41.47 -5.63
C LEU H 89 -13.40 41.04 -4.28
N THR H 90 -12.63 40.24 -3.56
CA THR H 90 -12.92 39.87 -2.18
C THR H 90 -12.09 40.67 -1.19
N GLY H 91 -11.37 41.68 -1.67
CA GLY H 91 -10.64 42.58 -0.80
C GLY H 91 -9.27 42.11 -0.37
N GLY H 92 -8.63 41.21 -1.10
CA GLY H 92 -7.25 40.85 -0.87
C GLY H 92 -6.33 41.42 -1.93
N ILE H 93 -5.09 40.96 -1.91
CA ILE H 93 -4.11 41.36 -2.91
C ILE H 93 -3.66 40.14 -3.67
N GLY H 94 -3.79 40.20 -4.99
CA GLY H 94 -3.16 39.23 -5.85
C GLY H 94 -1.93 39.82 -6.50
N PHE H 95 -0.76 39.29 -6.18
CA PHE H 95 0.46 39.72 -6.84
C PHE H 95 0.60 38.95 -8.16
N ILE H 96 1.69 39.21 -8.86
CA ILE H 96 1.95 38.59 -10.16
C ILE H 96 3.40 38.12 -10.17
N HIS H 97 3.60 36.87 -10.60
CA HIS H 97 4.93 36.30 -10.69
C HIS H 97 5.74 37.00 -11.76
N HIS H 98 7.05 36.77 -11.74
CA HIS H 98 7.94 37.34 -12.73
C HIS H 98 8.59 36.26 -13.58
N ASN H 99 7.93 35.12 -13.69
CA ASN H 99 8.35 34.08 -14.62
C ASN H 99 7.59 34.25 -15.92
N CYS H 100 7.86 35.39 -16.55
CA CYS H 100 7.23 35.78 -17.81
C CYS H 100 8.04 36.93 -18.41
N THR H 101 7.65 37.34 -19.61
CA THR H 101 8.20 38.52 -20.24
C THR H 101 7.61 39.75 -19.56
N PRO H 102 8.18 40.95 -19.79
CA PRO H 102 7.51 42.15 -19.27
C PRO H 102 6.18 42.43 -19.93
N GLU H 103 5.99 41.97 -21.16
CA GLU H 103 4.80 42.27 -21.94
C GLU H 103 3.66 41.30 -21.67
N PHE H 104 3.98 40.02 -21.46
CA PHE H 104 2.98 39.06 -21.00
C PHE H 104 2.54 39.40 -19.59
N GLN H 105 3.44 39.94 -18.78
CA GLN H 105 3.06 40.56 -17.52
C GLN H 105 2.20 41.78 -17.72
N ALA H 106 2.53 42.59 -18.73
CA ALA H 106 1.89 43.89 -18.90
C ALA H 106 0.45 43.77 -19.37
N ASN H 107 0.14 42.74 -20.17
CA ASN H 107 -1.22 42.58 -20.70
C ASN H 107 -2.22 42.28 -19.58
N GLU H 108 -1.93 41.28 -18.77
CA GLU H 108 -2.74 40.98 -17.62
C GLU H 108 -2.63 42.04 -16.52
N VAL H 109 -1.56 42.82 -16.46
CA VAL H 109 -1.56 43.83 -15.42
C VAL H 109 -2.41 45.02 -15.83
N ARG H 110 -2.54 45.31 -17.13
CA ARG H 110 -3.57 46.26 -17.54
C ARG H 110 -4.94 45.65 -17.44
N LYS H 111 -5.05 44.33 -17.55
CA LYS H 111 -6.32 43.67 -17.33
C LYS H 111 -6.78 43.80 -15.88
N VAL H 112 -5.85 43.75 -14.93
CA VAL H 112 -6.26 43.79 -13.53
C VAL H 112 -6.31 45.22 -12.97
N LYS H 113 -5.49 46.13 -13.50
CA LYS H 113 -5.72 47.55 -13.26
C LYS H 113 -7.08 48.02 -13.73
N LYS H 114 -7.57 47.44 -14.80
CA LYS H 114 -8.87 47.78 -15.35
C LYS H 114 -9.92 46.89 -14.65
N TYR H 115 -11.07 46.64 -15.31
CA TYR H 115 -12.19 45.81 -14.83
C TYR H 115 -12.90 46.54 -13.68
N GLU H 116 -12.82 47.87 -13.71
CA GLU H 116 -13.33 48.70 -12.62
C GLU H 116 -14.19 49.88 -13.05
N GLN H 117 -13.96 50.44 -14.23
CA GLN H 117 -13.82 51.89 -14.49
C GLN H 117 -14.57 52.89 -13.61
N GLY H 118 -13.83 53.89 -13.12
CA GLY H 118 -14.39 55.14 -12.64
C GLY H 118 -14.24 56.22 -13.70
N PHE H 119 -13.73 57.40 -13.34
CA PHE H 119 -13.46 58.44 -14.33
C PHE H 119 -12.24 58.05 -15.16
N ILE H 120 -12.45 57.23 -16.18
CA ILE H 120 -11.30 56.64 -16.87
C ILE H 120 -10.89 57.45 -18.08
N THR H 121 -9.58 57.55 -18.26
CA THR H 121 -9.02 57.84 -19.57
C THR H 121 -8.98 56.58 -20.41
N ASP H 122 -8.53 56.75 -21.65
CA ASP H 122 -8.28 55.81 -22.76
C ASP H 122 -9.16 54.55 -22.83
N PRO H 123 -10.48 54.66 -22.99
CA PRO H 123 -11.22 53.48 -23.44
C PRO H 123 -11.05 53.33 -24.93
N VAL H 124 -11.56 52.27 -25.51
CA VAL H 124 -11.48 52.11 -26.95
C VAL H 124 -12.60 52.90 -27.59
N VAL H 125 -12.30 53.53 -28.72
CA VAL H 125 -13.23 54.48 -29.34
C VAL H 125 -13.08 54.37 -30.85
N LEU H 126 -14.20 54.40 -31.55
CA LEU H 126 -14.25 54.14 -32.99
C LEU H 126 -14.84 55.33 -33.74
N SER H 127 -14.51 55.39 -35.04
CA SER H 127 -15.01 56.27 -36.06
C SER H 127 -16.02 55.53 -36.93
N PRO H 128 -17.12 56.15 -37.32
CA PRO H 128 -18.20 55.39 -38.00
C PRO H 128 -17.89 55.01 -39.45
N LYS H 129 -16.79 55.48 -40.03
CA LYS H 129 -16.53 55.31 -41.47
C LYS H 129 -16.34 53.87 -41.91
N ASP H 130 -16.13 52.94 -40.99
CA ASP H 130 -15.89 51.54 -41.32
C ASP H 130 -17.18 50.73 -41.11
N ARG H 131 -17.06 49.41 -41.20
CA ARG H 131 -18.19 48.49 -41.09
C ARG H 131 -17.99 47.60 -39.87
N VAL H 132 -18.77 46.52 -39.82
CA VAL H 132 -19.27 45.97 -38.57
C VAL H 132 -18.19 45.22 -37.80
N ARG H 133 -17.08 44.80 -38.45
CA ARG H 133 -16.21 43.80 -37.81
C ARG H 133 -15.50 44.32 -36.56
N ASP H 134 -15.43 45.64 -36.40
CA ASP H 134 -14.63 46.25 -35.36
C ASP H 134 -15.18 46.00 -33.96
N VAL H 135 -16.51 45.99 -33.79
CA VAL H 135 -17.04 45.90 -32.44
C VAL H 135 -16.91 44.49 -31.86
N PHE H 136 -17.28 43.45 -32.60
CA PHE H 136 -17.05 42.12 -32.07
C PHE H 136 -15.59 41.71 -32.25
N GLU H 137 -14.87 42.44 -33.11
CA GLU H 137 -13.42 42.31 -33.16
C GLU H 137 -12.79 42.79 -31.86
N ALA H 138 -13.36 43.83 -31.26
CA ALA H 138 -12.92 44.25 -29.94
C ALA H 138 -13.35 43.22 -28.90
N LYS H 139 -14.62 42.79 -28.98
CA LYS H 139 -15.18 41.77 -28.10
C LYS H 139 -14.36 40.49 -28.04
N ALA H 140 -13.87 39.99 -29.17
CA ALA H 140 -13.02 38.81 -29.15
C ALA H 140 -11.66 39.11 -28.53
N ARG H 141 -11.25 40.38 -28.56
CA ARG H 141 -9.98 40.81 -28.01
C ARG H 141 -10.15 41.40 -26.60
N HIS H 142 -11.36 41.82 -26.25
CA HIS H 142 -11.54 42.53 -24.98
C HIS H 142 -12.75 42.11 -24.16
N GLY H 143 -13.80 41.55 -24.75
CA GLY H 143 -14.90 41.03 -23.96
C GLY H 143 -16.06 41.99 -23.74
N PHE H 144 -15.96 43.24 -24.16
CA PHE H 144 -17.06 44.18 -24.02
C PHE H 144 -17.42 44.77 -25.37
N CYS H 145 -18.62 45.35 -25.45
CA CYS H 145 -19.04 46.13 -26.60
C CYS H 145 -19.74 47.42 -26.20
N GLY H 146 -19.39 47.97 -25.05
CA GLY H 146 -19.82 49.32 -24.74
C GLY H 146 -18.85 50.30 -25.33
N ILE H 147 -19.19 50.90 -26.46
CA ILE H 147 -18.25 51.74 -27.18
C ILE H 147 -18.91 53.04 -27.62
N PRO H 148 -18.34 54.19 -27.30
CA PRO H 148 -18.80 55.45 -27.89
C PRO H 148 -18.24 55.64 -29.29
N ILE H 149 -18.86 56.55 -30.03
CA ILE H 149 -18.47 56.86 -31.39
C ILE H 149 -18.12 58.34 -31.43
N THR H 150 -16.95 58.64 -31.99
CA THR H 150 -16.54 60.02 -32.20
C THR H 150 -16.40 60.28 -33.69
N ASP H 151 -15.96 61.50 -34.00
CA ASP H 151 -15.67 61.86 -35.38
C ASP H 151 -14.33 61.31 -35.84
N THR H 152 -13.34 61.26 -34.97
CA THR H 152 -11.99 60.87 -35.36
C THR H 152 -11.62 59.47 -34.93
N GLY H 153 -12.22 58.96 -33.87
CA GLY H 153 -11.80 57.72 -33.27
C GLY H 153 -10.76 57.88 -32.18
N ARG H 154 -10.67 59.05 -31.58
CA ARG H 154 -9.68 59.35 -30.55
C ARG H 154 -10.41 59.71 -29.26
N MET H 155 -9.63 59.85 -28.18
CA MET H 155 -10.19 60.18 -26.88
C MET H 155 -10.64 61.64 -26.87
N GLY H 156 -9.71 62.55 -27.10
CA GLY H 156 -10.02 63.97 -27.14
C GLY H 156 -10.69 64.37 -28.43
N SER H 157 -11.95 63.97 -28.61
CA SER H 157 -12.67 64.18 -29.85
C SER H 157 -14.12 64.55 -29.55
N ARG H 158 -14.78 65.08 -30.57
CA ARG H 158 -16.17 65.48 -30.44
C ARG H 158 -17.07 64.24 -30.49
N LEU H 159 -18.08 64.21 -29.63
CA LEU H 159 -18.99 63.07 -29.56
C LEU H 159 -19.96 63.03 -30.72
N VAL H 160 -20.26 61.82 -31.18
CA VAL H 160 -21.23 61.60 -32.25
C VAL H 160 -22.28 60.61 -31.78
N GLY H 161 -21.86 59.38 -31.47
CA GLY H 161 -22.78 58.37 -30.99
C GLY H 161 -22.18 57.30 -30.11
N ILE H 162 -22.87 56.18 -29.94
CA ILE H 162 -22.42 55.11 -29.05
C ILE H 162 -23.11 53.81 -29.46
N ILE H 163 -22.38 52.69 -29.36
CA ILE H 163 -22.88 51.39 -29.78
C ILE H 163 -22.78 50.40 -28.64
N SER H 164 -23.83 49.60 -28.46
CA SER H 164 -23.92 48.63 -27.38
C SER H 164 -24.03 47.22 -27.94
N SER H 165 -24.11 46.26 -27.00
CA SER H 165 -24.41 44.87 -27.28
C SER H 165 -25.80 44.69 -27.87
N ARG H 166 -26.76 45.49 -27.43
CA ARG H 166 -28.13 45.36 -27.90
C ARG H 166 -28.29 45.98 -29.28
N ASP H 167 -27.26 46.66 -29.76
CA ASP H 167 -27.22 47.05 -31.15
C ASP H 167 -26.76 45.91 -32.04
N ILE H 168 -25.93 45.01 -31.51
CA ILE H 168 -25.21 44.08 -32.36
C ILE H 168 -25.58 42.65 -32.04
N ASP H 169 -26.68 42.47 -31.32
CA ASP H 169 -27.02 41.14 -30.83
C ASP H 169 -27.65 40.27 -31.91
N PHE H 170 -28.08 40.87 -33.03
CA PHE H 170 -29.04 40.18 -33.86
C PHE H 170 -28.66 40.01 -35.33
N LEU H 171 -27.81 40.85 -35.89
CA LEU H 171 -27.93 41.16 -37.32
C LEU H 171 -27.30 40.11 -38.21
N LYS H 172 -28.06 39.72 -39.24
CA LYS H 172 -27.59 38.80 -40.28
C LYS H 172 -26.49 39.41 -41.13
N GLU H 173 -26.43 40.73 -41.19
CA GLU H 173 -25.42 41.42 -41.99
C GLU H 173 -24.19 41.69 -41.12
N GLU H 174 -23.44 40.61 -40.83
CA GLU H 174 -22.38 40.68 -39.83
C GLU H 174 -21.21 41.57 -40.25
N GLU H 175 -21.09 41.86 -41.53
CA GLU H 175 -20.40 43.07 -41.98
C GLU H 175 -21.04 43.60 -43.25
N HIS H 176 -22.17 43.03 -43.64
CA HIS H 176 -22.63 43.07 -45.02
C HIS H 176 -23.15 44.47 -45.34
N ASP H 177 -22.24 45.33 -45.80
CA ASP H 177 -22.46 46.71 -46.24
C ASP H 177 -23.09 47.59 -45.15
N CYS H 178 -22.94 47.22 -43.90
CA CYS H 178 -23.51 48.03 -42.81
C CYS H 178 -22.48 48.97 -42.21
N PHE H 179 -22.17 50.04 -42.94
CA PHE H 179 -21.39 51.15 -42.42
C PHE H 179 -22.05 51.74 -41.19
N LEU H 180 -21.25 52.06 -40.17
CA LEU H 180 -21.74 52.40 -38.84
C LEU H 180 -22.53 53.70 -38.74
N GLU H 181 -22.65 54.45 -39.84
CA GLU H 181 -23.36 55.74 -39.82
C GLU H 181 -24.85 55.59 -39.55
N GLU H 182 -25.51 54.56 -40.10
CA GLU H 182 -26.96 54.48 -39.97
C GLU H 182 -27.41 53.50 -38.91
N ILE H 183 -26.55 52.59 -38.47
CA ILE H 183 -26.88 51.72 -37.35
C ILE H 183 -26.11 52.29 -36.17
N MET H 184 -26.77 53.20 -35.45
CA MET H 184 -26.09 54.30 -34.77
C MET H 184 -27.07 55.04 -33.88
N THR H 185 -26.57 55.65 -32.81
CA THR H 185 -27.44 56.31 -31.84
C THR H 185 -27.23 57.80 -31.89
N LYS H 186 -28.24 58.52 -32.41
CA LYS H 186 -28.13 59.91 -32.82
C LYS H 186 -27.82 60.80 -31.62
N ARG H 187 -27.01 61.83 -31.85
CA ARG H 187 -26.46 62.70 -30.82
C ARG H 187 -27.47 63.30 -29.85
N GLU H 188 -28.63 63.68 -30.36
CA GLU H 188 -29.55 64.53 -29.60
C GLU H 188 -30.22 63.82 -28.42
N ASP H 189 -30.66 62.57 -28.57
CA ASP H 189 -31.31 61.90 -27.45
C ASP H 189 -30.31 61.10 -26.63
N LEU H 190 -29.21 61.75 -26.28
CA LEU H 190 -28.10 61.14 -25.54
C LEU H 190 -27.83 61.97 -24.30
N VAL H 191 -28.06 61.38 -23.14
CA VAL H 191 -27.88 62.08 -21.87
C VAL H 191 -26.38 62.21 -21.62
N VAL H 192 -25.95 63.44 -21.35
CA VAL H 192 -24.54 63.70 -21.06
C VAL H 192 -24.51 64.70 -19.90
N ALA H 193 -23.43 64.71 -19.13
CA ALA H 193 -23.29 65.60 -17.98
C ALA H 193 -22.02 66.41 -18.20
N PRO H 194 -21.86 67.56 -17.55
CA PRO H 194 -20.59 68.28 -17.67
C PRO H 194 -19.46 67.55 -16.96
N ALA H 195 -18.25 67.95 -17.30
CA ALA H 195 -17.05 67.40 -16.70
C ALA H 195 -16.63 68.27 -15.51
N GLY H 196 -15.44 68.00 -14.98
CA GLY H 196 -14.93 68.76 -13.85
C GLY H 196 -15.70 68.55 -12.58
N ILE H 197 -16.30 67.36 -12.43
CA ILE H 197 -17.19 67.08 -11.31
C ILE H 197 -16.78 65.76 -10.67
N THR H 198 -17.18 65.57 -9.42
CA THR H 198 -16.84 64.35 -8.73
C THR H 198 -17.93 63.31 -9.01
N LEU H 199 -17.79 62.13 -8.41
CA LEU H 199 -18.52 60.96 -8.86
C LEU H 199 -19.91 60.84 -8.25
N LYS H 200 -20.17 61.51 -7.13
CA LYS H 200 -21.44 61.37 -6.42
C LYS H 200 -22.61 61.91 -7.24
N GLU H 201 -22.46 63.13 -7.75
CA GLU H 201 -23.49 63.68 -8.63
C GLU H 201 -23.57 62.91 -9.94
N ALA H 202 -22.45 62.34 -10.38
CA ALA H 202 -22.49 61.43 -11.52
C ALA H 202 -23.31 60.18 -11.20
N ASN H 203 -23.28 59.73 -9.95
CA ASN H 203 -24.09 58.58 -9.56
C ASN H 203 -25.57 58.93 -9.56
N GLU H 204 -25.92 60.13 -9.10
CA GLU H 204 -27.33 60.53 -9.21
C GLU H 204 -27.75 60.71 -10.67
N ILE H 205 -26.81 61.09 -11.54
CA ILE H 205 -27.11 61.09 -12.97
C ILE H 205 -27.28 59.67 -13.50
N LEU H 206 -26.53 58.72 -12.93
CA LEU H 206 -26.71 57.32 -13.29
C LEU H 206 -28.08 56.81 -12.87
N GLN H 207 -28.54 57.19 -11.69
CA GLN H 207 -29.89 56.85 -11.26
C GLN H 207 -30.95 57.54 -12.08
N ARG H 208 -30.86 58.85 -12.27
CA ARG H 208 -31.88 59.58 -13.02
C ARG H 208 -31.78 59.33 -14.52
N SER H 209 -30.73 58.67 -14.98
CA SER H 209 -30.73 58.04 -16.28
C SER H 209 -31.64 56.84 -16.28
N LYS H 210 -31.67 56.12 -15.16
CA LYS H 210 -32.22 54.77 -15.02
C LYS H 210 -31.64 53.82 -16.06
N LYS H 211 -30.41 54.09 -16.50
CA LYS H 211 -29.92 53.51 -17.75
C LYS H 211 -28.52 52.93 -17.66
N GLY H 212 -27.55 53.65 -17.08
CA GLY H 212 -26.24 53.08 -16.88
C GLY H 212 -24.95 53.61 -17.53
N LYS H 213 -24.94 54.05 -18.78
CA LYS H 213 -23.71 54.57 -19.37
C LYS H 213 -23.83 56.07 -19.58
N LEU H 214 -22.76 56.78 -19.27
CA LEU H 214 -22.82 58.25 -19.18
C LEU H 214 -21.48 58.84 -19.57
N PRO H 215 -21.41 59.50 -20.71
CA PRO H 215 -20.23 60.32 -21.03
C PRO H 215 -20.33 61.70 -20.41
N ILE H 216 -19.16 62.28 -20.14
CA ILE H 216 -19.06 63.65 -19.64
C ILE H 216 -18.07 64.43 -20.50
N VAL H 217 -18.44 65.65 -20.86
CA VAL H 217 -17.61 66.50 -21.70
C VAL H 217 -17.48 67.88 -21.07
N ASN H 218 -16.66 68.72 -21.69
CA ASN H 218 -16.53 70.12 -21.36
C ASN H 218 -17.54 70.96 -22.13
N GLU H 219 -17.37 72.28 -22.11
CA GLU H 219 -18.26 73.17 -22.84
C GLU H 219 -18.11 73.05 -24.35
N ASP H 220 -16.93 72.69 -24.84
CA ASP H 220 -16.70 72.51 -26.26
C ASP H 220 -16.77 71.05 -26.69
N ASP H 221 -17.37 70.19 -25.87
CA ASP H 221 -17.72 68.80 -26.19
C ASP H 221 -16.48 67.95 -26.48
N GLU H 222 -15.42 68.11 -25.70
CA GLU H 222 -14.32 67.17 -25.75
C GLU H 222 -14.48 66.15 -24.63
N LEU H 223 -14.43 64.87 -25.01
CA LEU H 223 -14.53 63.80 -24.02
C LEU H 223 -13.26 63.74 -23.19
N VAL H 224 -13.41 63.70 -21.87
CA VAL H 224 -12.29 63.40 -20.99
C VAL H 224 -12.51 62.14 -20.16
N ALA H 225 -13.75 61.70 -19.94
CA ALA H 225 -14.03 60.48 -19.21
C ALA H 225 -15.44 60.01 -19.51
N ILE H 226 -15.69 58.73 -19.22
CA ILE H 226 -17.00 58.11 -19.40
C ILE H 226 -17.23 57.17 -18.23
N ILE H 227 -18.44 57.22 -17.68
CA ILE H 227 -18.85 56.28 -16.65
C ILE H 227 -19.78 55.26 -17.28
N ALA H 228 -19.46 54.00 -17.04
CA ALA H 228 -20.12 52.83 -17.59
C ALA H 228 -21.07 52.24 -16.56
N ARG H 229 -21.55 51.04 -16.85
CA ARG H 229 -22.66 50.42 -16.12
C ARG H 229 -22.25 49.62 -14.90
N THR H 230 -21.41 48.61 -15.08
CA THR H 230 -21.32 47.55 -14.08
C THR H 230 -20.56 47.94 -12.83
N ASP H 231 -20.03 49.17 -12.76
CA ASP H 231 -19.33 49.64 -11.57
C ASP H 231 -20.22 49.59 -10.34
N LEU H 232 -21.45 50.10 -10.43
CA LEU H 232 -22.33 50.07 -9.27
C LEU H 232 -22.84 48.67 -8.96
N LYS H 233 -23.02 47.82 -9.97
CA LYS H 233 -23.49 46.47 -9.64
C LYS H 233 -22.37 45.66 -9.01
N LYS H 234 -21.12 45.95 -9.36
CA LYS H 234 -20.00 45.34 -8.66
C LYS H 234 -19.80 45.93 -7.28
N ASN H 235 -20.17 47.19 -7.10
CA ASN H 235 -20.16 47.81 -5.78
C ASN H 235 -21.18 47.16 -4.86
N ARG H 236 -22.40 46.94 -5.34
CA ARG H 236 -23.42 46.33 -4.50
C ARG H 236 -23.18 44.84 -4.33
N ASP H 237 -22.61 44.19 -5.36
CA ASP H 237 -22.51 42.75 -5.34
C ASP H 237 -21.35 42.32 -4.45
N TYR H 238 -20.38 43.21 -4.23
CA TYR H 238 -19.28 42.99 -3.31
C TYR H 238 -19.12 44.30 -2.56
N PRO H 239 -19.66 44.38 -1.34
CA PRO H 239 -19.87 45.70 -0.70
C PRO H 239 -18.60 46.44 -0.36
N LEU H 240 -17.65 45.80 0.30
CA LEU H 240 -16.35 46.39 0.53
C LEU H 240 -15.35 45.52 -0.22
N ALA H 241 -14.31 46.16 -0.75
CA ALA H 241 -13.27 45.44 -1.47
C ALA H 241 -11.90 46.13 -1.39
N SER H 242 -11.75 47.19 -0.58
CA SER H 242 -10.50 47.91 -0.33
C SER H 242 -9.86 48.50 -1.58
N LYS H 243 -10.52 49.48 -2.19
CA LYS H 243 -10.01 50.14 -3.40
C LYS H 243 -9.14 51.32 -3.03
N ASP H 244 -8.57 51.95 -4.05
CA ASP H 244 -7.63 53.04 -3.84
C ASP H 244 -8.38 54.37 -3.70
N ALA H 245 -7.62 55.47 -3.63
CA ALA H 245 -8.25 56.78 -3.64
C ALA H 245 -8.78 57.12 -5.02
N LYS H 246 -8.09 56.67 -6.07
CA LYS H 246 -8.54 56.91 -7.43
C LYS H 246 -9.47 55.85 -7.93
N LYS H 247 -10.27 55.24 -7.05
CA LYS H 247 -11.45 54.43 -7.39
C LYS H 247 -11.10 53.04 -7.93
N GLN H 248 -9.91 52.83 -8.50
CA GLN H 248 -9.61 51.59 -9.18
C GLN H 248 -9.25 50.46 -8.21
N LEU H 249 -9.01 49.28 -8.79
CA LEU H 249 -8.54 48.13 -8.03
C LEU H 249 -7.13 48.33 -7.53
N LEU H 250 -6.74 47.53 -6.55
CA LEU H 250 -5.34 47.40 -6.18
C LEU H 250 -4.74 46.18 -6.85
N CYS H 251 -3.44 46.21 -7.09
CA CYS H 251 -2.74 45.03 -7.56
C CYS H 251 -1.27 45.13 -7.21
N GLY H 252 -0.58 43.99 -7.34
CA GLY H 252 0.86 43.93 -7.19
C GLY H 252 1.53 42.92 -8.09
N ALA H 253 2.86 42.84 -8.00
CA ALA H 253 3.64 41.93 -8.84
C ALA H 253 5.03 41.78 -8.22
N ALA H 254 5.71 40.71 -8.63
CA ALA H 254 7.06 40.45 -8.18
C ALA H 254 8.04 40.71 -9.31
N ILE H 255 9.30 40.94 -8.94
CA ILE H 255 10.38 41.13 -9.89
C ILE H 255 11.56 40.27 -9.45
N GLY H 256 12.61 40.28 -10.26
CA GLY H 256 13.74 39.40 -10.03
C GLY H 256 14.86 39.99 -9.19
N THR H 257 16.10 39.68 -9.56
CA THR H 257 17.26 40.11 -8.79
C THR H 257 18.29 40.75 -9.70
N HIS H 258 18.08 40.66 -11.00
CA HIS H 258 19.16 40.96 -11.92
C HIS H 258 19.01 42.39 -12.44
N GLU H 259 20.04 42.87 -13.14
CA GLU H 259 20.14 44.28 -13.49
C GLU H 259 19.07 44.74 -14.47
N ASP H 260 18.48 43.81 -15.22
CA ASP H 260 17.43 44.10 -16.18
C ASP H 260 16.08 44.41 -15.55
N ASP H 261 15.98 44.36 -14.22
CA ASP H 261 14.74 44.62 -13.51
C ASP H 261 14.23 46.04 -13.68
N LYS H 262 15.11 46.99 -13.95
CA LYS H 262 14.71 48.39 -14.00
C LYS H 262 13.84 48.70 -15.18
N TYR H 263 14.12 48.08 -16.33
CA TYR H 263 13.24 48.15 -17.49
C TYR H 263 11.87 47.58 -17.19
N ARG H 264 11.81 46.45 -16.48
CA ARG H 264 10.54 45.86 -16.10
C ARG H 264 9.76 46.73 -15.14
N LEU H 265 10.42 47.28 -14.12
CA LEU H 265 9.69 48.06 -13.12
C LEU H 265 9.27 49.41 -13.69
N ASP H 266 10.03 49.93 -14.63
CA ASP H 266 9.60 51.15 -15.29
C ASP H 266 8.49 50.88 -16.31
N LEU H 267 8.50 49.70 -16.93
CA LEU H 267 7.37 49.30 -17.78
C LEU H 267 6.09 49.15 -16.97
N LEU H 268 6.18 48.63 -15.75
CA LEU H 268 4.93 48.53 -15.02
C LEU H 268 4.63 49.79 -14.23
N ALA H 269 5.59 50.70 -14.10
CA ALA H 269 5.24 52.05 -13.70
C ALA H 269 4.54 52.78 -14.82
N GLN H 270 4.87 52.45 -16.07
CA GLN H 270 4.03 52.86 -17.19
C GLN H 270 2.69 52.16 -17.16
N ALA H 271 2.63 50.95 -16.60
CA ALA H 271 1.33 50.39 -16.27
C ALA H 271 0.69 51.10 -15.08
N GLY H 272 1.50 51.63 -14.17
CA GLY H 272 0.96 52.41 -13.07
C GLY H 272 0.36 51.59 -11.95
N VAL H 273 0.93 50.43 -11.65
CA VAL H 273 0.47 49.60 -10.54
C VAL H 273 1.36 49.87 -9.33
N ASP H 274 0.75 49.97 -8.15
CA ASP H 274 1.31 50.77 -7.06
C ASP H 274 2.15 49.98 -6.05
N VAL H 275 1.96 48.67 -5.93
CA VAL H 275 2.75 47.89 -4.97
C VAL H 275 3.48 46.81 -5.74
N VAL H 276 4.67 46.45 -5.27
CA VAL H 276 5.54 45.55 -6.00
C VAL H 276 6.38 44.74 -5.01
N VAL H 277 6.59 43.47 -5.34
CA VAL H 277 7.46 42.60 -4.55
C VAL H 277 8.78 42.44 -5.29
N LEU H 278 9.81 42.10 -4.52
CA LEU H 278 11.08 41.63 -5.04
C LEU H 278 11.34 40.28 -4.39
N ASP H 279 11.08 39.22 -5.14
CA ASP H 279 11.15 37.87 -4.62
C ASP H 279 12.62 37.48 -4.55
N SER H 280 13.03 36.97 -3.39
CA SER H 280 14.38 36.45 -3.22
C SER H 280 14.34 35.44 -2.10
N SER H 281 15.29 34.52 -2.13
CA SER H 281 15.42 33.60 -1.02
C SER H 281 16.02 34.27 0.21
N GLN H 282 16.66 35.42 0.05
CA GLN H 282 17.17 36.15 1.19
C GLN H 282 17.26 37.61 0.80
N GLY H 283 16.97 38.51 1.74
CA GLY H 283 16.97 39.93 1.45
C GLY H 283 17.90 40.80 2.26
N ASN H 284 19.16 40.39 2.42
CA ASN H 284 20.19 41.29 2.94
C ASN H 284 21.27 41.57 1.90
N SER H 285 20.88 41.70 0.64
CA SER H 285 21.85 41.91 -0.42
C SER H 285 22.07 43.39 -0.68
N ILE H 286 23.21 43.68 -1.31
CA ILE H 286 23.45 44.98 -1.90
C ILE H 286 22.48 45.21 -3.06
N PHE H 287 22.08 44.14 -3.74
CA PHE H 287 21.03 44.20 -4.76
C PHE H 287 19.75 44.77 -4.18
N GLN H 288 19.35 44.30 -2.99
CA GLN H 288 18.11 44.76 -2.37
C GLN H 288 18.15 46.25 -2.04
N ILE H 289 19.25 46.70 -1.44
CA ILE H 289 19.29 48.09 -0.98
C ILE H 289 19.42 49.03 -2.15
N ASN H 290 20.12 48.60 -3.22
CA ASN H 290 20.19 49.48 -4.37
C ASN H 290 18.90 49.48 -5.17
N MET H 291 18.14 48.38 -5.14
CA MET H 291 16.82 48.40 -5.75
C MET H 291 15.88 49.34 -5.01
N ILE H 292 15.90 49.34 -3.68
CA ILE H 292 14.96 50.22 -2.98
C ILE H 292 15.42 51.67 -3.05
N LYS H 293 16.75 51.91 -3.13
CA LYS H 293 17.25 53.24 -3.45
C LYS H 293 16.79 53.69 -4.82
N TYR H 294 16.81 52.79 -5.81
CA TYR H 294 16.29 53.08 -7.14
C TYR H 294 14.79 53.31 -7.13
N ILE H 295 14.07 52.69 -6.19
CA ILE H 295 12.64 52.93 -6.07
C ILE H 295 12.34 54.32 -5.54
N LYS H 296 12.94 54.70 -4.40
CA LYS H 296 12.39 55.80 -3.60
C LYS H 296 12.59 57.15 -4.26
N ASP H 297 13.70 57.33 -5.01
CA ASP H 297 13.91 58.61 -5.65
C ASP H 297 13.06 58.75 -6.90
N LYS H 298 12.86 57.66 -7.63
CA LYS H 298 12.09 57.75 -8.86
C LYS H 298 10.60 57.76 -8.58
N TYR H 299 10.16 57.04 -7.56
CA TYR H 299 8.74 56.85 -7.29
C TYR H 299 8.47 56.92 -5.80
N PRO H 300 8.21 58.12 -5.26
CA PRO H 300 7.77 58.19 -3.86
C PRO H 300 6.37 57.68 -3.64
N ASN H 301 5.53 57.68 -4.67
CA ASN H 301 4.15 57.23 -4.51
C ASN H 301 4.04 55.70 -4.53
N LEU H 302 4.98 55.02 -5.17
CA LEU H 302 4.95 53.58 -5.34
C LEU H 302 5.20 52.87 -4.00
N GLN H 303 4.82 51.60 -3.96
CA GLN H 303 4.98 50.84 -2.73
C GLN H 303 5.77 49.58 -3.04
N VAL H 304 6.48 49.10 -2.03
CA VAL H 304 7.34 47.95 -2.17
C VAL H 304 7.10 47.02 -0.99
N ILE H 305 7.18 45.72 -1.26
CA ILE H 305 7.22 44.73 -0.22
C ILE H 305 8.48 43.90 -0.41
N GLY H 306 9.26 43.77 0.65
CA GLY H 306 10.63 43.31 0.52
C GLY H 306 10.99 41.99 1.16
N GLY H 307 11.44 41.05 0.33
CA GLY H 307 11.88 39.76 0.82
C GLY H 307 13.29 39.45 0.34
N ASN H 308 13.95 38.52 1.04
CA ASN H 308 13.37 37.80 2.17
C ASN H 308 14.20 37.99 3.44
N VAL H 309 13.50 38.19 4.54
CA VAL H 309 14.08 38.44 5.85
C VAL H 309 13.37 37.52 6.83
N VAL H 310 14.13 36.90 7.73
CA VAL H 310 13.50 36.14 8.80
C VAL H 310 13.95 36.63 10.17
N THR H 311 15.25 36.79 10.38
CA THR H 311 15.71 37.38 11.63
C THR H 311 15.79 38.89 11.56
N ALA H 312 16.15 39.53 12.66
CA ALA H 312 15.82 40.93 12.87
C ALA H 312 16.82 41.91 12.29
N ALA H 313 18.10 41.52 12.16
CA ALA H 313 19.13 42.51 11.89
C ALA H 313 19.08 43.02 10.46
N GLN H 314 18.77 42.13 9.51
CA GLN H 314 18.63 42.59 8.14
C GLN H 314 17.37 43.41 8.00
N ALA H 315 16.35 43.11 8.80
CA ALA H 315 15.16 43.95 8.85
C ALA H 315 15.46 45.33 9.38
N LYS H 316 16.35 45.44 10.37
CA LYS H 316 16.83 46.75 10.84
C LYS H 316 17.46 47.52 9.70
N ASN H 317 18.34 46.85 8.96
CA ASN H 317 19.07 47.53 7.91
C ASN H 317 18.16 47.96 6.77
N LEU H 318 17.14 47.19 6.44
CA LEU H 318 16.28 47.63 5.35
C LEU H 318 15.26 48.67 5.82
N ILE H 319 14.87 48.67 7.09
CA ILE H 319 13.89 49.70 7.44
C ILE H 319 14.57 51.03 7.69
N ASP H 320 15.80 51.06 8.21
CA ASP H 320 16.45 52.37 8.31
C ASP H 320 17.10 52.72 6.98
N ALA H 321 17.17 51.75 6.07
CA ALA H 321 17.41 52.03 4.67
C ALA H 321 16.18 52.60 4.00
N GLY H 322 14.98 52.31 4.51
CA GLY H 322 13.80 52.97 3.99
C GLY H 322 12.87 52.10 3.18
N VAL H 323 12.65 50.86 3.63
CA VAL H 323 11.74 49.95 2.96
C VAL H 323 10.30 50.42 3.24
N ASP H 324 9.35 49.91 2.47
CA ASP H 324 7.95 50.13 2.79
C ASP H 324 7.35 49.00 3.61
N ALA H 325 7.64 47.75 3.28
CA ALA H 325 6.96 46.64 3.94
C ALA H 325 7.82 45.38 3.93
N LEU H 326 7.46 44.42 4.78
CA LEU H 326 8.33 43.35 5.23
C LEU H 326 7.76 41.98 4.87
N ARG H 327 8.60 41.15 4.24
CA ARG H 327 8.17 39.84 3.74
C ARG H 327 8.94 38.75 4.46
N VAL H 328 8.22 37.86 5.13
CA VAL H 328 8.80 36.85 6.00
C VAL H 328 8.31 35.46 5.61
N GLY H 329 9.20 34.50 5.72
CA GLY H 329 8.96 33.07 5.56
C GLY H 329 9.61 32.56 4.29
N MET H 330 10.20 31.37 4.36
CA MET H 330 10.99 30.88 3.23
C MET H 330 10.44 29.54 2.76
N GLY H 331 10.82 29.16 1.54
CA GLY H 331 10.46 27.88 0.95
C GLY H 331 8.98 27.65 0.77
N SER H 332 8.28 28.66 0.26
CA SER H 332 6.86 28.54 -0.03
C SER H 332 6.46 29.54 -1.12
N THR H 338 11.35 22.78 -0.29
CA THR H 338 12.71 23.25 -0.52
C THR H 338 13.31 23.76 0.80
N GLN H 339 12.43 23.89 1.80
CA GLN H 339 12.83 24.18 3.18
C GLN H 339 13.69 23.08 3.78
N GLU H 340 13.45 21.82 3.42
CA GLU H 340 14.28 20.71 3.80
C GLU H 340 15.52 20.61 2.91
N VAL H 341 15.63 21.46 1.91
CA VAL H 341 16.68 21.35 0.91
C VAL H 341 17.72 22.44 1.11
N LEU H 342 17.29 23.71 1.01
CA LEU H 342 18.25 24.80 1.06
C LEU H 342 18.81 25.00 2.45
N ALA H 343 18.03 24.64 3.48
CA ALA H 343 18.46 24.57 4.87
C ALA H 343 19.02 25.89 5.38
N CYS H 344 18.28 26.98 5.25
CA CYS H 344 18.70 28.26 5.80
C CYS H 344 17.53 29.01 6.39
N GLY H 345 17.84 29.88 7.33
CA GLY H 345 16.80 30.67 7.96
C GLY H 345 16.45 30.15 9.34
N ARG H 346 15.16 30.07 9.63
CA ARG H 346 14.69 29.66 10.95
C ARG H 346 13.23 29.23 10.79
N PRO H 347 12.65 28.54 11.76
CA PRO H 347 11.22 28.22 11.66
C PRO H 347 10.36 29.47 11.75
N GLN H 348 9.11 29.30 11.37
CA GLN H 348 8.24 30.43 11.06
C GLN H 348 7.89 31.22 12.31
N ALA H 349 7.44 30.53 13.35
CA ALA H 349 6.70 31.18 14.42
C ALA H 349 7.58 32.10 15.25
N THR H 350 8.82 31.71 15.50
CA THR H 350 9.73 32.59 16.22
C THR H 350 10.09 33.81 15.38
N ALA H 351 10.15 33.64 14.06
CA ALA H 351 10.56 34.73 13.20
C ALA H 351 9.46 35.77 13.07
N VAL H 352 8.23 35.30 12.83
CA VAL H 352 7.11 36.18 12.61
C VAL H 352 6.80 36.95 13.87
N TYR H 353 7.15 36.39 15.02
CA TYR H 353 7.05 37.08 16.29
C TYR H 353 8.03 38.24 16.35
N LYS H 354 9.31 37.96 16.16
CA LYS H 354 10.31 38.97 16.49
C LYS H 354 10.39 40.04 15.42
N VAL H 355 9.94 39.75 14.20
CA VAL H 355 9.91 40.81 13.20
C VAL H 355 8.84 41.83 13.56
N SER H 356 7.74 41.40 14.15
CA SER H 356 6.78 42.35 14.69
C SER H 356 7.32 43.03 15.93
N GLU H 357 8.13 42.31 16.72
CA GLU H 357 8.71 42.90 17.92
C GLU H 357 9.67 44.04 17.60
N TYR H 358 10.30 44.01 16.45
CA TYR H 358 11.08 45.18 16.07
C TYR H 358 10.29 46.12 15.18
N ALA H 359 9.25 45.64 14.49
CA ALA H 359 8.53 46.51 13.59
C ALA H 359 7.62 47.48 14.33
N ARG H 360 7.14 47.09 15.52
CA ARG H 360 6.32 48.00 16.31
C ARG H 360 7.11 49.15 16.89
N ARG H 361 8.43 49.02 16.97
CA ARG H 361 9.27 50.16 17.33
C ARG H 361 9.29 51.21 16.24
N PHE H 362 8.94 50.84 15.00
CA PHE H 362 8.92 51.77 13.89
C PHE H 362 7.63 51.69 13.08
N GLY H 363 6.62 51.01 13.59
CA GLY H 363 5.28 51.04 13.02
C GLY H 363 5.20 50.47 11.62
N VAL H 364 5.79 49.31 11.42
CA VAL H 364 5.96 48.74 10.08
C VAL H 364 5.09 47.50 9.97
N PRO H 365 4.32 47.34 8.90
CA PRO H 365 3.57 46.09 8.73
C PRO H 365 4.49 44.98 8.25
N VAL H 366 3.94 43.76 8.26
CA VAL H 366 4.68 42.58 7.86
C VAL H 366 3.72 41.55 7.27
N ILE H 367 4.18 40.80 6.27
CA ILE H 367 3.44 39.75 5.61
C ILE H 367 4.23 38.45 5.79
N ALA H 368 3.50 37.33 5.83
CA ALA H 368 4.09 36.12 6.40
C ALA H 368 3.80 34.87 5.60
N ASP H 369 4.82 34.01 5.49
CA ASP H 369 4.75 32.71 4.84
C ASP H 369 4.92 31.59 5.87
N GLY H 370 4.89 30.37 5.35
CA GLY H 370 5.18 29.18 6.12
C GLY H 370 3.97 28.58 6.79
N GLY H 371 3.95 27.25 6.87
CA GLY H 371 2.97 26.54 7.68
C GLY H 371 1.54 26.63 7.20
N ILE H 372 1.32 26.76 5.90
CA ILE H 372 -0.01 27.01 5.40
C ILE H 372 -0.53 25.69 4.80
N GLN H 373 -1.38 25.01 5.54
CA GLN H 373 -2.17 23.95 4.93
C GLN H 373 -3.65 24.16 5.18
N ASN H 374 -4.01 24.59 6.39
CA ASN H 374 -5.42 24.71 6.68
C ASN H 374 -5.75 25.94 7.52
N VAL H 375 -7.03 26.05 7.90
CA VAL H 375 -7.63 27.31 8.27
C VAL H 375 -7.14 27.85 9.60
N GLY H 376 -6.73 26.99 10.53
CA GLY H 376 -6.33 27.48 11.83
C GLY H 376 -4.98 28.14 11.79
N HIS H 377 -4.16 27.75 10.82
CA HIS H 377 -2.82 28.27 10.66
C HIS H 377 -2.84 29.77 10.44
N ILE H 378 -3.77 30.21 9.61
CA ILE H 378 -3.87 31.61 9.22
C ILE H 378 -4.17 32.46 10.42
N ALA H 379 -5.19 32.05 11.15
CA ALA H 379 -5.65 32.79 12.30
C ALA H 379 -4.60 32.83 13.38
N LYS H 380 -3.91 31.72 13.61
CA LYS H 380 -2.92 31.73 14.68
C LYS H 380 -1.69 32.51 14.26
N ALA H 381 -1.41 32.51 12.95
CA ALA H 381 -0.24 33.23 12.47
C ALA H 381 -0.44 34.72 12.58
N LEU H 382 -1.60 35.22 12.18
CA LEU H 382 -1.88 36.62 12.40
C LEU H 382 -2.06 36.89 13.88
N ALA H 383 -2.57 35.90 14.60
CA ALA H 383 -3.01 36.10 15.96
C ALA H 383 -1.86 36.25 16.92
N LEU H 384 -0.72 35.64 16.64
CA LEU H 384 0.42 35.88 17.51
C LEU H 384 1.04 37.25 17.31
N GLY H 385 0.62 37.98 16.28
CA GLY H 385 1.05 39.34 16.15
C GLY H 385 1.46 39.73 14.75
N ALA H 386 1.27 38.84 13.79
CA ALA H 386 1.46 39.24 12.41
C ALA H 386 0.33 40.16 12.01
N SER H 387 0.67 41.25 11.33
CA SER H 387 -0.35 42.18 10.85
C SER H 387 -1.19 41.57 9.76
N THR H 388 -0.57 40.80 8.88
CA THR H 388 -1.22 40.04 7.84
C THR H 388 -0.28 38.96 7.34
N VAL H 389 -0.81 37.88 6.76
CA VAL H 389 -0.02 36.75 6.29
C VAL H 389 -0.45 36.41 4.87
N MET H 390 0.44 35.72 4.14
CA MET H 390 0.26 35.31 2.76
C MET H 390 -0.62 34.07 2.70
N MET H 391 -1.30 33.90 1.59
CA MET H 391 -1.92 32.62 1.29
C MET H 391 -1.12 31.96 0.19
N GLY H 392 -0.67 30.74 0.44
CA GLY H 392 0.26 30.17 -0.50
C GLY H 392 -0.28 29.03 -1.32
N SER H 393 0.15 27.82 -0.98
CA SER H 393 -0.24 26.66 -1.75
C SER H 393 -1.61 26.14 -1.35
N LEU H 394 -2.28 26.75 -0.36
CA LEU H 394 -3.63 26.32 -0.06
C LEU H 394 -4.57 26.64 -1.20
N LEU H 395 -4.35 27.76 -1.89
CA LEU H 395 -5.16 28.03 -3.05
C LEU H 395 -4.46 27.63 -4.33
N ALA H 396 -3.48 26.74 -4.25
CA ALA H 396 -3.02 26.08 -5.46
C ALA H 396 -4.15 25.22 -6.01
N ALA H 397 -4.35 25.33 -7.32
CA ALA H 397 -5.39 24.64 -8.09
C ALA H 397 -6.78 24.97 -7.58
N THR H 398 -7.20 26.22 -7.73
CA THR H 398 -8.59 26.58 -7.63
C THR H 398 -9.25 26.47 -9.01
N THR H 399 -10.48 26.95 -9.14
CA THR H 399 -11.08 27.05 -10.46
C THR H 399 -10.40 28.13 -11.28
N GLU H 400 -9.93 29.18 -10.62
CA GLU H 400 -9.34 30.32 -11.28
C GLU H 400 -7.91 30.08 -11.73
N ALA H 401 -7.35 28.89 -11.48
CA ALA H 401 -5.96 28.45 -11.57
C ALA H 401 -5.27 28.84 -12.87
N PRO H 402 -3.97 29.17 -12.86
CA PRO H 402 -3.37 29.88 -13.99
C PRO H 402 -3.16 28.96 -15.19
N GLY H 403 -3.41 29.52 -16.36
CA GLY H 403 -3.58 28.63 -17.48
C GLY H 403 -4.97 28.03 -17.43
N GLU H 404 -5.12 26.86 -18.04
CA GLU H 404 -6.43 26.26 -18.17
C GLU H 404 -6.25 24.74 -18.10
N TYR H 405 -7.33 24.04 -17.77
CA TYR H 405 -7.34 22.60 -17.61
C TYR H 405 -7.14 21.90 -18.95
N PHE H 406 -6.99 20.58 -18.90
CA PHE H 406 -6.94 19.87 -20.16
C PHE H 406 -7.86 18.67 -20.11
N PHE H 407 -7.83 17.86 -21.16
CA PHE H 407 -8.95 16.97 -21.42
C PHE H 407 -8.42 15.57 -21.65
N SER H 408 -8.67 14.68 -20.70
CA SER H 408 -8.07 13.35 -20.71
C SER H 408 -9.08 12.35 -20.19
N ASP H 409 -9.10 11.16 -20.82
CA ASP H 409 -9.53 9.85 -20.29
C ASP H 409 -10.84 9.89 -19.48
N GLY H 410 -11.73 10.81 -19.77
CA GLY H 410 -12.88 11.03 -18.93
C GLY H 410 -12.63 11.84 -17.68
N ILE H 411 -11.38 12.15 -17.35
CA ILE H 411 -11.04 12.88 -16.14
C ILE H 411 -10.07 13.99 -16.50
N ARG H 412 -10.51 15.22 -16.31
CA ARG H 412 -9.69 16.39 -16.61
C ARG H 412 -8.63 16.57 -15.53
N LEU H 413 -7.71 17.50 -15.80
CA LEU H 413 -6.68 17.88 -14.86
C LEU H 413 -6.12 19.22 -15.34
N LYS H 414 -5.38 19.90 -14.47
CA LYS H 414 -4.93 21.26 -14.75
C LYS H 414 -3.53 21.26 -15.34
N LYS H 415 -3.37 21.99 -16.44
CA LYS H 415 -2.09 22.18 -17.10
C LYS H 415 -1.50 23.53 -16.69
N TYR H 416 -0.17 23.63 -16.73
CA TYR H 416 0.53 24.86 -16.34
C TYR H 416 1.47 25.32 -17.46
N ARG H 417 0.91 26.06 -18.42
CA ARG H 417 1.69 26.79 -19.41
C ARG H 417 0.98 28.13 -19.62
N GLY H 418 0.67 28.81 -18.53
CA GLY H 418 -0.04 30.08 -18.57
C GLY H 418 0.73 31.19 -19.25
N ALA H 451 -1.23 16.05 -11.53
CA ALA H 451 -1.57 16.81 -10.33
C ALA H 451 -2.92 16.38 -9.75
N VAL H 452 -3.47 17.23 -8.87
CA VAL H 452 -4.69 16.91 -8.13
C VAL H 452 -5.82 17.74 -8.71
N GLN H 453 -7.00 17.15 -8.78
CA GLN H 453 -8.16 17.76 -9.42
C GLN H 453 -8.76 18.87 -8.55
N ASP H 454 -9.74 19.58 -9.12
CA ASP H 454 -10.19 20.89 -8.67
C ASP H 454 -10.97 20.87 -7.36
N LYS H 455 -10.84 21.97 -6.62
CA LYS H 455 -11.50 22.13 -5.33
C LYS H 455 -12.38 23.37 -5.24
N GLY H 456 -12.54 24.13 -6.32
CA GLY H 456 -13.52 25.21 -6.27
C GLY H 456 -13.10 26.61 -6.66
N SER H 457 -14.05 27.53 -6.65
CA SER H 457 -13.82 28.92 -7.00
C SER H 457 -13.71 29.73 -5.73
N ILE H 458 -12.83 30.73 -5.72
CA ILE H 458 -12.33 31.25 -4.45
C ILE H 458 -13.38 32.14 -3.80
N HIS H 459 -14.18 32.84 -4.58
CA HIS H 459 -15.01 33.87 -3.98
C HIS H 459 -16.23 33.29 -3.27
N LYS H 460 -16.42 31.96 -3.32
CA LYS H 460 -17.22 31.26 -2.33
C LYS H 460 -16.38 30.48 -1.34
N PHE H 461 -15.05 30.45 -1.53
CA PHE H 461 -14.15 29.68 -0.69
C PHE H 461 -13.54 30.51 0.42
N VAL H 462 -12.88 31.60 0.06
CA VAL H 462 -12.38 32.60 0.99
C VAL H 462 -13.46 33.23 1.88
N PRO H 463 -14.78 33.24 1.56
CA PRO H 463 -15.73 33.49 2.64
C PRO H 463 -15.68 32.46 3.77
N TYR H 464 -15.46 31.18 3.44
CA TYR H 464 -15.29 30.20 4.51
C TYR H 464 -14.01 30.44 5.27
N LEU H 465 -12.99 30.99 4.62
CA LEU H 465 -11.73 31.25 5.30
C LEU H 465 -11.87 32.46 6.23
N ILE H 466 -12.57 33.49 5.77
CA ILE H 466 -12.73 34.65 6.62
C ILE H 466 -13.68 34.34 7.76
N ALA H 467 -14.68 33.50 7.52
CA ALA H 467 -15.56 33.08 8.59
C ALA H 467 -14.81 32.21 9.58
N GLY H 468 -13.89 31.39 9.09
CA GLY H 468 -13.09 30.59 10.00
C GLY H 468 -12.14 31.40 10.83
N ILE H 469 -11.59 32.48 10.29
CA ILE H 469 -10.64 33.25 11.09
C ILE H 469 -11.38 34.13 12.07
N GLN H 470 -12.56 34.64 11.71
CA GLN H 470 -13.29 35.35 12.76
C GLN H 470 -13.93 34.38 13.75
N HIS H 471 -14.13 33.12 13.38
CA HIS H 471 -14.48 32.10 14.34
C HIS H 471 -13.38 31.97 15.38
N SER H 472 -12.12 32.00 14.94
CA SER H 472 -11.03 32.00 15.88
C SER H 472 -10.91 33.32 16.61
N CYS H 473 -11.33 34.42 15.98
CA CYS H 473 -11.27 35.70 16.65
C CYS H 473 -12.23 35.74 17.83
N GLN H 474 -13.41 35.16 17.67
CA GLN H 474 -14.29 35.06 18.83
C GLN H 474 -13.83 33.94 19.74
N ASP H 475 -13.02 33.01 19.23
CA ASP H 475 -12.37 32.07 20.13
C ASP H 475 -11.41 32.79 21.05
N ILE H 476 -10.71 33.81 20.56
CA ILE H 476 -10.13 34.78 21.49
C ILE H 476 -11.22 35.59 22.15
N GLY H 477 -12.04 36.27 21.35
CA GLY H 477 -13.00 37.16 21.93
C GLY H 477 -12.51 38.59 21.91
N ALA H 478 -11.82 38.96 20.84
CA ALA H 478 -11.42 40.34 20.65
C ALA H 478 -12.21 40.90 19.48
N LYS H 479 -12.58 42.16 19.59
CA LYS H 479 -13.39 42.78 18.55
C LYS H 479 -12.56 43.10 17.32
N SER H 480 -11.29 43.43 17.50
CA SER H 480 -10.38 43.76 16.40
C SER H 480 -9.07 43.01 16.57
N LEU H 481 -8.26 43.03 15.51
CA LEU H 481 -6.90 42.55 15.60
C LEU H 481 -5.94 43.55 16.21
N THR H 482 -6.24 44.84 16.14
CA THR H 482 -5.48 45.81 16.91
C THR H 482 -5.62 45.54 18.38
N GLN H 483 -6.78 45.05 18.79
CA GLN H 483 -6.95 44.48 20.11
C GLN H 483 -6.06 43.25 20.31
N VAL H 484 -5.79 42.44 19.27
CA VAL H 484 -5.06 41.21 19.57
C VAL H 484 -3.58 41.47 19.69
N ARG H 485 -3.04 42.47 18.98
CA ARG H 485 -1.65 42.80 19.35
C ARG H 485 -1.55 43.79 20.50
N ALA H 486 -2.61 44.51 20.85
CA ALA H 486 -2.60 45.21 22.12
C ALA H 486 -2.55 44.21 23.27
N MET H 487 -3.31 43.14 23.14
CA MET H 487 -3.19 41.93 23.95
C MET H 487 -1.77 41.39 23.96
N MET H 488 -1.17 41.18 22.80
CA MET H 488 0.11 40.49 22.73
C MET H 488 1.24 41.33 23.30
N TYR H 489 1.20 42.64 23.10
CA TYR H 489 2.18 43.53 23.72
C TYR H 489 1.86 43.78 25.18
N SER H 490 0.64 43.53 25.61
CA SER H 490 0.31 43.67 27.01
C SER H 490 0.36 42.36 27.77
N GLY H 491 -0.19 41.29 27.20
CA GLY H 491 -0.15 39.99 27.81
C GLY H 491 -1.33 39.65 28.70
N GLU H 492 -2.53 40.19 28.44
CA GLU H 492 -3.60 39.86 29.37
C GLU H 492 -4.17 38.48 29.06
N LEU H 493 -4.20 38.11 27.78
CA LEU H 493 -4.44 36.72 27.37
C LEU H 493 -3.08 36.11 27.06
N LYS H 494 -2.98 34.80 27.23
CA LYS H 494 -1.69 34.16 27.38
C LYS H 494 -1.72 32.86 26.58
N PHE H 495 -0.61 32.11 26.57
CA PHE H 495 -0.53 30.92 25.72
C PHE H 495 0.14 29.73 26.40
N GLU H 496 0.37 28.66 25.63
CA GLU H 496 0.90 27.45 26.24
C GLU H 496 1.61 26.61 25.17
N LYS H 497 2.32 25.60 25.64
CA LYS H 497 3.19 24.69 24.89
C LYS H 497 2.34 23.58 24.24
N ARG H 498 3.01 22.70 23.49
CA ARG H 498 2.40 21.64 22.71
C ARG H 498 3.50 20.64 22.36
N THR H 499 3.12 19.36 22.24
CA THR H 499 4.02 18.29 21.78
C THR H 499 3.45 17.67 20.51
N SER H 500 4.30 16.86 19.86
CA SER H 500 4.04 16.45 18.48
C SER H 500 3.07 15.30 18.35
N SER H 501 2.56 14.78 19.47
CA SER H 501 1.91 13.48 19.46
C SER H 501 0.54 13.45 18.79
N ALA H 502 -0.15 14.58 18.67
CA ALA H 502 -1.47 14.55 18.07
C ALA H 502 -1.45 14.73 16.55
N GLN H 503 -0.27 14.79 15.94
CA GLN H 503 -0.16 15.04 14.50
C GLN H 503 -0.57 13.83 13.68
N VAL H 504 -0.40 12.61 14.21
CA VAL H 504 -0.49 11.40 13.39
C VAL H 504 -1.91 10.97 13.03
N GLU H 505 -2.92 11.75 13.39
CA GLU H 505 -4.29 11.46 12.95
C GLU H 505 -4.44 11.65 11.44
#